data_9DML
#
_entry.id   9DML
#
_cell.length_a   1.00
_cell.length_b   1.00
_cell.length_c   1.00
_cell.angle_alpha   90.00
_cell.angle_beta   90.00
_cell.angle_gamma   90.00
#
_symmetry.space_group_name_H-M   'P 1'
#
loop_
_entity.id
_entity.type
_entity.pdbx_description
1 polymer 'Fab2 heavy chain'
2 polymer 'Fab2 light chain'
3 polymer 'Acetylcholine receptor subunit alpha'
4 polymer 'Acetylcholine receptor subunit beta'
5 polymer 'Acetylcholine receptor subunit delta'
6 polymer 'Acetylcholine receptor subunit epsilon'
7 branched alpha-D-mannopyranose-(1-3)-[alpha-D-mannopyranose-(1-6)]beta-D-mannopyranose-(1-4)-2-acetamido-2-deoxy-beta-D-glucopyranose-(1-4)-2-acetamido-2-deoxy-beta-D-glucopyranose
8 branched alpha-D-mannopyranose-(1-3)-beta-D-mannopyranose-(1-4)-2-acetamido-2-deoxy-beta-D-glucopyranose-(1-4)-2-acetamido-2-deoxy-beta-D-glucopyranose
9 non-polymer 2-acetamido-2-deoxy-beta-D-glucopyranose
10 non-polymer '(2S)-3-(hexadecanoyloxy)-2-[(9Z)-octadec-9-enoyloxy]propyl 2-(trimethylammonio)ethyl phosphate'
11 non-polymer CHOLESTEROL
#
loop_
_entity_poly.entity_id
_entity_poly.type
_entity_poly.pdbx_seq_one_letter_code
_entity_poly.pdbx_strand_id
1 'polypeptide(L)'
;MDSKGSSQKGSRLLLLLVVSNLLLCQGVVSAQVQLQESGPGLVKPSETLSLTCTLSDGSISVSTYYWGWVRQSPEKGLEW
IASIYYTGDSYYNPSLKSRVTISLDKSKNQFSLRLRSVTAADTAVYFCARDHRRSFWGSGSGYNYRYYFDMWGQGTLVTV
SSASTKGPSVFPLAPSSKSTSGGTAALGCLVKDYFPEPVTVSWNSGALTSGVHTFPAVLQSSGLYSLSSVVTVPSSSLGT
QTYICNVNHKPSNTKVDKKVEPKSCGSHHHHHH
;
A,B
2 'polypeptide(L)'
;MGWSCIILFLVATATGVHSDIQMTQSPSLLPASVGERVTITCQASQDINNYLNWYQQKPGKAPKLLIYDASKLETGVPSR
FSGSGSGTDFNLTISSLQPEDFATYYCHQYGNLPVHTFGQGTKVEIKRTVAAPSVFIFPPSDEQLKSGTASVVCLLNNFY
PREAKVQWKVDNALQSGNSQESVTEQDSKDSTYSLSSTLTLSKADYEKHKVYACEVTHQGLSSPVTKSFNRGEC
;
C,D
3 'polypeptide(L)'
;MEPWPLLLLFSLCSAGLVLGSEHETRLVAKLFKDYSSVVRPVEDHRQVVEVTVGLQLIQLINVDEVNQIVTTNVRLKQQW
VDYNLKWNPDDYGGVKKIHIPSEKIWRPDLVLYNNADGDFAIVKFTKVLLQYTGHITWTPPAIFKSYCEIIVTHFPFDEQ
NCSMKLGTWTYDGSVVAINPESDQPDLSNFMESGEWVIKESRGWKHSVTYSCCPDTPYLDITYHFVMQRLPLYFIVNVII
PCLLFSFLTGLVFYLPTDSGEKMTLSISVLLSLTVFLLVIVELIPSTSSAVPLIGKYMLFTMVFVIASIIITVIVINTHH
RSPSTHVMPNWVRKVFIDTIPNIMFFSTMKRPSREKQDKKIFTEDIDISDISGKPGPPPMGFHSPLIKHPEVKSAIEGIK
YIAETMKSDQESNNAAAEWKYVAMVMDHILLGVFMLVCIIGTLAVFAGRLIELNQQG
;
E,F
4 'polypeptide(L)'
;MTPGALLMLLGALGAPLAPGVRGSEAEGRLREKLFSGYDSSVRPAREVGDRVRVSVGLILAQLISLNEKDEEMSTKVYLD
LEWTDYRLSWDPAEHDGIDSLRITAESVWLPDVVLLNNNDGNFDVALDISVVVSSDGSVRWQPPGIYRSSCSIQVTYFPF
DWQNCTMVFSSYSYDSSEVSLQTGLGPDGQGHQEIHIHEGTFIENGQWEIIHKPSRLIQPPGDPRGGREGQRQEVIFYLI
IRRKPLFYLVNVIAPCILITLLAIFVFYLPPDAGEKMGLSIFALLTLTVFLLLLADKVPETSLSVPIIIKYLMFTMVLVT
FSVILSVVVLNLHHRSPHTHQMPLWVRQIFIHKLPLYLRLKRPKPERDLMPEPPHCSSPGSGWGRGTDEYFIRKPPSDFL
FPKPNRFQPELSAPDLRRFIDGPNRAVALLPELREVVSSISYIARQLQEQEDHDALKEDWQFVAMVVDRLFLWTFIIFTS
VGTLVIFLDATYHLPPPDPFPSR
;
G
5 'polypeptide(L)'
;MEGPVLTLGLLAALAVCGSWGLNEEERLIRHLFQEKGYNKELRPVAHKEESVDVALALTLSNLISLKEVEETLTTNVWIE
HGWTDNRLKWNAEEFGNISVLRLPPDMVWLPEIVLENNNDGSFQISYSCNVLVYHYGFVYWLPPAIFRSSCPISVTYFPF
DWQNCSLKFSSLKYTAKEITLSLKQDAKENRTYPVEWIIIDPEGFTENGEWEIVHRPARVNVDPRAPLDSPSRQDITFYL
IIRRKPLFYIINILVPCVLISFMVNLVFYLPADSGEKTSVAISVLLAQSVFLLLISKRLPATSMAIPLIGKFLLFGMVLV
TMVVVICVIVLNIHFRTPSTHVLSEGVKKLFLETLPELLHMSRPAEDGPSPGALVRRSSSLGYISKAEEYFLLKSRSDLM
FEKQSERHGLARRLTTARRPPASSEQAQQELFNELKPAVDGANFIVNHMRDQNNYNEEKDSWNRVARTVDRLCLFVVTPV
MVVGTAWIFLQGVYNQPPPQPFPGDPYSYNVQDKRFI
;
H
6 'polypeptide(L)'
;MARAPLGVLLLLGLLGRGVGKNEELRLYHHLFNNYDPGSRPVREPEDTVTISLKVTLTNLISLNEKEETLTTSVWIGIDW
QDYRLNYSKDDFGGIETLRVPSELVWLPEIVLENNIDGQFGVAYDANVLVYEGGSVTWLPPAIYRSVCAVEVTYFPFDWQ
NCSLIFRSQTYNAEEVEFTFAVDNDGKTINKIDIDTEAYTENGEWAIDFCPGVIRRHHGGATDGPGETDVIYSLIIRRKP
LFYVINIIVPCVLISGLVLLAYFLPAQAGGQKCTVSINVLLAQTVFLFLIAQKIPETSLSVPLLGRFLIFVMVVATLIVM
NCVIVLNVSQRTPTTHAMSPRLRHVLLELLPRLLGSPPPPEAPRAASPPRRASSVGLLLRAEELILKKPRSELVFEGQRH
RQGTWTAAFCQSLGAAAPEVRCCVDAVNFVAESTRDQEATGEEVSDWVRMGNALDNICFWAALVLFSVGSSLIFLGAYFN
RVPDLPYAPCIQP
;
I
#
loop_
_chem_comp.id
_chem_comp.type
_chem_comp.name
_chem_comp.formula
BMA D-saccharide, beta linking beta-D-mannopyranose 'C6 H12 O6'
CLR non-polymer CHOLESTEROL 'C27 H46 O'
MAN D-saccharide, alpha linking alpha-D-mannopyranose 'C6 H12 O6'
NAG D-saccharide, beta linking 2-acetamido-2-deoxy-beta-D-glucopyranose 'C8 H15 N O6'
POV non-polymer '(2S)-3-(hexadecanoyloxy)-2-[(9Z)-octadec-9-enoyloxy]propyl 2-(trimethylammonio)ethyl phosphate' 'C42 H82 N O8 P'
#
# COMPACT_ATOMS: atom_id res chain seq x y z
N VAL A 33 -22.27 28.55 20.94
CA VAL A 33 -21.33 29.67 21.23
C VAL A 33 -22.13 30.91 21.59
N GLN A 34 -23.24 31.14 20.89
CA GLN A 34 -24.06 32.32 21.14
C GLN A 34 -25.48 32.04 20.64
N LEU A 35 -26.45 32.63 21.33
CA LEU A 35 -27.85 32.62 20.93
C LEU A 35 -28.27 34.04 20.57
N GLN A 36 -29.08 34.17 19.51
CA GLN A 36 -29.49 35.48 19.00
C GLN A 36 -30.99 35.48 18.77
N GLU A 37 -31.70 36.41 19.42
CA GLU A 37 -33.13 36.57 19.22
C GLU A 37 -33.41 37.39 17.96
N SER A 38 -34.65 37.26 17.48
CA SER A 38 -35.10 38.03 16.33
C SER A 38 -36.63 38.03 16.33
N GLY A 39 -37.20 39.12 15.83
CA GLY A 39 -38.63 39.26 15.72
C GLY A 39 -39.07 40.70 15.91
N PRO A 40 -40.33 40.99 15.59
CA PRO A 40 -40.80 42.37 15.70
C PRO A 40 -40.82 42.85 17.15
N GLY A 41 -40.51 44.12 17.34
CA GLY A 41 -40.55 44.74 18.65
C GLY A 41 -41.88 45.30 19.06
N LEU A 42 -42.88 45.29 18.17
CA LEU A 42 -44.21 45.79 18.47
C LEU A 42 -45.23 44.86 17.85
N VAL A 43 -46.19 44.41 18.67
CA VAL A 43 -47.27 43.54 18.24
C VAL A 43 -48.58 44.18 18.70
N LYS A 44 -49.53 44.31 17.77
CA LYS A 44 -50.81 44.88 18.14
C LYS A 44 -51.58 43.87 19.01
N PRO A 45 -52.50 44.34 19.86
CA PRO A 45 -53.29 43.38 20.66
C PRO A 45 -54.11 42.45 19.79
N SER A 46 -54.27 41.22 20.28
CA SER A 46 -54.98 40.10 19.66
C SER A 46 -54.17 39.44 18.54
N GLU A 47 -52.98 39.94 18.21
CA GLU A 47 -52.12 39.31 17.23
C GLU A 47 -51.14 38.36 17.91
N THR A 48 -50.46 37.55 17.11
CA THR A 48 -49.55 36.52 17.61
C THR A 48 -48.12 37.06 17.62
N LEU A 49 -47.52 37.06 18.81
CA LEU A 49 -46.11 37.41 18.95
C LEU A 49 -45.28 36.24 18.43
N SER A 50 -44.49 36.48 17.38
CA SER A 50 -43.62 35.46 16.79
C SER A 50 -42.18 35.86 17.00
N LEU A 51 -41.40 34.99 17.64
CA LEU A 51 -39.99 35.22 17.87
C LEU A 51 -39.20 34.01 17.40
N THR A 52 -37.94 34.25 17.01
CA THR A 52 -37.03 33.22 16.56
C THR A 52 -35.73 33.37 17.30
N CYS A 53 -35.07 32.24 17.57
CA CYS A 53 -33.74 32.21 18.17
C CYS A 53 -32.83 31.39 17.27
N THR A 54 -31.69 31.97 16.94
CA THR A 54 -30.69 31.37 16.07
C THR A 54 -29.42 31.07 16.86
N LEU A 55 -28.79 29.94 16.52
CA LEU A 55 -27.57 29.48 17.15
C LEU A 55 -26.37 29.90 16.31
N SER A 56 -25.29 30.30 16.97
CA SER A 56 -24.03 30.65 16.31
C SER A 56 -23.02 29.55 16.58
N ASP A 57 -22.54 28.92 15.52
CA ASP A 57 -21.52 27.87 15.61
C ASP A 57 -21.98 26.74 16.54
N GLY A 58 -23.16 26.20 16.24
CA GLY A 58 -23.71 25.13 17.04
C GLY A 58 -24.97 24.55 16.44
N SER A 59 -25.25 23.29 16.74
CA SER A 59 -26.40 22.57 16.21
C SER A 59 -27.49 22.45 17.27
N ILE A 60 -28.73 22.33 16.82
CA ILE A 60 -29.90 22.19 17.75
C ILE A 60 -30.14 20.70 18.02
N SER A 61 -29.55 19.77 17.24
CA SER A 61 -29.78 18.35 17.43
C SER A 61 -28.73 17.77 18.39
N VAL A 62 -28.91 18.09 19.66
CA VAL A 62 -28.06 17.59 20.75
C VAL A 62 -28.98 17.08 21.84
N SER A 63 -28.67 15.91 22.38
CA SER A 63 -29.58 15.21 23.28
C SER A 63 -29.51 15.68 24.73
N THR A 64 -28.52 16.50 25.10
CA THR A 64 -28.40 17.01 26.46
C THR A 64 -28.85 18.45 26.60
N TYR A 65 -29.57 19.00 25.62
CA TYR A 65 -30.06 20.37 25.65
C TYR A 65 -31.54 20.41 25.32
N TYR A 66 -32.28 21.21 26.07
CA TYR A 66 -33.59 21.71 25.69
C TYR A 66 -33.43 23.17 25.30
N TRP A 67 -34.35 23.68 24.49
CA TRP A 67 -34.31 25.05 24.00
C TRP A 67 -35.60 25.73 24.45
N GLY A 68 -35.46 26.83 25.20
CA GLY A 68 -36.60 27.42 25.87
C GLY A 68 -36.63 28.93 25.74
N TRP A 69 -37.74 29.48 26.22
CA TRP A 69 -38.00 30.92 26.19
C TRP A 69 -38.37 31.40 27.58
N VAL A 70 -37.80 32.55 27.98
CA VAL A 70 -38.00 33.12 29.30
C VAL A 70 -38.24 34.61 29.13
N ARG A 71 -39.39 35.11 29.60
CA ARG A 71 -39.69 36.54 29.52
C ARG A 71 -39.56 37.18 30.90
N GLN A 72 -38.95 38.36 30.91
CA GLN A 72 -38.78 39.17 32.12
C GLN A 72 -39.60 40.45 31.98
N SER A 73 -40.41 40.74 32.98
CA SER A 73 -41.15 41.98 33.10
C SER A 73 -40.98 42.55 34.50
N PRO A 74 -41.08 43.87 34.68
CA PRO A 74 -40.91 44.42 36.03
C PRO A 74 -41.95 43.94 37.03
N GLU A 75 -43.14 43.55 36.59
CA GLU A 75 -44.23 43.20 37.49
C GLU A 75 -44.33 41.71 37.78
N LYS A 76 -43.77 40.86 36.91
CA LYS A 76 -43.79 39.41 37.09
C LYS A 76 -42.40 38.79 37.24
N GLY A 77 -41.33 39.57 37.08
CA GLY A 77 -40.01 39.02 37.20
C GLY A 77 -39.71 38.04 36.08
N LEU A 78 -38.73 37.18 36.33
CA LEU A 78 -38.35 36.16 35.35
C LEU A 78 -39.41 35.08 35.31
N GLU A 79 -39.78 34.66 34.09
CA GLU A 79 -40.85 33.71 33.89
C GLU A 79 -40.53 32.83 32.70
N TRP A 80 -40.46 31.52 32.92
CA TRP A 80 -40.22 30.56 31.84
C TRP A 80 -41.50 30.28 31.10
N ILE A 81 -41.43 30.28 29.77
CA ILE A 81 -42.60 30.13 28.92
C ILE A 81 -42.72 28.67 28.50
N ALA A 82 -41.73 28.18 27.75
CA ALA A 82 -41.80 26.84 27.19
C ALA A 82 -40.39 26.37 26.88
N SER A 83 -40.27 25.06 26.71
CA SER A 83 -39.03 24.40 26.33
C SER A 83 -39.37 23.29 25.34
N ILE A 84 -38.39 22.96 24.48
CA ILE A 84 -38.59 21.96 23.44
C ILE A 84 -37.31 21.17 23.25
N TYR A 85 -37.46 19.87 22.97
CA TYR A 85 -36.37 18.95 22.67
C TYR A 85 -36.23 18.82 21.15
N TYR A 86 -35.04 18.39 20.72
CA TYR A 86 -34.79 18.27 19.29
C TYR A 86 -35.58 17.14 18.64
N THR A 87 -36.19 16.25 19.42
CA THR A 87 -37.09 15.23 18.90
C THR A 87 -38.55 15.67 18.85
N GLY A 88 -38.85 16.92 19.26
CA GLY A 88 -40.19 17.45 19.21
C GLY A 88 -40.92 17.49 20.53
N ASP A 89 -40.39 16.84 21.57
CA ASP A 89 -41.03 16.90 22.89
C ASP A 89 -41.02 18.33 23.41
N SER A 90 -42.17 18.77 23.91
CA SER A 90 -42.37 20.15 24.34
C SER A 90 -43.01 20.19 25.71
N TYR A 91 -42.62 21.20 26.50
CA TYR A 91 -43.17 21.44 27.83
C TYR A 91 -43.48 22.92 27.94
N TYR A 92 -44.58 23.24 28.64
CA TYR A 92 -45.14 24.58 28.64
C TYR A 92 -45.43 25.03 30.06
N ASN A 93 -45.34 26.34 30.27
CA ASN A 93 -45.84 26.94 31.49
C ASN A 93 -47.35 26.68 31.58
N PRO A 94 -47.88 26.19 32.72
CA PRO A 94 -49.33 25.93 32.76
C PRO A 94 -50.19 27.16 32.51
N SER A 95 -49.76 28.34 32.96
CA SER A 95 -50.54 29.54 32.73
C SER A 95 -50.58 29.92 31.25
N LEU A 96 -49.46 29.74 30.55
CA LEU A 96 -49.32 30.15 29.16
C LEU A 96 -49.42 28.99 28.17
N LYS A 97 -49.84 27.81 28.63
CA LYS A 97 -49.79 26.63 27.76
C LYS A 97 -50.74 26.77 26.58
N SER A 98 -51.94 27.32 26.80
CA SER A 98 -52.94 27.38 25.75
C SER A 98 -52.51 28.31 24.61
N ARG A 99 -51.87 29.42 24.94
CA ARG A 99 -51.54 30.46 23.97
C ARG A 99 -50.16 30.28 23.33
N VAL A 100 -49.38 29.29 23.76
CA VAL A 100 -47.98 29.15 23.38
C VAL A 100 -47.81 27.97 22.44
N THR A 101 -47.00 28.17 21.40
CA THR A 101 -46.56 27.11 20.51
C THR A 101 -45.07 27.28 20.28
N ILE A 102 -44.28 26.28 20.68
CA ILE A 102 -42.83 26.27 20.52
C ILE A 102 -42.49 25.27 19.43
N SER A 103 -41.62 25.67 18.50
CA SER A 103 -41.31 24.86 17.33
C SER A 103 -39.83 24.97 17.02
N LEU A 104 -39.35 24.05 16.18
CA LEU A 104 -37.95 23.97 15.78
C LEU A 104 -37.82 24.14 14.27
N ASP A 105 -36.57 24.30 13.84
CA ASP A 105 -36.19 24.18 12.43
C ASP A 105 -34.74 23.71 12.45
N LYS A 106 -34.55 22.39 12.29
CA LYS A 106 -33.21 21.82 12.42
C LYS A 106 -32.34 22.12 11.20
N SER A 107 -32.96 22.35 10.03
CA SER A 107 -32.18 22.66 8.84
C SER A 107 -31.41 23.96 9.01
N LYS A 108 -32.06 24.99 9.56
CA LYS A 108 -31.44 26.28 9.79
C LYS A 108 -30.90 26.43 11.21
N ASN A 109 -31.07 25.42 12.07
CA ASN A 109 -30.63 25.47 13.47
C ASN A 109 -31.26 26.67 14.18
N GLN A 110 -32.59 26.69 14.19
CA GLN A 110 -33.35 27.75 14.83
C GLN A 110 -34.47 27.13 15.65
N PHE A 111 -34.98 27.89 16.62
CA PHE A 111 -36.20 27.51 17.31
C PHE A 111 -37.02 28.74 17.63
N SER A 112 -38.34 28.62 17.48
CA SER A 112 -39.24 29.77 17.45
C SER A 112 -40.37 29.60 18.45
N LEU A 113 -40.89 30.74 18.88
CA LEU A 113 -42.00 30.84 19.82
C LEU A 113 -43.14 31.61 19.17
N ARG A 114 -44.37 31.17 19.43
CA ARG A 114 -45.58 31.86 18.97
C ARG A 114 -46.52 31.98 20.16
N LEU A 115 -46.78 33.21 20.60
CA LEU A 115 -47.69 33.51 21.71
C LEU A 115 -48.92 34.19 21.12
N ARG A 116 -50.05 33.47 21.12
CA ARG A 116 -51.27 33.96 20.49
C ARG A 116 -52.09 34.79 21.46
N SER A 117 -53.02 35.57 20.89
CA SER A 117 -53.94 36.40 21.66
C SER A 117 -53.19 37.35 22.59
N VAL A 118 -52.22 38.06 22.02
CA VAL A 118 -51.31 38.85 22.83
C VAL A 118 -52.01 40.09 23.36
N THR A 119 -51.73 40.44 24.61
CA THR A 119 -52.32 41.59 25.29
C THR A 119 -51.21 42.40 25.95
N ALA A 120 -51.61 43.47 26.64
CA ALA A 120 -50.64 44.37 27.26
C ALA A 120 -49.83 43.68 28.37
N ALA A 121 -50.37 42.61 28.97
CA ALA A 121 -49.65 41.90 30.01
C ALA A 121 -48.41 41.18 29.47
N ASP A 122 -48.31 40.98 28.16
CA ASP A 122 -47.20 40.27 27.54
C ASP A 122 -46.09 41.20 27.07
N THR A 123 -46.12 42.47 27.44
CA THR A 123 -45.01 43.37 27.16
C THR A 123 -43.84 43.00 28.07
N ALA A 124 -42.72 42.59 27.48
CA ALA A 124 -41.62 42.06 28.29
C ALA A 124 -40.38 41.91 27.43
N VAL A 125 -39.27 41.62 28.09
CA VAL A 125 -38.01 41.28 27.43
C VAL A 125 -37.96 39.77 27.32
N TYR A 126 -38.08 39.24 26.10
CA TYR A 126 -38.06 37.81 25.85
C TYR A 126 -36.63 37.38 25.54
N PHE A 127 -36.09 36.47 26.35
CA PHE A 127 -34.83 35.81 26.11
C PHE A 127 -35.09 34.41 25.57
N CYS A 128 -34.23 33.96 24.68
CA CYS A 128 -34.13 32.55 24.32
C CYS A 128 -32.93 31.97 25.05
N ALA A 129 -33.12 30.80 25.65
CA ALA A 129 -32.13 30.21 26.54
C ALA A 129 -31.96 28.72 26.22
N ARG A 130 -30.78 28.21 26.57
CA ARG A 130 -30.47 26.79 26.49
C ARG A 130 -30.64 26.18 27.87
N ASP A 131 -31.67 25.37 28.03
CA ASP A 131 -31.90 24.63 29.25
C ASP A 131 -30.98 23.40 29.22
N HIS A 132 -29.94 23.42 30.04
CA HIS A 132 -28.91 22.39 30.01
C HIS A 132 -29.32 21.23 30.91
N ARG A 133 -29.49 20.05 30.33
CA ARG A 133 -29.94 18.86 31.05
C ARG A 133 -28.76 17.99 31.43
N ARG A 134 -28.65 17.68 32.71
CA ARG A 134 -27.77 16.63 33.22
C ARG A 134 -28.60 15.40 33.53
N SER A 135 -28.02 14.23 33.33
CA SER A 135 -28.67 12.95 33.59
C SER A 135 -27.96 12.22 34.71
N PHE A 136 -28.73 11.44 35.47
CA PHE A 136 -28.23 10.66 36.58
C PHE A 136 -28.87 9.28 36.54
N TRP A 137 -28.12 8.28 36.99
CA TRP A 137 -28.60 6.91 37.06
C TRP A 137 -28.96 6.57 38.49
N GLY A 138 -30.19 6.10 38.69
CA GLY A 138 -30.65 5.60 39.98
C GLY A 138 -30.87 4.10 39.89
N SER A 139 -30.43 3.38 40.92
CA SER A 139 -30.55 1.93 40.94
C SER A 139 -32.02 1.54 40.98
N GLY A 140 -32.49 0.82 39.96
CA GLY A 140 -33.85 0.34 39.91
C GLY A 140 -34.88 1.36 39.45
N SER A 141 -34.45 2.57 39.06
CA SER A 141 -35.37 3.62 38.63
C SER A 141 -35.02 4.23 37.28
N GLY A 142 -33.81 4.01 36.76
CA GLY A 142 -33.44 4.53 35.45
C GLY A 142 -32.88 5.93 35.50
N TYR A 143 -33.21 6.73 34.48
CA TYR A 143 -32.66 8.07 34.34
C TYR A 143 -33.51 9.09 35.09
N ASN A 144 -32.84 9.98 35.83
CA ASN A 144 -33.45 11.18 36.38
C ASN A 144 -32.59 12.37 35.98
N TYR A 145 -33.22 13.55 35.91
CA TYR A 145 -32.65 14.69 35.22
C TYR A 145 -32.61 15.92 36.11
N ARG A 146 -31.62 16.77 35.86
CA ARG A 146 -31.48 18.08 36.47
C ARG A 146 -31.27 19.10 35.37
N TYR A 147 -31.62 20.35 35.66
CA TYR A 147 -31.62 21.41 34.65
C TYR A 147 -31.04 22.69 35.21
N TYR A 148 -30.33 23.41 34.35
CA TYR A 148 -30.06 24.83 34.56
C TYR A 148 -29.88 25.51 33.21
N PHE A 149 -30.24 26.79 33.16
CA PHE A 149 -29.99 27.62 32.00
C PHE A 149 -28.54 28.10 32.07
N ASP A 150 -27.71 27.66 31.12
CA ASP A 150 -26.32 28.05 31.06
C ASP A 150 -26.00 28.98 29.89
N MET A 151 -26.95 29.18 28.97
CA MET A 151 -26.77 30.08 27.83
C MET A 151 -28.04 30.87 27.65
N TRP A 152 -27.89 32.18 27.43
CA TRP A 152 -28.99 33.08 27.18
C TRP A 152 -28.66 33.93 25.96
N GLY A 153 -29.71 34.49 25.35
CA GLY A 153 -29.55 35.53 24.36
C GLY A 153 -29.42 36.89 25.01
N GLN A 154 -29.59 37.93 24.20
CA GLN A 154 -29.44 39.29 24.69
C GLN A 154 -30.74 39.81 25.28
N GLY A 155 -31.88 39.32 24.80
CA GLY A 155 -33.17 39.76 25.27
C GLY A 155 -33.79 40.80 24.37
N THR A 156 -34.90 40.44 23.73
CA THR A 156 -35.60 41.33 22.80
C THR A 156 -36.82 41.90 23.52
N LEU A 157 -36.87 43.22 23.65
CA LEU A 157 -38.05 43.84 24.22
C LEU A 157 -39.18 43.82 23.19
N VAL A 158 -40.34 43.31 23.61
CA VAL A 158 -41.55 43.36 22.80
C VAL A 158 -42.60 44.11 23.61
N THR A 159 -43.20 45.12 22.97
CA THR A 159 -44.24 45.95 23.56
C THR A 159 -45.54 45.66 22.85
N VAL A 160 -46.59 45.38 23.61
CA VAL A 160 -47.92 45.14 23.08
C VAL A 160 -48.75 46.40 23.29
N SER A 161 -49.11 47.07 22.21
CA SER A 161 -49.93 48.27 22.30
C SER A 161 -50.51 48.58 20.93
N SER A 162 -51.73 49.11 20.94
CA SER A 162 -52.42 49.52 19.72
C SER A 162 -52.11 50.94 19.30
N ALA A 163 -51.27 51.66 20.06
CA ALA A 163 -50.99 53.04 19.76
C ALA A 163 -50.23 53.19 18.44
N SER A 164 -50.41 54.34 17.80
CA SER A 164 -49.74 54.68 16.56
C SER A 164 -48.60 55.65 16.84
N THR A 165 -47.68 55.76 15.88
CA THR A 165 -46.55 56.66 16.02
C THR A 165 -47.03 58.10 16.19
N LYS A 166 -46.47 58.79 17.18
CA LYS A 166 -46.90 60.13 17.52
C LYS A 166 -45.73 60.85 18.18
N GLY A 167 -45.64 62.15 17.93
CA GLY A 167 -44.58 62.95 18.50
C GLY A 167 -44.95 63.48 19.87
N PRO A 168 -43.96 63.90 20.66
CA PRO A 168 -44.26 64.37 22.01
C PRO A 168 -44.79 65.80 22.04
N SER A 169 -45.37 66.14 23.18
CA SER A 169 -45.75 67.49 23.53
C SER A 169 -44.88 67.93 24.71
N VAL A 170 -44.16 69.03 24.53
CA VAL A 170 -43.21 69.54 25.53
C VAL A 170 -43.86 70.70 26.26
N PHE A 171 -43.91 70.61 27.59
CA PHE A 171 -44.42 71.67 28.44
C PHE A 171 -43.34 72.10 29.42
N PRO A 172 -43.05 73.39 29.59
CA PRO A 172 -42.03 73.76 30.57
C PRO A 172 -42.55 73.64 31.99
N LEU A 173 -41.68 73.16 32.88
CA LEU A 173 -41.95 73.09 34.31
C LEU A 173 -41.09 74.18 34.93
N ALA A 174 -41.65 75.39 34.99
CA ALA A 174 -40.86 76.57 35.34
C ALA A 174 -40.64 76.64 36.85
N PRO A 175 -39.54 77.24 37.30
CA PRO A 175 -39.26 77.27 38.73
C PRO A 175 -40.26 78.13 39.49
N SER A 176 -40.47 77.77 40.76
CA SER A 176 -41.39 78.51 41.62
C SER A 176 -40.75 79.79 42.13
N GLY A 183 -32.05 77.82 49.31
CA GLY A 183 -31.52 78.69 48.27
C GLY A 183 -31.21 77.96 46.98
N THR A 184 -31.94 76.88 46.71
CA THR A 184 -31.80 76.10 45.48
C THR A 184 -33.18 75.92 44.87
N ALA A 185 -33.27 76.12 43.54
CA ALA A 185 -34.50 76.00 42.79
C ALA A 185 -34.41 74.81 41.84
N ALA A 186 -35.58 74.37 41.38
CA ALA A 186 -35.72 73.27 40.43
C ALA A 186 -36.46 73.75 39.19
N LEU A 187 -36.21 73.10 38.06
CA LEU A 187 -36.93 73.41 36.84
C LEU A 187 -36.79 72.23 35.89
N GLY A 188 -37.67 72.16 34.91
CA GLY A 188 -37.69 70.97 34.08
C GLY A 188 -38.52 71.11 32.83
N CYS A 189 -38.65 69.98 32.13
CA CYS A 189 -39.48 69.86 30.94
C CYS A 189 -40.29 68.58 31.05
N LEU A 190 -41.59 68.68 30.77
CA LEU A 190 -42.52 67.56 30.84
C LEU A 190 -42.85 67.15 29.41
N VAL A 191 -42.47 65.92 29.04
CA VAL A 191 -42.65 65.39 27.70
C VAL A 191 -43.80 64.38 27.77
N LYS A 192 -44.90 64.66 27.07
CA LYS A 192 -46.16 63.96 27.26
C LYS A 192 -46.73 63.49 25.94
N ASP A 193 -47.43 62.35 26.00
CA ASP A 193 -48.26 61.82 24.90
C ASP A 193 -47.42 61.59 23.64
N TYR A 194 -46.50 60.63 23.75
CA TYR A 194 -45.69 60.19 22.62
C TYR A 194 -45.68 58.67 22.58
N PHE A 195 -45.26 58.15 21.43
CA PHE A 195 -45.10 56.71 21.24
C PHE A 195 -44.37 56.46 19.92
N PRO A 196 -43.45 55.48 19.84
CA PRO A 196 -42.86 54.62 20.87
C PRO A 196 -41.57 55.19 21.44
N GLU A 197 -40.90 54.44 22.31
CA GLU A 197 -39.61 54.87 22.83
C GLU A 197 -38.55 54.79 21.74
N PRO A 198 -37.40 55.48 21.91
CA PRO A 198 -37.00 56.36 23.01
C PRO A 198 -37.10 57.84 22.65
N VAL A 199 -36.97 58.71 23.65
CA VAL A 199 -36.77 60.15 23.44
C VAL A 199 -35.50 60.55 24.19
N THR A 200 -34.64 61.29 23.52
CA THR A 200 -33.41 61.80 24.13
C THR A 200 -33.60 63.25 24.52
N VAL A 201 -33.33 63.55 25.78
CA VAL A 201 -33.49 64.89 26.34
C VAL A 201 -32.12 65.39 26.76
N SER A 202 -31.69 66.50 26.15
CA SER A 202 -30.47 67.19 26.54
C SER A 202 -30.83 68.59 27.03
N TRP A 203 -29.85 69.27 27.61
CA TRP A 203 -30.06 70.60 28.19
C TRP A 203 -29.01 71.57 27.69
N ASN A 204 -29.46 72.71 27.16
CA ASN A 204 -28.59 73.74 26.60
C ASN A 204 -27.66 73.14 25.54
N SER A 205 -28.23 72.27 24.70
CA SER A 205 -27.47 71.53 23.70
C SER A 205 -26.36 70.70 24.35
N GLY A 206 -26.68 70.12 25.51
CA GLY A 206 -25.74 69.29 26.23
C GLY A 206 -24.76 70.04 27.12
N ALA A 207 -24.91 71.36 27.24
CA ALA A 207 -23.99 72.12 28.08
C ALA A 207 -24.23 71.87 29.56
N LEU A 208 -25.51 71.73 29.95
CA LEU A 208 -25.90 71.54 31.34
C LEU A 208 -26.16 70.06 31.58
N THR A 209 -25.37 69.45 32.47
CA THR A 209 -25.47 68.02 32.76
C THR A 209 -25.54 67.75 34.26
N SER A 210 -24.91 68.60 35.06
CA SER A 210 -24.89 68.38 36.51
C SER A 210 -26.30 68.56 37.08
N GLY A 211 -26.72 67.59 37.89
CA GLY A 211 -28.05 67.63 38.47
C GLY A 211 -29.18 67.31 37.51
N VAL A 212 -28.87 66.86 36.30
CA VAL A 212 -29.89 66.53 35.31
C VAL A 212 -30.38 65.11 35.56
N HIS A 213 -31.70 64.95 35.61
CA HIS A 213 -32.32 63.67 35.93
C HIS A 213 -33.54 63.49 35.04
N THR A 214 -33.51 62.46 34.20
CA THR A 214 -34.57 62.18 33.24
C THR A 214 -35.30 60.93 33.72
N PHE A 215 -36.57 61.11 34.08
CA PHE A 215 -37.33 60.03 34.68
C PHE A 215 -37.72 59.01 33.61
N PRO A 216 -37.85 57.72 33.97
CA PRO A 216 -38.29 56.74 32.96
C PRO A 216 -39.71 57.02 32.51
N ALA A 217 -39.99 56.63 31.27
CA ALA A 217 -41.32 56.80 30.71
C ALA A 217 -42.32 55.93 31.47
N VAL A 218 -43.54 56.44 31.61
CA VAL A 218 -44.63 55.76 32.28
C VAL A 218 -45.78 55.61 31.30
N LEU A 219 -46.27 54.39 31.14
CA LEU A 219 -47.39 54.14 30.24
C LEU A 219 -48.69 54.65 30.87
N GLN A 220 -49.34 55.59 30.20
CA GLN A 220 -50.61 56.11 30.65
C GLN A 220 -51.75 55.20 30.20
N SER A 221 -52.93 55.42 30.78
CA SER A 221 -54.09 54.61 30.42
C SER A 221 -54.49 54.82 28.95
N SER A 222 -54.19 56.00 28.40
CA SER A 222 -54.48 56.26 26.99
C SER A 222 -53.58 55.47 26.04
N GLY A 223 -52.51 54.87 26.52
CA GLY A 223 -51.61 54.10 25.70
C GLY A 223 -50.39 54.84 25.18
N LEU A 224 -50.15 56.06 25.63
CA LEU A 224 -49.00 56.85 25.23
C LEU A 224 -48.13 57.13 26.45
N TYR A 225 -46.86 57.44 26.17
CA TYR A 225 -45.83 57.54 27.19
C TYR A 225 -45.63 58.99 27.63
N SER A 226 -45.15 59.16 28.86
CA SER A 226 -44.88 60.49 29.42
C SER A 226 -43.72 60.39 30.40
N LEU A 227 -42.97 61.47 30.51
CA LEU A 227 -41.85 61.55 31.44
C LEU A 227 -41.56 63.01 31.74
N SER A 228 -40.62 63.22 32.66
CA SER A 228 -40.13 64.55 33.00
C SER A 228 -38.61 64.51 33.06
N SER A 229 -37.98 65.62 32.71
CA SER A 229 -36.53 65.79 32.80
C SER A 229 -36.26 67.07 33.58
N VAL A 230 -35.58 66.96 34.71
CA VAL A 230 -35.48 68.03 35.68
C VAL A 230 -34.01 68.30 36.01
N VAL A 231 -33.67 69.58 36.15
CA VAL A 231 -32.38 70.02 36.67
C VAL A 231 -32.62 70.98 37.81
N THR A 232 -31.78 70.89 38.84
CA THR A 232 -31.79 71.79 39.99
C THR A 232 -30.58 72.71 39.91
N VAL A 233 -30.81 73.99 40.15
CA VAL A 233 -29.78 75.03 40.02
C VAL A 233 -29.89 75.98 41.22
N PRO A 234 -28.95 76.91 41.38
CA PRO A 234 -29.13 77.95 42.42
C PRO A 234 -30.31 78.87 42.10
N SER A 235 -30.93 79.37 43.17
CA SER A 235 -32.06 80.28 42.99
C SER A 235 -31.61 81.59 42.36
N SER A 236 -30.45 82.11 42.76
CA SER A 236 -29.99 83.40 42.27
C SER A 236 -29.77 83.41 40.77
N SER A 237 -29.55 82.25 40.16
CA SER A 237 -29.35 82.15 38.71
C SER A 237 -30.65 82.06 37.93
N LEU A 238 -31.81 82.06 38.60
CA LEU A 238 -33.07 81.86 37.87
C LEU A 238 -33.33 83.00 36.89
N GLY A 239 -33.16 84.24 37.33
CA GLY A 239 -33.42 85.39 36.50
C GLY A 239 -32.28 85.80 35.59
N THR A 240 -31.12 85.14 35.69
CA THR A 240 -29.93 85.50 34.93
C THR A 240 -29.47 84.44 33.94
N GLN A 241 -29.87 83.18 34.12
CA GLN A 241 -29.40 82.07 33.30
C GLN A 241 -30.53 81.57 32.41
N THR A 242 -30.14 81.14 31.20
CA THR A 242 -31.07 80.59 30.22
C THR A 242 -31.00 79.07 30.27
N TYR A 243 -32.17 78.43 30.29
CA TYR A 243 -32.28 76.98 30.31
C TYR A 243 -33.16 76.54 29.15
N ILE A 244 -32.62 75.68 28.29
CA ILE A 244 -33.34 75.15 27.13
C ILE A 244 -33.20 73.64 27.17
N CYS A 245 -34.32 72.94 27.04
CA CYS A 245 -34.34 71.49 26.95
C CYS A 245 -34.60 71.09 25.50
N ASN A 246 -33.75 70.20 24.99
CA ASN A 246 -33.83 69.71 23.62
C ASN A 246 -34.34 68.27 23.67
N VAL A 247 -35.57 68.07 23.18
CA VAL A 247 -36.22 66.77 23.14
C VAL A 247 -36.18 66.28 21.70
N ASN A 248 -35.68 65.07 21.50
CA ASN A 248 -35.61 64.44 20.18
C ASN A 248 -36.30 63.10 20.22
N HIS A 249 -37.27 62.91 19.33
CA HIS A 249 -38.01 61.66 19.16
C HIS A 249 -37.79 61.18 17.73
N LYS A 250 -37.20 60.01 17.58
CA LYS A 250 -36.74 59.54 16.27
C LYS A 250 -37.86 58.97 15.39
N PRO A 251 -38.78 58.13 15.90
CA PRO A 251 -39.85 57.62 15.02
C PRO A 251 -40.68 58.72 14.37
N SER A 252 -41.00 59.79 15.10
CA SER A 252 -41.72 60.91 14.54
C SER A 252 -40.80 61.97 13.94
N ASN A 253 -39.49 61.85 14.13
CA ASN A 253 -38.53 62.86 13.67
C ASN A 253 -38.82 64.22 14.29
N THR A 254 -39.30 64.23 15.53
CA THR A 254 -39.69 65.45 16.21
C THR A 254 -38.49 66.01 16.97
N LYS A 255 -38.19 67.29 16.75
CA LYS A 255 -37.13 68.00 17.44
C LYS A 255 -37.73 69.26 18.05
N VAL A 256 -37.68 69.35 19.38
CA VAL A 256 -38.23 70.48 20.12
C VAL A 256 -37.12 71.07 20.97
N ASP A 257 -37.01 72.39 20.95
CA ASP A 257 -36.05 73.13 21.78
C ASP A 257 -36.86 74.12 22.61
N LYS A 258 -37.30 73.67 23.79
CA LYS A 258 -38.19 74.46 24.63
C LYS A 258 -37.35 75.25 25.64
N LYS A 259 -37.48 76.57 25.63
CA LYS A 259 -36.78 77.44 26.56
C LYS A 259 -37.57 77.50 27.86
N VAL A 260 -36.93 77.11 28.97
CA VAL A 260 -37.53 77.12 30.29
C VAL A 260 -37.04 78.35 31.02
N GLU A 261 -37.97 79.19 31.47
CA GLU A 261 -37.66 80.43 32.17
C GLU A 261 -38.86 80.79 33.01
N PRO A 262 -38.71 81.70 33.97
CA PRO A 262 -39.90 82.23 34.61
C PRO A 262 -40.47 83.39 33.80
N VAL B 33 39.70 4.95 13.03
CA VAL B 33 39.94 5.24 14.47
C VAL B 33 41.43 5.31 14.79
N GLN B 34 42.28 4.82 13.89
CA GLN B 34 43.72 4.90 14.14
C GLN B 34 44.45 4.93 12.81
N LEU B 35 45.69 5.45 12.85
CA LEU B 35 46.57 5.50 11.70
C LEU B 35 47.88 4.82 12.04
N GLN B 36 48.44 4.06 11.09
CA GLN B 36 49.67 3.31 11.31
C GLN B 36 50.60 3.50 10.12
N GLU B 37 51.82 3.98 10.39
CA GLU B 37 52.84 4.08 9.36
C GLU B 37 53.60 2.77 9.21
N SER B 38 54.15 2.56 8.02
CA SER B 38 54.99 1.40 7.76
C SER B 38 55.94 1.74 6.63
N GLY B 39 57.19 1.32 6.77
CA GLY B 39 58.18 1.51 5.75
C GLY B 39 59.57 1.17 6.25
N PRO B 40 60.55 1.14 5.36
CA PRO B 40 61.93 0.85 5.80
C PRO B 40 62.42 1.89 6.79
N GLY B 41 63.12 1.41 7.83
CA GLY B 41 63.73 2.31 8.79
C GLY B 41 65.05 2.90 8.32
N LEU B 42 65.65 2.33 7.29
CA LEU B 42 66.92 2.80 6.74
C LEU B 42 66.82 2.84 5.22
N VAL B 43 67.31 3.93 4.64
CA VAL B 43 67.31 4.14 3.20
C VAL B 43 68.70 4.59 2.79
N LYS B 44 69.23 4.01 1.71
CA LYS B 44 70.53 4.43 1.23
C LYS B 44 70.42 5.80 0.57
N PRO B 45 71.49 6.61 0.58
CA PRO B 45 71.40 7.92 -0.09
C PRO B 45 71.13 7.78 -1.58
N SER B 46 70.35 8.73 -2.10
CA SER B 46 69.93 8.86 -3.49
C SER B 46 68.82 7.88 -3.86
N GLU B 47 68.42 6.96 -2.98
CA GLU B 47 67.31 6.06 -3.26
C GLU B 47 65.99 6.80 -3.02
N THR B 48 64.88 6.08 -3.08
CA THR B 48 63.55 6.64 -2.85
C THR B 48 63.02 6.13 -1.52
N LEU B 49 62.69 7.05 -0.63
CA LEU B 49 62.06 6.72 0.66
C LEU B 49 60.58 6.50 0.43
N SER B 50 60.10 5.29 0.72
CA SER B 50 58.70 4.91 0.54
C SER B 50 58.08 4.64 1.90
N LEU B 51 56.98 5.33 2.20
CA LEU B 51 56.20 5.12 3.41
C LEU B 51 54.75 4.89 3.03
N THR B 52 54.05 4.10 3.83
CA THR B 52 52.64 3.80 3.61
C THR B 52 51.91 3.94 4.94
N CYS B 53 50.82 4.71 4.95
CA CYS B 53 49.96 4.86 6.11
C CYS B 53 48.67 4.11 5.86
N THR B 54 48.30 3.26 6.82
CA THR B 54 47.09 2.45 6.76
C THR B 54 46.12 2.93 7.84
N LEU B 55 44.85 2.99 7.46
CA LEU B 55 43.78 3.36 8.37
C LEU B 55 43.24 2.11 9.06
N SER B 56 42.95 2.25 10.35
CA SER B 56 42.32 1.20 11.15
C SER B 56 40.96 1.69 11.59
N ASP B 57 39.92 0.97 11.18
CA ASP B 57 38.52 1.26 11.53
C ASP B 57 38.06 2.57 10.89
N GLY B 58 38.36 2.73 9.60
CA GLY B 58 37.93 3.93 8.90
C GLY B 58 38.13 3.79 7.41
N SER B 59 37.52 4.70 6.68
CA SER B 59 37.56 4.74 5.22
C SER B 59 38.34 5.95 4.76
N ILE B 60 39.12 5.78 3.69
CA ILE B 60 39.86 6.90 3.11
C ILE B 60 38.98 7.79 2.24
N SER B 61 37.81 7.31 1.80
CA SER B 61 36.94 8.05 0.90
C SER B 61 35.95 8.90 1.71
N VAL B 62 36.49 9.96 2.31
CA VAL B 62 35.70 10.91 3.10
C VAL B 62 36.02 12.31 2.61
N SER B 63 34.98 13.13 2.43
CA SER B 63 35.15 14.44 1.82
C SER B 63 35.74 15.48 2.77
N THR B 64 35.65 15.28 4.08
CA THR B 64 36.06 16.28 5.04
C THR B 64 37.52 16.17 5.45
N TYR B 65 38.26 15.18 4.94
CA TYR B 65 39.62 14.91 5.36
C TYR B 65 40.55 14.91 4.15
N TYR B 66 41.72 15.53 4.34
CA TYR B 66 42.88 15.24 3.52
C TYR B 66 43.80 14.30 4.30
N TRP B 67 44.71 13.66 3.58
CA TRP B 67 45.64 12.70 4.16
C TRP B 67 47.04 13.17 3.85
N GLY B 68 47.84 13.45 4.88
CA GLY B 68 49.09 14.16 4.70
C GLY B 68 50.22 13.52 5.48
N TRP B 69 51.41 14.07 5.23
CA TRP B 69 52.64 13.61 5.85
C TRP B 69 53.40 14.79 6.44
N VAL B 70 53.91 14.61 7.65
CA VAL B 70 54.63 15.65 8.38
C VAL B 70 55.86 15.02 9.02
N ARG B 71 57.03 15.59 8.78
CA ARG B 71 58.27 15.08 9.35
C ARG B 71 58.78 16.00 10.45
N GLN B 72 59.40 15.39 11.46
CA GLN B 72 60.00 16.08 12.58
C GLN B 72 61.47 15.69 12.67
N SER B 73 62.33 16.69 12.81
CA SER B 73 63.76 16.51 12.98
C SER B 73 64.22 17.37 14.15
N PRO B 74 65.34 17.03 14.79
CA PRO B 74 65.85 17.90 15.86
C PRO B 74 66.19 19.30 15.41
N GLU B 75 66.65 19.45 14.16
CA GLU B 75 67.14 20.74 13.67
C GLU B 75 66.07 21.55 12.95
N LYS B 76 65.07 20.89 12.36
CA LYS B 76 64.05 21.56 11.55
C LYS B 76 62.68 21.61 12.22
N GLY B 77 62.47 20.91 13.31
CA GLY B 77 61.15 20.90 13.92
C GLY B 77 60.15 20.21 13.00
N LEU B 78 58.87 20.49 13.27
CA LEU B 78 57.81 19.92 12.44
C LEU B 78 57.81 20.56 11.07
N GLU B 79 57.59 19.76 10.04
CA GLU B 79 57.58 20.24 8.66
C GLU B 79 56.60 19.41 7.88
N TRP B 80 55.58 20.07 7.32
CA TRP B 80 54.58 19.38 6.52
C TRP B 80 55.12 19.12 5.12
N ILE B 81 54.84 17.91 4.61
CA ILE B 81 55.39 17.46 3.33
C ILE B 81 54.35 17.64 2.25
N ALA B 82 53.23 16.92 2.37
CA ALA B 82 52.21 16.94 1.33
C ALA B 82 50.89 16.46 1.92
N SER B 83 49.82 16.73 1.17
CA SER B 83 48.47 16.27 1.50
C SER B 83 47.80 15.85 0.21
N ILE B 84 46.85 14.92 0.32
CA ILE B 84 46.11 14.39 -0.82
C ILE B 84 44.65 14.22 -0.45
N TYR B 85 43.77 14.52 -1.40
CA TYR B 85 42.34 14.30 -1.29
C TYR B 85 41.98 12.94 -1.86
N TYR B 86 40.82 12.42 -1.46
CA TYR B 86 40.40 11.12 -1.95
C TYR B 86 40.06 11.15 -3.43
N THR B 87 39.65 12.31 -3.95
CA THR B 87 39.44 12.43 -5.39
C THR B 87 40.74 12.53 -6.17
N GLY B 88 41.88 12.69 -5.50
CA GLY B 88 43.18 12.70 -6.14
C GLY B 88 43.90 14.03 -6.12
N ASP B 89 43.24 15.11 -5.69
CA ASP B 89 43.90 16.41 -5.63
C ASP B 89 45.01 16.37 -4.59
N SER B 90 46.18 16.88 -4.96
CA SER B 90 47.36 16.87 -4.12
C SER B 90 47.89 18.28 -3.93
N TYR B 91 48.46 18.52 -2.76
CA TYR B 91 49.11 19.78 -2.43
C TYR B 91 50.43 19.47 -1.74
N TYR B 92 51.46 20.27 -2.03
CA TYR B 92 52.82 19.93 -1.66
C TYR B 92 53.52 21.09 -1.00
N ASN B 93 54.43 20.77 -0.10
CA ASN B 93 55.38 21.75 0.41
C ASN B 93 56.22 22.25 -0.76
N PRO B 94 56.33 23.57 -0.99
CA PRO B 94 57.09 24.03 -2.17
C PRO B 94 58.53 23.58 -2.20
N SER B 95 59.20 23.47 -1.05
CA SER B 95 60.59 23.03 -1.04
C SER B 95 60.72 21.58 -1.50
N LEU B 96 59.79 20.72 -1.08
CA LEU B 96 59.86 19.29 -1.36
C LEU B 96 58.94 18.85 -2.49
N LYS B 97 58.30 19.78 -3.20
CA LYS B 97 57.35 19.39 -4.24
C LYS B 97 58.02 18.65 -5.39
N SER B 98 59.28 18.99 -5.69
CA SER B 98 59.96 18.36 -6.82
C SER B 98 60.21 16.87 -6.56
N ARG B 99 60.57 16.51 -5.33
CA ARG B 99 60.99 15.16 -5.00
C ARG B 99 59.87 14.29 -4.42
N VAL B 100 58.70 14.86 -4.14
CA VAL B 100 57.65 14.17 -3.39
C VAL B 100 56.57 13.70 -4.36
N THR B 101 56.09 12.47 -4.15
CA THR B 101 54.90 11.95 -4.82
C THR B 101 54.02 11.32 -3.74
N ILE B 102 52.87 11.92 -3.48
CA ILE B 102 51.88 11.40 -2.55
C ILE B 102 50.78 10.72 -3.36
N SER B 103 50.42 9.51 -2.94
CA SER B 103 49.50 8.67 -3.70
C SER B 103 48.49 8.04 -2.75
N LEU B 104 47.42 7.51 -3.34
CA LEU B 104 46.26 7.01 -2.63
C LEU B 104 45.96 5.59 -3.09
N ASP B 105 45.27 4.83 -2.24
CA ASP B 105 44.80 3.50 -2.60
C ASP B 105 43.51 3.25 -1.83
N LYS B 106 42.38 3.31 -2.53
CA LYS B 106 41.08 3.20 -1.89
C LYS B 106 40.74 1.76 -1.51
N SER B 107 41.17 0.79 -2.31
CA SER B 107 40.85 -0.61 -2.02
C SER B 107 41.44 -1.05 -0.68
N LYS B 108 42.69 -0.68 -0.42
CA LYS B 108 43.35 -1.02 0.83
C LYS B 108 43.14 0.02 1.93
N ASN B 109 42.50 1.15 1.64
CA ASN B 109 42.38 2.27 2.56
C ASN B 109 43.76 2.70 3.06
N GLN B 110 44.64 3.00 2.11
CA GLN B 110 46.02 3.35 2.38
C GLN B 110 46.37 4.62 1.62
N PHE B 111 47.37 5.34 2.11
CA PHE B 111 47.97 6.42 1.34
C PHE B 111 49.46 6.47 1.61
N SER B 112 50.23 6.70 0.54
CA SER B 112 51.67 6.49 0.56
C SER B 112 52.40 7.75 0.13
N LEU B 113 53.65 7.85 0.59
CA LEU B 113 54.56 8.93 0.25
C LEU B 113 55.82 8.32 -0.36
N ARG B 114 56.30 8.94 -1.43
CA ARG B 114 57.55 8.55 -2.08
C ARG B 114 58.41 9.80 -2.25
N LEU B 115 59.49 9.89 -1.47
CA LEU B 115 60.42 11.01 -1.52
C LEU B 115 61.66 10.56 -2.28
N ARG B 116 61.96 11.24 -3.38
CA ARG B 116 63.04 10.84 -4.27
C ARG B 116 64.34 11.54 -3.90
N SER B 117 65.45 10.92 -4.32
CA SER B 117 66.79 11.50 -4.17
C SER B 117 67.09 11.85 -2.73
N VAL B 118 66.89 10.88 -1.85
CA VAL B 118 66.97 11.12 -0.41
C VAL B 118 68.43 11.21 0.01
N THR B 119 68.74 12.19 0.84
CA THR B 119 70.08 12.43 1.37
C THR B 119 70.02 12.48 2.90
N ALA B 120 71.18 12.72 3.52
CA ALA B 120 71.29 12.67 4.96
C ALA B 120 70.42 13.72 5.65
N ALA B 121 70.09 14.82 4.97
CA ALA B 121 69.23 15.83 5.56
C ALA B 121 67.79 15.37 5.74
N ASP B 122 67.40 14.25 5.14
CA ASP B 122 66.04 13.74 5.23
C ASP B 122 65.81 12.78 6.38
N THR B 123 66.83 12.51 7.20
CA THR B 123 66.64 11.67 8.37
C THR B 123 65.69 12.35 9.34
N ALA B 124 64.59 11.67 9.68
CA ALA B 124 63.56 12.31 10.48
C ALA B 124 62.52 11.29 10.89
N VAL B 125 61.63 11.71 11.81
CA VAL B 125 60.47 10.92 12.20
C VAL B 125 59.31 11.38 11.32
N TYR B 126 58.81 10.49 10.48
CA TYR B 126 57.71 10.79 9.57
C TYR B 126 56.41 10.33 10.19
N PHE B 127 55.48 11.27 10.38
CA PHE B 127 54.12 11.00 10.82
C PHE B 127 53.19 11.08 9.61
N CYS B 128 52.23 10.16 9.55
CA CYS B 128 51.08 10.31 8.68
C CYS B 128 49.94 10.89 9.51
N ALA B 129 49.21 11.83 8.92
CA ALA B 129 48.24 12.62 9.65
C ALA B 129 46.98 12.80 8.83
N ARG B 130 45.88 13.03 9.54
CA ARG B 130 44.60 13.37 8.95
C ARG B 130 44.38 14.86 9.10
N ASP B 131 44.28 15.55 7.96
CA ASP B 131 44.01 16.98 7.92
C ASP B 131 42.50 17.16 7.92
N HIS B 132 41.94 17.56 9.05
CA HIS B 132 40.50 17.75 9.19
C HIS B 132 40.11 19.07 8.54
N ARG B 133 39.31 19.00 7.49
CA ARG B 133 38.84 20.19 6.78
C ARG B 133 37.43 20.53 7.24
N ARG B 134 37.24 21.76 7.71
CA ARG B 134 35.92 22.32 7.98
C ARG B 134 35.56 23.27 6.86
N SER B 135 34.33 23.17 6.37
CA SER B 135 33.82 24.02 5.30
C SER B 135 32.97 25.14 5.89
N PHE B 136 33.13 26.34 5.34
CA PHE B 136 32.38 27.51 5.76
C PHE B 136 31.82 28.19 4.52
N TRP B 137 30.64 28.78 4.67
CA TRP B 137 29.95 29.44 3.57
C TRP B 137 30.11 30.96 3.69
N GLY B 138 30.62 31.57 2.62
CA GLY B 138 30.67 33.03 2.51
C GLY B 138 29.61 33.50 1.54
N SER B 139 28.89 34.54 1.96
CA SER B 139 27.82 35.11 1.14
C SER B 139 28.42 35.72 -0.12
N GLY B 140 28.14 35.11 -1.27
CA GLY B 140 28.63 35.59 -2.54
C GLY B 140 29.92 34.98 -3.02
N SER B 141 30.70 34.37 -2.11
CA SER B 141 31.99 33.78 -2.45
C SER B 141 31.97 32.27 -2.50
N GLY B 142 31.11 31.62 -1.71
CA GLY B 142 31.00 30.16 -1.70
C GLY B 142 31.76 29.52 -0.56
N TYR B 143 32.34 28.36 -0.81
CA TYR B 143 32.99 27.58 0.24
C TYR B 143 34.39 28.13 0.53
N ASN B 144 34.70 28.29 1.81
CA ASN B 144 36.06 28.54 2.28
C ASN B 144 36.35 27.58 3.42
N TYR B 145 37.64 27.28 3.63
CA TYR B 145 38.06 26.11 4.37
C TYR B 145 39.04 26.47 5.47
N ARG B 146 39.07 25.61 6.50
CA ARG B 146 40.03 25.69 7.59
C ARG B 146 40.51 24.28 7.88
N TYR B 147 41.70 24.17 8.48
CA TYR B 147 42.38 22.89 8.66
C TYR B 147 42.98 22.78 10.06
N TYR B 148 42.99 21.55 10.57
CA TYR B 148 43.87 21.19 11.68
C TYR B 148 44.12 19.69 11.63
N PHE B 149 45.33 19.30 12.05
CA PHE B 149 45.70 17.89 12.15
C PHE B 149 45.14 17.35 13.46
N ASP B 150 44.06 16.58 13.36
CA ASP B 150 43.40 16.02 14.53
C ASP B 150 43.77 14.57 14.80
N MET B 151 44.36 13.87 13.83
CA MET B 151 44.78 12.48 13.97
C MET B 151 46.22 12.35 13.47
N TRP B 152 47.06 11.72 14.28
CA TRP B 152 48.44 11.43 13.93
C TRP B 152 48.71 9.95 14.15
N GLY B 153 49.69 9.42 13.41
CA GLY B 153 50.21 8.10 13.68
C GLY B 153 51.25 8.15 14.77
N GLN B 154 51.93 7.01 14.95
CA GLN B 154 52.96 6.92 15.99
C GLN B 154 54.24 7.61 15.55
N GLY B 155 54.56 7.58 14.27
CA GLY B 155 55.77 8.19 13.75
C GLY B 155 56.86 7.16 13.51
N THR B 156 57.32 7.06 12.26
CA THR B 156 58.34 6.11 11.87
C THR B 156 59.64 6.87 11.64
N LEU B 157 60.67 6.52 12.40
CA LEU B 157 61.98 7.12 12.20
C LEU B 157 62.64 6.50 10.97
N VAL B 158 63.11 7.36 10.06
CA VAL B 158 63.87 6.94 8.89
C VAL B 158 65.23 7.61 8.97
N THR B 159 66.28 6.80 8.85
CA THR B 159 67.66 7.24 8.85
C THR B 159 68.23 7.04 7.46
N VAL B 160 68.95 8.04 6.96
CA VAL B 160 69.50 8.03 5.60
C VAL B 160 71.01 8.00 5.74
N SER B 161 71.59 6.83 5.50
CA SER B 161 73.04 6.66 5.62
C SER B 161 73.47 5.48 4.76
N SER B 162 74.66 5.61 4.18
CA SER B 162 75.24 4.56 3.34
C SER B 162 76.07 3.55 4.13
N ALA B 163 76.15 3.68 5.44
CA ALA B 163 76.94 2.78 6.25
C ALA B 163 76.23 1.43 6.41
N SER B 164 76.99 0.44 6.89
CA SER B 164 76.51 -0.91 7.13
C SER B 164 76.66 -1.23 8.62
N THR B 165 76.13 -2.39 9.01
CA THR B 165 76.18 -2.80 10.40
C THR B 165 77.62 -3.00 10.84
N LYS B 166 77.97 -2.46 12.01
CA LYS B 166 79.30 -2.58 12.55
C LYS B 166 79.22 -2.53 14.07
N GLY B 167 80.13 -3.24 14.73
CA GLY B 167 80.11 -3.33 16.17
C GLY B 167 80.79 -2.14 16.84
N PRO B 168 80.44 -1.85 18.09
CA PRO B 168 81.12 -0.76 18.80
C PRO B 168 82.54 -1.14 19.21
N SER B 169 83.33 -0.10 19.49
CA SER B 169 84.60 -0.22 20.18
C SER B 169 84.47 0.46 21.53
N VAL B 170 84.80 -0.27 22.60
CA VAL B 170 84.64 0.20 23.97
C VAL B 170 86.00 0.62 24.49
N PHE B 171 86.07 1.80 25.10
CA PHE B 171 87.29 2.30 25.72
C PHE B 171 86.97 2.75 27.15
N PRO B 172 87.75 2.35 28.17
CA PRO B 172 87.43 2.80 29.53
C PRO B 172 88.02 4.18 29.79
N LEU B 173 87.16 5.11 30.18
CA LEU B 173 87.57 6.45 30.63
C LEU B 173 87.71 6.36 32.15
N ALA B 174 88.95 6.13 32.61
CA ALA B 174 89.20 5.89 34.03
C ALA B 174 89.18 7.20 34.83
N PRO B 175 88.84 7.14 36.12
CA PRO B 175 88.70 8.38 36.88
C PRO B 175 90.05 9.04 37.17
N SER B 176 89.99 10.35 37.38
CA SER B 176 91.19 11.13 37.68
C SER B 176 91.54 11.02 39.17
N GLY B 183 85.48 15.22 46.32
CA GLY B 183 85.22 14.02 47.07
C GLY B 183 84.57 12.90 46.26
N THR B 184 84.09 13.22 45.07
CA THR B 184 83.45 12.27 44.17
C THR B 184 84.21 12.22 42.87
N ALA B 185 84.43 11.00 42.37
CA ALA B 185 85.22 10.75 41.17
C ALA B 185 84.31 10.22 40.07
N ALA B 186 84.50 10.74 38.85
CA ALA B 186 83.73 10.34 37.68
C ALA B 186 84.54 9.39 36.83
N LEU B 187 83.86 8.39 36.27
CA LEU B 187 84.47 7.46 35.31
C LEU B 187 83.42 7.13 34.26
N GLY B 188 83.81 6.35 33.26
CA GLY B 188 82.84 6.01 32.23
C GLY B 188 83.39 5.05 31.20
N CYS B 189 82.53 4.73 30.23
CA CYS B 189 82.88 3.96 29.05
C CYS B 189 82.54 4.76 27.81
N LEU B 190 83.49 4.84 26.87
CA LEU B 190 83.29 5.48 25.58
C LEU B 190 83.00 4.40 24.54
N VAL B 191 81.83 4.50 23.91
CA VAL B 191 81.40 3.58 22.87
C VAL B 191 81.52 4.32 21.55
N LYS B 192 82.38 3.82 20.65
CA LYS B 192 82.76 4.54 19.44
C LYS B 192 82.62 3.65 18.22
N ASP B 193 82.14 4.23 17.13
CA ASP B 193 82.07 3.58 15.81
C ASP B 193 81.24 2.29 15.86
N TYR B 194 79.94 2.49 16.07
CA TYR B 194 78.94 1.45 15.86
C TYR B 194 77.86 1.96 14.91
N PHE B 195 77.08 1.01 14.39
CA PHE B 195 75.97 1.32 13.50
C PHE B 195 75.15 0.06 13.28
N PRO B 196 73.80 0.13 13.19
CA PRO B 196 72.89 1.26 13.46
C PRO B 196 72.49 1.34 14.94
N GLU B 197 71.78 2.40 15.31
CA GLU B 197 71.32 2.55 16.69
C GLU B 197 70.28 1.49 17.02
N PRO B 198 70.05 1.22 18.32
CA PRO B 198 70.68 1.77 19.54
C PRO B 198 71.66 0.80 20.18
N VAL B 199 72.28 1.21 21.30
CA VAL B 199 73.11 0.37 22.13
C VAL B 199 72.66 0.53 23.57
N THR B 200 72.56 -0.58 24.30
CA THR B 200 72.16 -0.57 25.70
C THR B 200 73.41 -0.68 26.56
N VAL B 201 73.58 0.27 27.47
CA VAL B 201 74.70 0.32 28.40
C VAL B 201 74.17 0.06 29.80
N SER B 202 74.86 -0.79 30.55
CA SER B 202 74.58 -1.00 31.96
C SER B 202 75.89 -1.02 32.73
N TRP B 203 75.78 -0.74 34.04
CA TRP B 203 76.93 -0.67 34.95
C TRP B 203 76.77 -1.73 36.02
N ASN B 204 77.77 -2.61 36.12
CA ASN B 204 77.76 -3.71 37.09
C ASN B 204 76.52 -4.57 36.92
N SER B 205 76.18 -4.88 35.66
CA SER B 205 75.00 -5.68 35.34
C SER B 205 73.73 -5.03 35.87
N GLY B 206 73.67 -3.70 35.80
CA GLY B 206 72.53 -2.95 36.28
C GLY B 206 72.52 -2.68 37.77
N ALA B 207 73.53 -3.15 38.52
CA ALA B 207 73.57 -2.89 39.95
C ALA B 207 73.75 -1.40 40.23
N LEU B 208 74.58 -0.72 39.44
CA LEU B 208 74.88 0.69 39.63
C LEU B 208 74.03 1.50 38.66
N THR B 209 73.07 2.26 39.20
CA THR B 209 72.15 3.10 38.44
C THR B 209 72.12 4.54 38.92
N SER B 210 72.23 4.76 40.24
CA SER B 210 72.24 6.12 40.76
C SER B 210 73.50 6.85 40.34
N GLY B 211 73.35 8.08 39.85
CA GLY B 211 74.47 8.84 39.35
C GLY B 211 74.96 8.42 37.98
N VAL B 212 74.26 7.50 37.32
CA VAL B 212 74.64 7.02 35.99
C VAL B 212 73.93 7.88 34.96
N HIS B 213 74.68 8.33 33.94
CA HIS B 213 74.12 9.11 32.85
C HIS B 213 74.67 8.57 31.54
N THR B 214 73.78 8.10 30.67
CA THR B 214 74.10 7.68 29.32
C THR B 214 73.60 8.75 28.36
N PHE B 215 74.51 9.28 27.54
CA PHE B 215 74.20 10.44 26.73
C PHE B 215 73.72 10.03 25.34
N PRO B 216 72.98 10.90 24.63
CA PRO B 216 72.52 10.53 23.29
C PRO B 216 73.68 10.35 22.31
N ALA B 217 73.48 9.46 21.35
CA ALA B 217 74.49 9.19 20.34
C ALA B 217 74.68 10.40 19.43
N VAL B 218 75.90 10.55 18.92
CA VAL B 218 76.28 11.62 18.02
C VAL B 218 76.76 11.01 16.71
N LEU B 219 76.20 11.46 15.60
CA LEU B 219 76.55 10.96 14.28
C LEU B 219 77.80 11.68 13.79
N GLN B 220 78.89 10.95 13.64
CA GLN B 220 80.18 11.54 13.28
C GLN B 220 80.26 11.80 11.77
N SER B 221 81.31 12.51 11.37
CA SER B 221 81.53 12.77 9.95
C SER B 221 81.73 11.48 9.16
N SER B 222 82.21 10.41 9.82
CA SER B 222 82.35 9.11 9.17
C SER B 222 81.01 8.42 8.94
N GLY B 223 79.92 8.95 9.49
CA GLY B 223 78.61 8.33 9.33
C GLY B 223 78.30 7.27 10.36
N LEU B 224 78.99 7.26 11.49
CA LEU B 224 78.88 6.22 12.50
C LEU B 224 78.66 6.86 13.87
N TYR B 225 77.93 6.14 14.73
CA TYR B 225 77.47 6.70 15.99
C TYR B 225 78.52 6.50 17.09
N SER B 226 78.41 7.33 18.12
CA SER B 226 79.29 7.24 19.29
C SER B 226 78.64 7.96 20.45
N LEU B 227 79.05 7.56 21.66
CA LEU B 227 78.56 8.19 22.88
C LEU B 227 79.49 7.82 24.04
N SER B 228 79.16 8.36 25.21
CA SER B 228 79.85 8.03 26.44
C SER B 228 78.84 7.84 27.56
N SER B 229 79.06 6.84 28.41
CA SER B 229 78.24 6.59 29.58
C SER B 229 79.11 6.83 30.80
N VAL B 230 78.68 7.77 31.65
CA VAL B 230 79.49 8.24 32.78
C VAL B 230 78.74 7.96 34.08
N VAL B 231 79.53 7.90 35.16
CA VAL B 231 78.99 7.67 36.50
C VAL B 231 79.95 8.28 37.52
N THR B 232 79.38 8.93 38.53
CA THR B 232 80.13 9.50 39.64
C THR B 232 79.94 8.62 40.88
N VAL B 233 81.04 8.36 41.57
CA VAL B 233 81.03 7.48 42.75
C VAL B 233 81.90 8.09 43.84
N PRO B 234 81.71 7.67 45.10
CA PRO B 234 82.58 8.17 46.17
C PRO B 234 84.03 7.76 45.95
N SER B 235 84.94 8.64 46.36
CA SER B 235 86.37 8.36 46.20
C SER B 235 86.79 7.14 47.03
N SER B 236 86.31 7.06 48.28
CA SER B 236 86.73 6.00 49.18
C SER B 236 86.34 4.61 48.68
N SER B 237 85.32 4.52 47.83
CA SER B 237 84.88 3.24 47.28
C SER B 237 85.58 2.90 45.96
N LEU B 238 86.53 3.73 45.50
CA LEU B 238 87.22 3.43 44.25
C LEU B 238 88.02 2.13 44.36
N GLY B 239 88.71 1.92 45.48
CA GLY B 239 89.51 0.72 45.66
C GLY B 239 88.75 -0.48 46.16
N THR B 240 87.58 -0.28 46.76
CA THR B 240 86.79 -1.36 47.34
C THR B 240 85.73 -1.90 46.41
N GLN B 241 85.21 -1.10 45.49
CA GLN B 241 84.11 -1.47 44.62
C GLN B 241 84.62 -1.63 43.19
N THR B 242 84.05 -2.61 42.49
CA THR B 242 84.38 -2.89 41.09
C THR B 242 83.32 -2.27 40.18
N TYR B 243 83.76 -1.71 39.06
CA TYR B 243 82.89 -1.03 38.12
C TYR B 243 83.15 -1.58 36.73
N ILE B 244 82.13 -2.21 36.15
CA ILE B 244 82.20 -2.84 34.84
C ILE B 244 81.02 -2.34 34.02
N CYS B 245 81.28 -1.95 32.77
CA CYS B 245 80.23 -1.53 31.85
C CYS B 245 79.95 -2.63 30.84
N ASN B 246 78.68 -3.01 30.71
CA ASN B 246 78.21 -3.98 29.74
C ASN B 246 77.47 -3.21 28.64
N VAL B 247 78.05 -3.22 27.44
CA VAL B 247 77.42 -2.65 26.25
C VAL B 247 76.93 -3.78 25.36
N ASN B 248 75.71 -3.60 24.83
CA ASN B 248 75.06 -4.58 23.98
C ASN B 248 74.51 -3.87 22.75
N HIS B 249 74.85 -4.40 21.58
CA HIS B 249 74.48 -3.83 20.28
C HIS B 249 73.87 -4.95 19.46
N LYS B 250 72.59 -4.79 19.10
CA LYS B 250 71.78 -5.91 18.62
C LYS B 250 72.05 -6.33 17.17
N PRO B 251 72.05 -5.42 16.18
CA PRO B 251 72.28 -5.87 14.80
C PRO B 251 73.62 -6.57 14.60
N SER B 252 74.67 -6.09 15.26
CA SER B 252 75.99 -6.71 15.21
C SER B 252 76.13 -7.85 16.22
N ASN B 253 75.21 -7.96 17.18
CA ASN B 253 75.29 -8.97 18.23
C ASN B 253 76.58 -8.83 19.03
N THR B 254 76.96 -7.58 19.31
CA THR B 254 78.19 -7.29 20.05
C THR B 254 77.86 -7.15 21.54
N LYS B 255 78.56 -7.92 22.37
CA LYS B 255 78.38 -7.92 23.82
C LYS B 255 79.76 -7.76 24.43
N VAL B 256 80.02 -6.58 25.00
CA VAL B 256 81.33 -6.27 25.59
C VAL B 256 81.15 -5.89 27.04
N ASP B 257 81.86 -6.59 27.92
CA ASP B 257 81.89 -6.31 29.36
C ASP B 257 83.28 -5.77 29.69
N LYS B 258 83.41 -4.44 29.65
CA LYS B 258 84.68 -3.77 29.86
C LYS B 258 84.78 -3.35 31.32
N LYS B 259 85.83 -3.80 32.00
CA LYS B 259 86.07 -3.42 33.38
C LYS B 259 86.77 -2.06 33.40
N VAL B 260 86.16 -1.08 34.06
CA VAL B 260 86.72 0.26 34.21
C VAL B 260 87.37 0.37 35.58
N GLU B 261 88.69 0.48 35.59
CA GLU B 261 89.48 0.63 36.80
C GLU B 261 90.59 1.62 36.53
N PRO B 262 91.17 2.21 37.58
CA PRO B 262 92.41 2.95 37.29
C PRO B 262 93.62 2.05 36.95
N ASP C 20 57.11 31.74 1.26
CA ASP C 20 55.70 32.13 1.57
C ASP C 20 55.58 32.51 3.06
N ILE C 21 54.46 32.20 3.71
CA ILE C 21 54.29 32.60 5.10
C ILE C 21 55.28 31.84 5.98
N GLN C 22 55.94 32.57 6.87
CA GLN C 22 56.89 32.01 7.82
C GLN C 22 56.49 32.41 9.23
N MET C 23 56.56 31.46 10.16
CA MET C 23 56.14 31.64 11.54
C MET C 23 57.36 31.54 12.45
N THR C 24 57.52 32.54 13.31
CA THR C 24 58.62 32.59 14.27
C THR C 24 58.02 32.46 15.67
N GLN C 25 58.43 31.42 16.39
CA GLN C 25 57.93 31.13 17.71
C GLN C 25 58.98 31.49 18.76
N SER C 26 58.56 32.16 19.82
CA SER C 26 59.43 32.57 20.91
C SER C 26 58.77 32.27 22.24
N PRO C 27 59.56 31.99 23.30
CA PRO C 27 61.01 31.75 23.34
C PRO C 27 61.31 30.33 22.91
N SER C 28 62.54 30.02 22.48
CA SER C 28 62.88 28.64 22.18
C SER C 28 62.94 27.77 23.44
N LEU C 29 62.98 28.37 24.62
CA LEU C 29 63.06 27.64 25.88
C LEU C 29 62.42 28.49 26.97
N LEU C 30 61.47 27.92 27.70
CA LEU C 30 60.70 28.64 28.72
C LEU C 30 60.72 27.83 30.01
N PRO C 31 61.77 27.96 30.82
CA PRO C 31 61.73 27.35 32.16
C PRO C 31 60.63 27.96 33.01
N ALA C 32 59.98 27.11 33.80
CA ALA C 32 58.88 27.55 34.64
C ALA C 32 58.60 26.48 35.68
N SER C 33 57.86 26.88 36.71
CA SER C 33 57.52 26.02 37.84
C SER C 33 56.02 25.81 37.90
N VAL C 34 55.62 24.81 38.69
CA VAL C 34 54.21 24.50 38.85
C VAL C 34 53.51 25.66 39.52
N GLY C 35 52.39 26.10 38.93
CA GLY C 35 51.64 27.24 39.41
C GLY C 35 51.93 28.53 38.69
N GLU C 36 53.03 28.59 37.92
CA GLU C 36 53.36 29.79 37.18
C GLU C 36 52.42 29.96 35.99
N ARG C 37 52.30 31.21 35.53
CA ARG C 37 51.57 31.56 34.32
C ARG C 37 52.57 31.83 33.22
N VAL C 38 52.53 31.03 32.15
CA VAL C 38 53.50 31.12 31.06
C VAL C 38 52.79 31.50 29.78
N THR C 39 53.54 32.15 28.88
CA THR C 39 53.01 32.61 27.60
C THR C 39 54.05 32.37 26.52
N ILE C 40 53.64 31.67 25.46
CA ILE C 40 54.44 31.48 24.25
C ILE C 40 53.84 32.35 23.16
N THR C 41 54.70 32.90 22.30
CA THR C 41 54.29 33.84 21.26
C THR C 41 54.66 33.28 19.90
N CYS C 42 53.79 33.51 18.92
CA CYS C 42 54.05 33.14 17.53
C CYS C 42 53.77 34.34 16.65
N GLN C 43 54.73 34.70 15.81
CA GLN C 43 54.64 35.86 14.92
C GLN C 43 54.63 35.38 13.48
N ALA C 44 53.62 35.82 12.73
CA ALA C 44 53.49 35.51 11.32
C ALA C 44 54.09 36.63 10.48
N SER C 45 54.78 36.25 9.40
CA SER C 45 55.37 37.25 8.52
C SER C 45 54.31 38.15 7.90
N GLN C 46 53.19 37.55 7.47
CA GLN C 46 52.08 38.26 6.86
C GLN C 46 50.88 38.23 7.80
N ASP C 47 49.76 38.78 7.31
CA ASP C 47 48.51 38.76 8.04
C ASP C 47 47.75 37.49 7.66
N ILE C 48 47.47 36.64 8.65
CA ILE C 48 46.78 35.37 8.46
C ILE C 48 45.44 35.32 9.19
N ASN C 49 44.96 36.46 9.69
CA ASN C 49 43.67 36.53 10.40
C ASN C 49 43.81 35.67 11.66
N ASN C 50 42.92 34.70 11.90
CA ASN C 50 43.03 33.76 13.01
C ASN C 50 43.25 32.34 12.52
N TYR C 51 43.87 32.19 11.34
CA TYR C 51 44.09 30.88 10.74
C TYR C 51 45.35 30.25 11.35
N LEU C 52 45.24 29.92 12.63
CA LEU C 52 46.36 29.39 13.39
C LEU C 52 45.86 28.39 14.42
N ASN C 53 46.60 27.29 14.55
CA ASN C 53 46.34 26.26 15.54
C ASN C 53 47.59 26.08 16.40
N TRP C 54 47.40 25.43 17.55
CA TRP C 54 48.48 25.17 18.49
C TRP C 54 48.51 23.68 18.82
N TYR C 55 49.70 23.13 18.97
CA TYR C 55 49.90 21.72 19.24
C TYR C 55 50.86 21.52 20.40
N GLN C 56 50.61 20.48 21.19
CA GLN C 56 51.48 20.05 22.28
C GLN C 56 52.06 18.69 21.91
N GLN C 57 53.33 18.49 22.25
CA GLN C 57 54.03 17.24 21.94
C GLN C 57 54.92 16.88 23.12
N LYS C 58 54.61 15.77 23.77
CA LYS C 58 55.47 15.19 24.78
C LYS C 58 56.58 14.39 24.12
N PRO C 59 57.65 14.07 24.85
CA PRO C 59 58.75 13.29 24.23
C PRO C 59 58.27 11.92 23.77
N GLY C 60 58.70 11.54 22.57
CA GLY C 60 58.34 10.24 22.02
C GLY C 60 56.85 10.06 21.80
N LYS C 61 56.15 11.13 21.41
CA LYS C 61 54.72 11.07 21.16
C LYS C 61 54.39 12.00 20.01
N ALA C 62 53.24 11.75 19.39
CA ALA C 62 52.77 12.60 18.31
C ALA C 62 52.25 13.93 18.86
N PRO C 63 52.23 14.99 18.05
CA PRO C 63 51.59 16.23 18.52
C PRO C 63 50.10 16.04 18.79
N LYS C 64 49.59 16.82 19.74
CA LYS C 64 48.18 16.81 20.09
C LYS C 64 47.63 18.22 19.94
N LEU C 65 46.47 18.33 19.29
CA LEU C 65 45.83 19.63 19.12
C LEU C 65 45.32 20.17 20.44
N LEU C 66 45.62 21.44 20.72
CA LEU C 66 45.13 22.13 21.90
C LEU C 66 44.11 23.20 21.55
N ILE C 67 44.47 24.13 20.66
CA ILE C 67 43.64 25.27 20.30
C ILE C 67 43.59 25.37 18.79
N TYR C 68 42.42 25.70 18.26
CA TYR C 68 42.23 25.93 16.83
C TYR C 68 41.56 27.28 16.64
N ASP C 69 41.79 27.87 15.47
CA ASP C 69 41.33 29.23 15.16
C ASP C 69 41.90 30.27 16.12
N ALA C 70 43.01 29.95 16.78
CA ALA C 70 43.80 30.87 17.59
C ALA C 70 43.16 31.26 18.92
N SER C 71 41.90 30.88 19.17
CA SER C 71 41.28 31.15 20.46
C SER C 71 40.32 30.08 20.97
N LYS C 72 40.03 29.04 20.19
CA LYS C 72 39.00 28.06 20.55
C LYS C 72 39.67 26.81 21.09
N LEU C 73 39.19 26.33 22.24
CA LEU C 73 39.74 25.17 22.90
C LEU C 73 39.12 23.89 22.35
N GLU C 74 39.96 22.96 21.94
CA GLU C 74 39.49 21.66 21.47
C GLU C 74 38.86 20.90 22.62
N THR C 75 37.88 20.05 22.29
CA THR C 75 37.17 19.30 23.30
C THR C 75 38.12 18.37 24.05
N GLY C 76 37.91 18.25 25.36
CA GLY C 76 38.73 17.41 26.20
C GLY C 76 40.03 18.03 26.66
N VAL C 77 40.29 19.29 26.32
CA VAL C 77 41.52 19.97 26.72
C VAL C 77 41.23 20.70 28.04
N PRO C 78 42.14 20.71 29.03
CA PRO C 78 41.86 21.47 30.25
C PRO C 78 41.74 22.97 29.96
N SER C 79 40.95 23.65 30.80
CA SER C 79 40.73 25.08 30.66
C SER C 79 41.95 25.91 30.98
N ARG C 80 43.03 25.31 31.50
CA ARG C 80 44.24 26.07 31.81
C ARG C 80 44.81 26.72 30.56
N PHE C 81 44.74 26.03 29.42
CA PHE C 81 45.26 26.56 28.18
C PHE C 81 44.29 27.57 27.59
N SER C 82 44.84 28.70 27.13
CA SER C 82 44.07 29.69 26.38
C SER C 82 44.92 30.15 25.21
N GLY C 83 44.23 30.59 24.16
CA GLY C 83 44.89 31.14 23.00
C GLY C 83 44.28 32.48 22.65
N SER C 84 45.09 33.31 22.00
CA SER C 84 44.59 34.63 21.62
C SER C 84 45.40 35.17 20.46
N GLY C 85 44.87 36.20 19.82
CA GLY C 85 45.58 36.94 18.80
C GLY C 85 44.80 37.17 17.52
N SER C 86 45.24 38.17 16.77
CA SER C 86 44.79 38.47 15.42
C SER C 86 45.98 38.28 14.50
N GLY C 87 45.85 38.71 13.25
CA GLY C 87 46.92 38.63 12.26
C GLY C 87 48.28 39.05 12.79
N THR C 88 49.33 38.40 12.30
CA THR C 88 50.71 38.59 12.75
C THR C 88 50.99 37.93 14.09
N ASP C 89 50.49 38.48 15.19
CA ASP C 89 50.89 38.10 16.54
C ASP C 89 49.83 37.22 17.20
N PHE C 90 50.28 36.11 17.80
CA PHE C 90 49.41 35.14 18.45
C PHE C 90 50.07 34.66 19.73
N ASN C 91 49.26 34.10 20.63
CA ASN C 91 49.71 33.75 21.97
C ASN C 91 49.07 32.43 22.39
N LEU C 92 49.86 31.67 23.15
CA LEU C 92 49.43 30.44 23.84
C LEU C 92 49.79 30.62 25.32
N THR C 93 48.77 30.80 26.16
CA THR C 93 48.98 31.03 27.58
C THR C 93 48.54 29.79 28.38
N ILE C 94 49.31 29.47 29.40
CA ILE C 94 48.92 28.50 30.43
C ILE C 94 48.83 29.26 31.73
N SER C 95 47.65 29.22 32.36
CA SER C 95 47.40 30.01 33.56
C SER C 95 48.13 29.45 34.76
N SER C 96 48.00 28.14 34.99
CA SER C 96 48.62 27.45 36.13
C SER C 96 49.34 26.21 35.60
N LEU C 97 50.65 26.31 35.46
CA LEU C 97 51.43 25.20 34.95
C LEU C 97 51.34 24.01 35.90
N GLN C 98 51.08 22.83 35.34
CA GLN C 98 50.92 21.59 36.09
C GLN C 98 52.01 20.60 35.68
N PRO C 99 52.19 19.49 36.42
CA PRO C 99 53.26 18.54 36.07
C PRO C 99 53.17 17.95 34.66
N GLU C 100 51.96 17.75 34.12
CA GLU C 100 51.79 17.13 32.81
C GLU C 100 51.74 18.15 31.66
N ASP C 101 51.94 19.44 31.94
CA ASP C 101 51.99 20.46 30.89
C ASP C 101 53.40 20.75 30.40
N PHE C 102 54.41 20.04 30.90
CA PHE C 102 55.78 20.21 30.42
C PHE C 102 55.92 19.44 29.11
N ALA C 103 56.07 20.16 28.01
CA ALA C 103 56.12 19.57 26.68
C ALA C 103 56.60 20.63 25.71
N THR C 104 56.67 20.27 24.43
CA THR C 104 57.07 21.18 23.37
C THR C 104 55.82 21.64 22.62
N TYR C 105 55.67 22.96 22.49
CA TYR C 105 54.49 23.57 21.90
C TYR C 105 54.84 24.16 20.54
N TYR C 106 53.94 24.00 19.57
CA TYR C 106 54.12 24.45 18.20
C TYR C 106 52.92 25.29 17.76
N CYS C 107 53.19 26.32 16.97
CA CYS C 107 52.15 27.05 16.26
C CYS C 107 52.15 26.60 14.80
N HIS C 108 50.94 26.37 14.27
CA HIS C 108 50.74 25.85 12.91
C HIS C 108 49.83 26.81 12.17
N GLN C 109 50.25 27.19 10.96
CA GLN C 109 49.50 28.10 10.10
C GLN C 109 49.02 27.35 8.87
N TYR C 110 47.78 27.61 8.50
CA TYR C 110 47.12 27.03 7.33
C TYR C 110 46.43 28.12 6.56
N GLY C 111 46.14 27.84 5.29
CA GLY C 111 45.39 28.72 4.43
C GLY C 111 44.04 28.15 4.06
N ASN C 112 43.46 28.71 2.99
CA ASN C 112 42.22 28.16 2.45
C ASN C 112 42.43 26.82 1.76
N LEU C 113 43.66 26.54 1.33
CA LEU C 113 44.08 25.27 0.78
C LEU C 113 44.93 24.52 1.81
N PRO C 114 45.04 23.19 1.71
CA PRO C 114 45.84 22.48 2.72
C PRO C 114 47.34 22.65 2.48
N VAL C 115 47.82 23.86 2.72
CA VAL C 115 49.23 24.20 2.70
C VAL C 115 49.58 24.70 4.09
N HIS C 116 50.59 24.09 4.72
CA HIS C 116 50.82 24.21 6.14
C HIS C 116 52.25 24.65 6.42
N THR C 117 52.40 25.46 7.47
CA THR C 117 53.70 25.89 7.93
C THR C 117 53.71 25.79 9.45
N PHE C 118 54.64 25.02 9.99
CA PHE C 118 54.79 24.86 11.43
C PHE C 118 55.86 25.80 11.95
N GLY C 119 55.54 26.51 13.03
CA GLY C 119 56.56 27.29 13.70
C GLY C 119 57.53 26.41 14.46
N GLN C 120 58.65 27.01 14.85
CA GLN C 120 59.65 26.27 15.60
C GLN C 120 59.12 25.98 17.01
N GLY C 121 59.55 24.86 17.56
CA GLY C 121 59.03 24.44 18.85
C GLY C 121 59.49 25.35 19.98
N THR C 122 58.68 25.35 21.04
CA THR C 122 59.01 26.03 22.29
C THR C 122 58.90 25.01 23.40
N LYS C 123 60.02 24.74 24.07
CA LYS C 123 60.05 23.74 25.13
C LYS C 123 59.82 24.40 26.49
N VAL C 124 59.00 23.75 27.31
CA VAL C 124 58.71 24.18 28.67
C VAL C 124 59.32 23.15 29.60
N GLU C 125 60.29 23.57 30.40
CA GLU C 125 61.04 22.69 31.29
C GLU C 125 60.84 23.11 32.75
N ILE C 126 61.32 22.27 33.65
CA ILE C 126 61.19 22.50 35.08
C ILE C 126 62.22 23.54 35.51
N LYS C 127 61.80 24.47 36.36
CA LYS C 127 62.64 25.54 36.87
C LYS C 127 63.15 25.18 38.25
N ARG C 128 64.38 25.63 38.54
CA ARG C 128 64.99 25.43 39.84
C ARG C 128 66.12 26.45 39.99
N THR C 129 66.89 26.32 41.06
CA THR C 129 68.01 27.22 41.30
C THR C 129 69.19 26.85 40.39
N VAL C 130 70.15 27.76 40.32
CA VAL C 130 71.33 27.58 39.47
C VAL C 130 72.30 26.63 40.17
N ALA C 131 72.75 25.61 39.44
CA ALA C 131 73.70 24.62 39.94
C ALA C 131 74.97 24.67 39.10
N ALA C 132 76.11 24.77 39.76
CA ALA C 132 77.38 24.86 39.04
C ALA C 132 77.80 23.49 38.51
N PRO C 133 78.48 23.43 37.36
CA PRO C 133 78.92 22.12 36.85
C PRO C 133 80.05 21.53 37.67
N SER C 134 80.08 20.19 37.70
CA SER C 134 81.27 19.46 38.08
C SER C 134 82.01 19.11 36.80
N VAL C 135 83.21 19.66 36.64
CA VAL C 135 83.99 19.55 35.40
C VAL C 135 85.01 18.45 35.57
N PHE C 136 85.02 17.50 34.64
CA PHE C 136 85.96 16.40 34.60
C PHE C 136 86.60 16.34 33.22
N ILE C 137 87.82 15.82 33.16
CA ILE C 137 88.59 15.75 31.92
C ILE C 137 89.23 14.37 31.86
N PHE C 138 89.03 13.67 30.75
CA PHE C 138 89.48 12.28 30.58
C PHE C 138 90.33 12.19 29.32
N PRO C 139 91.57 11.68 29.39
CA PRO C 139 92.37 11.55 28.17
C PRO C 139 91.91 10.37 27.34
N PRO C 140 92.39 10.25 26.10
CA PRO C 140 92.17 9.01 25.36
C PRO C 140 92.90 7.85 26.04
N SER C 141 92.28 6.68 25.99
CA SER C 141 92.92 5.50 26.54
C SER C 141 94.06 5.06 25.62
N ASP C 142 95.00 4.29 26.20
CA ASP C 142 96.08 3.74 25.39
C ASP C 142 95.56 2.79 24.32
N GLU C 143 94.42 2.16 24.57
CA GLU C 143 93.81 1.29 23.55
C GLU C 143 93.33 2.11 22.36
N GLN C 144 92.73 3.27 22.60
CA GLN C 144 92.29 4.11 21.50
C GLN C 144 93.47 4.64 20.71
N LEU C 145 94.59 4.92 21.39
CA LEU C 145 95.81 5.31 20.69
C LEU C 145 96.35 4.15 19.87
N LYS C 146 96.25 2.93 20.40
CA LYS C 146 96.60 1.75 19.61
C LYS C 146 95.72 1.64 18.36
N SER C 147 94.47 2.09 18.45
CA SER C 147 93.61 2.14 17.28
C SER C 147 94.02 3.23 16.29
N GLY C 148 94.88 4.16 16.68
CA GLY C 148 95.36 5.20 15.80
C GLY C 148 94.61 6.51 15.86
N THR C 149 93.69 6.68 16.81
CA THR C 149 92.94 7.91 17.01
C THR C 149 93.00 8.29 18.49
N ALA C 150 92.45 9.47 18.80
CA ALA C 150 92.52 10.02 20.14
C ALA C 150 91.26 10.82 20.42
N SER C 151 90.49 10.40 21.42
CA SER C 151 89.34 11.14 21.91
C SER C 151 89.63 11.71 23.29
N VAL C 152 89.40 13.01 23.45
CA VAL C 152 89.50 13.69 24.74
C VAL C 152 88.08 14.03 25.17
N VAL C 153 87.69 13.57 26.36
CA VAL C 153 86.31 13.66 26.83
C VAL C 153 86.26 14.62 28.01
N CYS C 154 85.50 15.71 27.88
CA CYS C 154 85.36 16.69 28.96
C CYS C 154 83.89 16.73 29.35
N LEU C 155 83.62 16.45 30.63
CA LEU C 155 82.29 16.19 31.15
C LEU C 155 81.87 17.30 32.10
N LEU C 156 80.68 17.84 31.86
CA LEU C 156 79.99 18.75 32.78
C LEU C 156 78.85 17.97 33.42
N ASN C 157 78.89 17.81 34.74
CA ASN C 157 77.92 17.01 35.47
C ASN C 157 77.10 17.91 36.39
N ASN C 158 75.77 17.74 36.34
CA ASN C 158 74.82 18.35 37.27
C ASN C 158 74.94 19.88 37.26
N PHE C 159 74.57 20.46 36.12
CA PHE C 159 74.53 21.92 35.97
C PHE C 159 73.19 22.35 35.39
N TYR C 160 72.64 23.41 35.97
CA TYR C 160 71.43 24.08 35.52
C TYR C 160 71.70 25.58 35.52
N PRO C 161 71.19 26.35 34.52
CA PRO C 161 70.46 25.98 33.30
C PRO C 161 71.27 25.21 32.27
N ARG C 162 70.61 24.87 31.17
CA ARG C 162 71.26 24.18 30.06
C ARG C 162 72.32 25.02 29.37
N GLU C 163 72.30 26.34 29.54
CA GLU C 163 73.21 27.22 28.83
C GLU C 163 74.60 27.16 29.46
N ALA C 164 75.56 26.62 28.71
CA ALA C 164 76.95 26.58 29.13
C ALA C 164 77.83 26.49 27.88
N LYS C 165 79.06 26.98 28.00
CA LYS C 165 80.01 27.00 26.90
C LYS C 165 81.24 26.20 27.27
N VAL C 166 81.71 25.38 26.32
CA VAL C 166 82.90 24.56 26.47
C VAL C 166 83.84 24.90 25.32
N GLN C 167 85.13 25.10 25.65
CA GLN C 167 86.16 25.43 24.68
C GLN C 167 87.38 24.55 24.91
N TRP C 168 87.97 24.07 23.82
CA TRP C 168 89.12 23.17 23.88
C TRP C 168 90.39 23.95 23.59
N LYS C 169 91.36 23.85 24.50
CA LYS C 169 92.64 24.56 24.37
C LYS C 169 93.79 23.56 24.37
N VAL C 170 94.69 23.72 23.39
CA VAL C 170 95.83 22.84 23.20
C VAL C 170 97.08 23.66 23.46
N ASP C 171 97.73 23.44 24.60
CA ASP C 171 98.89 24.22 24.99
C ASP C 171 98.56 25.71 25.00
N ASN C 172 97.34 26.03 25.46
CA ASN C 172 96.79 27.38 25.42
C ASN C 172 96.54 27.88 24.00
N ALA C 173 96.20 26.97 23.10
CA ALA C 173 95.79 27.30 21.73
C ALA C 173 94.39 26.74 21.48
N LEU C 174 93.46 27.63 21.12
CA LEU C 174 92.06 27.25 21.00
C LEU C 174 91.83 26.34 19.80
N GLN C 175 90.88 25.42 19.94
CA GLN C 175 90.45 24.52 18.88
C GLN C 175 89.11 24.99 18.31
N SER C 176 88.75 24.40 17.17
CA SER C 176 87.47 24.68 16.54
C SER C 176 87.26 23.70 15.40
N GLY C 177 86.02 23.23 15.25
CA GLY C 177 85.68 22.33 14.16
C GLY C 177 86.09 20.89 14.36
N ASN C 178 86.52 20.51 15.58
CA ASN C 178 86.92 19.13 15.87
C ASN C 178 86.34 18.66 17.20
N SER C 179 85.26 19.28 17.68
CA SER C 179 84.62 18.95 18.94
C SER C 179 83.14 18.73 18.71
N GLN C 180 82.59 17.69 19.35
CA GLN C 180 81.17 17.36 19.26
C GLN C 180 80.56 17.30 20.65
N GLU C 181 79.36 17.84 20.77
CA GLU C 181 78.66 17.98 22.03
C GLU C 181 77.53 16.95 22.12
N SER C 182 77.24 16.50 23.34
CA SER C 182 76.08 15.66 23.58
C SER C 182 75.54 15.97 24.97
N VAL C 183 74.21 16.06 25.07
CA VAL C 183 73.54 16.48 26.30
C VAL C 183 72.35 15.56 26.55
N THR C 184 72.14 15.21 27.81
CA THR C 184 71.02 14.38 28.24
C THR C 184 69.81 15.24 28.59
N GLU C 185 68.67 14.58 28.74
CA GLU C 185 67.43 15.25 29.13
C GLU C 185 67.44 15.55 30.62
N GLN C 186 66.51 16.39 31.04
CA GLN C 186 66.38 16.72 32.46
C GLN C 186 65.87 15.50 33.23
N ASP C 187 66.56 15.17 34.31
CA ASP C 187 66.19 14.03 35.14
C ASP C 187 65.16 14.46 36.18
N SER C 188 64.23 13.55 36.48
CA SER C 188 63.12 13.90 37.37
C SER C 188 63.59 14.17 38.80
N LYS C 189 64.62 13.46 39.26
CA LYS C 189 65.00 13.56 40.66
C LYS C 189 65.56 14.93 41.01
N ASP C 190 66.52 15.41 40.20
CA ASP C 190 67.23 16.65 40.48
C ASP C 190 66.97 17.77 39.47
N SER C 191 66.40 17.45 38.30
CA SER C 191 66.05 18.45 37.29
C SER C 191 67.28 19.22 36.81
N THR C 192 68.32 18.48 36.43
CA THR C 192 69.58 19.04 35.98
C THR C 192 69.99 18.44 34.64
N TYR C 193 70.99 19.05 34.03
CA TYR C 193 71.52 18.65 32.74
C TYR C 193 72.95 18.15 32.89
N SER C 194 73.39 17.37 31.90
CA SER C 194 74.74 16.84 31.84
C SER C 194 75.23 16.86 30.40
N LEU C 195 76.48 17.28 30.21
CA LEU C 195 77.05 17.50 28.87
C LEU C 195 78.39 16.79 28.76
N SER C 196 78.67 16.27 27.56
CA SER C 196 79.99 15.77 27.20
C SER C 196 80.46 16.44 25.93
N SER C 197 81.75 16.80 25.91
CA SER C 197 82.44 17.30 24.74
C SER C 197 83.53 16.30 24.38
N THR C 198 83.42 15.71 23.19
CA THR C 198 84.43 14.80 22.67
C THR C 198 85.23 15.52 21.59
N LEU C 199 86.55 15.52 21.75
CA LEU C 199 87.48 16.11 20.80
C LEU C 199 88.29 15.00 20.17
N THR C 200 88.13 14.82 18.85
CA THR C 200 88.72 13.71 18.12
C THR C 200 89.89 14.22 17.29
N LEU C 201 91.03 13.53 17.40
CA LEU C 201 92.23 13.85 16.62
C LEU C 201 92.89 12.55 16.22
N SER C 202 93.84 12.65 15.28
CA SER C 202 94.64 11.50 14.92
C SER C 202 95.71 11.28 16.00
N LYS C 203 96.35 10.10 15.95
CA LYS C 203 97.38 9.79 16.93
C LYS C 203 98.56 10.75 16.81
N ALA C 204 98.96 11.07 15.57
CA ALA C 204 100.09 11.98 15.38
C ALA C 204 99.75 13.37 15.89
N ASP C 205 98.57 13.89 15.56
CA ASP C 205 98.17 15.20 16.06
C ASP C 205 98.05 15.18 17.59
N TYR C 206 97.56 14.08 18.16
CA TYR C 206 97.47 13.99 19.61
C TYR C 206 98.85 14.00 20.26
N GLU C 207 99.81 13.32 19.64
CA GLU C 207 101.17 13.27 20.19
C GLU C 207 101.95 14.56 19.95
N LYS C 208 101.53 15.39 18.98
CA LYS C 208 102.30 16.58 18.63
C LYS C 208 102.27 17.66 19.72
N HIS C 209 101.28 17.63 20.61
CA HIS C 209 101.10 18.69 21.60
C HIS C 209 101.01 18.09 23.00
N LYS C 210 101.47 18.85 23.99
CA LYS C 210 101.67 18.33 25.34
C LYS C 210 100.43 18.48 26.23
N VAL C 211 100.01 19.73 26.49
CA VAL C 211 98.97 20.03 27.46
C VAL C 211 97.63 20.16 26.73
N TYR C 212 96.58 19.60 27.32
CA TYR C 212 95.24 19.61 26.74
C TYR C 212 94.24 19.98 27.82
N ALA C 213 93.32 20.90 27.51
CA ALA C 213 92.40 21.43 28.51
C ALA C 213 91.04 21.71 27.90
N CYS C 214 90.00 21.61 28.73
CA CYS C 214 88.67 22.09 28.41
C CYS C 214 88.28 23.16 29.41
N GLU C 215 87.66 24.23 28.89
CA GLU C 215 87.42 25.47 29.58
C GLU C 215 85.92 25.74 29.56
N VAL C 216 85.32 25.87 30.74
CA VAL C 216 83.87 25.89 30.91
C VAL C 216 83.44 27.25 31.44
N THR C 217 82.42 27.83 30.80
CA THR C 217 81.76 29.04 31.27
C THR C 217 80.28 28.75 31.50
N HIS C 218 79.77 29.22 32.63
CA HIS C 218 78.39 28.99 33.02
C HIS C 218 77.93 30.18 33.87
N GLN C 219 76.64 30.51 33.75
CA GLN C 219 76.10 31.63 34.52
C GLN C 219 76.22 31.41 36.01
N GLY C 220 76.19 30.15 36.46
CA GLY C 220 76.33 29.83 37.86
C GLY C 220 77.74 29.81 38.41
N LEU C 221 78.74 30.06 37.56
CA LEU C 221 80.14 30.06 37.97
C LEU C 221 80.62 31.50 38.08
N SER C 222 81.30 31.82 39.19
CA SER C 222 81.82 33.16 39.39
C SER C 222 82.86 33.50 38.33
N SER C 223 83.66 32.53 37.93
CA SER C 223 84.62 32.67 36.85
C SER C 223 84.67 31.36 36.07
N PRO C 224 85.18 31.38 34.83
CA PRO C 224 85.31 30.12 34.09
C PRO C 224 86.28 29.17 34.77
N VAL C 225 86.05 27.87 34.56
CA VAL C 225 86.82 26.81 35.20
C VAL C 225 87.46 25.97 34.10
N THR C 226 88.77 25.76 34.20
CA THR C 226 89.53 24.99 33.21
C THR C 226 90.05 23.73 33.87
N LYS C 227 89.92 22.61 33.17
CA LYS C 227 90.48 21.32 33.58
C LYS C 227 91.40 20.81 32.49
N SER C 228 92.62 20.43 32.87
CA SER C 228 93.70 20.17 31.93
C SER C 228 94.50 18.94 32.35
N PHE C 229 95.28 18.41 31.40
CA PHE C 229 96.23 17.35 31.73
C PHE C 229 97.46 17.48 30.84
N ASN C 230 98.55 16.89 31.31
CA ASN C 230 99.82 16.79 30.60
C ASN C 230 100.18 15.33 30.38
N ARG C 231 100.81 15.06 29.24
CA ARG C 231 101.28 13.71 28.95
C ARG C 231 102.77 13.58 29.23
N ASP D 20 -46.86 22.36 40.83
CA ASP D 20 -47.29 23.76 41.12
C ASP D 20 -46.54 24.31 42.33
N ILE D 21 -45.22 24.44 42.19
CA ILE D 21 -44.34 24.91 43.25
C ILE D 21 -44.12 26.40 43.06
N GLN D 22 -44.30 27.17 44.14
CA GLN D 22 -44.13 28.62 44.14
C GLN D 22 -42.92 28.97 44.99
N MET D 23 -42.07 29.83 44.47
CA MET D 23 -40.83 30.25 45.12
C MET D 23 -41.00 31.68 45.61
N THR D 24 -40.57 31.93 46.86
CA THR D 24 -40.66 33.25 47.47
C THR D 24 -39.27 33.66 47.95
N GLN D 25 -38.78 34.79 47.45
CA GLN D 25 -37.49 35.32 47.84
C GLN D 25 -37.65 36.37 48.93
N SER D 26 -36.57 36.57 49.69
CA SER D 26 -36.56 37.51 50.79
C SER D 26 -35.15 38.04 51.02
N PRO D 27 -34.98 39.35 51.26
CA PRO D 27 -35.96 40.45 51.19
C PRO D 27 -36.18 40.83 49.73
N SER D 28 -37.29 41.49 49.40
CA SER D 28 -37.46 41.97 48.03
C SER D 28 -36.42 43.01 47.66
N LEU D 29 -35.80 43.66 48.64
CA LEU D 29 -34.76 44.66 48.38
C LEU D 29 -33.81 44.63 49.56
N LEU D 30 -32.51 44.42 49.30
CA LEU D 30 -31.50 44.27 50.34
C LEU D 30 -30.44 45.36 50.21
N PRO D 31 -30.52 46.46 50.97
CA PRO D 31 -29.40 47.40 50.97
C PRO D 31 -28.19 46.81 51.64
N ALA D 32 -27.01 47.14 51.11
CA ALA D 32 -25.75 46.61 51.64
C ALA D 32 -24.63 47.52 51.18
N SER D 33 -23.43 47.23 51.67
CA SER D 33 -22.22 47.99 51.35
C SER D 33 -21.07 47.03 51.12
N VAL D 34 -20.00 47.55 50.51
CA VAL D 34 -18.84 46.73 50.19
C VAL D 34 -18.20 46.22 51.47
N GLY D 35 -17.85 44.94 51.47
CA GLY D 35 -17.24 44.29 52.61
C GLY D 35 -18.22 43.62 53.56
N GLU D 36 -19.50 43.96 53.47
CA GLU D 36 -20.50 43.36 54.34
C GLU D 36 -20.87 41.97 53.85
N ARG D 37 -21.24 41.10 54.78
CA ARG D 37 -21.74 39.77 54.44
C ARG D 37 -23.22 39.87 54.11
N VAL D 38 -23.59 39.39 52.92
CA VAL D 38 -24.95 39.50 52.40
C VAL D 38 -25.59 38.13 52.35
N THR D 39 -26.88 38.06 52.67
CA THR D 39 -27.65 36.83 52.64
C THR D 39 -28.96 37.06 51.90
N ILE D 40 -29.33 36.11 51.05
CA ILE D 40 -30.59 36.14 50.31
C ILE D 40 -31.27 34.80 50.52
N THR D 41 -32.54 34.84 50.93
CA THR D 41 -33.30 33.64 51.25
C THR D 41 -34.31 33.36 50.14
N CYS D 42 -34.50 32.08 49.84
CA CYS D 42 -35.56 31.61 48.97
C CYS D 42 -36.29 30.48 49.67
N GLN D 43 -37.59 30.36 49.41
CA GLN D 43 -38.41 29.36 50.09
C GLN D 43 -39.41 28.77 49.10
N ALA D 44 -39.54 27.45 49.15
CA ALA D 44 -40.43 26.71 48.28
C ALA D 44 -41.70 26.31 49.03
N SER D 45 -42.82 26.30 48.32
CA SER D 45 -44.07 25.86 48.92
C SER D 45 -44.00 24.39 49.30
N GLN D 46 -43.48 23.55 48.43
CA GLN D 46 -43.29 22.13 48.67
C GLN D 46 -41.81 21.87 48.95
N ASP D 47 -41.51 20.61 49.24
CA ASP D 47 -40.12 20.15 49.41
C ASP D 47 -39.57 19.77 48.04
N ILE D 48 -38.49 20.44 47.64
CA ILE D 48 -37.85 20.24 46.33
C ILE D 48 -36.47 19.62 46.45
N ASN D 49 -36.10 19.10 47.63
CA ASN D 49 -34.78 18.51 47.86
C ASN D 49 -33.75 19.60 47.63
N ASN D 50 -32.81 19.44 46.70
CA ASN D 50 -31.83 20.48 46.34
C ASN D 50 -31.94 20.83 44.87
N TYR D 51 -33.17 20.82 44.35
CA TYR D 51 -33.42 21.12 42.93
C TYR D 51 -33.61 22.63 42.74
N LEU D 52 -32.55 23.38 43.04
CA LEU D 52 -32.60 24.83 43.00
C LEU D 52 -31.26 25.39 42.53
N ASN D 53 -31.34 26.43 41.69
CA ASN D 53 -30.19 27.15 41.20
C ASN D 53 -30.35 28.63 41.53
N TRP D 54 -29.23 29.36 41.51
CA TRP D 54 -29.20 30.79 41.76
C TRP D 54 -28.52 31.50 40.60
N TYR D 55 -29.19 32.54 40.09
CA TYR D 55 -28.74 33.36 38.98
C TYR D 55 -28.50 34.80 39.41
N GLN D 56 -27.54 35.45 38.74
CA GLN D 56 -27.25 36.87 38.93
C GLN D 56 -27.48 37.58 37.60
N GLN D 57 -28.20 38.70 37.66
CA GLN D 57 -28.52 39.50 36.48
C GLN D 57 -28.14 40.95 36.75
N LYS D 58 -27.23 41.47 35.93
CA LYS D 58 -26.90 42.88 35.94
C LYS D 58 -28.00 43.65 35.19
N PRO D 59 -28.10 44.97 35.39
CA PRO D 59 -29.11 45.73 34.65
C PRO D 59 -28.87 45.66 33.14
N GLY D 60 -29.97 45.47 32.41
CA GLY D 60 -29.89 45.40 30.96
C GLY D 60 -29.03 44.28 30.42
N LYS D 61 -29.01 43.14 31.10
CA LYS D 61 -28.20 42.00 30.70
C LYS D 61 -28.95 40.71 31.03
N ALA D 62 -28.58 39.64 30.33
CA ALA D 62 -29.20 38.35 30.58
C ALA D 62 -28.74 37.81 31.94
N PRO D 63 -29.54 36.97 32.59
CA PRO D 63 -29.09 36.38 33.86
C PRO D 63 -27.88 35.48 33.65
N LYS D 64 -27.05 35.39 34.69
CA LYS D 64 -25.87 34.54 34.70
C LYS D 64 -26.01 33.53 35.84
N LEU D 65 -25.77 32.26 35.53
CA LEU D 65 -25.87 31.20 36.54
C LEU D 65 -24.71 31.30 37.52
N LEU D 66 -25.03 31.33 38.81
CA LEU D 66 -24.05 31.36 39.88
C LEU D 66 -23.92 30.03 40.60
N ILE D 67 -25.04 29.48 41.10
CA ILE D 67 -25.03 28.25 41.88
C ILE D 67 -25.99 27.27 41.22
N TYR D 68 -25.61 26.00 41.18
CA TYR D 68 -26.50 24.93 40.74
C TYR D 68 -26.52 23.84 41.79
N ASP D 69 -27.66 23.13 41.85
CA ASP D 69 -27.94 22.14 42.88
C ASP D 69 -27.96 22.73 44.29
N ALA D 70 -28.13 24.05 44.39
CA ALA D 70 -28.32 24.78 45.64
C ALA D 70 -27.06 24.91 46.49
N SER D 71 -25.96 24.25 46.10
CA SER D 71 -24.72 24.36 46.86
C SER D 71 -23.45 24.32 46.03
N LYS D 72 -23.52 24.10 44.72
CA LYS D 72 -22.35 23.90 43.87
C LYS D 72 -22.10 25.14 43.03
N LEU D 73 -20.85 25.54 42.94
CA LEU D 73 -20.48 26.79 42.28
C LEU D 73 -20.09 26.52 40.84
N GLU D 74 -20.62 27.32 39.91
CA GLU D 74 -20.30 27.16 38.50
C GLU D 74 -18.88 27.63 38.22
N THR D 75 -18.28 27.06 37.18
CA THR D 75 -16.91 27.40 36.81
C THR D 75 -16.80 28.88 36.46
N GLY D 76 -15.73 29.51 36.96
CA GLY D 76 -15.44 30.90 36.67
C GLY D 76 -16.06 31.89 37.62
N VAL D 77 -17.06 31.47 38.41
CA VAL D 77 -17.73 32.34 39.37
C VAL D 77 -16.76 32.63 40.50
N PRO D 78 -16.76 33.83 41.12
CA PRO D 78 -15.88 34.05 42.27
C PRO D 78 -16.27 33.17 43.44
N SER D 79 -15.26 32.82 44.26
CA SER D 79 -15.47 31.88 45.35
C SER D 79 -16.22 32.47 46.53
N ARG D 80 -16.43 33.79 46.57
CA ARG D 80 -17.15 34.38 47.69
C ARG D 80 -18.60 33.94 47.72
N PHE D 81 -19.22 33.76 46.55
CA PHE D 81 -20.58 33.25 46.50
C PHE D 81 -20.66 31.84 47.06
N SER D 82 -21.68 31.59 47.87
CA SER D 82 -21.93 30.26 48.39
C SER D 82 -23.43 30.04 48.44
N GLY D 83 -23.83 28.77 48.38
CA GLY D 83 -25.23 28.40 48.43
C GLY D 83 -25.45 27.27 49.42
N SER D 84 -26.64 27.27 50.00
CA SER D 84 -26.99 26.24 50.98
C SER D 84 -28.49 26.00 50.95
N GLY D 85 -28.90 24.85 51.49
CA GLY D 85 -30.30 24.49 51.58
C GLY D 85 -30.57 23.11 51.00
N SER D 86 -31.23 22.26 51.77
CA SER D 86 -31.55 20.89 51.36
C SER D 86 -33.00 20.56 51.74
N GLY D 87 -33.91 21.46 51.41
CA GLY D 87 -35.29 21.31 51.83
C GLY D 87 -36.20 22.36 51.24
N THR D 88 -37.01 22.99 52.09
CA THR D 88 -37.93 24.04 51.65
C THR D 88 -37.32 25.43 51.74
N ASP D 89 -36.08 25.58 52.18
CA ASP D 89 -35.48 26.88 52.46
C ASP D 89 -34.03 26.87 51.99
N PHE D 90 -33.63 27.90 51.24
CA PHE D 90 -32.32 27.97 50.61
C PHE D 90 -31.73 29.37 50.83
N ASN D 91 -30.40 29.44 50.73
CA ASN D 91 -29.64 30.65 51.05
C ASN D 91 -28.60 30.86 49.96
N LEU D 92 -28.40 32.12 49.59
CA LEU D 92 -27.29 32.55 48.76
C LEU D 92 -26.52 33.61 49.56
N THR D 93 -25.28 33.29 49.90
CA THR D 93 -24.46 34.13 50.78
C THR D 93 -23.27 34.69 50.01
N ILE D 94 -23.03 35.99 50.20
CA ILE D 94 -21.82 36.66 49.73
C ILE D 94 -20.99 37.00 50.95
N SER D 95 -19.78 36.43 51.03
CA SER D 95 -18.94 36.61 52.21
C SER D 95 -18.48 38.05 52.34
N SER D 96 -17.93 38.61 51.27
CA SER D 96 -17.46 39.99 51.23
C SER D 96 -17.95 40.62 49.94
N LEU D 97 -18.90 41.55 50.04
CA LEU D 97 -19.54 42.10 48.87
C LEU D 97 -18.55 42.98 48.10
N GLN D 98 -18.40 42.68 46.82
CA GLN D 98 -17.54 43.38 45.88
C GLN D 98 -18.37 44.39 45.09
N PRO D 99 -17.80 45.49 44.59
CA PRO D 99 -18.65 46.50 43.92
C PRO D 99 -19.29 46.01 42.63
N GLU D 100 -18.81 44.91 42.05
CA GLU D 100 -19.45 44.30 40.89
C GLU D 100 -20.48 43.24 41.28
N ASP D 101 -20.76 43.06 42.57
CA ASP D 101 -21.79 42.15 43.03
C ASP D 101 -23.16 42.81 43.18
N PHE D 102 -23.28 44.09 42.88
CA PHE D 102 -24.57 44.79 42.97
C PHE D 102 -25.39 44.40 41.74
N ALA D 103 -26.36 43.53 41.93
CA ALA D 103 -27.14 42.97 40.84
C ALA D 103 -28.39 42.33 41.42
N THR D 104 -29.27 41.87 40.54
CA THR D 104 -30.51 41.21 40.95
C THR D 104 -30.31 39.70 40.95
N TYR D 105 -30.66 39.05 42.06
CA TYR D 105 -30.43 37.62 42.24
C TYR D 105 -31.76 36.89 42.23
N TYR D 106 -31.82 35.78 41.49
CA TYR D 106 -33.03 34.98 41.32
C TYR D 106 -32.76 33.55 41.75
N CYS D 107 -33.72 32.95 42.46
CA CYS D 107 -33.72 31.52 42.74
C CYS D 107 -34.64 30.82 41.75
N HIS D 108 -34.14 29.76 41.14
CA HIS D 108 -34.81 29.04 40.06
C HIS D 108 -35.02 27.60 40.49
N GLN D 109 -36.27 27.14 40.43
CA GLN D 109 -36.65 25.79 40.80
C GLN D 109 -37.00 25.02 39.54
N TYR D 110 -36.47 23.80 39.43
CA TYR D 110 -36.75 22.88 38.35
C TYR D 110 -37.18 21.54 38.95
N GLY D 111 -37.63 20.64 38.08
CA GLY D 111 -38.02 19.30 38.48
C GLY D 111 -37.35 18.24 37.64
N ASN D 112 -37.89 17.03 37.63
CA ASN D 112 -37.35 15.99 36.76
C ASN D 112 -37.59 16.31 35.29
N LEU D 113 -38.71 16.96 34.98
CA LEU D 113 -39.03 17.43 33.64
C LEU D 113 -38.67 18.90 33.49
N PRO D 114 -38.50 19.40 32.25
CA PRO D 114 -38.10 20.82 32.11
C PRO D 114 -39.25 21.79 32.36
N VAL D 115 -39.72 21.81 33.60
CA VAL D 115 -40.77 22.72 34.07
C VAL D 115 -40.14 23.57 35.16
N HIS D 116 -40.18 24.89 34.98
CA HIS D 116 -39.36 25.82 35.75
C HIS D 116 -40.21 26.91 36.38
N THR D 117 -39.78 27.33 37.56
CA THR D 117 -40.33 28.51 38.21
C THR D 117 -39.18 29.34 38.75
N PHE D 118 -39.42 30.63 38.92
CA PHE D 118 -38.41 31.58 39.36
C PHE D 118 -38.92 32.35 40.56
N GLY D 119 -37.98 32.83 41.38
CA GLY D 119 -38.33 33.72 42.46
C GLY D 119 -38.60 35.14 41.96
N GLN D 120 -39.14 35.96 42.85
CA GLN D 120 -39.48 37.33 42.48
C GLN D 120 -38.23 38.18 42.24
N GLY D 121 -37.10 37.80 42.80
CA GLY D 121 -35.86 38.52 42.64
C GLY D 121 -35.54 39.37 43.85
N THR D 122 -34.24 39.59 44.07
CA THR D 122 -33.75 40.36 45.20
C THR D 122 -32.72 41.35 44.69
N LYS D 123 -33.03 42.65 44.83
CA LYS D 123 -32.15 43.71 44.40
C LYS D 123 -31.20 44.06 45.53
N VAL D 124 -29.93 44.29 45.18
CA VAL D 124 -28.88 44.67 46.13
C VAL D 124 -28.32 46.01 45.68
N GLU D 125 -28.42 47.02 46.54
CA GLU D 125 -27.92 48.36 46.25
C GLU D 125 -26.78 48.70 47.20
N ILE D 126 -25.92 49.61 46.75
CA ILE D 126 -24.95 50.23 47.64
C ILE D 126 -25.71 51.04 48.68
N LYS D 127 -25.35 50.84 49.94
CA LYS D 127 -26.01 51.52 51.06
C LYS D 127 -25.27 52.82 51.35
N ARG D 128 -26.04 53.88 51.64
CA ARG D 128 -25.47 55.21 51.93
C ARG D 128 -26.17 55.79 53.16
N THR D 129 -25.97 57.07 53.43
CA THR D 129 -26.56 57.77 54.56
C THR D 129 -27.98 58.25 54.29
N VAL D 130 -28.81 58.26 55.33
CA VAL D 130 -30.20 58.70 55.19
C VAL D 130 -30.23 60.16 54.78
N ALA D 131 -31.00 60.47 53.74
CA ALA D 131 -31.14 61.82 53.21
C ALA D 131 -32.60 62.24 53.22
N ALA D 132 -32.86 63.47 53.64
CA ALA D 132 -34.20 64.04 53.53
C ALA D 132 -34.47 64.45 52.09
N PRO D 133 -35.64 64.12 51.53
CA PRO D 133 -35.92 64.56 50.15
C PRO D 133 -36.02 66.06 50.04
N SER D 134 -35.57 66.60 48.91
CA SER D 134 -35.85 67.97 48.53
C SER D 134 -37.15 67.97 47.73
N VAL D 135 -38.16 68.66 48.26
CA VAL D 135 -39.53 68.60 47.74
C VAL D 135 -39.81 69.86 46.92
N PHE D 136 -40.28 69.67 45.69
CA PHE D 136 -40.71 70.76 44.82
C PHE D 136 -42.08 70.44 44.25
N ILE D 137 -42.83 71.48 43.89
CA ILE D 137 -44.15 71.36 43.24
C ILE D 137 -44.14 72.27 42.02
N PHE D 138 -44.71 71.77 40.91
CA PHE D 138 -44.73 72.49 39.64
C PHE D 138 -46.16 72.44 39.08
N PRO D 139 -46.83 73.57 38.88
CA PRO D 139 -48.18 73.53 38.29
C PRO D 139 -48.13 73.19 36.83
N PRO D 140 -49.28 72.99 36.18
CA PRO D 140 -49.29 72.88 34.72
C PRO D 140 -48.93 74.21 34.07
N SER D 141 -48.33 74.12 32.90
CA SER D 141 -47.98 75.32 32.13
C SER D 141 -49.20 75.85 31.40
N ASP D 142 -49.11 77.12 30.97
CA ASP D 142 -50.19 77.73 30.22
C ASP D 142 -50.41 77.03 28.89
N GLU D 143 -49.32 76.58 28.25
CA GLU D 143 -49.45 75.88 26.97
C GLU D 143 -50.25 74.60 27.14
N GLN D 144 -49.98 73.85 28.21
CA GLN D 144 -50.74 72.64 28.49
C GLN D 144 -52.21 72.98 28.80
N LEU D 145 -52.44 74.05 29.55
CA LEU D 145 -53.80 74.43 29.89
C LEU D 145 -54.59 74.84 28.64
N LYS D 146 -53.89 75.35 27.62
CA LYS D 146 -54.55 75.62 26.35
C LYS D 146 -55.06 74.34 25.69
N SER D 147 -54.43 73.21 25.98
CA SER D 147 -54.78 71.94 25.36
C SER D 147 -55.95 71.21 26.04
N GLY D 148 -56.46 71.74 27.16
CA GLY D 148 -57.57 71.12 27.84
C GLY D 148 -57.21 70.06 28.86
N THR D 149 -55.95 70.00 29.29
CA THR D 149 -55.51 69.09 30.34
C THR D 149 -54.62 69.84 31.30
N ALA D 150 -54.51 69.30 32.51
CA ALA D 150 -53.72 69.90 33.60
C ALA D 150 -52.89 68.81 34.23
N SER D 151 -51.56 68.88 34.04
CA SER D 151 -50.63 67.98 34.70
C SER D 151 -49.86 68.78 35.74
N VAL D 152 -49.97 68.36 37.00
CA VAL D 152 -49.23 68.97 38.11
C VAL D 152 -48.23 67.94 38.62
N VAL D 153 -46.98 68.35 38.73
CA VAL D 153 -45.88 67.47 39.10
C VAL D 153 -45.41 67.87 40.49
N CYS D 154 -44.87 66.90 41.23
CA CYS D 154 -44.07 67.28 42.38
C CYS D 154 -42.97 66.25 42.56
N LEU D 155 -41.81 66.75 42.97
CA LEU D 155 -40.52 66.09 42.84
C LEU D 155 -39.91 65.89 44.22
N LEU D 156 -39.39 64.67 44.45
CA LEU D 156 -38.57 64.35 45.62
C LEU D 156 -37.17 64.05 45.11
N ASN D 157 -36.22 64.92 45.43
CA ASN D 157 -34.86 64.84 44.90
C ASN D 157 -33.86 64.47 45.99
N ASN D 158 -32.95 63.56 45.64
CA ASN D 158 -31.80 63.18 46.48
C ASN D 158 -32.26 62.68 47.85
N PHE D 159 -32.93 61.52 47.82
CA PHE D 159 -33.46 60.88 49.02
C PHE D 159 -33.11 59.40 49.02
N TYR D 160 -32.71 58.91 50.20
CA TYR D 160 -32.42 57.52 50.47
C TYR D 160 -33.09 57.16 51.80
N PRO D 161 -33.69 55.97 51.93
CA PRO D 161 -33.84 54.84 50.99
C PRO D 161 -35.02 54.99 50.05
N ARG D 162 -35.35 53.94 49.30
CA ARG D 162 -36.48 53.99 48.38
C ARG D 162 -37.84 54.00 49.06
N GLU D 163 -37.93 53.72 50.36
CA GLU D 163 -39.25 53.71 50.99
C GLU D 163 -39.71 55.16 51.16
N ALA D 164 -40.78 55.52 50.46
CA ALA D 164 -41.36 56.84 50.55
C ALA D 164 -42.81 56.75 50.09
N LYS D 165 -43.67 57.56 50.72
CA LYS D 165 -45.08 57.64 50.33
C LYS D 165 -45.40 59.05 49.89
N VAL D 166 -46.22 59.14 48.85
CA VAL D 166 -46.61 60.41 48.24
C VAL D 166 -48.14 60.42 48.11
N GLN D 167 -48.76 61.51 48.55
CA GLN D 167 -50.19 61.70 48.49
C GLN D 167 -50.48 63.07 47.86
N TRP D 168 -51.69 63.23 47.32
CA TRP D 168 -52.18 64.52 46.85
C TRP D 168 -53.34 65.00 47.71
N LYS D 169 -53.46 66.31 47.84
CA LYS D 169 -54.58 66.96 48.51
C LYS D 169 -55.15 68.06 47.63
N VAL D 170 -56.48 68.10 47.56
CA VAL D 170 -57.21 69.09 46.75
C VAL D 170 -58.15 69.83 47.68
N ASP D 171 -57.86 71.11 47.93
CA ASP D 171 -58.58 71.90 48.92
C ASP D 171 -58.59 71.19 50.27
N ASN D 172 -57.44 70.62 50.63
CA ASN D 172 -57.25 69.84 51.85
C ASN D 172 -58.07 68.56 51.85
N ALA D 173 -58.47 68.06 50.68
CA ALA D 173 -59.17 66.79 50.54
C ALA D 173 -58.27 65.81 49.80
N LEU D 174 -58.09 64.63 50.37
CA LEU D 174 -57.16 63.65 49.83
C LEU D 174 -57.61 63.14 48.48
N GLN D 175 -56.63 62.84 47.62
CA GLN D 175 -56.86 62.24 46.31
C GLN D 175 -56.22 60.87 46.25
N SER D 176 -56.66 60.06 45.29
CA SER D 176 -56.12 58.72 45.12
C SER D 176 -56.60 58.16 43.78
N GLY D 177 -55.82 57.24 43.22
CA GLY D 177 -56.19 56.51 42.03
C GLY D 177 -55.99 57.26 40.72
N ASN D 178 -55.37 58.45 40.75
CA ASN D 178 -55.21 59.25 39.54
C ASN D 178 -53.85 59.93 39.47
N SER D 179 -52.84 59.39 40.16
CA SER D 179 -51.49 59.94 40.16
C SER D 179 -50.51 58.82 39.83
N GLN D 180 -49.52 59.17 38.99
CA GLN D 180 -48.54 58.21 38.50
C GLN D 180 -47.15 58.59 39.00
N GLU D 181 -46.34 57.57 39.25
CA GLU D 181 -45.09 57.69 40.01
C GLU D 181 -43.95 57.17 39.15
N SER D 182 -42.99 58.05 38.82
CA SER D 182 -41.86 57.72 37.96
C SER D 182 -40.57 57.96 38.73
N VAL D 183 -39.65 56.99 38.66
CA VAL D 183 -38.51 56.92 39.55
C VAL D 183 -37.27 56.58 38.75
N THR D 184 -36.17 57.28 39.03
CA THR D 184 -34.87 56.97 38.46
C THR D 184 -34.16 55.91 39.30
N GLU D 185 -33.06 55.39 38.75
CA GLU D 185 -32.20 54.45 39.47
C GLU D 185 -31.27 55.21 40.40
N GLN D 186 -30.43 54.46 41.13
CA GLN D 186 -29.47 55.08 42.02
C GLN D 186 -28.44 55.88 41.22
N ASP D 187 -28.13 57.08 41.72
CA ASP D 187 -27.11 57.88 41.07
C ASP D 187 -25.75 57.23 41.27
N SER D 188 -24.88 57.40 40.27
CA SER D 188 -23.56 56.77 40.31
C SER D 188 -22.74 57.28 41.50
N LYS D 189 -22.83 58.58 41.80
CA LYS D 189 -21.93 59.20 42.77
C LYS D 189 -22.48 59.15 44.19
N ASP D 190 -23.62 59.81 44.44
CA ASP D 190 -24.15 59.92 45.79
C ASP D 190 -25.15 58.82 46.13
N SER D 191 -25.54 57.99 45.17
CA SER D 191 -26.30 56.76 45.42
C SER D 191 -27.62 57.05 46.12
N THR D 192 -28.33 58.06 45.63
CA THR D 192 -29.69 58.39 46.05
C THR D 192 -30.63 58.31 44.86
N TYR D 193 -31.91 58.53 45.12
CA TYR D 193 -32.97 58.40 44.14
C TYR D 193 -33.63 59.76 43.90
N SER D 194 -34.32 59.84 42.76
CA SER D 194 -35.16 60.98 42.41
C SER D 194 -36.50 60.44 41.93
N LEU D 195 -37.58 61.10 42.36
CA LEU D 195 -38.93 60.64 42.13
C LEU D 195 -39.80 61.80 41.67
N SER D 196 -40.70 61.53 40.73
CA SER D 196 -41.67 62.51 40.26
C SER D 196 -43.07 61.89 40.31
N SER D 197 -43.99 62.58 40.97
CA SER D 197 -45.38 62.18 41.04
C SER D 197 -46.21 63.19 40.23
N THR D 198 -46.91 62.68 39.22
CA THR D 198 -47.68 63.49 38.30
C THR D 198 -49.15 63.18 38.45
N LEU D 199 -49.97 64.21 38.67
CA LEU D 199 -51.42 64.09 38.65
C LEU D 199 -51.91 64.73 37.35
N THR D 200 -52.81 64.03 36.66
CA THR D 200 -53.46 64.52 35.46
C THR D 200 -54.93 64.76 35.74
N LEU D 201 -55.45 65.88 35.25
CA LEU D 201 -56.87 66.20 35.41
C LEU D 201 -57.37 66.92 34.15
N SER D 202 -58.69 66.90 33.97
CA SER D 202 -59.31 67.69 32.93
C SER D 202 -59.32 69.16 33.32
N LYS D 203 -59.50 70.02 32.33
CA LYS D 203 -59.45 71.46 32.58
C LYS D 203 -60.59 71.90 33.49
N ALA D 204 -61.78 71.33 33.30
CA ALA D 204 -62.92 71.70 34.14
C ALA D 204 -62.69 71.31 35.59
N ASP D 205 -62.28 70.06 35.83
CA ASP D 205 -61.97 69.63 37.18
C ASP D 205 -60.82 70.46 37.77
N TYR D 206 -59.84 70.81 36.94
CA TYR D 206 -58.74 71.66 37.40
C TYR D 206 -59.23 73.03 37.83
N GLU D 207 -60.20 73.59 37.11
CA GLU D 207 -60.73 74.91 37.45
C GLU D 207 -61.75 74.88 38.58
N LYS D 208 -62.30 73.71 38.91
CA LYS D 208 -63.34 73.64 39.93
C LYS D 208 -62.78 73.81 41.34
N HIS D 209 -61.60 73.25 41.62
CA HIS D 209 -61.04 73.23 42.96
C HIS D 209 -59.81 74.14 43.01
N LYS D 210 -59.60 74.80 44.15
CA LYS D 210 -58.66 75.91 44.24
C LYS D 210 -57.26 75.49 44.67
N VAL D 211 -57.12 74.95 45.87
CA VAL D 211 -55.81 74.67 46.46
C VAL D 211 -55.40 73.26 46.07
N TYR D 212 -54.15 73.09 45.63
CA TYR D 212 -53.61 71.79 45.28
C TYR D 212 -52.26 71.59 45.94
N ALA D 213 -52.03 70.40 46.51
CA ALA D 213 -50.80 70.15 47.25
C ALA D 213 -50.41 68.69 47.10
N CYS D 214 -49.12 68.41 47.32
CA CYS D 214 -48.67 67.04 47.54
C CYS D 214 -47.98 66.94 48.89
N GLU D 215 -48.03 65.72 49.42
CA GLU D 215 -47.69 65.39 50.79
C GLU D 215 -46.72 64.24 50.75
N VAL D 216 -45.56 64.42 51.39
CA VAL D 216 -44.46 63.46 51.34
C VAL D 216 -44.25 62.92 52.75
N THR D 217 -44.18 61.60 52.87
CA THR D 217 -43.78 60.95 54.11
C THR D 217 -42.56 60.07 53.81
N HIS D 218 -41.50 60.29 54.58
CA HIS D 218 -40.23 59.60 54.41
C HIS D 218 -39.62 59.38 55.78
N GLN D 219 -38.84 58.30 55.91
CA GLN D 219 -38.30 57.95 57.22
C GLN D 219 -37.34 59.00 57.75
N GLY D 220 -36.65 59.71 56.85
CA GLY D 220 -35.76 60.79 57.25
C GLY D 220 -36.44 62.09 57.58
N LEU D 221 -37.76 62.18 57.42
CA LEU D 221 -38.52 63.38 57.74
C LEU D 221 -39.20 63.19 59.09
N SER D 222 -39.03 64.17 59.98
CA SER D 222 -39.63 64.07 61.31
C SER D 222 -41.15 64.02 61.23
N SER D 223 -41.74 64.84 60.37
CA SER D 223 -43.18 64.91 60.15
C SER D 223 -43.43 64.95 58.65
N PRO D 224 -44.66 64.66 58.21
CA PRO D 224 -44.97 64.78 56.78
C PRO D 224 -44.76 66.20 56.26
N VAL D 225 -44.30 66.30 55.02
CA VAL D 225 -43.87 67.56 54.42
C VAL D 225 -44.77 67.86 53.23
N THR D 226 -45.40 69.04 53.25
CA THR D 226 -46.39 69.43 52.26
C THR D 226 -45.90 70.61 51.43
N LYS D 227 -46.08 70.51 50.12
CA LYS D 227 -46.00 71.66 49.21
C LYS D 227 -47.34 71.86 48.52
N SER D 228 -47.84 73.10 48.60
CA SER D 228 -49.16 73.47 48.12
C SER D 228 -49.06 74.74 47.27
N PHE D 229 -50.07 74.95 46.41
CA PHE D 229 -50.21 76.22 45.72
C PHE D 229 -51.69 76.51 45.51
N ASN D 230 -51.97 77.77 45.21
CA ASN D 230 -53.30 78.28 44.88
C ASN D 230 -53.27 78.91 43.50
N ARG D 231 -54.42 78.94 42.85
CA ARG D 231 -54.55 79.57 41.56
C ARG D 231 -55.37 80.87 41.65
N SER E 21 31.48 -0.54 29.79
CA SER E 21 30.03 -0.32 29.99
C SER E 21 29.79 0.81 30.98
N GLU E 22 30.47 0.74 32.14
CA GLU E 22 30.42 1.86 33.08
C GLU E 22 31.03 3.10 32.46
N HIS E 23 32.20 2.94 31.84
CA HIS E 23 32.83 4.06 31.13
C HIS E 23 31.95 4.54 29.99
N GLU E 24 31.40 3.60 29.22
CA GLU E 24 30.55 3.98 28.09
C GLU E 24 29.23 4.57 28.59
N THR E 25 28.71 4.06 29.71
CA THR E 25 27.50 4.63 30.28
C THR E 25 27.73 6.09 30.69
N ARG E 26 28.85 6.35 31.36
CA ARG E 26 29.18 7.71 31.76
C ARG E 26 29.37 8.60 30.53
N LEU E 27 30.04 8.09 29.50
CA LEU E 27 30.26 8.87 28.28
C LEU E 27 28.94 9.22 27.60
N VAL E 28 28.06 8.23 27.45
CA VAL E 28 26.79 8.49 26.77
C VAL E 28 25.93 9.45 27.58
N ALA E 29 26.00 9.36 28.90
CA ALA E 29 25.31 10.35 29.73
C ALA E 29 25.87 11.74 29.52
N LYS E 30 27.20 11.86 29.45
CA LYS E 30 27.82 13.18 29.31
C LYS E 30 27.53 13.80 27.95
N LEU E 31 27.60 13.01 26.87
CA LEU E 31 27.48 13.58 25.54
C LEU E 31 26.10 14.15 25.29
N PHE E 32 25.05 13.52 25.81
CA PHE E 32 23.67 13.91 25.56
C PHE E 32 23.04 14.63 26.76
N LYS E 33 23.85 15.20 27.64
CA LYS E 33 23.30 15.95 28.76
C LYS E 33 22.63 17.23 28.27
N ASP E 34 23.25 17.93 27.32
CA ASP E 34 22.75 19.20 26.78
C ASP E 34 22.83 19.20 25.27
N TYR E 35 22.57 18.05 24.65
CA TYR E 35 22.65 17.92 23.21
C TYR E 35 21.33 18.32 22.56
N SER E 36 21.43 18.85 21.35
CA SER E 36 20.27 19.24 20.56
C SER E 36 20.38 18.63 19.18
N SER E 37 19.37 17.87 18.78
CA SER E 37 19.27 17.33 17.43
C SER E 37 18.50 18.24 16.48
N VAL E 38 18.07 19.42 16.93
CA VAL E 38 17.34 20.33 16.08
C VAL E 38 18.29 21.09 15.16
N VAL E 39 19.33 21.69 15.72
CA VAL E 39 20.26 22.50 14.97
C VAL E 39 21.32 21.61 14.33
N ARG E 40 21.96 22.13 13.29
CA ARG E 40 23.01 21.39 12.62
C ARG E 40 24.21 21.21 13.56
N PRO E 41 24.95 20.11 13.43
CA PRO E 41 26.00 19.83 14.43
C PRO E 41 27.32 20.50 14.08
N VAL E 42 27.33 21.83 14.16
CA VAL E 42 28.47 22.66 13.79
C VAL E 42 28.81 23.55 14.97
N GLU E 43 30.09 23.93 15.06
CA GLU E 43 30.53 24.85 16.10
C GLU E 43 30.30 26.31 15.73
N ASP E 44 29.90 26.60 14.50
CA ASP E 44 29.62 27.96 14.06
C ASP E 44 28.56 27.88 12.97
N HIS E 45 27.60 28.80 13.00
CA HIS E 45 26.46 28.69 12.10
C HIS E 45 26.86 28.88 10.64
N ARG E 46 28.01 29.50 10.36
CA ARG E 46 28.49 29.63 9.00
C ARG E 46 29.18 28.37 8.50
N GLN E 47 29.50 27.43 9.37
CA GLN E 47 30.13 26.19 8.93
C GLN E 47 29.12 25.31 8.22
N VAL E 48 29.59 24.61 7.19
CA VAL E 48 28.77 23.73 6.35
C VAL E 48 28.98 22.30 6.80
N VAL E 49 27.89 21.56 6.99
CA VAL E 49 27.97 20.14 7.30
C VAL E 49 28.31 19.39 6.02
N GLU E 50 29.45 18.69 6.02
CA GLU E 50 29.93 17.96 4.86
C GLU E 50 29.61 16.48 5.04
N VAL E 51 28.80 15.94 4.15
CA VAL E 51 28.31 14.56 4.21
C VAL E 51 28.85 13.81 3.00
N THR E 52 29.50 12.68 3.25
CA THR E 52 29.89 11.75 2.20
C THR E 52 28.80 10.70 2.07
N VAL E 53 28.21 10.60 0.87
CA VAL E 53 27.11 9.70 0.59
C VAL E 53 27.62 8.60 -0.32
N GLY E 54 27.31 7.36 0.04
CA GLY E 54 27.65 6.22 -0.78
C GLY E 54 26.52 5.20 -0.82
N LEU E 55 26.04 4.87 -2.01
CA LEU E 55 24.96 3.91 -2.19
C LEU E 55 25.55 2.53 -2.43
N GLN E 56 24.99 1.52 -1.77
CA GLN E 56 25.28 0.12 -2.03
C GLN E 56 23.98 -0.54 -2.47
N LEU E 57 24.01 -1.18 -3.64
CA LEU E 57 22.85 -1.89 -4.17
C LEU E 57 22.98 -3.36 -3.80
N ILE E 58 22.05 -3.85 -2.97
CA ILE E 58 22.06 -5.24 -2.52
C ILE E 58 21.28 -6.12 -3.48
N GLN E 59 20.15 -5.65 -4.00
CA GLN E 59 19.25 -6.49 -4.76
C GLN E 59 18.36 -5.62 -5.64
N LEU E 60 18.18 -6.05 -6.89
CA LEU E 60 17.24 -5.43 -7.82
C LEU E 60 15.94 -6.20 -7.72
N ILE E 61 15.00 -5.69 -6.90
CA ILE E 61 13.82 -6.46 -6.57
C ILE E 61 12.91 -6.61 -7.79
N ASN E 62 12.62 -5.51 -8.48
CA ASN E 62 11.62 -5.57 -9.54
C ASN E 62 11.78 -4.40 -10.49
N VAL E 63 11.27 -4.59 -11.71
CA VAL E 63 11.19 -3.52 -12.72
C VAL E 63 9.77 -3.58 -13.28
N ASP E 64 8.86 -2.79 -12.71
CA ASP E 64 7.49 -2.69 -13.18
C ASP E 64 7.45 -1.75 -14.39
N GLU E 65 7.24 -2.32 -15.57
CA GLU E 65 7.18 -1.55 -16.80
C GLU E 65 5.88 -0.77 -16.93
N VAL E 66 4.76 -1.33 -16.45
CA VAL E 66 3.46 -0.70 -16.62
C VAL E 66 3.41 0.61 -15.86
N ASN E 67 3.79 0.58 -14.58
CA ASN E 67 3.81 1.76 -13.74
C ASN E 67 5.16 2.46 -13.72
N GLN E 68 6.16 1.91 -14.41
CA GLN E 68 7.46 2.56 -14.59
C GLN E 68 8.16 2.76 -13.25
N ILE E 69 8.13 1.74 -12.39
CA ILE E 69 8.72 1.80 -11.05
C ILE E 69 9.74 0.67 -10.92
N VAL E 70 10.94 1.02 -10.48
CA VAL E 70 11.99 0.05 -10.20
C VAL E 70 12.15 -0.04 -8.70
N THR E 71 12.01 -1.26 -8.17
CA THR E 71 12.16 -1.54 -6.75
C THR E 71 13.53 -2.17 -6.52
N THR E 72 14.28 -1.57 -5.60
CA THR E 72 15.63 -2.02 -5.25
C THR E 72 15.80 -2.04 -3.75
N ASN E 73 16.70 -2.91 -3.29
CA ASN E 73 17.15 -2.96 -1.90
C ASN E 73 18.52 -2.32 -1.82
N VAL E 74 18.66 -1.31 -0.95
CA VAL E 74 19.87 -0.50 -0.89
C VAL E 74 20.29 -0.27 0.56
N ARG E 75 21.59 0.03 0.71
CA ARG E 75 22.15 0.59 1.93
C ARG E 75 22.67 1.98 1.58
N LEU E 76 22.29 2.98 2.38
CA LEU E 76 22.61 4.38 2.08
C LEU E 76 23.62 4.88 3.10
N LYS E 77 24.90 4.59 2.85
CA LYS E 77 25.95 4.96 3.79
C LYS E 77 26.14 6.47 3.79
N GLN E 78 26.10 7.08 4.97
CA GLN E 78 26.25 8.51 5.15
C GLN E 78 27.29 8.75 6.23
N GLN E 79 28.30 9.55 5.92
CA GLN E 79 29.38 9.85 6.84
C GLN E 79 29.50 11.35 7.03
N TRP E 80 29.48 11.81 8.28
CA TRP E 80 29.71 13.23 8.54
C TRP E 80 30.41 13.36 9.89
N VAL E 81 30.54 14.59 10.37
CA VAL E 81 31.21 14.90 11.62
C VAL E 81 30.25 15.71 12.49
N ASP E 82 30.09 15.29 13.75
CA ASP E 82 29.34 16.03 14.75
C ASP E 82 30.36 16.63 15.73
N TYR E 83 30.50 17.95 15.68
CA TYR E 83 31.52 18.63 16.47
C TYR E 83 31.13 18.80 17.94
N ASN E 84 29.90 18.47 18.31
CA ASN E 84 29.48 18.43 19.71
C ASN E 84 29.57 17.03 20.32
N LEU E 85 30.02 16.03 19.57
CA LEU E 85 30.05 14.65 20.03
C LEU E 85 31.48 14.10 19.99
N LYS E 86 32.43 14.86 20.49
CA LYS E 86 33.81 14.43 20.66
C LYS E 86 34.08 14.10 22.12
N TRP E 87 35.06 13.24 22.35
CA TRP E 87 35.54 12.97 23.70
C TRP E 87 36.97 12.50 23.63
N ASN E 88 37.67 12.64 24.76
CA ASN E 88 39.01 12.11 24.91
C ASN E 88 38.91 10.67 25.39
N PRO E 89 39.47 9.68 24.67
CA PRO E 89 39.37 8.29 25.17
C PRO E 89 40.00 8.07 26.54
N ASP E 90 41.09 8.79 26.85
CA ASP E 90 41.78 8.57 28.12
C ASP E 90 40.89 8.90 29.31
N ASP E 91 39.93 9.81 29.13
CA ASP E 91 39.02 10.16 30.21
C ASP E 91 37.88 9.17 30.38
N TYR E 92 37.75 8.18 29.49
CA TYR E 92 36.63 7.24 29.52
C TYR E 92 37.11 5.82 29.29
N GLY E 93 38.20 5.44 29.94
CA GLY E 93 38.67 4.07 29.90
C GLY E 93 39.23 3.63 28.57
N GLY E 94 39.55 4.57 27.68
CA GLY E 94 40.05 4.21 26.37
C GLY E 94 38.99 3.85 25.36
N VAL E 95 37.73 4.21 25.60
CA VAL E 95 36.66 3.95 24.66
C VAL E 95 36.83 4.87 23.45
N LYS E 96 37.07 4.29 22.27
CA LYS E 96 37.33 5.04 21.05
C LYS E 96 36.15 5.06 20.09
N LYS E 97 35.18 4.18 20.25
CA LYS E 97 34.04 4.11 19.34
C LYS E 97 32.85 3.53 20.09
N ILE E 98 31.66 4.02 19.76
CA ILE E 98 30.42 3.54 20.35
C ILE E 98 29.35 3.44 19.27
N HIS E 99 28.29 2.73 19.59
CA HIS E 99 27.09 2.62 18.76
C HIS E 99 25.93 3.22 19.53
N ILE E 100 25.24 4.18 18.91
CA ILE E 100 24.15 4.88 19.58
C ILE E 100 22.94 4.89 18.65
N PRO E 101 21.72 5.04 19.18
CA PRO E 101 20.55 5.14 18.32
C PRO E 101 20.64 6.37 17.42
N SER E 102 20.20 6.21 16.17
CA SER E 102 20.22 7.30 15.23
C SER E 102 19.14 8.34 15.50
N GLU E 103 18.10 7.98 16.25
CA GLU E 103 17.02 8.93 16.53
C GLU E 103 17.46 10.02 17.50
N LYS E 104 18.52 9.81 18.27
CA LYS E 104 18.92 10.78 19.28
C LYS E 104 19.65 11.98 18.68
N ILE E 105 20.30 11.82 17.53
CA ILE E 105 21.20 12.83 16.98
C ILE E 105 20.58 13.47 15.75
N TRP E 106 21.16 14.62 15.37
CA TRP E 106 20.88 15.21 14.08
C TRP E 106 21.39 14.31 12.96
N ARG E 107 20.61 14.20 11.89
CA ARG E 107 20.98 13.45 10.70
C ARG E 107 20.68 14.28 9.47
N PRO E 108 21.37 14.04 8.36
CA PRO E 108 20.91 14.63 7.09
C PRO E 108 19.58 14.02 6.66
N ASP E 109 18.75 14.86 6.06
CA ASP E 109 17.40 14.46 5.64
C ASP E 109 17.38 14.04 4.17
N LEU E 110 18.20 13.04 3.83
CA LEU E 110 18.26 12.58 2.47
C LEU E 110 16.93 11.98 2.03
N VAL E 111 16.50 12.37 0.84
CA VAL E 111 15.22 11.98 0.27
C VAL E 111 15.47 11.54 -1.16
N LEU E 112 14.74 10.50 -1.58
CA LEU E 112 14.73 10.04 -2.96
C LEU E 112 13.74 10.89 -3.74
N TYR E 113 14.26 11.77 -4.61
CA TYR E 113 13.41 12.73 -5.29
C TYR E 113 12.46 12.08 -6.29
N ASN E 114 12.88 11.01 -6.96
CA ASN E 114 12.00 10.34 -7.93
C ASN E 114 11.26 9.16 -7.31
N ASN E 115 11.04 9.16 -6.00
CA ASN E 115 10.22 8.16 -5.35
C ASN E 115 8.84 8.07 -6.02
N ALA E 116 8.41 6.84 -6.31
CA ALA E 116 7.15 6.60 -7.00
C ALA E 116 6.00 6.36 -6.02
N ASP E 117 6.08 5.29 -5.23
CA ASP E 117 5.05 5.01 -4.24
C ASP E 117 5.60 4.41 -2.95
N GLY E 118 6.92 4.42 -2.75
CA GLY E 118 7.54 3.91 -1.53
C GLY E 118 7.74 5.00 -0.50
N ASP E 119 8.79 4.85 0.28
CA ASP E 119 9.16 5.83 1.31
C ASP E 119 10.09 6.87 0.71
N PHE E 120 9.79 8.15 0.96
CA PHE E 120 10.63 9.22 0.45
C PHE E 120 11.99 9.22 1.15
N ALA E 121 11.99 9.09 2.47
CA ALA E 121 13.19 9.17 3.29
C ALA E 121 13.47 7.83 3.95
N ILE E 122 14.62 7.78 4.63
CA ILE E 122 14.98 6.60 5.41
C ILE E 122 14.00 6.45 6.56
N VAL E 123 13.46 5.23 6.73
CA VAL E 123 12.56 4.92 7.83
C VAL E 123 13.13 3.88 8.78
N LYS E 124 14.10 3.07 8.37
CA LYS E 124 14.74 2.09 9.25
C LYS E 124 15.88 2.79 9.97
N PHE E 125 15.64 3.20 11.21
CA PHE E 125 16.61 3.98 11.97
C PHE E 125 17.54 3.04 12.73
N THR E 126 18.56 2.59 12.02
CA THR E 126 19.58 1.73 12.60
C THR E 126 20.60 2.58 13.36
N LYS E 127 21.45 1.91 14.13
CA LYS E 127 22.40 2.61 14.98
C LYS E 127 23.49 3.29 14.17
N VAL E 128 23.96 4.43 14.68
CA VAL E 128 25.12 5.13 14.13
C VAL E 128 26.36 4.72 14.92
N LEU E 129 27.46 4.51 14.20
CA LEU E 129 28.77 4.31 14.78
C LEU E 129 29.42 5.68 14.97
N LEU E 130 29.64 6.07 16.22
CA LEU E 130 30.24 7.35 16.58
C LEU E 130 31.66 7.12 17.05
N GLN E 131 32.60 7.80 16.43
CA GLN E 131 34.01 7.77 16.82
C GLN E 131 34.33 8.95 17.73
N TYR E 132 35.40 8.81 18.51
CA TYR E 132 35.75 9.83 19.48
C TYR E 132 36.13 11.16 18.83
N THR E 133 36.49 11.14 17.55
CA THR E 133 36.75 12.37 16.81
C THR E 133 35.49 13.07 16.33
N GLY E 134 34.30 12.60 16.72
CA GLY E 134 33.06 13.15 16.23
C GLY E 134 32.62 12.60 14.88
N HIS E 135 33.41 11.72 14.26
CA HIS E 135 33.02 11.11 13.00
C HIS E 135 31.85 10.16 13.23
N ILE E 136 30.83 10.28 12.38
CA ILE E 136 29.62 9.46 12.43
C ILE E 136 29.50 8.75 11.10
N THR E 137 29.30 7.44 11.15
CA THR E 137 28.92 6.61 10.01
C THR E 137 27.56 6.01 10.28
N TRP E 138 26.63 6.17 9.33
CA TRP E 138 25.28 5.66 9.46
C TRP E 138 24.90 5.00 8.15
N THR E 139 24.64 3.69 8.18
CA THR E 139 24.42 2.90 6.98
C THR E 139 23.05 2.21 7.09
N PRO E 140 21.97 2.97 6.98
CA PRO E 140 20.64 2.38 7.08
C PRO E 140 20.26 1.64 5.81
N PRO E 141 19.34 0.68 5.90
CA PRO E 141 18.80 0.05 4.70
C PRO E 141 17.54 0.76 4.22
N ALA E 142 17.18 0.46 2.97
CA ALA E 142 15.98 1.06 2.40
C ALA E 142 15.50 0.23 1.21
N ILE E 143 14.21 0.34 0.96
CA ILE E 143 13.58 -0.18 -0.25
C ILE E 143 13.22 1.03 -1.10
N PHE E 144 14.00 1.25 -2.16
CA PHE E 144 13.79 2.38 -3.06
C PHE E 144 12.85 1.96 -4.19
N LYS E 145 11.73 2.66 -4.31
CA LYS E 145 10.77 2.49 -5.40
C LYS E 145 10.83 3.75 -6.25
N SER E 146 11.61 3.70 -7.33
CA SER E 146 11.97 4.89 -8.08
C SER E 146 11.25 4.92 -9.43
N TYR E 147 10.68 6.07 -9.77
CA TYR E 147 10.06 6.25 -11.07
C TYR E 147 11.13 6.39 -12.14
N CYS E 148 10.97 5.64 -13.24
CA CYS E 148 11.99 5.53 -14.27
C CYS E 148 11.33 5.36 -15.63
N GLU E 149 11.73 6.16 -16.61
CA GLU E 149 11.17 6.05 -17.95
C GLU E 149 11.58 4.71 -18.56
N ILE E 150 10.57 3.87 -18.83
CA ILE E 150 10.77 2.53 -19.38
C ILE E 150 10.49 2.59 -20.87
N ILE E 151 11.49 2.24 -21.67
CA ILE E 151 11.36 2.19 -23.13
C ILE E 151 11.14 0.73 -23.52
N VAL E 152 9.99 0.45 -24.13
CA VAL E 152 9.60 -0.92 -24.47
C VAL E 152 9.73 -1.18 -25.97
N THR E 153 10.50 -0.38 -26.70
CA THR E 153 10.59 -0.56 -28.14
C THR E 153 11.18 -1.91 -28.51
N HIS E 154 12.23 -2.33 -27.80
CA HIS E 154 12.98 -3.54 -28.12
C HIS E 154 12.67 -4.70 -27.17
N PHE E 155 11.55 -4.64 -26.45
CA PHE E 155 11.22 -5.68 -25.48
C PHE E 155 11.02 -7.01 -26.22
N PRO E 156 11.60 -8.13 -25.72
CA PRO E 156 12.34 -8.36 -24.48
C PRO E 156 13.85 -8.15 -24.61
N PHE E 157 14.32 -7.59 -25.72
CA PHE E 157 15.72 -7.27 -25.92
C PHE E 157 16.04 -5.83 -25.55
N ASP E 158 15.32 -5.28 -24.58
CA ASP E 158 15.38 -3.85 -24.28
C ASP E 158 16.43 -3.56 -23.22
N GLU E 159 16.96 -2.34 -23.27
CA GLU E 159 17.93 -1.82 -22.32
C GLU E 159 17.28 -0.65 -21.59
N GLN E 160 17.38 -0.65 -20.26
CA GLN E 160 16.71 0.34 -19.41
C GLN E 160 17.77 1.08 -18.60
N ASN E 161 17.73 2.41 -18.67
CA ASN E 161 18.65 3.27 -17.91
C ASN E 161 17.82 3.98 -16.84
N CYS E 162 17.86 3.46 -15.63
CA CYS E 162 17.07 4.01 -14.54
C CYS E 162 17.97 4.74 -13.56
N SER E 163 17.39 5.63 -12.76
CA SER E 163 18.14 6.54 -11.92
C SER E 163 17.49 6.70 -10.55
N MET E 164 18.29 7.18 -9.61
CA MET E 164 17.86 7.43 -8.22
C MET E 164 18.50 8.75 -7.81
N LYS E 165 17.69 9.80 -7.75
CA LYS E 165 18.14 11.13 -7.35
C LYS E 165 17.96 11.29 -5.84
N LEU E 166 19.05 11.61 -5.15
CA LEU E 166 19.07 11.73 -3.70
C LEU E 166 19.50 13.12 -3.31
N GLY E 167 18.85 13.69 -2.31
CA GLY E 167 19.25 15.01 -1.85
C GLY E 167 18.64 15.36 -0.52
N THR E 168 19.30 16.28 0.18
CA THR E 168 18.77 16.79 1.44
C THR E 168 17.57 17.67 1.16
N TRP E 169 16.41 17.26 1.64
CA TRP E 169 15.15 17.88 1.25
C TRP E 169 15.07 19.34 1.70
N THR E 170 15.45 19.60 2.95
CA THR E 170 15.24 20.90 3.58
C THR E 170 16.52 21.71 3.78
N TYR E 171 17.68 21.16 3.44
CA TYR E 171 18.97 21.83 3.58
C TYR E 171 19.56 22.04 2.20
N ASP E 172 19.98 23.28 1.92
CA ASP E 172 20.60 23.62 0.66
C ASP E 172 22.12 23.49 0.78
N GLY E 173 22.82 23.72 -0.33
CA GLY E 173 24.26 23.54 -0.37
C GLY E 173 25.05 24.48 0.52
N SER E 174 24.42 25.57 0.96
CA SER E 174 25.11 26.54 1.81
C SER E 174 25.16 26.12 3.28
N VAL E 175 24.37 25.13 3.70
CA VAL E 175 24.33 24.69 5.10
C VAL E 175 24.70 23.22 5.22
N VAL E 176 24.42 22.43 4.17
CA VAL E 176 24.74 21.00 4.15
C VAL E 176 25.22 20.66 2.74
N ALA E 177 26.45 20.13 2.65
CA ALA E 177 27.03 19.72 1.38
C ALA E 177 27.09 18.20 1.33
N ILE E 178 26.67 17.62 0.22
CA ILE E 178 26.73 16.18 -0.03
C ILE E 178 27.69 15.92 -1.18
N ASN E 179 28.52 14.89 -1.03
CA ASN E 179 29.45 14.46 -2.06
C ASN E 179 29.37 12.94 -2.22
N PRO E 180 29.65 12.41 -3.41
CA PRO E 180 29.68 10.95 -3.54
C PRO E 180 30.90 10.35 -2.88
N GLU E 181 30.70 9.20 -2.23
CA GLU E 181 31.83 8.46 -1.68
C GLU E 181 32.70 7.89 -2.80
N SER E 182 32.08 7.46 -3.89
CA SER E 182 32.80 6.84 -4.99
C SER E 182 32.06 7.17 -6.28
N ASP E 183 32.79 7.02 -7.40
CA ASP E 183 32.21 7.34 -8.70
C ASP E 183 31.05 6.41 -9.04
N GLN E 184 31.06 5.18 -8.53
CA GLN E 184 30.08 4.17 -8.88
C GLN E 184 29.37 3.65 -7.64
N PRO E 185 28.14 3.14 -7.76
CA PRO E 185 27.53 2.45 -6.63
C PRO E 185 28.30 1.19 -6.27
N ASP E 186 28.24 0.82 -4.99
CA ASP E 186 28.93 -0.37 -4.51
C ASP E 186 28.07 -1.59 -4.82
N LEU E 187 28.56 -2.44 -5.73
CA LEU E 187 27.91 -3.69 -6.09
C LEU E 187 28.68 -4.91 -5.57
N SER E 188 29.50 -4.73 -4.54
CA SER E 188 30.28 -5.85 -4.01
C SER E 188 29.39 -6.90 -3.37
N ASN E 189 28.26 -6.48 -2.78
CA ASN E 189 27.30 -7.37 -2.15
C ASN E 189 26.01 -7.49 -2.95
N PHE E 190 26.09 -7.31 -4.26
CA PHE E 190 24.90 -7.34 -5.10
C PHE E 190 24.53 -8.78 -5.44
N MET E 191 23.26 -9.12 -5.20
CA MET E 191 22.76 -10.45 -5.50
C MET E 191 22.40 -10.56 -6.98
N GLU E 192 22.79 -11.67 -7.60
CA GLU E 192 22.53 -11.88 -9.02
C GLU E 192 21.03 -11.88 -9.29
N SER E 193 20.63 -11.17 -10.33
CA SER E 193 19.25 -11.13 -10.77
C SER E 193 19.04 -12.14 -11.89
N GLY E 194 17.95 -12.89 -11.80
CA GLY E 194 17.59 -13.83 -12.83
C GLY E 194 16.90 -13.24 -14.04
N GLU E 195 16.67 -11.92 -14.04
CA GLU E 195 15.96 -11.24 -15.11
C GLU E 195 16.73 -10.10 -15.74
N TRP E 196 17.69 -9.48 -15.03
CA TRP E 196 18.38 -8.29 -15.50
C TRP E 196 19.88 -8.43 -15.27
N VAL E 197 20.65 -7.80 -16.16
CA VAL E 197 22.10 -7.72 -16.05
C VAL E 197 22.45 -6.23 -16.02
N ILE E 198 23.13 -5.80 -14.96
CA ILE E 198 23.52 -4.40 -14.82
C ILE E 198 24.79 -4.21 -15.64
N LYS E 199 24.65 -3.58 -16.81
CA LYS E 199 25.81 -3.34 -17.66
C LYS E 199 26.67 -2.21 -17.11
N GLU E 200 26.03 -1.12 -16.65
CA GLU E 200 26.77 0.07 -16.25
C GLU E 200 26.14 0.69 -15.02
N SER E 201 26.96 1.38 -14.24
CA SER E 201 26.47 2.08 -13.05
C SER E 201 27.38 3.26 -12.77
N ARG E 202 26.82 4.42 -12.42
CA ARG E 202 27.66 5.62 -12.18
C ARG E 202 26.88 6.65 -11.37
N GLY E 203 27.48 7.23 -10.34
CA GLY E 203 26.90 8.27 -9.51
C GLY E 203 27.47 9.63 -9.81
N TRP E 204 26.62 10.62 -10.06
CA TRP E 204 27.03 11.96 -10.45
C TRP E 204 26.45 12.98 -9.48
N LYS E 205 27.28 13.93 -9.05
CA LYS E 205 26.80 15.06 -8.25
C LYS E 205 26.40 16.20 -9.18
N HIS E 206 25.33 16.89 -8.79
CA HIS E 206 24.84 18.07 -9.51
C HIS E 206 24.53 19.18 -8.54
N SER E 207 24.82 20.41 -8.96
CA SER E 207 24.49 21.62 -8.23
C SER E 207 23.73 22.54 -9.16
N VAL E 208 22.59 23.05 -8.68
CA VAL E 208 21.70 23.91 -9.46
C VAL E 208 21.44 25.17 -8.66
N THR E 209 21.62 26.33 -9.30
CA THR E 209 21.35 27.63 -8.70
C THR E 209 20.29 28.34 -9.53
N TYR E 210 19.23 28.77 -8.86
CA TYR E 210 18.14 29.49 -9.51
C TYR E 210 18.43 30.99 -9.51
N SER E 211 17.75 31.71 -10.40
CA SER E 211 17.97 33.14 -10.53
C SER E 211 17.58 33.88 -9.24
N CYS E 212 16.46 33.49 -8.64
CA CYS E 212 16.00 34.10 -7.40
C CYS E 212 16.76 33.61 -6.17
N CYS E 213 17.61 32.60 -6.32
CA CYS E 213 18.32 31.97 -5.20
C CYS E 213 19.80 31.87 -5.54
N PRO E 214 20.49 33.01 -5.60
CA PRO E 214 21.91 32.99 -6.00
C PRO E 214 22.86 32.48 -4.93
N ASP E 215 22.48 32.64 -3.66
CA ASP E 215 23.33 32.28 -2.53
C ASP E 215 22.94 30.95 -1.89
N THR E 216 22.05 30.18 -2.51
CA THR E 216 21.59 28.90 -1.97
C THR E 216 21.63 27.87 -3.09
N PRO E 217 22.79 27.29 -3.39
CA PRO E 217 22.84 26.20 -4.36
C PRO E 217 22.12 24.97 -3.83
N TYR E 218 21.51 24.23 -4.74
CA TYR E 218 20.76 23.02 -4.43
C TYR E 218 21.50 21.83 -5.01
N LEU E 219 21.86 20.89 -4.16
CA LEU E 219 22.72 19.77 -4.53
C LEU E 219 21.92 18.48 -4.60
N ASP E 220 22.37 17.57 -5.46
CA ASP E 220 21.83 16.22 -5.50
C ASP E 220 22.92 15.27 -5.98
N ILE E 221 22.74 13.99 -5.67
CA ILE E 221 23.56 12.92 -6.22
C ILE E 221 22.62 11.95 -6.89
N THR E 222 22.80 11.73 -8.18
CA THR E 222 21.97 10.82 -8.96
C THR E 222 22.80 9.61 -9.33
N TYR E 223 22.33 8.43 -8.92
CA TYR E 223 22.94 7.16 -9.27
C TYR E 223 22.11 6.52 -10.37
N HIS E 224 22.74 6.22 -11.50
CA HIS E 224 22.06 5.62 -12.64
C HIS E 224 22.65 4.25 -12.95
N PHE E 225 21.76 3.32 -13.29
CA PHE E 225 22.10 1.97 -13.69
C PHE E 225 21.57 1.71 -15.08
N VAL E 226 22.46 1.28 -15.98
CA VAL E 226 22.11 0.79 -17.30
C VAL E 226 22.05 -0.73 -17.21
N MET E 227 20.87 -1.28 -17.54
CA MET E 227 20.53 -2.68 -17.32
C MET E 227 20.01 -3.26 -18.63
N GLN E 228 20.31 -4.54 -18.86
CA GLN E 228 19.86 -5.27 -20.04
C GLN E 228 19.00 -6.44 -19.59
N ARG E 229 17.81 -6.56 -20.17
CA ARG E 229 16.93 -7.67 -19.86
C ARG E 229 17.49 -8.98 -20.41
N LEU E 230 17.32 -10.06 -19.65
CA LEU E 230 17.61 -11.39 -20.16
C LEU E 230 16.38 -11.92 -20.87
N PRO E 231 16.42 -12.18 -22.18
CA PRO E 231 15.18 -12.47 -22.92
C PRO E 231 14.81 -13.94 -23.06
N LEU E 232 15.53 -14.86 -22.41
CA LEU E 232 15.29 -16.28 -22.64
C LEU E 232 13.88 -16.69 -22.27
N TYR E 233 13.36 -16.17 -21.16
CA TYR E 233 12.02 -16.53 -20.71
C TYR E 233 10.97 -16.15 -21.74
N PHE E 234 11.06 -14.92 -22.27
CA PHE E 234 10.09 -14.46 -23.25
C PHE E 234 10.32 -15.12 -24.60
N ILE E 235 11.55 -15.49 -24.92
CA ILE E 235 11.80 -16.23 -26.16
C ILE E 235 11.13 -17.59 -26.10
N VAL E 236 11.29 -18.29 -24.97
CA VAL E 236 10.76 -19.63 -24.85
C VAL E 236 9.24 -19.60 -24.77
N ASN E 237 8.68 -18.72 -23.94
CA ASN E 237 7.27 -18.82 -23.59
C ASN E 237 6.34 -18.05 -24.52
N VAL E 238 6.87 -17.15 -25.35
CA VAL E 238 6.05 -16.30 -26.23
C VAL E 238 6.45 -16.47 -27.70
N ILE E 239 7.74 -16.33 -28.00
CA ILE E 239 8.15 -16.23 -29.40
C ILE E 239 8.01 -17.58 -30.11
N ILE E 240 8.41 -18.67 -29.47
CA ILE E 240 8.43 -19.97 -30.13
C ILE E 240 7.02 -20.45 -30.50
N PRO E 241 6.02 -20.38 -29.63
CA PRO E 241 4.65 -20.72 -30.08
C PRO E 241 4.16 -19.86 -31.22
N CYS E 242 4.50 -18.56 -31.23
CA CYS E 242 4.12 -17.70 -32.34
C CYS E 242 4.81 -18.16 -33.62
N LEU E 243 6.07 -18.58 -33.52
CA LEU E 243 6.76 -19.14 -34.68
C LEU E 243 6.04 -20.38 -35.20
N LEU E 244 5.60 -21.25 -34.28
CA LEU E 244 4.90 -22.46 -34.70
C LEU E 244 3.59 -22.13 -35.40
N PHE E 245 2.83 -21.18 -34.86
CA PHE E 245 1.57 -20.78 -35.49
C PHE E 245 1.82 -20.14 -36.86
N SER E 246 2.85 -19.31 -36.97
CA SER E 246 3.14 -18.67 -38.24
C SER E 246 3.58 -19.70 -39.28
N PHE E 247 4.33 -20.71 -38.87
CA PHE E 247 4.69 -21.78 -39.79
C PHE E 247 3.45 -22.57 -40.22
N LEU E 248 2.57 -22.89 -39.28
CA LEU E 248 1.37 -23.64 -39.60
C LEU E 248 0.40 -22.86 -40.47
N THR E 249 0.52 -21.52 -40.49
CA THR E 249 -0.42 -20.70 -41.26
C THR E 249 -0.36 -21.03 -42.75
N GLY E 250 0.84 -21.15 -43.29
CA GLY E 250 1.02 -21.40 -44.71
C GLY E 250 0.84 -22.83 -45.15
N LEU E 251 0.63 -23.77 -44.22
CA LEU E 251 0.45 -25.17 -44.61
C LEU E 251 -0.90 -25.42 -45.26
N VAL E 252 -1.86 -24.49 -45.12
CA VAL E 252 -3.17 -24.69 -45.73
C VAL E 252 -3.07 -24.69 -47.25
N PHE E 253 -2.08 -24.00 -47.81
CA PHE E 253 -1.97 -23.91 -49.27
C PHE E 253 -1.41 -25.19 -49.88
N TYR E 254 -0.77 -26.04 -49.10
CA TYR E 254 -0.45 -27.39 -49.53
C TYR E 254 -1.59 -28.38 -49.30
N LEU E 255 -2.59 -28.01 -48.51
CA LEU E 255 -3.72 -28.89 -48.24
C LEU E 255 -4.71 -28.83 -49.39
N PRO E 256 -5.04 -29.95 -50.05
CA PRO E 256 -5.98 -29.88 -51.17
C PRO E 256 -7.37 -29.44 -50.75
N THR E 257 -8.08 -28.84 -51.70
CA THR E 257 -9.48 -28.46 -51.46
C THR E 257 -10.37 -29.68 -51.30
N ASP E 258 -10.06 -30.77 -52.02
CA ASP E 258 -10.89 -31.97 -51.95
C ASP E 258 -10.89 -32.60 -50.57
N SER E 259 -9.87 -32.33 -49.75
CA SER E 259 -9.87 -32.83 -48.38
C SER E 259 -11.04 -32.30 -47.58
N GLY E 260 -11.52 -31.10 -47.90
CA GLY E 260 -12.59 -30.50 -47.13
C GLY E 260 -12.19 -30.06 -45.75
N GLU E 261 -10.90 -29.73 -45.55
CA GLU E 261 -10.37 -29.37 -44.24
C GLU E 261 -9.53 -28.09 -44.28
N LYS E 262 -9.58 -27.32 -45.37
CA LYS E 262 -8.81 -26.10 -45.46
C LYS E 262 -9.25 -25.09 -44.40
N MET E 263 -10.56 -24.83 -44.35
CA MET E 263 -11.07 -23.90 -43.36
C MET E 263 -10.88 -24.42 -41.94
N THR E 264 -10.99 -25.73 -41.75
CA THR E 264 -10.75 -26.32 -40.44
C THR E 264 -9.35 -25.95 -39.95
N LEU E 265 -8.33 -26.22 -40.77
CA LEU E 265 -6.96 -25.94 -40.39
C LEU E 265 -6.74 -24.45 -40.16
N SER E 266 -7.18 -23.61 -41.10
CA SER E 266 -6.92 -22.17 -40.99
C SER E 266 -7.61 -21.58 -39.77
N ILE E 267 -8.90 -21.85 -39.63
CA ILE E 267 -9.68 -21.28 -38.54
C ILE E 267 -9.21 -21.81 -37.19
N SER E 268 -8.75 -23.06 -37.12
CA SER E 268 -8.27 -23.57 -35.85
C SER E 268 -6.90 -23.03 -35.50
N VAL E 269 -6.04 -22.77 -36.49
CA VAL E 269 -4.81 -22.05 -36.20
C VAL E 269 -5.13 -20.67 -35.64
N LEU E 270 -6.14 -20.02 -36.21
CA LEU E 270 -6.58 -18.73 -35.66
C LEU E 270 -7.08 -18.87 -34.23
N LEU E 271 -7.86 -19.93 -33.95
CA LEU E 271 -8.38 -20.14 -32.60
C LEU E 271 -7.25 -20.38 -31.60
N SER E 272 -6.25 -21.17 -31.99
CA SER E 272 -5.10 -21.41 -31.13
C SER E 272 -4.36 -20.11 -30.85
N LEU E 273 -4.16 -19.28 -31.88
CA LEU E 273 -3.51 -18.00 -31.67
C LEU E 273 -4.34 -17.09 -30.75
N THR E 274 -5.66 -17.12 -30.91
CA THR E 274 -6.52 -16.30 -30.06
C THR E 274 -6.44 -16.75 -28.61
N VAL E 275 -6.37 -18.06 -28.38
CA VAL E 275 -6.20 -18.55 -27.01
C VAL E 275 -4.83 -18.15 -26.48
N PHE E 276 -3.81 -18.19 -27.34
CA PHE E 276 -2.46 -17.80 -26.91
C PHE E 276 -2.35 -16.31 -26.63
N LEU E 277 -3.24 -15.49 -27.19
CA LEU E 277 -3.29 -14.08 -26.82
C LEU E 277 -3.50 -13.90 -25.32
N LEU E 278 -4.27 -14.80 -24.69
CA LEU E 278 -4.42 -14.75 -23.24
C LEU E 278 -3.07 -14.97 -22.56
N VAL E 279 -2.27 -15.91 -23.06
CA VAL E 279 -0.94 -16.14 -22.51
C VAL E 279 -0.08 -14.89 -22.68
N ILE E 280 -0.12 -14.29 -23.86
CA ILE E 280 0.71 -13.12 -24.14
C ILE E 280 0.33 -11.97 -23.22
N VAL E 281 -0.96 -11.73 -23.05
CA VAL E 281 -1.40 -10.66 -22.16
C VAL E 281 -1.03 -10.96 -20.72
N GLU E 282 -1.06 -12.24 -20.34
CA GLU E 282 -0.69 -12.60 -18.97
C GLU E 282 0.79 -12.38 -18.71
N LEU E 283 1.65 -12.68 -19.70
CA LEU E 283 3.09 -12.70 -19.45
C LEU E 283 3.71 -11.31 -19.59
N ILE E 284 3.62 -10.71 -20.77
CA ILE E 284 4.33 -9.47 -21.05
C ILE E 284 3.60 -8.31 -20.38
N PRO E 285 4.28 -7.22 -20.01
CA PRO E 285 3.57 -6.08 -19.42
C PRO E 285 2.68 -5.38 -20.44
N SER E 286 1.61 -4.77 -19.94
CA SER E 286 0.64 -4.05 -20.76
C SER E 286 0.89 -2.56 -20.60
N THR E 287 1.42 -1.92 -21.65
CA THR E 287 1.70 -0.50 -21.63
C THR E 287 1.43 0.08 -23.01
N SER E 288 1.20 1.39 -23.04
CA SER E 288 0.82 2.12 -24.26
C SER E 288 1.85 3.15 -24.68
N SER E 289 3.04 3.17 -24.07
CA SER E 289 4.07 4.11 -24.48
C SER E 289 4.54 3.83 -25.91
N ALA E 290 4.70 2.55 -26.25
CA ALA E 290 5.12 2.17 -27.60
C ALA E 290 4.71 0.72 -27.83
N VAL E 291 4.74 0.32 -29.09
CA VAL E 291 4.42 -1.05 -29.48
C VAL E 291 5.66 -1.91 -29.24
N PRO E 292 5.62 -2.93 -28.38
CA PRO E 292 6.82 -3.76 -28.20
C PRO E 292 7.12 -4.60 -29.44
N LEU E 293 8.34 -5.13 -29.47
CA LEU E 293 8.72 -6.05 -30.53
C LEU E 293 7.83 -7.30 -30.50
N ILE E 294 7.52 -7.79 -29.30
CA ILE E 294 6.58 -8.91 -29.18
C ILE E 294 5.22 -8.49 -29.70
N GLY E 295 4.80 -7.26 -29.41
CA GLY E 295 3.52 -6.81 -29.93
C GLY E 295 3.50 -6.75 -31.45
N LYS E 296 4.58 -6.25 -32.05
CA LYS E 296 4.66 -6.19 -33.50
C LYS E 296 4.65 -7.59 -34.10
N TYR E 297 5.38 -8.54 -33.49
CA TYR E 297 5.43 -9.88 -34.03
C TYR E 297 4.07 -10.58 -33.89
N MET E 298 3.39 -10.37 -32.75
CA MET E 298 2.07 -10.94 -32.56
C MET E 298 1.08 -10.39 -33.56
N LEU E 299 1.11 -9.07 -33.80
CA LEU E 299 0.20 -8.49 -34.76
C LEU E 299 0.52 -8.97 -36.17
N PHE E 300 1.81 -9.14 -36.49
CA PHE E 300 2.19 -9.70 -37.77
C PHE E 300 1.63 -11.11 -37.95
N THR E 301 1.75 -11.94 -36.91
CA THR E 301 1.23 -13.30 -36.99
C THR E 301 -0.29 -13.30 -37.16
N MET E 302 -0.98 -12.42 -36.42
CA MET E 302 -2.43 -12.36 -36.54
C MET E 302 -2.86 -11.94 -37.94
N VAL E 303 -2.23 -10.90 -38.48
CA VAL E 303 -2.57 -10.44 -39.83
C VAL E 303 -2.22 -11.51 -40.85
N PHE E 304 -1.14 -12.26 -40.61
CA PHE E 304 -0.75 -13.35 -41.49
C PHE E 304 -1.83 -14.43 -41.52
N VAL E 305 -2.36 -14.79 -40.36
CA VAL E 305 -3.42 -15.79 -40.28
C VAL E 305 -4.67 -15.28 -41.00
N ILE E 306 -5.02 -14.01 -40.78
CA ILE E 306 -6.23 -13.46 -41.39
C ILE E 306 -6.11 -13.44 -42.90
N ALA E 307 -4.95 -13.01 -43.41
CA ALA E 307 -4.72 -13.01 -44.85
C ALA E 307 -4.78 -14.42 -45.42
N SER E 308 -4.19 -15.39 -44.71
CA SER E 308 -4.26 -16.77 -45.16
C SER E 308 -5.70 -17.25 -45.24
N ILE E 309 -6.52 -16.89 -44.26
CA ILE E 309 -7.92 -17.31 -44.28
C ILE E 309 -8.64 -16.71 -45.47
N ILE E 310 -8.43 -15.41 -45.73
CA ILE E 310 -9.11 -14.74 -46.83
C ILE E 310 -8.71 -15.37 -48.16
N ILE E 311 -7.41 -15.58 -48.35
CA ILE E 311 -6.93 -16.11 -49.61
C ILE E 311 -7.34 -17.57 -49.77
N THR E 312 -7.43 -18.32 -48.67
CA THR E 312 -7.92 -19.69 -48.74
C THR E 312 -9.37 -19.73 -49.17
N VAL E 313 -10.18 -18.80 -48.67
CA VAL E 313 -11.57 -18.72 -49.12
C VAL E 313 -11.64 -18.41 -50.61
N ILE E 314 -10.75 -17.52 -51.08
CA ILE E 314 -10.72 -17.23 -52.51
C ILE E 314 -10.34 -18.47 -53.31
N VAL E 315 -9.36 -19.23 -52.83
CA VAL E 315 -8.90 -20.43 -53.53
C VAL E 315 -10.02 -21.47 -53.57
N ILE E 316 -10.74 -21.64 -52.47
CA ILE E 316 -11.83 -22.60 -52.42
C ILE E 316 -12.94 -22.19 -53.37
N ASN E 317 -13.25 -20.88 -53.41
CA ASN E 317 -14.28 -20.38 -54.31
C ASN E 317 -13.90 -20.62 -55.76
N THR E 318 -12.63 -20.40 -56.09
CA THR E 318 -12.17 -20.67 -57.46
C THR E 318 -12.23 -22.16 -57.78
N HIS E 319 -11.88 -23.01 -56.81
CA HIS E 319 -11.84 -24.45 -57.05
C HIS E 319 -13.22 -25.01 -57.35
N HIS E 320 -14.24 -24.54 -56.64
CA HIS E 320 -15.58 -25.08 -56.73
C HIS E 320 -16.46 -24.33 -57.74
N ARG E 321 -15.87 -23.46 -58.55
CA ARG E 321 -16.65 -22.67 -59.49
C ARG E 321 -17.27 -23.58 -60.54
N SER E 322 -18.59 -23.56 -60.65
CA SER E 322 -19.27 -24.41 -61.59
C SER E 322 -18.96 -23.95 -63.02
N PRO E 323 -18.76 -24.86 -63.98
CA PRO E 323 -18.55 -24.41 -65.36
C PRO E 323 -19.84 -24.06 -66.09
N SER E 324 -21.00 -24.41 -65.53
CA SER E 324 -22.27 -24.05 -66.16
C SER E 324 -22.62 -22.59 -65.92
N THR E 325 -22.75 -22.20 -64.64
CA THR E 325 -23.11 -20.82 -64.33
C THR E 325 -21.98 -19.86 -64.72
N HIS E 326 -20.75 -20.18 -64.32
CA HIS E 326 -19.59 -19.36 -64.60
C HIS E 326 -18.88 -19.84 -65.87
N VAL E 327 -18.15 -18.91 -66.50
CA VAL E 327 -17.35 -19.19 -67.68
C VAL E 327 -15.96 -18.64 -67.42
N MET E 328 -14.93 -19.40 -67.81
CA MET E 328 -13.56 -19.01 -67.54
C MET E 328 -13.21 -17.78 -68.37
N PRO E 329 -12.81 -16.65 -67.77
CA PRO E 329 -12.31 -15.54 -68.58
C PRO E 329 -11.00 -15.91 -69.25
N ASN E 330 -10.76 -15.31 -70.42
CA ASN E 330 -9.56 -15.62 -71.18
C ASN E 330 -8.30 -15.21 -70.44
N TRP E 331 -8.35 -14.14 -69.64
CA TRP E 331 -7.17 -13.71 -68.91
C TRP E 331 -6.77 -14.73 -67.86
N VAL E 332 -7.75 -15.36 -67.20
CA VAL E 332 -7.44 -16.38 -66.20
C VAL E 332 -6.72 -17.56 -66.86
N ARG E 333 -7.22 -18.00 -68.02
CA ARG E 333 -6.60 -19.13 -68.70
C ARG E 333 -5.23 -18.76 -69.24
N LYS E 334 -5.05 -17.52 -69.69
CA LYS E 334 -3.74 -17.11 -70.18
C LYS E 334 -2.72 -17.04 -69.04
N VAL E 335 -3.14 -16.55 -67.87
CA VAL E 335 -2.21 -16.35 -66.76
C VAL E 335 -1.88 -17.67 -66.07
N PHE E 336 -2.90 -18.44 -65.71
CA PHE E 336 -2.71 -19.57 -64.79
C PHE E 336 -2.51 -20.91 -65.49
N ILE E 337 -3.00 -21.07 -66.71
CA ILE E 337 -2.87 -22.34 -67.44
C ILE E 337 -1.77 -22.27 -68.50
N ASP E 338 -1.62 -21.13 -69.16
CA ASP E 338 -0.69 -20.99 -70.28
C ASP E 338 0.64 -20.39 -69.88
N THR E 339 0.65 -19.36 -69.02
CA THR E 339 1.85 -18.60 -68.74
C THR E 339 2.61 -19.12 -67.53
N ILE E 340 1.96 -19.12 -66.37
CA ILE E 340 2.68 -19.39 -65.12
C ILE E 340 3.23 -20.82 -65.05
N PRO E 341 2.47 -21.87 -65.41
CA PRO E 341 3.01 -23.24 -65.27
C PRO E 341 4.31 -23.51 -66.00
N ASN E 342 4.77 -22.64 -66.90
CA ASN E 342 6.07 -22.84 -67.53
C ASN E 342 7.20 -22.75 -66.51
N ILE E 343 7.00 -22.01 -65.41
CA ILE E 343 8.08 -21.83 -64.44
C ILE E 343 8.20 -23.00 -63.47
N MET E 344 7.16 -23.80 -63.30
CA MET E 344 7.16 -24.95 -62.40
C MET E 344 7.14 -26.23 -63.22
N PHE E 345 7.03 -27.37 -62.53
CA PHE E 345 7.07 -28.70 -63.13
C PHE E 345 5.81 -29.45 -62.74
N PHE E 346 4.74 -29.24 -63.51
CA PHE E 346 3.46 -29.92 -63.30
C PHE E 346 2.75 -30.03 -64.64
N SER E 347 2.09 -31.16 -64.87
CA SER E 347 1.42 -31.40 -66.14
C SER E 347 0.26 -30.45 -66.33
N THR E 348 0.07 -29.92 -67.55
CA THR E 348 -0.99 -28.92 -67.84
C THR E 348 -2.36 -29.58 -68.01
N MET E 349 -3.42 -28.79 -68.19
CA MET E 349 -4.80 -29.32 -68.36
C MET E 349 -4.91 -30.67 -67.65
N LYS E 388 -39.95 -53.08 -87.02
CA LYS E 388 -39.64 -51.86 -86.30
C LYS E 388 -40.71 -51.54 -85.28
N HIS E 389 -40.71 -52.27 -84.16
CA HIS E 389 -41.67 -51.99 -83.11
C HIS E 389 -41.36 -50.63 -82.47
N PRO E 390 -42.36 -49.95 -81.90
CA PRO E 390 -42.05 -48.68 -81.21
C PRO E 390 -41.08 -48.85 -80.06
N GLU E 391 -41.15 -49.98 -79.35
CA GLU E 391 -40.29 -50.16 -78.18
C GLU E 391 -38.83 -50.35 -78.58
N VAL E 392 -38.56 -51.00 -79.71
CA VAL E 392 -37.18 -51.16 -80.17
C VAL E 392 -36.59 -49.79 -80.48
N LYS E 393 -37.34 -48.95 -81.19
CA LYS E 393 -36.88 -47.60 -81.48
C LYS E 393 -36.69 -46.79 -80.21
N SER E 394 -37.58 -46.99 -79.23
CA SER E 394 -37.43 -46.31 -77.94
C SER E 394 -36.15 -46.75 -77.25
N ALA E 395 -35.81 -48.04 -77.34
CA ALA E 395 -34.56 -48.52 -76.73
C ALA E 395 -33.33 -47.95 -77.45
N ILE E 396 -33.40 -47.84 -78.77
CA ILE E 396 -32.28 -47.28 -79.52
C ILE E 396 -32.09 -45.80 -79.17
N GLU E 397 -33.19 -45.05 -79.14
CA GLU E 397 -33.12 -43.66 -78.69
C GLU E 397 -32.60 -43.59 -77.26
N GLY E 398 -32.95 -44.58 -76.43
CA GLY E 398 -32.40 -44.65 -75.10
C GLY E 398 -30.89 -44.75 -75.09
N ILE E 399 -30.35 -45.78 -75.73
CA ILE E 399 -28.90 -46.02 -75.67
C ILE E 399 -28.15 -44.81 -76.24
N LYS E 400 -28.73 -44.17 -77.27
CA LYS E 400 -28.18 -42.89 -77.71
C LYS E 400 -28.23 -41.85 -76.59
N TYR E 401 -29.31 -41.85 -75.79
CA TYR E 401 -29.44 -40.85 -74.72
C TYR E 401 -28.41 -41.08 -73.62
N ILE E 402 -28.18 -42.34 -73.21
CA ILE E 402 -27.11 -42.58 -72.25
C ILE E 402 -25.76 -42.16 -72.82
N ALA E 403 -25.50 -42.44 -74.11
CA ALA E 403 -24.23 -42.04 -74.69
C ALA E 403 -24.05 -40.52 -74.64
N GLU E 404 -25.08 -39.78 -75.05
CA GLU E 404 -24.99 -38.33 -75.06
C GLU E 404 -24.90 -37.77 -73.64
N THR E 405 -25.61 -38.37 -72.69
CA THR E 405 -25.53 -37.91 -71.31
C THR E 405 -24.12 -38.10 -70.77
N MET E 406 -23.50 -39.25 -71.05
CA MET E 406 -22.13 -39.47 -70.61
C MET E 406 -21.18 -38.48 -71.27
N LYS E 407 -21.40 -38.18 -72.55
CA LYS E 407 -20.55 -37.20 -73.23
C LYS E 407 -20.66 -35.84 -72.58
N SER E 408 -21.88 -35.37 -72.33
CA SER E 408 -22.07 -34.06 -71.72
C SER E 408 -21.49 -34.02 -70.31
N ASP E 409 -21.65 -35.11 -69.55
CA ASP E 409 -21.03 -35.17 -68.23
C ASP E 409 -19.52 -35.08 -68.33
N GLN E 410 -18.93 -35.73 -69.34
CA GLN E 410 -17.48 -35.66 -69.53
C GLN E 410 -17.03 -34.23 -69.82
N GLU E 411 -17.77 -33.51 -70.67
CA GLU E 411 -17.41 -32.12 -70.93
C GLU E 411 -17.53 -31.28 -69.65
N SER E 412 -18.57 -31.53 -68.86
CA SER E 412 -18.73 -30.80 -67.61
C SER E 412 -17.56 -31.06 -66.66
N ASN E 413 -17.14 -32.32 -66.55
CA ASN E 413 -16.00 -32.64 -65.68
C ASN E 413 -14.73 -31.98 -66.17
N ASN E 414 -14.50 -31.96 -67.49
CA ASN E 414 -13.29 -31.31 -68.00
C ASN E 414 -13.31 -29.81 -67.72
N ALA E 415 -14.46 -29.16 -67.94
CA ALA E 415 -14.56 -27.73 -67.67
C ALA E 415 -14.33 -27.44 -66.19
N ALA E 416 -14.87 -28.29 -65.31
CA ALA E 416 -14.60 -28.11 -63.88
C ALA E 416 -13.13 -28.34 -63.57
N ALA E 417 -12.52 -29.35 -64.19
CA ALA E 417 -11.11 -29.66 -63.96
C ALA E 417 -10.22 -28.48 -64.32
N GLU E 418 -10.63 -27.67 -65.29
CA GLU E 418 -9.88 -26.45 -65.60
C GLU E 418 -9.82 -25.53 -64.38
N TRP E 419 -10.97 -25.29 -63.75
CA TRP E 419 -11.02 -24.46 -62.55
C TRP E 419 -10.19 -25.06 -61.42
N LYS E 420 -10.28 -26.38 -61.26
CA LYS E 420 -9.52 -27.05 -60.20
C LYS E 420 -8.02 -26.89 -60.43
N TYR E 421 -7.59 -26.96 -61.69
CA TYR E 421 -6.17 -26.76 -62.02
C TYR E 421 -5.74 -25.33 -61.74
N VAL E 422 -6.60 -24.36 -62.04
CA VAL E 422 -6.28 -22.96 -61.73
C VAL E 422 -6.10 -22.79 -60.22
N ALA E 423 -7.00 -23.38 -59.44
CA ALA E 423 -6.88 -23.30 -57.98
C ALA E 423 -5.61 -23.98 -57.49
N MET E 424 -5.24 -25.09 -58.14
CA MET E 424 -4.02 -25.85 -57.77
C MET E 424 -2.80 -24.95 -57.99
N VAL E 425 -2.70 -24.28 -59.13
CA VAL E 425 -1.57 -23.41 -59.42
C VAL E 425 -1.51 -22.26 -58.44
N MET E 426 -2.67 -21.65 -58.15
CA MET E 426 -2.71 -20.57 -57.18
C MET E 426 -2.25 -21.04 -55.81
N ASP E 427 -2.64 -22.26 -55.42
CA ASP E 427 -2.27 -22.78 -54.12
C ASP E 427 -0.76 -22.98 -54.00
N HIS E 428 -0.11 -23.52 -55.04
CA HIS E 428 1.34 -23.66 -54.95
C HIS E 428 2.04 -22.30 -54.89
N ILE E 429 1.58 -21.34 -55.70
CA ILE E 429 2.18 -20.01 -55.66
C ILE E 429 2.05 -19.42 -54.26
N LEU E 430 0.87 -19.58 -53.66
CA LEU E 430 0.62 -19.00 -52.35
C LEU E 430 1.38 -19.72 -51.25
N LEU E 431 1.59 -21.03 -51.39
CA LEU E 431 2.43 -21.75 -50.44
C LEU E 431 3.83 -21.17 -50.42
N GLY E 432 4.43 -21.02 -51.60
CA GLY E 432 5.76 -20.41 -51.67
C GLY E 432 5.78 -19.02 -51.10
N VAL E 433 4.80 -18.19 -51.49
CA VAL E 433 4.74 -16.81 -51.05
C VAL E 433 4.61 -16.73 -49.53
N PHE E 434 3.77 -17.58 -48.94
CA PHE E 434 3.51 -17.47 -47.51
C PHE E 434 4.69 -17.99 -46.69
N MET E 435 5.35 -19.06 -47.13
CA MET E 435 6.56 -19.48 -46.45
C MET E 435 7.62 -18.38 -46.48
N LEU E 436 7.80 -17.77 -47.66
CA LEU E 436 8.79 -16.70 -47.77
C LEU E 436 8.42 -15.51 -46.90
N VAL E 437 7.12 -15.15 -46.87
CA VAL E 437 6.68 -14.02 -46.07
C VAL E 437 6.86 -14.30 -44.59
N CYS E 438 6.63 -15.55 -44.16
CA CYS E 438 6.85 -15.90 -42.77
C CYS E 438 8.30 -15.69 -42.38
N ILE E 439 9.23 -16.23 -43.18
CA ILE E 439 10.65 -16.10 -42.86
C ILE E 439 11.06 -14.63 -42.87
N ILE E 440 10.64 -13.90 -43.90
CA ILE E 440 11.05 -12.51 -44.06
C ILE E 440 10.47 -11.66 -42.95
N GLY E 441 9.23 -11.93 -42.54
CA GLY E 441 8.62 -11.17 -41.46
C GLY E 441 9.32 -11.40 -40.13
N THR E 442 9.64 -12.65 -39.82
CA THR E 442 10.37 -12.93 -38.59
C THR E 442 11.70 -12.21 -38.58
N LEU E 443 12.43 -12.28 -39.70
CA LEU E 443 13.73 -11.60 -39.77
C LEU E 443 13.57 -10.09 -39.67
N ALA E 444 12.66 -9.51 -40.45
CA ALA E 444 12.48 -8.06 -40.44
C ALA E 444 12.05 -7.54 -39.08
N VAL E 445 11.34 -8.35 -38.31
CA VAL E 445 10.93 -7.93 -36.98
C VAL E 445 12.12 -7.97 -36.02
N PHE E 446 12.81 -9.11 -35.92
CA PHE E 446 13.77 -9.31 -34.83
C PHE E 446 15.21 -8.96 -35.19
N ALA E 447 15.63 -9.28 -36.42
CA ALA E 447 17.05 -9.30 -36.77
C ALA E 447 17.72 -7.96 -36.57
N GLY E 448 17.01 -6.84 -36.71
CA GLY E 448 17.65 -5.55 -36.51
C GLY E 448 18.18 -5.39 -35.10
N ARG E 449 17.34 -5.65 -34.10
CA ARG E 449 17.79 -5.57 -32.72
C ARG E 449 18.81 -6.66 -32.42
N LEU E 450 18.65 -7.85 -33.01
CA LEU E 450 19.64 -8.90 -32.76
C LEU E 450 21.02 -8.52 -33.31
N ILE E 451 21.11 -7.97 -34.53
CA ILE E 451 22.41 -7.53 -35.02
C ILE E 451 22.92 -6.37 -34.20
N GLU E 452 22.03 -5.49 -33.71
CA GLU E 452 22.50 -4.38 -32.88
C GLU E 452 23.18 -4.90 -31.62
N LEU E 453 22.52 -5.84 -30.91
CA LEU E 453 23.11 -6.39 -29.70
C LEU E 453 24.37 -7.19 -30.00
N ASN E 454 24.42 -7.87 -31.15
CA ASN E 454 25.65 -8.55 -31.55
C ASN E 454 26.78 -7.56 -31.77
N GLN E 455 26.48 -6.43 -32.42
CA GLN E 455 27.49 -5.40 -32.66
C GLN E 455 27.94 -4.76 -31.35
N GLN E 456 27.09 -4.78 -30.32
CA GLN E 456 27.50 -4.31 -29.00
C GLN E 456 28.27 -5.37 -28.20
N GLY E 457 28.74 -6.44 -28.84
CA GLY E 457 29.55 -7.45 -28.17
C GLY E 457 30.55 -8.09 -29.11
N SER F 21 -3.08 35.20 21.01
CA SER F 21 -3.04 33.72 21.15
C SER F 21 -2.52 33.29 22.52
N GLU F 22 -1.85 34.20 23.23
CA GLU F 22 -1.35 33.88 24.56
C GLU F 22 -2.48 33.58 25.53
N HIS F 23 -3.67 34.16 25.30
CA HIS F 23 -4.83 33.81 26.10
C HIS F 23 -5.17 32.33 25.95
N GLU F 24 -5.12 31.81 24.73
CA GLU F 24 -5.40 30.40 24.52
C GLU F 24 -4.34 29.52 25.18
N THR F 25 -3.07 29.94 25.13
CA THR F 25 -2.02 29.18 25.79
C THR F 25 -2.26 29.11 27.29
N ARG F 26 -2.59 30.25 27.90
CA ARG F 26 -2.88 30.27 29.34
C ARG F 26 -4.10 29.42 29.65
N LEU F 27 -5.14 29.48 28.80
CA LEU F 27 -6.34 28.69 29.02
C LEU F 27 -6.05 27.21 28.98
N VAL F 28 -5.30 26.76 27.97
CA VAL F 28 -5.00 25.34 27.84
C VAL F 28 -4.12 24.88 28.99
N ALA F 29 -3.20 25.74 29.44
CA ALA F 29 -2.41 25.40 30.62
C ALA F 29 -3.29 25.26 31.86
N LYS F 30 -4.30 26.12 31.99
CA LYS F 30 -5.16 26.07 33.17
C LYS F 30 -6.07 24.84 33.17
N LEU F 31 -6.69 24.55 32.02
CA LEU F 31 -7.70 23.49 31.98
C LEU F 31 -7.10 22.13 32.25
N PHE F 32 -5.93 21.84 31.67
CA PHE F 32 -5.31 20.52 31.74
C PHE F 32 -4.23 20.45 32.81
N LYS F 33 -4.35 21.25 33.87
CA LYS F 33 -3.38 21.19 34.96
C LYS F 33 -3.54 19.92 35.79
N ASP F 34 -4.78 19.57 36.13
CA ASP F 34 -5.11 18.39 36.91
C ASP F 34 -6.22 17.59 36.23
N TYR F 35 -6.26 17.62 34.90
CA TYR F 35 -7.26 16.91 34.14
C TYR F 35 -6.88 15.43 34.00
N SER F 36 -7.89 14.58 33.98
CA SER F 36 -7.72 13.13 33.84
C SER F 36 -8.58 12.64 32.68
N SER F 37 -7.93 12.09 31.66
CA SER F 37 -8.65 11.51 30.54
C SER F 37 -9.17 10.11 30.83
N VAL F 38 -8.57 9.41 31.81
CA VAL F 38 -9.10 8.13 32.26
C VAL F 38 -10.50 8.32 32.83
N VAL F 39 -10.68 9.36 33.61
CA VAL F 39 -11.90 9.57 34.37
C VAL F 39 -12.98 10.15 33.45
N ARG F 40 -14.22 9.71 33.63
CA ARG F 40 -15.30 10.21 32.80
C ARG F 40 -15.50 11.71 33.04
N PRO F 41 -15.97 12.45 32.05
CA PRO F 41 -15.95 13.92 32.13
C PRO F 41 -17.25 14.51 32.69
N VAL F 42 -17.59 14.09 33.91
CA VAL F 42 -18.84 14.51 34.59
C VAL F 42 -18.40 15.16 35.91
N GLU F 43 -19.33 15.46 36.82
CA GLU F 43 -19.04 16.13 38.12
C GLU F 43 -19.42 15.19 39.27
N ASP F 44 -20.29 14.21 39.01
CA ASP F 44 -20.69 13.18 40.00
C ASP F 44 -20.51 11.84 39.29
N HIS F 45 -20.22 10.77 40.01
CA HIS F 45 -20.00 9.42 39.43
C HIS F 45 -21.37 8.82 39.14
N ARG F 46 -22.43 9.47 39.60
CA ARG F 46 -23.82 9.00 39.38
C ARG F 46 -24.35 9.67 38.11
N GLN F 47 -23.68 10.68 37.57
CA GLN F 47 -24.03 11.29 36.30
C GLN F 47 -23.78 10.32 35.16
N VAL F 48 -24.56 10.49 34.10
CA VAL F 48 -24.42 9.73 32.86
C VAL F 48 -23.93 10.68 31.78
N VAL F 49 -22.96 10.22 31.00
CA VAL F 49 -22.44 11.00 29.87
C VAL F 49 -23.41 10.85 28.70
N GLU F 50 -23.87 11.98 28.18
CA GLU F 50 -24.68 12.01 26.96
C GLU F 50 -23.81 12.31 25.74
N VAL F 51 -23.78 11.36 24.82
CA VAL F 51 -23.08 11.48 23.55
C VAL F 51 -24.14 11.46 22.46
N THR F 52 -24.19 12.53 21.67
CA THR F 52 -25.00 12.56 20.46
C THR F 52 -24.13 12.05 19.32
N VAL F 53 -24.61 11.01 18.63
CA VAL F 53 -23.84 10.31 17.61
C VAL F 53 -24.54 10.51 16.28
N GLY F 54 -23.77 10.93 15.28
CA GLY F 54 -24.28 11.05 13.92
C GLY F 54 -23.29 10.44 12.96
N LEU F 55 -23.83 9.83 11.91
CA LEU F 55 -23.05 9.16 10.88
C LEU F 55 -23.22 9.90 9.57
N GLN F 56 -22.11 10.27 8.95
CA GLN F 56 -22.09 10.84 7.61
C GLN F 56 -21.43 9.83 6.69
N LEU F 57 -22.17 9.38 5.66
CA LEU F 57 -21.64 8.42 4.70
C LEU F 57 -21.04 9.20 3.54
N ILE F 58 -19.71 9.28 3.50
CA ILE F 58 -19.03 10.00 2.43
C ILE F 58 -19.06 9.18 1.14
N GLN F 59 -18.76 7.89 1.23
CA GLN F 59 -18.64 7.04 0.04
C GLN F 59 -18.95 5.60 0.41
N LEU F 60 -19.60 4.91 -0.52
CA LEU F 60 -19.77 3.44 -0.47
C LEU F 60 -18.66 2.85 -1.32
N ILE F 61 -17.57 2.45 -0.68
CA ILE F 61 -16.38 2.06 -1.41
C ILE F 61 -16.60 0.76 -2.18
N ASN F 62 -17.14 -0.26 -1.51
CA ASN F 62 -17.27 -1.53 -2.22
C ASN F 62 -18.14 -2.50 -1.43
N VAL F 63 -18.85 -3.35 -2.17
CA VAL F 63 -19.62 -4.47 -1.63
C VAL F 63 -18.96 -5.75 -2.13
N ASP F 64 -18.50 -6.59 -1.20
CA ASP F 64 -17.87 -7.87 -1.48
C ASP F 64 -18.88 -8.96 -1.16
N GLU F 65 -19.46 -9.56 -2.20
CA GLU F 65 -20.51 -10.56 -2.01
C GLU F 65 -19.94 -11.90 -1.53
N VAL F 66 -18.71 -12.23 -1.91
CA VAL F 66 -18.13 -13.51 -1.50
C VAL F 66 -17.92 -13.53 0.01
N ASN F 67 -17.18 -12.58 0.53
CA ASN F 67 -16.94 -12.47 1.96
C ASN F 67 -18.02 -11.68 2.70
N GLN F 68 -18.98 -11.10 1.98
CA GLN F 68 -20.11 -10.41 2.59
C GLN F 68 -19.66 -9.22 3.42
N ILE F 69 -18.78 -8.39 2.84
CA ILE F 69 -18.17 -7.26 3.53
C ILE F 69 -18.50 -5.99 2.74
N VAL F 70 -19.04 -4.99 3.43
CA VAL F 70 -19.28 -3.69 2.82
C VAL F 70 -18.33 -2.68 3.45
N THR F 71 -17.49 -2.08 2.61
CA THR F 71 -16.48 -1.11 3.01
C THR F 71 -16.95 0.27 2.59
N THR F 72 -17.01 1.19 3.55
CA THR F 72 -17.52 2.54 3.35
C THR F 72 -16.59 3.54 4.01
N ASN F 73 -16.61 4.77 3.49
CA ASN F 73 -15.92 5.90 4.08
C ASN F 73 -16.95 6.72 4.85
N VAL F 74 -16.69 6.98 6.14
CA VAL F 74 -17.65 7.66 7.00
C VAL F 74 -16.95 8.71 7.85
N ARG F 75 -17.76 9.66 8.32
CA ARG F 75 -17.40 10.58 9.39
C ARG F 75 -18.33 10.30 10.57
N LEU F 76 -17.75 10.14 11.75
CA LEU F 76 -18.52 9.71 12.93
C LEU F 76 -18.59 10.85 13.93
N LYS F 77 -19.54 11.75 13.73
CA LYS F 77 -19.66 12.93 14.58
C LYS F 77 -20.16 12.53 15.96
N GLN F 78 -19.45 12.99 17.00
CA GLN F 78 -19.77 12.70 18.39
C GLN F 78 -19.75 14.00 19.16
N GLN F 79 -20.82 14.28 19.91
CA GLN F 79 -20.96 15.52 20.66
C GLN F 79 -21.27 15.20 22.11
N TRP F 80 -20.48 15.78 23.04
CA TRP F 80 -20.76 15.56 24.46
C TRP F 80 -20.13 16.68 25.27
N VAL F 81 -20.61 16.85 26.50
CA VAL F 81 -20.18 17.93 27.37
C VAL F 81 -19.11 17.41 28.33
N ASP F 82 -18.04 18.18 28.48
CA ASP F 82 -16.98 17.91 29.44
C ASP F 82 -17.07 18.96 30.53
N TYR F 83 -17.45 18.54 31.73
CA TYR F 83 -17.78 19.49 32.80
C TYR F 83 -16.55 20.01 33.53
N ASN F 84 -15.36 19.44 33.26
CA ASN F 84 -14.11 19.97 33.78
C ASN F 84 -13.38 20.85 32.77
N LEU F 85 -14.02 21.17 31.64
CA LEU F 85 -13.41 21.96 30.57
C LEU F 85 -14.30 23.15 30.22
N LYS F 86 -14.74 23.87 31.24
CA LYS F 86 -15.48 25.11 31.10
C LYS F 86 -14.59 26.30 31.47
N TRP F 87 -14.88 27.45 30.88
CA TRP F 87 -14.17 28.67 31.22
C TRP F 87 -15.05 29.86 30.85
N ASN F 88 -14.72 31.00 31.46
CA ASN F 88 -15.38 32.26 31.12
C ASN F 88 -14.57 32.94 30.01
N PRO F 89 -15.16 33.23 28.84
CA PRO F 89 -14.34 33.90 27.80
C PRO F 89 -13.81 35.25 28.21
N ASP F 90 -14.54 36.00 29.05
CA ASP F 90 -14.07 37.31 29.49
C ASP F 90 -12.76 37.22 30.25
N ASP F 91 -12.53 36.10 30.94
CA ASP F 91 -11.29 35.90 31.66
C ASP F 91 -10.11 35.53 30.77
N TYR F 92 -10.35 35.28 29.47
CA TYR F 92 -9.30 34.81 28.56
C TYR F 92 -9.40 35.53 27.23
N GLY F 93 -9.61 36.85 27.28
CA GLY F 93 -9.58 37.64 26.07
C GLY F 93 -10.69 37.37 25.09
N GLY F 94 -11.83 36.84 25.56
CA GLY F 94 -12.94 36.56 24.69
C GLY F 94 -12.83 35.28 23.88
N VAL F 95 -11.88 34.40 24.22
CA VAL F 95 -11.77 33.12 23.52
C VAL F 95 -12.98 32.27 23.88
N LYS F 96 -13.73 31.85 22.85
CA LYS F 96 -14.95 31.09 23.03
C LYS F 96 -14.86 29.64 22.56
N LYS F 97 -13.87 29.32 21.74
CA LYS F 97 -13.67 27.95 21.29
C LYS F 97 -12.20 27.72 21.00
N ILE F 98 -11.76 26.47 21.16
CA ILE F 98 -10.38 26.08 20.92
C ILE F 98 -10.37 24.69 20.31
N HIS F 99 -9.20 24.29 19.82
CA HIS F 99 -8.98 22.98 19.21
C HIS F 99 -7.96 22.21 20.04
N ILE F 100 -8.34 21.00 20.46
CA ILE F 100 -7.55 20.21 21.39
C ILE F 100 -7.26 18.86 20.75
N PRO F 101 -6.07 18.27 20.91
CA PRO F 101 -5.89 16.88 20.44
C PRO F 101 -6.83 15.93 21.16
N SER F 102 -7.46 15.05 20.39
CA SER F 102 -8.44 14.14 20.96
C SER F 102 -7.81 13.15 21.93
N GLU F 103 -6.51 12.88 21.80
CA GLU F 103 -5.83 11.97 22.72
C GLU F 103 -5.66 12.56 24.11
N LYS F 104 -5.88 13.86 24.29
CA LYS F 104 -5.67 14.52 25.57
C LYS F 104 -6.89 14.52 26.47
N ILE F 105 -8.05 14.06 25.98
CA ILE F 105 -9.30 14.10 26.73
C ILE F 105 -9.95 12.72 26.73
N TRP F 106 -10.87 12.52 27.67
CA TRP F 106 -11.74 11.36 27.63
C TRP F 106 -12.59 11.40 26.37
N ARG F 107 -12.77 10.25 25.74
CA ARG F 107 -13.63 10.09 24.58
C ARG F 107 -14.53 8.88 24.80
N PRO F 108 -15.71 8.85 24.17
CA PRO F 108 -16.46 7.59 24.15
C PRO F 108 -15.81 6.60 23.20
N ASP F 109 -15.81 5.33 23.60
CA ASP F 109 -15.15 4.28 22.82
C ASP F 109 -16.18 3.57 21.93
N LEU F 110 -16.67 4.33 20.95
CA LEU F 110 -17.59 3.77 19.98
C LEU F 110 -16.87 2.73 19.14
N VAL F 111 -17.48 1.57 19.00
CA VAL F 111 -16.93 0.43 18.28
C VAL F 111 -18.00 -0.07 17.33
N LEU F 112 -17.57 -0.46 16.13
CA LEU F 112 -18.43 -1.08 15.14
C LEU F 112 -18.56 -2.56 15.49
N TYR F 113 -19.71 -2.93 16.06
CA TYR F 113 -19.88 -4.27 16.59
C TYR F 113 -19.84 -5.32 15.49
N ASN F 114 -20.42 -5.01 14.33
CA ASN F 114 -20.44 -5.92 13.19
C ASN F 114 -19.31 -5.65 12.21
N ASN F 115 -18.16 -5.20 12.72
CA ASN F 115 -16.99 -5.04 11.87
C ASN F 115 -16.57 -6.39 11.29
N ALA F 116 -16.30 -6.42 9.99
CA ALA F 116 -15.91 -7.68 9.35
C ALA F 116 -14.42 -7.94 9.52
N ASP F 117 -13.57 -7.12 8.88
CA ASP F 117 -12.12 -7.30 8.96
C ASP F 117 -11.38 -5.96 9.00
N GLY F 118 -12.04 -4.88 9.36
CA GLY F 118 -11.42 -3.58 9.47
C GLY F 118 -11.04 -3.24 10.89
N ASP F 119 -10.92 -1.94 11.16
CA ASP F 119 -10.68 -1.46 12.51
C ASP F 119 -11.98 -1.44 13.30
N PHE F 120 -11.89 -1.87 14.56
CA PHE F 120 -13.08 -1.89 15.42
C PHE F 120 -13.46 -0.50 15.88
N ALA F 121 -12.49 0.31 16.29
CA ALA F 121 -12.70 1.64 16.85
C ALA F 121 -12.08 2.69 15.94
N ILE F 122 -12.27 3.95 16.33
CA ILE F 122 -11.66 5.07 15.61
C ILE F 122 -10.15 5.03 15.83
N VAL F 123 -9.40 5.11 14.73
CA VAL F 123 -7.94 5.13 14.78
C VAL F 123 -7.37 6.48 14.34
N LYS F 124 -8.15 7.32 13.67
CA LYS F 124 -7.70 8.65 13.26
C LYS F 124 -8.11 9.63 14.34
N PHE F 125 -7.17 9.98 15.22
CA PHE F 125 -7.44 10.85 16.36
C PHE F 125 -7.26 12.30 15.94
N THR F 126 -8.26 12.81 15.22
CA THR F 126 -8.28 14.21 14.84
C THR F 126 -8.56 15.08 16.05
N LYS F 127 -8.38 16.38 15.87
CA LYS F 127 -8.62 17.33 16.96
C LYS F 127 -10.10 17.52 17.22
N VAL F 128 -10.44 17.80 18.47
CA VAL F 128 -11.80 18.11 18.90
C VAL F 128 -11.94 19.62 19.03
N LEU F 129 -13.14 20.11 18.73
CA LEU F 129 -13.52 21.50 18.95
C LEU F 129 -14.18 21.60 20.32
N LEU F 130 -13.55 22.34 21.23
CA LEU F 130 -14.04 22.54 22.59
C LEU F 130 -14.55 23.96 22.73
N GLN F 131 -15.80 24.09 23.16
CA GLN F 131 -16.42 25.37 23.42
C GLN F 131 -16.31 25.71 24.91
N TYR F 132 -16.47 27.01 25.21
CA TYR F 132 -16.31 27.48 26.58
C TYR F 132 -17.36 26.92 27.53
N THR F 133 -18.51 26.49 27.00
CA THR F 133 -19.56 25.89 27.81
C THR F 133 -19.28 24.45 28.19
N GLY F 134 -18.19 23.85 27.68
CA GLY F 134 -17.88 22.45 27.91
C GLY F 134 -18.27 21.54 26.78
N HIS F 135 -19.02 22.02 25.79
CA HIS F 135 -19.40 21.20 24.66
C HIS F 135 -18.18 20.83 23.82
N ILE F 136 -18.10 19.56 23.45
CA ILE F 136 -17.04 19.02 22.61
C ILE F 136 -17.70 18.39 21.40
N THR F 137 -17.19 18.72 20.21
CA THR F 137 -17.57 18.09 18.95
C THR F 137 -16.33 17.44 18.37
N TRP F 138 -16.43 16.15 18.05
CA TRP F 138 -15.33 15.38 17.47
C TRP F 138 -15.87 14.61 16.29
N THR F 139 -15.30 14.84 15.11
CA THR F 139 -15.82 14.27 13.85
C THR F 139 -14.67 13.56 13.14
N PRO F 140 -14.23 12.42 13.66
CA PRO F 140 -13.15 11.70 13.02
C PRO F 140 -13.62 10.97 11.77
N PRO F 141 -12.74 10.74 10.80
CA PRO F 141 -13.07 9.85 9.69
C PRO F 141 -12.78 8.40 10.03
N ALA F 142 -13.40 7.51 9.26
CA ALA F 142 -13.19 6.09 9.44
C ALA F 142 -13.51 5.37 8.15
N ILE F 143 -12.91 4.20 8.00
CA ILE F 143 -13.25 3.25 6.96
C ILE F 143 -13.91 2.07 7.65
N PHE F 144 -15.22 1.96 7.50
CA PHE F 144 -16.01 0.92 8.15
C PHE F 144 -16.16 -0.26 7.22
N LYS F 145 -15.63 -1.41 7.62
CA LYS F 145 -15.81 -2.68 6.92
C LYS F 145 -16.76 -3.51 7.77
N SER F 146 -18.04 -3.55 7.40
CA SER F 146 -19.10 -4.20 8.21
C SER F 146 -19.65 -5.47 7.57
N TYR F 147 -19.74 -6.57 8.31
CA TYR F 147 -20.31 -7.84 7.81
C TYR F 147 -21.79 -7.58 7.47
N CYS F 148 -22.19 -7.87 6.23
CA CYS F 148 -23.57 -7.63 5.73
C CYS F 148 -24.05 -8.90 5.04
N GLU F 149 -25.05 -9.60 5.58
CA GLU F 149 -25.63 -10.81 4.93
C GLU F 149 -26.02 -10.46 3.50
N ILE F 150 -25.50 -11.17 2.50
CA ILE F 150 -25.76 -10.88 1.06
C ILE F 150 -26.74 -11.90 0.51
N ILE F 151 -27.95 -11.49 0.12
CA ILE F 151 -28.95 -12.36 -0.50
C ILE F 151 -28.73 -12.31 -2.00
N VAL F 152 -28.22 -13.40 -2.56
CA VAL F 152 -27.87 -13.47 -3.97
C VAL F 152 -28.99 -14.08 -4.82
N THR F 153 -30.21 -14.15 -4.28
CA THR F 153 -31.30 -14.84 -4.98
C THR F 153 -31.63 -14.18 -6.31
N HIS F 154 -31.68 -12.84 -6.32
CA HIS F 154 -32.08 -12.07 -7.50
C HIS F 154 -30.90 -11.42 -8.22
N PHE F 155 -29.69 -11.88 -7.96
CA PHE F 155 -28.50 -11.29 -8.57
C PHE F 155 -28.59 -11.43 -10.10
N PRO F 156 -28.26 -10.37 -10.87
CA PRO F 156 -27.74 -9.05 -10.51
C PRO F 156 -28.83 -8.02 -10.21
N PHE F 157 -30.09 -8.43 -10.08
CA PHE F 157 -31.20 -7.55 -9.75
C PHE F 157 -31.52 -7.57 -8.26
N ASP F 158 -30.50 -7.73 -7.42
CA ASP F 158 -30.69 -7.95 -6.00
C ASP F 158 -30.70 -6.62 -5.24
N GLU F 159 -31.35 -6.66 -4.08
CA GLU F 159 -31.44 -5.53 -3.17
C GLU F 159 -30.85 -5.94 -1.83
N GLN F 160 -29.89 -5.18 -1.30
CA GLN F 160 -29.20 -5.52 -0.03
C GLN F 160 -29.68 -4.61 1.10
N ASN F 161 -29.45 -4.99 2.37
CA ASN F 161 -29.81 -4.18 3.55
C ASN F 161 -28.61 -4.26 4.49
N CYS F 162 -27.69 -3.30 4.46
CA CYS F 162 -26.42 -3.35 5.24
C CYS F 162 -26.47 -2.43 6.45
N SER F 163 -26.39 -3.00 7.65
CA SER F 163 -26.43 -2.23 8.91
C SER F 163 -25.02 -1.88 9.38
N MET F 164 -24.88 -0.95 10.30
CA MET F 164 -23.58 -0.58 10.93
C MET F 164 -23.90 -0.37 12.40
N LYS F 165 -23.63 -1.35 13.26
CA LYS F 165 -24.01 -1.33 14.66
C LYS F 165 -22.87 -0.72 15.45
N LEU F 166 -23.16 0.41 16.11
CA LEU F 166 -22.16 1.18 16.84
C LEU F 166 -22.55 1.25 18.30
N GLY F 167 -21.57 1.05 19.18
CA GLY F 167 -21.85 1.13 20.59
C GLY F 167 -20.60 1.35 21.41
N THR F 168 -20.80 1.85 22.61
CA THR F 168 -19.70 1.97 23.56
C THR F 168 -19.29 0.59 24.03
N TRP F 169 -18.05 0.20 23.72
CA TRP F 169 -17.62 -1.17 23.95
C TRP F 169 -17.58 -1.50 25.44
N THR F 170 -16.98 -0.63 26.25
CA THR F 170 -16.70 -0.92 27.64
C THR F 170 -17.59 -0.15 28.62
N TYR F 171 -18.50 0.70 28.14
CA TYR F 171 -19.40 1.47 28.98
C TYR F 171 -20.83 1.03 28.71
N ASP F 172 -21.58 0.74 29.77
CA ASP F 172 -22.99 0.41 29.64
C ASP F 172 -23.83 1.68 29.75
N GLY F 173 -25.14 1.51 29.51
CA GLY F 173 -26.05 2.64 29.44
C GLY F 173 -26.24 3.39 30.73
N SER F 174 -25.79 2.82 31.86
CA SER F 174 -25.89 3.50 33.15
C SER F 174 -24.77 4.51 33.38
N VAL F 175 -23.71 4.50 32.58
CA VAL F 175 -22.58 5.41 32.72
C VAL F 175 -22.39 6.30 31.50
N VAL F 176 -22.57 5.76 30.31
CA VAL F 176 -22.52 6.52 29.06
C VAL F 176 -23.79 6.22 28.27
N ALA F 177 -24.54 7.26 27.93
CA ALA F 177 -25.75 7.14 27.13
C ALA F 177 -25.50 7.73 25.75
N ILE F 178 -25.90 6.98 24.72
CA ILE F 178 -25.73 7.39 23.32
C ILE F 178 -27.11 7.53 22.69
N ASN F 179 -27.29 8.59 21.90
CA ASN F 179 -28.52 8.84 21.17
C ASN F 179 -28.17 9.27 19.76
N PRO F 180 -29.01 8.97 18.76
CA PRO F 180 -28.72 9.43 17.40
C PRO F 180 -28.90 10.92 17.26
N GLU F 181 -28.07 11.52 16.41
CA GLU F 181 -28.23 12.93 16.07
C GLU F 181 -29.47 13.15 15.20
N SER F 182 -29.79 12.19 14.33
CA SER F 182 -30.88 12.35 13.38
C SER F 182 -31.48 10.98 13.11
N ASP F 183 -32.72 11.00 12.59
CA ASP F 183 -33.39 9.76 12.25
C ASP F 183 -32.72 9.01 11.11
N GLN F 184 -31.97 9.70 10.26
CA GLN F 184 -31.34 9.14 9.08
C GLN F 184 -29.86 9.50 9.07
N PRO F 185 -29.03 8.71 8.39
CA PRO F 185 -27.63 9.14 8.20
C PRO F 185 -27.54 10.36 7.31
N ASP F 186 -26.47 11.11 7.48
CA ASP F 186 -26.22 12.32 6.70
C ASP F 186 -25.57 11.93 5.37
N LEU F 187 -26.31 12.12 4.28
CA LEU F 187 -25.84 11.78 2.94
C LEU F 187 -25.62 13.01 2.06
N SER F 188 -25.46 14.19 2.69
CA SER F 188 -25.29 15.41 1.92
C SER F 188 -24.00 15.40 1.11
N ASN F 189 -22.91 14.89 1.71
CA ASN F 189 -21.61 14.81 1.06
C ASN F 189 -21.34 13.43 0.46
N PHE F 190 -22.40 12.71 0.09
CA PHE F 190 -22.25 11.35 -0.42
C PHE F 190 -21.82 11.39 -1.88
N MET F 191 -20.70 10.74 -2.20
CA MET F 191 -20.27 10.64 -3.59
C MET F 191 -21.14 9.64 -4.34
N GLU F 192 -21.40 9.93 -5.61
CA GLU F 192 -22.19 9.04 -6.43
C GLU F 192 -21.46 7.71 -6.61
N SER F 193 -22.21 6.62 -6.50
CA SER F 193 -21.68 5.26 -6.65
C SER F 193 -22.02 4.75 -8.04
N GLY F 194 -21.04 4.13 -8.69
CA GLY F 194 -21.22 3.56 -10.01
C GLY F 194 -21.77 2.16 -10.04
N GLU F 195 -22.14 1.60 -8.88
CA GLU F 195 -22.62 0.22 -8.79
C GLU F 195 -23.88 0.06 -7.97
N TRP F 196 -24.20 1.00 -7.08
CA TRP F 196 -25.32 0.85 -6.16
C TRP F 196 -26.08 2.16 -6.07
N VAL F 197 -27.36 2.06 -5.75
CA VAL F 197 -28.24 3.20 -5.50
C VAL F 197 -28.83 3.00 -4.12
N ILE F 198 -28.54 3.91 -3.20
CA ILE F 198 -29.06 3.81 -1.83
C ILE F 198 -30.52 4.29 -1.88
N LYS F 199 -31.46 3.33 -1.87
CA LYS F 199 -32.86 3.73 -1.81
C LYS F 199 -33.24 4.25 -0.44
N GLU F 200 -32.73 3.65 0.63
CA GLU F 200 -33.20 4.04 1.96
C GLU F 200 -32.06 3.96 2.95
N SER F 201 -32.14 4.79 3.98
CA SER F 201 -31.15 4.79 5.06
C SER F 201 -31.83 5.30 6.32
N ARG F 202 -31.51 4.68 7.45
CA ARG F 202 -32.22 5.01 8.68
C ARG F 202 -31.40 4.51 9.87
N GLY F 203 -31.45 5.29 10.95
CA GLY F 203 -30.75 4.97 12.19
C GLY F 203 -31.70 4.73 13.35
N TRP F 204 -31.49 3.63 14.07
CA TRP F 204 -32.36 3.25 15.19
C TRP F 204 -31.51 3.00 16.43
N LYS F 205 -32.02 3.45 17.57
CA LYS F 205 -31.38 3.21 18.86
C LYS F 205 -32.03 2.02 19.55
N HIS F 206 -31.21 1.12 20.07
CA HIS F 206 -31.65 -0.10 20.75
C HIS F 206 -31.05 -0.16 22.13
N SER F 207 -31.85 -0.59 23.10
CA SER F 207 -31.42 -0.83 24.47
C SER F 207 -31.79 -2.26 24.85
N VAL F 208 -30.83 -2.99 25.40
CA VAL F 208 -30.99 -4.40 25.76
C VAL F 208 -30.55 -4.55 27.20
N THR F 209 -31.45 -5.06 28.04
CA THR F 209 -31.15 -5.38 29.43
C THR F 209 -31.32 -6.88 29.65
N TYR F 210 -30.33 -7.49 30.28
CA TYR F 210 -30.31 -8.91 30.57
C TYR F 210 -30.81 -9.17 31.99
N SER F 211 -31.42 -10.34 32.18
CA SER F 211 -31.96 -10.69 33.49
C SER F 211 -30.85 -10.80 34.53
N CYS F 212 -29.67 -11.28 34.14
CA CYS F 212 -28.57 -11.42 35.09
C CYS F 212 -28.13 -10.07 35.63
N CYS F 213 -28.10 -9.05 34.78
CA CYS F 213 -27.63 -7.70 35.13
C CYS F 213 -28.72 -6.70 34.74
N PRO F 214 -29.77 -6.57 35.54
CA PRO F 214 -30.87 -5.67 35.17
C PRO F 214 -30.59 -4.19 35.38
N ASP F 215 -29.44 -3.84 35.96
CA ASP F 215 -29.10 -2.44 36.24
C ASP F 215 -28.00 -1.90 35.32
N THR F 216 -27.66 -2.61 34.25
CA THR F 216 -26.65 -2.18 33.28
C THR F 216 -27.21 -2.37 31.88
N PRO F 217 -28.11 -1.49 31.44
CA PRO F 217 -28.59 -1.60 30.06
C PRO F 217 -27.46 -1.36 29.06
N TYR F 218 -27.55 -2.04 27.93
CA TYR F 218 -26.55 -1.95 26.87
C TYR F 218 -27.20 -1.30 25.67
N LEU F 219 -26.60 -0.19 25.21
CA LEU F 219 -27.16 0.64 24.16
C LEU F 219 -26.35 0.50 22.88
N ASP F 220 -27.04 0.65 21.76
CA ASP F 220 -26.38 0.70 20.47
C ASP F 220 -27.22 1.55 19.53
N ILE F 221 -26.57 2.05 18.48
CA ILE F 221 -27.25 2.71 17.37
C ILE F 221 -26.87 1.95 16.11
N THR F 222 -27.89 1.48 15.39
CA THR F 222 -27.71 0.73 14.15
C THR F 222 -28.18 1.60 13.00
N TYR F 223 -27.27 1.89 12.07
CA TYR F 223 -27.57 2.63 10.85
C TYR F 223 -27.65 1.64 9.70
N HIS F 224 -28.84 1.44 9.16
CA HIS F 224 -29.08 0.49 8.08
C HIS F 224 -29.27 1.22 6.78
N PHE F 225 -28.73 0.64 5.69
CA PHE F 225 -28.84 1.16 4.34
C PHE F 225 -29.43 0.09 3.44
N VAL F 226 -30.42 0.49 2.64
CA VAL F 226 -31.04 -0.35 1.64
C VAL F 226 -30.59 0.15 0.28
N MET F 227 -29.89 -0.72 -0.46
CA MET F 227 -29.15 -0.41 -1.67
C MET F 227 -29.59 -1.36 -2.79
N GLN F 228 -29.84 -0.79 -3.97
CA GLN F 228 -30.21 -1.55 -5.16
C GLN F 228 -29.04 -1.59 -6.13
N ARG F 229 -28.67 -2.79 -6.58
CA ARG F 229 -27.58 -2.91 -7.53
C ARG F 229 -28.00 -2.34 -8.88
N LEU F 230 -27.06 -1.68 -9.55
CA LEU F 230 -27.24 -1.27 -10.93
C LEU F 230 -26.80 -2.42 -11.81
N PRO F 231 -27.70 -3.09 -12.55
CA PRO F 231 -27.33 -4.35 -13.21
C PRO F 231 -26.81 -4.23 -14.63
N LEU F 232 -26.53 -3.03 -15.13
CA LEU F 232 -26.16 -2.87 -16.54
C LEU F 232 -24.86 -3.59 -16.86
N TYR F 233 -23.90 -3.59 -15.94
CA TYR F 233 -22.63 -4.26 -16.15
C TYR F 233 -22.82 -5.75 -16.42
N PHE F 234 -23.59 -6.42 -15.55
CA PHE F 234 -23.82 -7.84 -15.70
C PHE F 234 -24.76 -8.12 -16.86
N ILE F 235 -25.69 -7.22 -17.16
CA ILE F 235 -26.57 -7.41 -18.32
C ILE F 235 -25.75 -7.42 -19.60
N VAL F 236 -24.83 -6.46 -19.74
CA VAL F 236 -24.04 -6.37 -20.96
C VAL F 236 -23.04 -7.52 -21.04
N ASN F 237 -22.33 -7.80 -19.94
CA ASN F 237 -21.19 -8.69 -20.00
C ASN F 237 -21.54 -10.16 -19.83
N VAL F 238 -22.64 -10.47 -19.14
CA VAL F 238 -22.99 -11.85 -18.79
C VAL F 238 -24.26 -12.30 -19.50
N ILE F 239 -25.36 -11.56 -19.36
CA ILE F 239 -26.66 -12.07 -19.78
C ILE F 239 -26.75 -12.15 -21.29
N ILE F 240 -26.27 -11.14 -22.01
CA ILE F 240 -26.44 -11.08 -23.47
C ILE F 240 -25.68 -12.19 -24.17
N PRO F 241 -24.42 -12.50 -23.83
CA PRO F 241 -23.78 -13.67 -24.45
C PRO F 241 -24.52 -14.98 -24.26
N CYS F 242 -25.00 -15.24 -23.04
CA CYS F 242 -25.76 -16.46 -22.80
C CYS F 242 -27.07 -16.44 -23.60
N LEU F 243 -27.67 -15.26 -23.73
CA LEU F 243 -28.86 -15.13 -24.55
C LEU F 243 -28.57 -15.46 -26.01
N LEU F 244 -27.43 -15.00 -26.52
CA LEU F 244 -27.06 -15.32 -27.90
C LEU F 244 -26.84 -16.82 -28.08
N PHE F 245 -26.06 -17.43 -27.18
CA PHE F 245 -25.75 -18.87 -27.22
C PHE F 245 -27.07 -19.65 -27.19
N SER F 246 -27.95 -19.34 -26.24
CA SER F 246 -29.26 -20.01 -26.08
C SER F 246 -30.07 -19.88 -27.37
N PHE F 247 -30.08 -18.70 -28.00
CA PHE F 247 -30.84 -18.45 -29.24
C PHE F 247 -30.26 -19.30 -30.35
N LEU F 248 -28.93 -19.29 -30.45
CA LEU F 248 -28.25 -20.01 -31.55
C LEU F 248 -28.43 -21.50 -31.34
N THR F 249 -28.87 -21.94 -30.16
CA THR F 249 -28.86 -23.39 -29.96
C THR F 249 -30.01 -24.08 -30.69
N GLY F 250 -31.13 -23.38 -30.91
CA GLY F 250 -32.26 -23.99 -31.58
C GLY F 250 -32.12 -24.12 -33.08
N LEU F 251 -31.21 -23.37 -33.70
CA LEU F 251 -31.13 -23.29 -35.15
C LEU F 251 -30.22 -24.33 -35.77
N VAL F 252 -29.64 -25.24 -34.99
CA VAL F 252 -28.97 -26.39 -35.60
C VAL F 252 -29.99 -27.35 -36.19
N PHE F 253 -31.24 -27.31 -35.72
CA PHE F 253 -32.27 -28.21 -36.22
C PHE F 253 -32.86 -27.78 -37.55
N TYR F 254 -32.54 -26.57 -38.02
CA TYR F 254 -32.81 -26.18 -39.40
C TYR F 254 -31.67 -26.52 -40.35
N LEU F 255 -30.52 -26.95 -39.83
CA LEU F 255 -29.42 -27.34 -40.70
C LEU F 255 -29.72 -28.71 -41.33
N PRO F 256 -29.46 -28.91 -42.62
CA PRO F 256 -29.58 -30.27 -43.16
C PRO F 256 -28.53 -31.20 -42.58
N THR F 257 -28.89 -32.48 -42.52
CA THR F 257 -27.92 -33.49 -42.07
C THR F 257 -26.84 -33.73 -43.12
N ASP F 258 -27.18 -33.65 -44.40
CA ASP F 258 -26.23 -33.98 -45.45
C ASP F 258 -25.09 -32.96 -45.55
N SER F 259 -25.24 -31.78 -44.94
CA SER F 259 -24.17 -30.80 -44.97
C SER F 259 -22.98 -31.21 -44.10
N GLY F 260 -23.18 -32.10 -43.14
CA GLY F 260 -22.09 -32.51 -42.27
C GLY F 260 -21.55 -31.40 -41.41
N GLU F 261 -22.44 -30.57 -40.84
CA GLU F 261 -22.01 -29.44 -40.02
C GLU F 261 -22.89 -29.23 -38.79
N LYS F 262 -23.84 -30.12 -38.50
CA LYS F 262 -24.68 -29.96 -37.32
C LYS F 262 -23.86 -30.08 -36.04
N MET F 263 -23.08 -31.16 -35.93
CA MET F 263 -22.29 -31.37 -34.72
C MET F 263 -21.23 -30.29 -34.58
N THR F 264 -20.66 -29.83 -35.69
CA THR F 264 -19.70 -28.73 -35.63
C THR F 264 -20.33 -27.50 -34.98
N LEU F 265 -21.52 -27.12 -35.44
CA LEU F 265 -22.18 -25.93 -34.91
C LEU F 265 -22.51 -26.10 -33.43
N SER F 266 -23.17 -27.20 -33.07
CA SER F 266 -23.60 -27.36 -31.69
C SER F 266 -22.41 -27.50 -30.74
N ILE F 267 -21.39 -28.26 -31.15
CA ILE F 267 -20.23 -28.45 -30.30
C ILE F 267 -19.47 -27.14 -30.14
N SER F 268 -19.43 -26.32 -31.18
CA SER F 268 -18.79 -25.01 -31.05
C SER F 268 -19.56 -24.10 -30.11
N VAL F 269 -20.90 -24.18 -30.14
CA VAL F 269 -21.68 -23.42 -29.16
C VAL F 269 -21.36 -23.89 -27.75
N LEU F 270 -21.24 -25.22 -27.56
CA LEU F 270 -20.89 -25.75 -26.24
C LEU F 270 -19.50 -25.28 -25.81
N LEU F 271 -18.54 -25.28 -26.73
CA LEU F 271 -17.20 -24.80 -26.40
C LEU F 271 -17.20 -23.33 -26.06
N SER F 272 -18.00 -22.54 -26.77
CA SER F 272 -18.13 -21.11 -26.44
C SER F 272 -18.68 -20.93 -25.03
N LEU F 273 -19.69 -21.72 -24.66
CA LEU F 273 -20.22 -21.65 -23.31
C LEU F 273 -19.17 -22.09 -22.28
N THR F 274 -18.37 -23.10 -22.62
CA THR F 274 -17.34 -23.55 -21.71
C THR F 274 -16.30 -22.47 -21.48
N VAL F 275 -15.90 -21.76 -22.54
CA VAL F 275 -14.98 -20.63 -22.38
C VAL F 275 -15.64 -19.51 -21.59
N PHE F 276 -16.92 -19.25 -21.86
CA PHE F 276 -17.69 -18.24 -21.13
C PHE F 276 -17.80 -18.55 -19.65
N LEU F 277 -17.63 -19.82 -19.26
CA LEU F 277 -17.67 -20.23 -17.83
C LEU F 277 -16.51 -19.56 -17.09
N LEU F 278 -15.41 -19.20 -17.76
CA LEU F 278 -14.35 -18.41 -17.13
C LEU F 278 -14.87 -17.04 -16.71
N VAL F 279 -15.57 -16.36 -17.61
CA VAL F 279 -16.14 -15.06 -17.30
C VAL F 279 -17.16 -15.20 -16.18
N ILE F 280 -17.98 -16.25 -16.24
CA ILE F 280 -19.01 -16.45 -15.24
C ILE F 280 -18.39 -16.58 -13.85
N VAL F 281 -17.41 -17.47 -13.71
CA VAL F 281 -16.89 -17.77 -12.38
C VAL F 281 -16.08 -16.58 -11.86
N GLU F 282 -15.35 -15.87 -12.73
CA GLU F 282 -14.61 -14.73 -12.22
C GLU F 282 -15.54 -13.59 -11.82
N LEU F 283 -16.71 -13.46 -12.47
CA LEU F 283 -17.64 -12.37 -12.18
C LEU F 283 -18.73 -12.75 -11.19
N ILE F 284 -19.28 -13.96 -11.27
CA ILE F 284 -20.42 -14.35 -10.44
C ILE F 284 -19.96 -14.45 -8.98
N PRO F 285 -20.81 -14.17 -8.00
CA PRO F 285 -20.36 -14.35 -6.60
C PRO F 285 -20.16 -15.83 -6.28
N SER F 286 -18.97 -16.16 -5.81
CA SER F 286 -18.63 -17.55 -5.47
C SER F 286 -19.06 -17.80 -4.02
N THR F 287 -20.37 -17.97 -3.85
CA THR F 287 -20.97 -18.25 -2.55
C THR F 287 -22.08 -19.27 -2.74
N SER F 288 -22.35 -20.03 -1.67
CA SER F 288 -23.31 -21.13 -1.69
C SER F 288 -24.54 -20.86 -0.81
N SER F 289 -24.79 -19.61 -0.45
CA SER F 289 -26.00 -19.29 0.31
C SER F 289 -27.25 -19.59 -0.50
N ALA F 290 -27.19 -19.39 -1.81
CA ALA F 290 -28.30 -19.72 -2.71
C ALA F 290 -27.74 -19.72 -4.13
N VAL F 291 -28.57 -20.14 -5.07
CA VAL F 291 -28.22 -20.16 -6.49
C VAL F 291 -28.57 -18.79 -7.06
N PRO F 292 -27.60 -18.03 -7.58
CA PRO F 292 -27.97 -16.77 -8.24
C PRO F 292 -28.84 -17.00 -9.47
N LEU F 293 -29.71 -16.03 -9.74
CA LEU F 293 -30.56 -16.08 -10.92
C LEU F 293 -29.73 -16.17 -12.19
N ILE F 294 -28.63 -15.43 -12.25
CA ILE F 294 -27.73 -15.51 -13.40
C ILE F 294 -27.09 -16.90 -13.48
N GLY F 295 -26.80 -17.51 -12.33
CA GLY F 295 -26.29 -18.88 -12.34
C GLY F 295 -27.33 -19.87 -12.79
N LYS F 296 -28.59 -19.67 -12.39
CA LYS F 296 -29.67 -20.51 -12.90
C LYS F 296 -29.76 -20.42 -14.41
N TYR F 297 -29.63 -19.21 -14.95
CA TYR F 297 -29.73 -19.06 -16.40
C TYR F 297 -28.55 -19.72 -17.11
N MET F 298 -27.36 -19.60 -16.54
CA MET F 298 -26.18 -20.29 -17.08
C MET F 298 -26.41 -21.80 -17.12
N LEU F 299 -26.91 -22.36 -16.02
CA LEU F 299 -27.13 -23.80 -15.96
C LEU F 299 -28.20 -24.22 -16.97
N PHE F 300 -29.26 -23.41 -17.10
CA PHE F 300 -30.30 -23.68 -18.10
C PHE F 300 -29.70 -23.76 -19.50
N THR F 301 -28.89 -22.76 -19.86
CA THR F 301 -28.32 -22.72 -21.21
C THR F 301 -27.39 -23.91 -21.44
N MET F 302 -26.58 -24.26 -20.44
CA MET F 302 -25.66 -25.39 -20.59
C MET F 302 -26.43 -26.69 -20.77
N VAL F 303 -27.43 -26.92 -19.90
CA VAL F 303 -28.20 -28.16 -19.95
C VAL F 303 -28.89 -28.28 -21.30
N PHE F 304 -29.41 -27.18 -21.84
CA PHE F 304 -30.18 -27.30 -23.07
C PHE F 304 -29.34 -27.31 -24.34
N VAL F 305 -28.14 -26.71 -24.34
CA VAL F 305 -27.24 -26.98 -25.46
C VAL F 305 -26.82 -28.45 -25.46
N ILE F 306 -26.61 -29.01 -24.27
CA ILE F 306 -26.30 -30.44 -24.18
C ILE F 306 -27.47 -31.28 -24.71
N ALA F 307 -28.69 -30.95 -24.30
CA ALA F 307 -29.85 -31.70 -24.78
C ALA F 307 -29.99 -31.57 -26.29
N SER F 308 -29.71 -30.39 -26.83
CA SER F 308 -29.74 -30.19 -28.26
C SER F 308 -28.72 -31.08 -28.96
N ILE F 309 -27.52 -31.21 -28.40
CA ILE F 309 -26.50 -32.04 -29.03
C ILE F 309 -26.92 -33.51 -28.99
N ILE F 310 -27.50 -33.95 -27.88
CA ILE F 310 -27.92 -35.34 -27.76
C ILE F 310 -28.99 -35.66 -28.80
N ILE F 311 -30.00 -34.78 -28.89
CA ILE F 311 -31.07 -35.03 -29.83
C ILE F 311 -30.56 -34.89 -31.26
N THR F 312 -29.56 -34.03 -31.49
CA THR F 312 -28.98 -33.90 -32.82
C THR F 312 -28.28 -35.19 -33.24
N VAL F 313 -27.59 -35.83 -32.29
CA VAL F 313 -26.98 -37.12 -32.58
C VAL F 313 -28.05 -38.14 -32.93
N ILE F 314 -29.17 -38.11 -32.21
CA ILE F 314 -30.26 -39.04 -32.51
C ILE F 314 -30.81 -38.77 -33.92
N VAL F 315 -30.97 -37.49 -34.28
CA VAL F 315 -31.50 -37.14 -35.59
C VAL F 315 -30.54 -37.57 -36.69
N ILE F 316 -29.24 -37.35 -36.50
CA ILE F 316 -28.26 -37.74 -37.50
C ILE F 316 -28.25 -39.26 -37.68
N ASN F 317 -28.35 -39.99 -36.57
CA ASN F 317 -28.41 -41.45 -36.67
C ASN F 317 -29.65 -41.91 -37.42
N THR F 318 -30.79 -41.29 -37.15
CA THR F 318 -32.02 -41.67 -37.85
C THR F 318 -31.92 -41.35 -39.34
N HIS F 319 -31.25 -40.24 -39.68
CA HIS F 319 -31.16 -39.82 -41.08
C HIS F 319 -30.39 -40.84 -41.92
N HIS F 320 -29.36 -41.45 -41.35
CA HIS F 320 -28.45 -42.32 -42.09
C HIS F 320 -28.92 -43.77 -42.16
N ARG F 321 -30.07 -44.09 -41.58
CA ARG F 321 -30.58 -45.46 -41.62
C ARG F 321 -30.93 -45.86 -43.04
N SER F 322 -30.71 -47.13 -43.35
CA SER F 322 -30.92 -47.69 -44.68
C SER F 322 -31.52 -49.08 -44.53
N PRO F 323 -32.12 -49.62 -45.60
CA PRO F 323 -32.65 -50.99 -45.52
C PRO F 323 -31.59 -52.03 -45.24
N SER F 324 -30.33 -51.76 -45.57
CA SER F 324 -29.25 -52.69 -45.30
C SER F 324 -28.90 -52.79 -43.83
N THR F 325 -29.48 -51.95 -42.96
CA THR F 325 -29.19 -51.94 -41.53
C THR F 325 -30.42 -52.05 -40.66
N HIS F 326 -31.50 -51.34 -40.99
CA HIS F 326 -32.73 -51.35 -40.22
C HIS F 326 -33.92 -51.58 -41.15
N VAL F 327 -35.07 -51.84 -40.52
CA VAL F 327 -36.36 -51.90 -41.19
C VAL F 327 -37.29 -50.96 -40.45
N MET F 328 -37.95 -50.07 -41.19
CA MET F 328 -38.78 -49.05 -40.54
C MET F 328 -39.97 -49.70 -39.86
N PRO F 329 -40.18 -49.53 -38.56
CA PRO F 329 -41.42 -50.01 -37.94
C PRO F 329 -42.62 -49.21 -38.41
N ASN F 330 -43.79 -49.83 -38.30
CA ASN F 330 -45.01 -49.19 -38.78
C ASN F 330 -45.41 -48.00 -37.92
N TRP F 331 -45.12 -48.04 -36.62
CA TRP F 331 -45.47 -46.90 -35.77
C TRP F 331 -44.67 -45.66 -36.14
N VAL F 332 -43.42 -45.83 -36.57
CA VAL F 332 -42.63 -44.69 -37.03
C VAL F 332 -43.30 -44.07 -38.26
N ARG F 333 -43.75 -44.90 -39.20
CA ARG F 333 -44.45 -44.42 -40.37
C ARG F 333 -45.71 -43.65 -39.97
N LYS F 334 -46.52 -44.25 -39.10
CA LYS F 334 -47.78 -43.64 -38.69
C LYS F 334 -47.54 -42.29 -38.00
N VAL F 335 -46.52 -42.22 -37.15
CA VAL F 335 -46.27 -40.99 -36.40
C VAL F 335 -45.72 -39.91 -37.31
N PHE F 336 -44.63 -40.19 -38.02
CA PHE F 336 -43.84 -39.14 -38.66
C PHE F 336 -44.16 -38.92 -40.13
N ILE F 337 -44.66 -39.92 -40.85
CA ILE F 337 -44.98 -39.78 -42.26
C ILE F 337 -46.46 -39.50 -42.47
N ASP F 338 -47.33 -40.08 -41.66
CA ASP F 338 -48.78 -40.00 -41.89
C ASP F 338 -49.42 -38.82 -41.16
N THR F 339 -49.30 -38.80 -39.83
CA THR F 339 -50.12 -37.87 -39.04
C THR F 339 -49.48 -36.49 -38.94
N ILE F 340 -48.22 -36.41 -38.48
CA ILE F 340 -47.63 -35.11 -38.18
C ILE F 340 -47.52 -34.22 -39.42
N PRO F 341 -47.04 -34.70 -40.57
CA PRO F 341 -46.94 -33.80 -41.74
C PRO F 341 -48.28 -33.23 -42.19
N ASN F 342 -49.39 -33.87 -41.87
CA ASN F 342 -50.70 -33.31 -42.19
C ASN F 342 -50.95 -32.01 -41.44
N ILE F 343 -50.35 -31.84 -40.26
CA ILE F 343 -50.54 -30.66 -39.43
C ILE F 343 -49.28 -29.79 -39.46
N MET F 344 -48.58 -29.83 -40.59
CA MET F 344 -47.35 -29.06 -40.82
C MET F 344 -47.53 -28.20 -42.08
N PHE F 345 -46.43 -27.61 -42.53
CA PHE F 345 -46.48 -26.77 -43.72
C PHE F 345 -46.91 -27.55 -44.95
N PHE F 346 -46.41 -28.79 -45.08
CA PHE F 346 -46.68 -29.69 -46.20
C PHE F 346 -46.05 -29.22 -47.51
N SER F 347 -45.16 -28.23 -47.46
CA SER F 347 -44.32 -27.95 -48.63
C SER F 347 -43.37 -29.09 -48.94
N THR F 348 -43.13 -29.98 -47.97
CA THR F 348 -42.30 -31.16 -48.15
C THR F 348 -43.19 -32.34 -48.52
N MET F 349 -43.01 -32.88 -49.73
CA MET F 349 -43.81 -34.00 -50.17
C MET F 349 -43.48 -35.25 -49.35
N LYS F 350 -44.49 -36.07 -49.12
CA LYS F 350 -44.35 -37.29 -48.33
C LYS F 350 -43.27 -38.20 -48.90
N LEU F 386 -27.40 -67.19 -84.08
CA LEU F 386 -26.48 -66.21 -83.51
C LEU F 386 -26.69 -66.08 -82.00
N ILE F 387 -27.95 -66.23 -81.57
CA ILE F 387 -28.27 -66.17 -80.15
C ILE F 387 -27.58 -67.30 -79.38
N LYS F 388 -27.30 -68.42 -80.05
CA LYS F 388 -26.59 -69.53 -79.43
C LYS F 388 -25.14 -69.19 -79.06
N HIS F 389 -24.59 -68.10 -79.58
CA HIS F 389 -23.21 -67.75 -79.27
C HIS F 389 -23.08 -67.45 -77.78
N PRO F 390 -22.05 -67.96 -77.09
CA PRO F 390 -21.98 -67.70 -75.64
C PRO F 390 -21.82 -66.23 -75.29
N GLU F 391 -21.12 -65.46 -76.11
CA GLU F 391 -20.93 -64.05 -75.80
C GLU F 391 -22.23 -63.27 -75.88
N VAL F 392 -23.06 -63.58 -76.87
CA VAL F 392 -24.35 -62.90 -77.00
C VAL F 392 -25.22 -63.23 -75.80
N LYS F 393 -25.28 -64.51 -75.40
CA LYS F 393 -26.07 -64.88 -74.23
C LYS F 393 -25.53 -64.20 -72.97
N SER F 394 -24.21 -64.11 -72.83
CA SER F 394 -23.63 -63.43 -71.68
C SER F 394 -24.02 -61.96 -71.65
N ALA F 395 -23.98 -61.29 -72.81
CA ALA F 395 -24.38 -59.88 -72.87
C ALA F 395 -25.85 -59.71 -72.55
N ILE F 396 -26.69 -60.64 -73.01
CA ILE F 396 -28.13 -60.56 -72.76
C ILE F 396 -28.41 -60.71 -71.27
N GLU F 397 -27.87 -61.77 -70.66
CA GLU F 397 -27.99 -61.95 -69.22
C GLU F 397 -27.41 -60.77 -68.46
N GLY F 398 -26.34 -60.17 -68.98
CA GLY F 398 -25.75 -59.03 -68.31
C GLY F 398 -26.66 -57.83 -68.32
N ILE F 399 -27.27 -57.53 -69.47
CA ILE F 399 -28.20 -56.40 -69.54
C ILE F 399 -29.36 -56.62 -68.57
N LYS F 400 -29.83 -57.87 -68.47
CA LYS F 400 -30.84 -58.20 -67.47
C LYS F 400 -30.32 -57.87 -66.07
N TYR F 401 -29.08 -58.25 -65.78
CA TYR F 401 -28.50 -58.02 -64.47
C TYR F 401 -28.40 -56.53 -64.13
N ILE F 402 -27.99 -55.71 -65.11
CA ILE F 402 -27.97 -54.27 -64.89
C ILE F 402 -29.37 -53.76 -64.55
N ALA F 403 -30.37 -54.21 -65.31
CA ALA F 403 -31.74 -53.75 -65.05
C ALA F 403 -32.17 -54.10 -63.62
N GLU F 404 -31.96 -55.36 -63.21
CA GLU F 404 -32.40 -55.77 -61.87
C GLU F 404 -31.63 -55.03 -60.77
N THR F 405 -30.32 -54.85 -60.92
CA THR F 405 -29.57 -54.24 -59.83
C THR F 405 -29.87 -52.74 -59.70
N MET F 406 -30.05 -52.03 -60.82
CA MET F 406 -30.51 -50.65 -60.69
C MET F 406 -31.91 -50.57 -60.11
N LYS F 407 -32.80 -51.51 -60.45
CA LYS F 407 -34.13 -51.51 -59.82
C LYS F 407 -34.02 -51.69 -58.30
N SER F 408 -33.18 -52.63 -57.86
CA SER F 408 -33.00 -52.84 -56.43
C SER F 408 -32.39 -51.61 -55.77
N ASP F 409 -31.43 -50.96 -56.44
CA ASP F 409 -30.84 -49.75 -55.89
C ASP F 409 -31.89 -48.64 -55.76
N GLN F 410 -32.79 -48.54 -56.74
CA GLN F 410 -33.88 -47.56 -56.63
C GLN F 410 -34.75 -47.84 -55.42
N GLU F 411 -35.09 -49.11 -55.18
CA GLU F 411 -35.92 -49.44 -54.02
C GLU F 411 -35.21 -49.09 -52.71
N SER F 412 -33.92 -49.43 -52.63
CA SER F 412 -33.15 -49.10 -51.42
C SER F 412 -33.06 -47.60 -51.23
N ASN F 413 -32.88 -46.84 -52.31
CA ASN F 413 -32.84 -45.39 -52.22
C ASN F 413 -34.17 -44.84 -51.73
N ASN F 414 -35.28 -45.44 -52.17
CA ASN F 414 -36.58 -45.00 -51.69
C ASN F 414 -36.73 -45.21 -50.18
N ALA F 415 -36.29 -46.37 -49.69
CA ALA F 415 -36.36 -46.61 -48.25
C ALA F 415 -35.48 -45.63 -47.47
N ALA F 416 -34.27 -45.38 -47.98
CA ALA F 416 -33.39 -44.42 -47.33
C ALA F 416 -34.01 -43.02 -47.34
N ALA F 417 -34.66 -42.65 -48.44
CA ALA F 417 -35.30 -41.34 -48.52
C ALA F 417 -36.44 -41.24 -47.51
N GLU F 418 -37.17 -42.33 -47.29
CA GLU F 418 -38.19 -42.32 -46.24
C GLU F 418 -37.57 -42.07 -44.87
N TRP F 419 -36.44 -42.72 -44.58
CA TRP F 419 -35.76 -42.46 -43.31
C TRP F 419 -35.35 -40.99 -43.20
N LYS F 420 -34.81 -40.43 -44.28
CA LYS F 420 -34.41 -39.03 -44.28
C LYS F 420 -35.59 -38.11 -44.04
N TYR F 421 -36.74 -38.43 -44.64
CA TYR F 421 -37.95 -37.64 -44.42
C TYR F 421 -38.36 -37.67 -42.95
N VAL F 422 -38.29 -38.84 -42.33
CA VAL F 422 -38.63 -38.94 -40.91
C VAL F 422 -37.70 -38.05 -40.09
N ALA F 423 -36.39 -38.10 -40.39
CA ALA F 423 -35.43 -37.29 -39.66
C ALA F 423 -35.71 -35.79 -39.86
N MET F 424 -36.09 -35.40 -41.07
CA MET F 424 -36.40 -33.99 -41.34
C MET F 424 -37.61 -33.54 -40.53
N VAL F 425 -38.63 -34.40 -40.42
CA VAL F 425 -39.81 -34.05 -39.63
C VAL F 425 -39.43 -33.86 -38.17
N MET F 426 -38.59 -34.75 -37.64
CA MET F 426 -38.09 -34.57 -36.27
C MET F 426 -37.34 -33.26 -36.12
N ASP F 427 -36.53 -32.91 -37.13
CA ASP F 427 -35.78 -31.66 -37.07
C ASP F 427 -36.70 -30.45 -36.98
N HIS F 428 -37.77 -30.43 -37.79
CA HIS F 428 -38.70 -29.32 -37.75
C HIS F 428 -39.39 -29.22 -36.39
N ILE F 429 -39.84 -30.36 -35.86
CA ILE F 429 -40.50 -30.37 -34.55
C ILE F 429 -39.55 -29.82 -33.49
N LEU F 430 -38.28 -30.24 -33.53
CA LEU F 430 -37.33 -29.81 -32.53
C LEU F 430 -36.98 -28.33 -32.68
N LEU F 431 -36.97 -27.82 -33.91
CA LEU F 431 -36.81 -26.39 -34.11
C LEU F 431 -37.88 -25.61 -33.35
N GLY F 432 -39.14 -25.98 -33.57
CA GLY F 432 -40.22 -25.31 -32.86
C GLY F 432 -40.11 -25.47 -31.36
N VAL F 433 -39.82 -26.68 -30.90
CA VAL F 433 -39.76 -26.97 -29.48
C VAL F 433 -38.65 -26.17 -28.82
N PHE F 434 -37.49 -26.06 -29.47
CA PHE F 434 -36.38 -25.35 -28.85
C PHE F 434 -36.58 -23.85 -28.86
N MET F 435 -37.25 -23.31 -29.89
CA MET F 435 -37.63 -21.89 -29.82
C MET F 435 -38.56 -21.63 -28.63
N LEU F 436 -39.60 -22.45 -28.50
CA LEU F 436 -40.54 -22.26 -27.38
C LEU F 436 -39.81 -22.41 -26.05
N VAL F 437 -38.92 -23.39 -25.95
CA VAL F 437 -38.20 -23.64 -24.71
C VAL F 437 -37.30 -22.47 -24.37
N CYS F 438 -36.58 -21.94 -25.36
CA CYS F 438 -35.70 -20.80 -25.10
C CYS F 438 -36.47 -19.61 -24.58
N ILE F 439 -37.57 -19.27 -25.26
CA ILE F 439 -38.36 -18.10 -24.84
C ILE F 439 -38.94 -18.33 -23.44
N ILE F 440 -39.50 -19.52 -23.21
CA ILE F 440 -40.14 -19.81 -21.93
C ILE F 440 -39.11 -19.80 -20.81
N GLY F 441 -37.92 -20.37 -21.04
CA GLY F 441 -36.91 -20.38 -20.01
C GLY F 441 -36.40 -19.00 -19.67
N THR F 442 -36.13 -18.18 -20.70
CA THR F 442 -35.67 -16.82 -20.45
C THR F 442 -36.69 -16.04 -19.63
N LEU F 443 -37.96 -16.15 -20.02
CA LEU F 443 -39.00 -15.46 -19.27
C LEU F 443 -39.11 -16.00 -17.84
N ALA F 444 -39.14 -17.33 -17.69
CA ALA F 444 -39.31 -17.93 -16.39
C ALA F 444 -38.18 -17.56 -15.44
N VAL F 445 -36.97 -17.33 -15.96
CA VAL F 445 -35.86 -16.93 -15.11
C VAL F 445 -35.95 -15.45 -14.76
N PHE F 446 -36.11 -14.58 -15.77
CA PHE F 446 -35.91 -13.14 -15.54
C PHE F 446 -37.19 -12.37 -15.21
N ALA F 447 -38.32 -12.75 -15.81
CA ALA F 447 -39.50 -11.90 -15.81
C ALA F 447 -40.05 -11.69 -14.41
N GLY F 448 -39.96 -12.69 -13.54
CA GLY F 448 -40.50 -12.52 -12.19
C GLY F 448 -39.88 -11.34 -11.46
N ARG F 449 -38.55 -11.31 -11.40
CA ARG F 449 -37.88 -10.19 -10.77
C ARG F 449 -38.01 -8.91 -11.58
N LEU F 450 -38.08 -9.01 -12.91
CA LEU F 450 -38.20 -7.80 -13.72
C LEU F 450 -39.52 -7.10 -13.45
N ILE F 451 -40.64 -7.83 -13.46
CA ILE F 451 -41.93 -7.22 -13.12
C ILE F 451 -41.99 -6.85 -11.64
N GLU F 452 -41.27 -7.57 -10.77
CA GLU F 452 -41.23 -7.15 -9.37
C GLU F 452 -40.58 -5.78 -9.22
N LEU F 453 -39.48 -5.54 -9.93
CA LEU F 453 -38.81 -4.24 -9.83
C LEU F 453 -39.58 -3.15 -10.56
N ASN F 454 -40.16 -3.47 -11.72
CA ASN F 454 -40.89 -2.47 -12.49
C ASN F 454 -42.15 -2.00 -11.79
N GLN F 455 -42.70 -2.78 -10.86
CA GLN F 455 -43.88 -2.41 -10.10
C GLN F 455 -43.54 -1.61 -8.84
N GLN F 456 -42.35 -1.03 -8.76
CA GLN F 456 -41.96 -0.22 -7.61
C GLN F 456 -42.85 1.02 -7.51
N SER G 24 4.82 -9.45 44.95
CA SER G 24 6.16 -9.47 44.31
C SER G 24 6.96 -8.24 44.71
N GLU G 25 6.90 -7.90 46.00
CA GLU G 25 7.66 -6.76 46.50
C GLU G 25 9.16 -7.02 46.40
N ALA G 26 9.58 -8.25 46.67
CA ALA G 26 10.99 -8.60 46.52
C ALA G 26 11.42 -8.49 45.07
N GLU G 27 10.57 -8.92 44.13
CA GLU G 27 10.89 -8.79 42.72
C GLU G 27 11.01 -7.32 42.32
N GLY G 28 10.11 -6.48 42.84
CA GLY G 28 10.21 -5.05 42.54
C GLY G 28 11.48 -4.43 43.07
N ARG G 29 11.86 -4.79 44.30
CA ARG G 29 13.10 -4.28 44.87
C ARG G 29 14.31 -4.74 44.04
N LEU G 30 14.31 -6.01 43.62
CA LEU G 30 15.40 -6.50 42.79
C LEU G 30 15.46 -5.76 41.47
N ARG G 31 14.30 -5.51 40.85
CA ARG G 31 14.28 -4.79 39.58
C ARG G 31 14.82 -3.37 39.74
N GLU G 32 14.40 -2.67 40.80
CA GLU G 32 14.89 -1.31 41.00
C GLU G 32 16.38 -1.31 41.31
N LYS G 33 16.87 -2.32 42.02
CA LYS G 33 18.30 -2.42 42.26
C LYS G 33 19.06 -2.66 40.95
N LEU G 34 18.55 -3.55 40.10
CA LEU G 34 19.27 -3.90 38.88
C LEU G 34 19.29 -2.74 37.89
N PHE G 35 18.16 -2.04 37.73
CA PHE G 35 18.01 -1.03 36.69
C PHE G 35 18.30 0.38 37.20
N SER G 36 19.18 0.51 38.20
CA SER G 36 19.67 1.80 38.65
C SER G 36 21.02 2.07 37.99
N GLY G 37 21.08 3.12 37.19
CA GLY G 37 22.28 3.40 36.42
C GLY G 37 22.49 2.49 35.23
N TYR G 38 21.47 1.72 34.84
CA TYR G 38 21.57 0.80 33.71
C TYR G 38 21.15 1.51 32.43
N ASP G 39 22.00 1.41 31.40
CA ASP G 39 21.75 1.99 30.08
C ASP G 39 21.54 0.85 29.10
N SER G 40 20.30 0.73 28.58
CA SER G 40 19.98 -0.35 27.66
C SER G 40 20.63 -0.18 26.30
N SER G 41 21.10 1.02 25.96
CA SER G 41 21.76 1.26 24.70
C SER G 41 23.26 0.96 24.74
N VAL G 42 23.81 0.66 25.92
CA VAL G 42 25.25 0.43 26.09
C VAL G 42 25.50 -1.07 26.07
N ARG G 43 26.38 -1.51 25.17
CA ARG G 43 26.73 -2.91 25.08
C ARG G 43 27.44 -3.36 26.36
N PRO G 44 27.11 -4.53 26.93
CA PRO G 44 27.79 -4.94 28.16
C PRO G 44 29.23 -5.37 27.93
N ALA G 45 30.17 -4.52 28.33
CA ALA G 45 31.59 -4.83 28.30
C ALA G 45 32.22 -4.25 29.55
N ARG G 46 32.65 -5.13 30.46
CA ARG G 46 33.24 -4.66 31.72
C ARG G 46 34.54 -3.90 31.46
N GLU G 47 35.33 -4.36 30.50
CA GLU G 47 36.57 -3.70 30.10
C GLU G 47 36.54 -3.46 28.61
N VAL G 48 37.25 -2.43 28.17
CA VAL G 48 37.33 -2.11 26.75
C VAL G 48 38.07 -3.23 26.05
N GLY G 49 37.48 -3.76 24.98
CA GLY G 49 37.99 -4.91 24.28
C GLY G 49 37.27 -6.21 24.58
N ASP G 50 36.39 -6.22 25.57
CA ASP G 50 35.62 -7.43 25.88
C ASP G 50 34.55 -7.64 24.83
N ARG G 51 34.50 -8.85 24.29
CA ARG G 51 33.50 -9.24 23.31
C ARG G 51 32.30 -9.84 24.01
N VAL G 52 31.12 -9.60 23.45
CA VAL G 52 29.87 -10.20 23.92
C VAL G 52 29.58 -11.40 23.03
N ARG G 53 29.57 -12.59 23.63
CA ARG G 53 29.30 -13.81 22.89
C ARG G 53 27.79 -14.06 22.85
N VAL G 54 27.27 -14.25 21.65
CA VAL G 54 25.84 -14.46 21.42
C VAL G 54 25.67 -15.80 20.73
N SER G 55 24.97 -16.73 21.39
CA SER G 55 24.59 -17.98 20.78
C SER G 55 23.27 -17.80 20.05
N VAL G 56 23.23 -18.21 18.79
CA VAL G 56 22.09 -18.00 17.90
C VAL G 56 21.56 -19.36 17.47
N GLY G 57 20.26 -19.58 17.67
CA GLY G 57 19.59 -20.76 17.17
C GLY G 57 18.24 -20.38 16.59
N LEU G 58 17.65 -21.33 15.86
CA LEU G 58 16.40 -21.10 15.15
C LEU G 58 15.48 -22.30 15.34
N ILE G 59 14.21 -22.02 15.62
CA ILE G 59 13.16 -23.02 15.70
C ILE G 59 12.15 -22.70 14.61
N LEU G 60 11.88 -23.67 13.74
CA LEU G 60 10.98 -23.47 12.61
C LEU G 60 9.57 -23.89 13.04
N ALA G 61 8.70 -22.90 13.29
CA ALA G 61 7.32 -23.20 13.64
C ALA G 61 6.49 -23.55 12.42
N GLN G 62 6.83 -23.00 11.26
CA GLN G 62 6.09 -23.26 10.03
C GLN G 62 6.90 -22.78 8.84
N LEU G 63 6.96 -23.61 7.81
CA LEU G 63 7.42 -23.20 6.48
C LEU G 63 6.20 -22.74 5.70
N ILE G 64 5.94 -21.44 5.73
CA ILE G 64 4.69 -20.92 5.19
C ILE G 64 4.64 -21.15 3.68
N SER G 65 5.68 -20.75 2.95
CA SER G 65 5.66 -20.92 1.50
C SER G 65 7.04 -20.62 0.93
N LEU G 66 7.20 -20.95 -0.35
CA LEU G 66 8.33 -20.50 -1.15
C LEU G 66 7.78 -19.99 -2.48
N ASN G 67 7.60 -18.68 -2.57
CA ASN G 67 7.07 -18.06 -3.78
C ASN G 67 8.16 -17.98 -4.84
N GLU G 68 7.95 -18.69 -5.95
CA GLU G 68 8.91 -18.69 -7.04
C GLU G 68 8.80 -17.41 -7.88
N LYS G 69 7.61 -16.84 -7.99
CA LYS G 69 7.46 -15.59 -8.73
C LYS G 69 8.25 -14.48 -8.06
N ASP G 70 8.08 -14.31 -6.76
CA ASP G 70 8.83 -13.33 -5.99
C ASP G 70 10.17 -13.85 -5.50
N GLU G 71 10.45 -15.15 -5.64
CA GLU G 71 11.71 -15.75 -5.23
C GLU G 71 11.99 -15.49 -3.76
N GLU G 72 10.98 -15.72 -2.92
CA GLU G 72 11.08 -15.47 -1.49
C GLU G 72 10.51 -16.63 -0.70
N MET G 73 11.22 -17.02 0.36
CA MET G 73 10.77 -18.04 1.29
C MET G 73 10.15 -17.36 2.50
N SER G 74 8.88 -17.67 2.76
CA SER G 74 8.15 -17.15 3.92
C SER G 74 8.12 -18.24 4.98
N THR G 75 8.65 -17.91 6.16
CA THR G 75 8.74 -18.84 7.28
C THR G 75 8.28 -18.14 8.56
N LYS G 76 7.73 -18.94 9.48
CA LYS G 76 7.45 -18.53 10.83
C LYS G 76 8.42 -19.27 11.75
N VAL G 77 9.14 -18.51 12.58
CA VAL G 77 10.21 -19.06 13.39
C VAL G 77 10.18 -18.43 14.79
N TYR G 78 10.92 -19.05 15.69
CA TYR G 78 11.32 -18.46 16.95
C TYR G 78 12.85 -18.40 16.95
N LEU G 79 13.39 -17.21 17.17
CA LEU G 79 14.82 -17.10 17.38
C LEU G 79 15.16 -17.68 18.76
N ASP G 80 16.44 -17.91 18.99
CA ASP G 80 16.91 -18.34 20.31
C ASP G 80 18.27 -17.70 20.52
N LEU G 81 18.29 -16.58 21.23
CA LEU G 81 19.48 -15.77 21.43
C LEU G 81 19.89 -15.84 22.89
N GLU G 82 21.15 -16.20 23.14
CA GLU G 82 21.68 -16.33 24.49
C GLU G 82 22.94 -15.50 24.62
N TRP G 83 23.00 -14.66 25.66
CA TRP G 83 24.19 -13.86 25.91
C TRP G 83 24.25 -13.50 27.39
N THR G 84 25.45 -13.18 27.87
CA THR G 84 25.66 -12.81 29.26
C THR G 84 25.73 -11.29 29.39
N ASP G 85 24.93 -10.75 30.31
CA ASP G 85 24.93 -9.33 30.65
C ASP G 85 25.35 -9.23 32.11
N TYR G 86 26.62 -8.86 32.35
CA TYR G 86 27.16 -8.88 33.71
C TYR G 86 26.47 -7.87 34.62
N ARG G 87 25.86 -6.82 34.05
CA ARG G 87 25.20 -5.82 34.88
C ARG G 87 23.92 -6.35 35.54
N LEU G 88 23.32 -7.40 34.98
CA LEU G 88 22.06 -7.96 35.48
C LEU G 88 22.28 -9.22 36.31
N SER G 89 23.37 -9.25 37.07
CA SER G 89 23.66 -10.35 37.99
C SER G 89 23.35 -9.94 39.42
N TRP G 90 22.94 -10.91 40.23
CA TRP G 90 22.59 -10.67 41.62
C TRP G 90 22.77 -11.95 42.41
N ASP G 91 22.72 -11.81 43.74
CA ASP G 91 22.79 -12.95 44.65
C ASP G 91 21.37 -13.38 45.01
N PRO G 92 20.91 -14.59 44.66
CA PRO G 92 19.54 -14.98 45.02
C PRO G 92 19.28 -15.00 46.52
N ALA G 93 20.31 -15.30 47.33
CA ALA G 93 20.12 -15.34 48.78
C ALA G 93 19.75 -13.98 49.34
N GLU G 94 20.20 -12.90 48.70
CA GLU G 94 19.92 -11.55 49.14
C GLU G 94 18.61 -10.99 48.61
N HIS G 95 17.86 -11.77 47.82
CA HIS G 95 16.63 -11.29 47.19
C HIS G 95 15.55 -12.35 47.28
N ASP G 96 15.40 -12.95 48.47
CA ASP G 96 14.34 -13.92 48.75
C ASP G 96 14.42 -15.13 47.83
N GLY G 97 15.64 -15.52 47.44
CA GLY G 97 15.81 -16.71 46.63
C GLY G 97 15.36 -16.57 45.20
N ILE G 98 15.19 -15.34 44.70
CA ILE G 98 14.81 -15.13 43.31
C ILE G 98 16.04 -15.43 42.45
N ASP G 99 15.97 -16.50 41.66
CA ASP G 99 17.06 -16.91 40.80
C ASP G 99 16.83 -16.59 39.33
N SER G 100 15.67 -16.03 38.98
CA SER G 100 15.38 -15.71 37.59
C SER G 100 14.31 -14.63 37.53
N LEU G 101 14.35 -13.86 36.44
CA LEU G 101 13.39 -12.78 36.20
C LEU G 101 12.95 -12.84 34.74
N ARG G 102 11.75 -12.33 34.49
CA ARG G 102 11.21 -12.17 33.14
C ARG G 102 10.98 -10.69 32.91
N ILE G 103 11.75 -10.09 32.01
CA ILE G 103 11.81 -8.65 31.84
C ILE G 103 11.51 -8.31 30.38
N THR G 104 10.78 -7.23 30.17
CA THR G 104 10.51 -6.77 28.81
C THR G 104 11.81 -6.49 28.06
N ALA G 105 11.88 -6.95 26.81
CA ALA G 105 13.14 -6.95 26.08
C ALA G 105 13.66 -5.54 25.86
N GLU G 106 12.78 -4.56 25.71
CA GLU G 106 13.23 -3.19 25.50
C GLU G 106 13.91 -2.59 26.73
N SER G 107 13.72 -3.19 27.91
CA SER G 107 14.35 -2.66 29.11
C SER G 107 15.83 -3.00 29.21
N VAL G 108 16.29 -4.05 28.51
CA VAL G 108 17.67 -4.51 28.59
C VAL G 108 18.35 -4.25 27.26
N TRP G 109 19.68 -4.32 27.28
CA TRP G 109 20.44 -4.32 26.05
C TRP G 109 20.16 -5.60 25.26
N LEU G 110 20.02 -5.45 23.95
CA LEU G 110 19.85 -6.56 23.04
C LEU G 110 20.92 -6.49 21.96
N PRO G 111 21.44 -7.61 21.47
CA PRO G 111 22.25 -7.55 20.25
C PRO G 111 21.35 -7.25 19.06
N ASP G 112 21.89 -6.52 18.09
CA ASP G 112 21.08 -6.09 16.96
C ASP G 112 21.04 -7.17 15.88
N VAL G 113 20.72 -8.40 16.27
CA VAL G 113 20.69 -9.52 15.33
C VAL G 113 19.47 -9.38 14.43
N VAL G 114 19.70 -9.38 13.12
CA VAL G 114 18.67 -9.21 12.12
C VAL G 114 18.90 -10.20 11.00
N LEU G 115 17.83 -10.42 10.22
CA LEU G 115 17.90 -11.22 9.00
C LEU G 115 18.43 -10.34 7.88
N LEU G 116 19.70 -10.53 7.51
CA LEU G 116 20.32 -9.66 6.52
C LEU G 116 19.71 -9.85 5.14
N ASN G 117 19.39 -11.10 4.78
CA ASN G 117 18.91 -11.42 3.43
C ASN G 117 17.39 -11.38 3.33
N ASN G 118 16.72 -10.55 4.14
CA ASN G 118 15.28 -10.40 4.02
C ASN G 118 14.93 -9.78 2.67
N ASN G 119 13.74 -10.13 2.18
CA ASN G 119 13.30 -9.72 0.85
C ASN G 119 12.40 -8.49 0.86
N ASP G 120 11.57 -8.33 1.88
CA ASP G 120 10.59 -7.26 1.93
C ASP G 120 11.06 -6.03 2.70
N GLY G 121 12.31 -6.01 3.16
CA GLY G 121 12.83 -4.89 3.90
C GLY G 121 12.60 -4.95 5.40
N ASN G 122 11.92 -5.98 5.90
CA ASN G 122 11.72 -6.16 7.34
C ASN G 122 12.88 -6.93 7.93
N PHE G 123 13.64 -6.29 8.81
CA PHE G 123 14.86 -6.86 9.38
C PHE G 123 14.64 -7.53 10.73
N ASP G 124 13.70 -7.04 11.53
CA ASP G 124 13.64 -7.36 12.94
C ASP G 124 12.57 -8.40 13.24
N VAL G 125 12.33 -8.65 14.53
CA VAL G 125 11.42 -9.71 14.96
C VAL G 125 9.98 -9.22 14.95
N ALA G 126 9.06 -10.18 14.99
CA ALA G 126 7.63 -9.86 14.95
C ALA G 126 7.10 -9.35 16.28
N LEU G 127 7.68 -9.81 17.39
CA LEU G 127 7.20 -9.43 18.72
C LEU G 127 8.39 -9.46 19.67
N ASP G 128 8.52 -8.40 20.47
CA ASP G 128 9.70 -8.29 21.35
C ASP G 128 9.61 -9.26 22.52
N ILE G 129 8.37 -9.48 23.02
CA ILE G 129 8.09 -10.39 24.17
C ILE G 129 9.04 -10.01 25.32
N SER G 130 9.54 -10.98 26.10
CA SER G 130 10.39 -10.75 27.24
C SER G 130 11.60 -11.68 27.21
N VAL G 131 12.68 -11.20 27.80
CA VAL G 131 13.87 -11.99 28.05
C VAL G 131 13.76 -12.64 29.42
N VAL G 132 14.43 -13.77 29.58
CA VAL G 132 14.58 -14.44 30.86
C VAL G 132 16.03 -14.22 31.32
N VAL G 133 16.18 -13.56 32.47
CA VAL G 133 17.50 -13.23 33.03
C VAL G 133 17.73 -14.11 34.24
N SER G 134 18.82 -14.85 34.24
CA SER G 134 19.22 -15.67 35.37
C SER G 134 20.08 -14.85 36.33
N SER G 135 20.28 -15.39 37.53
CA SER G 135 21.03 -14.68 38.56
C SER G 135 22.49 -14.47 38.18
N ASP G 136 23.04 -15.29 37.29
CA ASP G 136 24.43 -15.18 36.88
C ASP G 136 24.64 -14.18 35.74
N GLY G 137 23.59 -13.44 35.34
CA GLY G 137 23.67 -12.51 34.25
C GLY G 137 23.33 -13.08 32.90
N SER G 138 23.09 -14.39 32.80
CA SER G 138 22.69 -14.98 31.53
C SER G 138 21.31 -14.49 31.13
N VAL G 139 21.17 -14.16 29.84
CA VAL G 139 19.93 -13.64 29.26
C VAL G 139 19.60 -14.53 28.07
N ARG G 140 18.40 -15.09 28.08
CA ARG G 140 17.85 -15.86 26.98
C ARG G 140 16.63 -15.13 26.43
N TRP G 141 16.55 -15.05 25.10
CA TRP G 141 15.47 -14.34 24.42
C TRP G 141 15.02 -15.20 23.25
N GLN G 142 13.71 -15.41 23.13
CA GLN G 142 13.12 -16.29 22.12
C GLN G 142 11.98 -15.58 21.42
N PRO G 143 12.27 -14.52 20.67
CA PRO G 143 11.20 -13.74 20.05
C PRO G 143 10.64 -14.45 18.83
N PRO G 144 9.35 -14.32 18.54
CA PRO G 144 8.82 -14.85 17.28
C PRO G 144 9.24 -13.98 16.11
N GLY G 145 9.21 -14.58 14.92
CA GLY G 145 9.52 -13.86 13.70
C GLY G 145 8.86 -14.45 12.48
N ILE G 146 8.16 -13.60 11.72
CA ILE G 146 7.66 -13.95 10.39
C ILE G 146 8.62 -13.32 9.40
N TYR G 147 9.34 -14.16 8.66
CA TYR G 147 10.46 -13.73 7.83
C TYR G 147 10.20 -14.10 6.37
N ARG G 148 10.47 -13.15 5.49
CA ARG G 148 10.42 -13.35 4.04
C ARG G 148 11.84 -13.14 3.52
N SER G 149 12.56 -14.23 3.30
CA SER G 149 13.97 -14.20 2.94
C SER G 149 14.12 -14.41 1.43
N SER G 150 15.10 -13.74 0.85
CA SER G 150 15.36 -13.92 -0.57
C SER G 150 15.96 -15.30 -0.82
N CYS G 151 15.41 -16.01 -1.81
CA CYS G 151 15.90 -17.33 -2.19
C CYS G 151 16.00 -17.39 -3.70
N SER G 152 17.22 -17.59 -4.21
CA SER G 152 17.43 -17.72 -5.65
C SER G 152 16.92 -19.09 -6.11
N ILE G 153 15.94 -19.09 -6.99
CA ILE G 153 15.26 -20.31 -7.41
C ILE G 153 16.04 -20.94 -8.55
N GLN G 154 16.38 -22.23 -8.40
CA GLN G 154 16.95 -23.03 -9.48
C GLN G 154 15.80 -23.61 -10.28
N VAL G 155 15.53 -23.02 -11.44
CA VAL G 155 14.32 -23.34 -12.19
C VAL G 155 14.50 -24.48 -13.18
N THR G 156 15.71 -25.05 -13.29
CA THR G 156 16.01 -25.97 -14.39
C THR G 156 15.12 -27.21 -14.37
N TYR G 157 14.87 -27.76 -13.18
CA TYR G 157 14.12 -29.01 -13.04
C TYR G 157 12.75 -28.80 -12.40
N PHE G 158 12.23 -27.57 -12.43
CA PHE G 158 10.89 -27.33 -11.92
C PHE G 158 9.88 -28.11 -12.74
N PRO G 159 8.86 -28.74 -12.13
CA PRO G 159 8.51 -28.82 -10.70
C PRO G 159 9.16 -29.99 -9.95
N PHE G 160 10.02 -30.77 -10.60
CA PHE G 160 10.73 -31.87 -9.94
C PHE G 160 12.07 -31.39 -9.39
N ASP G 161 12.01 -30.31 -8.61
CA ASP G 161 13.19 -29.56 -8.20
C ASP G 161 13.30 -29.54 -6.69
N TRP G 162 14.53 -29.31 -6.21
CA TRP G 162 14.83 -29.03 -4.83
C TRP G 162 15.53 -27.69 -4.75
N GLN G 163 15.22 -26.92 -3.70
CA GLN G 163 15.72 -25.58 -3.52
C GLN G 163 16.59 -25.53 -2.27
N ASN G 164 17.46 -24.52 -2.22
CA ASN G 164 18.46 -24.33 -1.16
C ASN G 164 18.29 -22.90 -0.66
N CYS G 165 17.38 -22.70 0.30
CA CYS G 165 17.02 -21.38 0.79
C CYS G 165 17.67 -21.13 2.14
N THR G 166 18.45 -20.05 2.23
CA THR G 166 19.19 -19.72 3.43
C THR G 166 18.53 -18.57 4.18
N MET G 167 18.77 -18.53 5.49
CA MET G 167 18.42 -17.40 6.34
C MET G 167 19.70 -16.95 7.04
N VAL G 168 20.17 -15.75 6.70
CA VAL G 168 21.42 -15.21 7.20
C VAL G 168 21.09 -14.27 8.35
N PHE G 169 21.54 -14.61 9.55
CA PHE G 169 21.30 -13.82 10.75
C PHE G 169 22.62 -13.23 11.22
N SER G 170 22.62 -11.93 11.50
CA SER G 170 23.84 -11.29 11.95
C SER G 170 23.49 -9.96 12.59
N SER G 171 24.41 -9.48 13.44
CA SER G 171 24.25 -8.15 14.00
C SER G 171 24.31 -7.12 12.88
N TYR G 172 23.42 -6.14 12.91
CA TYR G 172 23.46 -5.11 11.88
C TYR G 172 24.60 -4.13 12.11
N SER G 173 24.83 -3.73 13.35
CA SER G 173 25.75 -2.63 13.67
C SER G 173 27.09 -3.14 14.20
N TYR G 174 27.07 -3.93 15.26
CA TYR G 174 28.30 -4.32 15.93
C TYR G 174 29.15 -5.22 15.05
N ASP G 175 30.47 -5.06 15.16
CA ASP G 175 31.44 -5.84 14.41
C ASP G 175 31.90 -7.03 15.26
N SER G 176 32.74 -7.88 14.66
CA SER G 176 33.20 -9.07 15.35
C SER G 176 34.04 -8.73 16.58
N SER G 177 34.69 -7.56 16.58
CA SER G 177 35.45 -7.13 17.74
C SER G 177 34.57 -6.70 18.91
N GLU G 178 33.27 -6.55 18.71
CA GLU G 178 32.32 -6.19 19.76
C GLU G 178 31.38 -7.33 20.11
N VAL G 179 30.77 -7.95 19.10
CA VAL G 179 29.79 -9.01 19.28
C VAL G 179 30.27 -10.21 18.46
N SER G 180 30.53 -11.33 19.14
CA SER G 180 30.91 -12.57 18.48
C SER G 180 29.73 -13.53 18.49
N LEU G 181 29.37 -14.03 17.32
CA LEU G 181 28.24 -14.94 17.17
C LEU G 181 28.71 -16.39 17.17
N GLN G 182 27.80 -17.27 17.56
CA GLN G 182 28.06 -18.71 17.51
C GLN G 182 26.72 -19.43 17.42
N THR G 183 26.77 -20.68 16.99
CA THR G 183 25.57 -21.49 16.84
C THR G 183 25.07 -21.94 18.21
N GLY G 184 23.75 -21.98 18.36
CA GLY G 184 23.16 -22.40 19.62
C GLY G 184 23.12 -23.92 19.73
N LEU G 185 23.43 -24.41 20.93
CA LEU G 185 23.46 -25.84 21.20
C LEU G 185 23.57 -26.05 22.70
N GLY G 186 23.41 -27.31 23.12
CA GLY G 186 23.52 -27.68 24.52
C GLY G 186 22.67 -28.89 24.87
N GLY G 191 25.53 -31.54 20.87
CA GLY G 191 25.27 -30.19 20.39
C GLY G 191 25.04 -30.11 18.89
N HIS G 192 23.81 -29.82 18.47
CA HIS G 192 23.44 -29.82 17.06
C HIS G 192 23.74 -28.48 16.40
N GLN G 193 24.19 -28.53 15.14
CA GLN G 193 24.26 -27.37 14.27
C GLN G 193 23.16 -27.47 13.22
N GLU G 194 21.92 -27.30 13.69
CA GLU G 194 20.76 -27.52 12.84
C GLU G 194 19.60 -26.65 13.31
N ILE G 195 18.65 -26.44 12.41
CA ILE G 195 17.38 -25.84 12.77
C ILE G 195 16.60 -26.86 13.59
N HIS G 196 16.02 -26.41 14.71
CA HIS G 196 15.21 -27.28 15.55
C HIS G 196 13.78 -27.29 15.03
N ILE G 197 13.26 -28.49 14.76
CA ILE G 197 11.87 -28.68 14.37
C ILE G 197 11.25 -29.60 15.43
N HIS G 198 10.34 -29.05 16.22
CA HIS G 198 9.60 -29.88 17.17
C HIS G 198 8.69 -30.83 16.40
N GLU G 199 8.59 -32.06 16.89
CA GLU G 199 8.02 -33.12 16.06
C GLU G 199 6.49 -33.08 16.09
N GLY G 200 5.91 -32.95 17.27
CA GLY G 200 4.45 -32.94 17.36
C GLY G 200 3.82 -31.70 16.75
N THR G 201 4.43 -30.53 16.98
CA THR G 201 3.79 -29.25 16.72
C THR G 201 4.27 -28.56 15.43
N PHE G 202 5.01 -29.25 14.57
CA PHE G 202 5.46 -28.63 13.33
C PHE G 202 4.36 -28.70 12.27
N ILE G 203 4.05 -27.56 11.68
CA ILE G 203 3.05 -27.47 10.61
C ILE G 203 3.76 -27.86 9.31
N GLU G 204 3.62 -29.12 8.92
CA GLU G 204 4.29 -29.61 7.72
C GLU G 204 3.67 -28.99 6.47
N ASN G 205 4.53 -28.57 5.55
CA ASN G 205 4.08 -27.95 4.31
C ASN G 205 3.55 -29.00 3.35
N GLY G 206 2.45 -28.69 2.66
CA GLY G 206 1.86 -29.63 1.74
C GLY G 206 2.58 -29.75 0.40
N GLN G 207 3.45 -28.80 0.07
CA GLN G 207 4.16 -28.78 -1.20
C GLN G 207 5.65 -29.05 -1.08
N TRP G 208 6.21 -29.01 0.13
CA TRP G 208 7.66 -29.08 0.32
C TRP G 208 7.99 -30.08 1.43
N GLU G 209 9.10 -30.79 1.23
CA GLU G 209 9.64 -31.74 2.20
C GLU G 209 11.05 -31.30 2.56
N ILE G 210 11.33 -31.22 3.85
CA ILE G 210 12.63 -30.74 4.32
C ILE G 210 13.61 -31.91 4.29
N ILE G 211 14.63 -31.82 3.44
CA ILE G 211 15.66 -32.85 3.33
C ILE G 211 16.76 -32.62 4.36
N HIS G 212 17.31 -31.41 4.39
CA HIS G 212 18.37 -31.03 5.32
C HIS G 212 18.02 -29.69 5.95
N LYS G 213 18.57 -29.46 7.13
CA LYS G 213 18.31 -28.22 7.86
C LYS G 213 19.51 -27.80 8.72
N PRO G 214 20.69 -27.65 8.15
CA PRO G 214 21.87 -27.34 8.98
C PRO G 214 21.94 -25.87 9.35
N SER G 215 22.91 -25.56 10.21
CA SER G 215 23.27 -24.20 10.57
C SER G 215 24.78 -24.10 10.62
N ARG G 216 25.32 -22.98 10.13
CA ARG G 216 26.76 -22.77 10.08
C ARG G 216 27.11 -21.38 10.56
N LEU G 217 28.28 -21.27 11.17
CA LEU G 217 28.87 -19.99 11.55
C LEU G 217 29.89 -19.62 10.49
N ILE G 218 29.62 -18.52 9.77
CA ILE G 218 30.49 -18.03 8.72
C ILE G 218 31.35 -16.92 9.30
N GLN G 219 32.66 -17.13 9.27
CA GLN G 219 33.61 -16.15 9.76
C GLN G 219 33.80 -15.06 8.70
N PRO G 220 34.28 -13.87 9.09
CA PRO G 220 34.43 -12.81 8.11
C PRO G 220 35.48 -13.17 7.07
N PRO G 221 35.36 -12.66 5.84
CA PRO G 221 36.37 -12.99 4.82
C PRO G 221 37.68 -12.26 5.10
N GLY G 222 38.78 -12.99 5.04
CA GLY G 222 40.09 -12.43 5.29
C GLY G 222 40.42 -12.34 6.77
N GLU G 229 37.61 -2.50 12.74
CA GLU G 229 37.69 -3.68 11.88
C GLU G 229 36.67 -3.59 10.76
N GLY G 230 35.40 -3.59 11.14
CA GLY G 230 34.31 -3.60 10.18
C GLY G 230 33.93 -4.98 9.68
N GLN G 231 34.65 -6.03 10.08
CA GLN G 231 34.33 -7.39 9.69
C GLN G 231 33.26 -7.96 10.62
N ARG G 232 32.50 -8.92 10.12
CA ARG G 232 31.33 -9.43 10.83
C ARG G 232 31.12 -10.91 10.54
N GLN G 233 30.74 -11.65 11.58
CA GLN G 233 30.34 -13.03 11.45
C GLN G 233 28.87 -13.12 11.04
N GLU G 234 28.48 -14.32 10.59
CA GLU G 234 27.09 -14.60 10.28
C GLU G 234 26.74 -15.98 10.79
N VAL G 235 25.46 -16.20 11.08
CA VAL G 235 24.92 -17.52 11.36
C VAL G 235 23.88 -17.78 10.27
N ILE G 236 24.17 -18.76 9.41
CA ILE G 236 23.32 -19.06 8.26
C ILE G 236 22.61 -20.37 8.55
N PHE G 237 21.28 -20.34 8.55
CA PHE G 237 20.45 -21.51 8.67
C PHE G 237 19.95 -21.90 7.27
N TYR G 238 20.34 -23.08 6.81
CA TYR G 238 20.01 -23.53 5.46
C TYR G 238 18.82 -24.46 5.51
N LEU G 239 17.97 -24.37 4.49
CA LEU G 239 16.83 -25.26 4.31
C LEU G 239 16.91 -25.80 2.89
N ILE G 240 17.27 -27.07 2.77
CA ILE G 240 17.19 -27.77 1.49
C ILE G 240 15.83 -28.47 1.48
N ILE G 241 14.98 -28.08 0.52
CA ILE G 241 13.59 -28.52 0.49
C ILE G 241 13.27 -29.04 -0.90
N ARG G 242 12.63 -30.20 -0.96
CA ARG G 242 12.24 -30.83 -2.21
C ARG G 242 10.75 -30.61 -2.44
N ARG G 243 10.40 -30.16 -3.64
CA ARG G 243 9.00 -30.01 -4.01
C ARG G 243 8.37 -31.38 -4.24
N LYS G 244 7.10 -31.49 -3.88
CA LYS G 244 6.33 -32.72 -4.05
C LYS G 244 5.40 -32.54 -5.25
N PRO G 245 5.71 -33.13 -6.44
CA PRO G 245 5.13 -32.62 -7.69
C PRO G 245 3.80 -33.22 -8.11
N LEU G 246 3.04 -33.83 -7.19
CA LEU G 246 1.82 -34.55 -7.56
C LEU G 246 0.84 -33.68 -8.35
N PHE G 247 0.70 -32.40 -7.95
CA PHE G 247 -0.23 -31.52 -8.64
C PHE G 247 0.11 -31.38 -10.11
N TYR G 248 1.39 -31.18 -10.42
CA TYR G 248 1.79 -31.00 -11.80
C TYR G 248 1.71 -32.29 -12.60
N LEU G 249 1.92 -33.43 -11.95
CA LEU G 249 1.72 -34.71 -12.61
C LEU G 249 0.26 -34.89 -12.99
N VAL G 250 -0.65 -34.54 -12.08
CA VAL G 250 -2.08 -34.74 -12.35
C VAL G 250 -2.57 -33.76 -13.41
N ASN G 251 -2.15 -32.49 -13.32
CA ASN G 251 -2.80 -31.41 -14.05
C ASN G 251 -2.13 -31.05 -15.37
N VAL G 252 -0.87 -31.43 -15.58
CA VAL G 252 -0.12 -31.02 -16.76
C VAL G 252 0.44 -32.23 -17.50
N ILE G 253 1.18 -33.08 -16.78
CA ILE G 253 1.95 -34.14 -17.44
C ILE G 253 1.01 -35.16 -18.09
N ALA G 254 0.02 -35.64 -17.34
CA ALA G 254 -0.87 -36.67 -17.87
C ALA G 254 -1.69 -36.18 -19.05
N PRO G 255 -2.32 -34.99 -19.02
CA PRO G 255 -2.96 -34.49 -20.24
C PRO G 255 -2.01 -34.36 -21.41
N CYS G 256 -0.75 -33.97 -21.16
CA CYS G 256 0.22 -33.88 -22.25
C CYS G 256 0.48 -35.24 -22.85
N ILE G 257 0.60 -36.27 -22.01
CA ILE G 257 0.80 -37.63 -22.52
C ILE G 257 -0.40 -38.07 -23.35
N LEU G 258 -1.60 -37.78 -22.87
CA LEU G 258 -2.79 -38.18 -23.61
C LEU G 258 -2.88 -37.46 -24.96
N ILE G 259 -2.60 -36.16 -24.97
CA ILE G 259 -2.63 -35.39 -26.22
C ILE G 259 -1.56 -35.91 -27.17
N THR G 260 -0.42 -36.32 -26.62
CA THR G 260 0.64 -36.89 -27.44
C THR G 260 0.18 -38.21 -28.07
N LEU G 261 -0.54 -39.02 -27.30
CA LEU G 261 -1.05 -40.28 -27.85
C LEU G 261 -2.04 -40.02 -28.98
N LEU G 262 -2.89 -39.00 -28.82
CA LEU G 262 -3.80 -38.64 -29.91
C LEU G 262 -3.03 -38.15 -31.13
N ALA G 263 -1.96 -37.39 -30.92
CA ALA G 263 -1.13 -36.95 -32.02
C ALA G 263 -0.52 -38.14 -32.75
N ILE G 264 -0.11 -39.17 -32.01
CA ILE G 264 0.37 -40.39 -32.64
C ILE G 264 -0.75 -41.03 -33.46
N PHE G 265 -1.93 -41.17 -32.88
CA PHE G 265 -3.00 -41.93 -33.50
C PHE G 265 -3.65 -41.20 -34.66
N VAL G 266 -3.35 -39.91 -34.87
CA VAL G 266 -3.88 -39.24 -36.06
C VAL G 266 -3.39 -39.91 -37.34
N PHE G 267 -2.22 -40.56 -37.31
CA PHE G 267 -1.66 -41.18 -38.50
C PHE G 267 -2.33 -42.50 -38.86
N TYR G 268 -3.11 -43.09 -37.97
CA TYR G 268 -3.92 -44.26 -38.28
C TYR G 268 -5.29 -43.91 -38.82
N LEU G 269 -5.68 -42.64 -38.77
CA LEU G 269 -6.97 -42.22 -39.30
C LEU G 269 -6.93 -42.26 -40.83
N PRO G 270 -7.96 -42.78 -41.51
CA PRO G 270 -7.89 -42.85 -42.97
C PRO G 270 -8.00 -41.47 -43.57
N PRO G 271 -7.35 -41.21 -44.72
CA PRO G 271 -7.56 -39.91 -45.38
C PRO G 271 -8.98 -39.67 -45.85
N ASP G 272 -9.77 -40.72 -46.07
CA ASP G 272 -11.12 -40.53 -46.60
C ASP G 272 -12.11 -40.10 -45.53
N ALA G 273 -11.77 -40.24 -44.24
CA ALA G 273 -12.64 -39.73 -43.20
C ALA G 273 -12.67 -38.20 -43.20
N GLY G 274 -11.59 -37.57 -43.64
CA GLY G 274 -11.55 -36.12 -43.73
C GLY G 274 -11.64 -35.42 -42.39
N GLU G 275 -10.99 -35.97 -41.36
CA GLU G 275 -10.94 -35.33 -40.05
C GLU G 275 -9.60 -35.53 -39.35
N LYS G 276 -8.51 -35.62 -40.12
CA LYS G 276 -7.18 -35.61 -39.52
C LYS G 276 -6.81 -34.21 -39.02
N MET G 277 -7.09 -33.19 -39.82
CA MET G 277 -6.79 -31.81 -39.44
C MET G 277 -7.52 -31.42 -38.17
N GLY G 278 -8.81 -31.77 -38.05
CA GLY G 278 -9.55 -31.41 -36.86
C GLY G 278 -8.92 -31.97 -35.60
N LEU G 279 -8.60 -33.28 -35.63
CA LEU G 279 -8.04 -33.92 -34.46
C LEU G 279 -6.68 -33.31 -34.09
N SER G 280 -5.78 -33.19 -35.07
CA SER G 280 -4.43 -32.70 -34.77
C SER G 280 -4.45 -31.25 -34.30
N ILE G 281 -5.25 -30.41 -34.96
CA ILE G 281 -5.22 -29.00 -34.60
C ILE G 281 -5.95 -28.75 -33.29
N PHE G 282 -6.98 -29.54 -32.96
CA PHE G 282 -7.60 -29.38 -31.64
C PHE G 282 -6.69 -29.92 -30.55
N ALA G 283 -5.84 -30.91 -30.86
CA ALA G 283 -4.79 -31.29 -29.93
C ALA G 283 -3.86 -30.11 -29.66
N LEU G 284 -3.48 -29.39 -30.72
CA LEU G 284 -2.66 -28.19 -30.54
C LEU G 284 -3.37 -27.14 -29.69
N LEU G 285 -4.67 -26.94 -29.94
CA LEU G 285 -5.44 -25.98 -29.15
C LEU G 285 -5.48 -26.37 -27.68
N THR G 286 -5.62 -27.66 -27.40
CA THR G 286 -5.59 -28.13 -26.01
C THR G 286 -4.25 -27.86 -25.37
N LEU G 287 -3.16 -28.07 -26.11
CA LEU G 287 -1.83 -27.76 -25.57
C LEU G 287 -1.69 -26.27 -25.29
N THR G 288 -2.28 -25.43 -26.13
CA THR G 288 -2.25 -23.99 -25.86
C THR G 288 -3.00 -23.66 -24.58
N VAL G 289 -4.14 -24.32 -24.35
CA VAL G 289 -4.87 -24.13 -23.09
C VAL G 289 -4.00 -24.52 -21.91
N PHE G 290 -3.21 -25.59 -22.06
CA PHE G 290 -2.37 -26.01 -20.95
C PHE G 290 -1.17 -25.09 -20.75
N LEU G 291 -0.67 -24.47 -21.82
CA LEU G 291 0.32 -23.41 -21.64
C LEU G 291 -0.27 -22.25 -20.86
N LEU G 292 -1.52 -21.91 -21.14
CA LEU G 292 -2.19 -20.87 -20.35
C LEU G 292 -2.31 -21.30 -18.89
N LEU G 293 -2.57 -22.59 -18.65
CA LEU G 293 -2.60 -23.09 -17.27
C LEU G 293 -1.26 -22.90 -16.59
N LEU G 294 -0.17 -23.24 -17.29
CA LEU G 294 1.16 -23.15 -16.69
C LEU G 294 1.65 -21.73 -16.54
N ALA G 295 1.08 -20.77 -17.28
CA ALA G 295 1.56 -19.39 -17.22
C ALA G 295 1.47 -18.80 -15.81
N ASP G 296 0.53 -19.28 -14.99
CA ASP G 296 0.34 -18.75 -13.65
C ASP G 296 1.30 -19.34 -12.62
N LYS G 297 1.96 -20.45 -12.92
CA LYS G 297 2.70 -21.22 -11.92
C LYS G 297 4.21 -21.22 -12.11
N VAL G 298 4.70 -21.01 -13.33
CA VAL G 298 6.10 -21.22 -13.67
C VAL G 298 6.94 -20.04 -13.15
N PRO G 299 8.20 -20.24 -12.74
CA PRO G 299 9.01 -19.08 -12.36
C PRO G 299 9.32 -18.17 -13.54
N GLU G 300 9.58 -16.90 -13.20
CA GLU G 300 9.71 -15.84 -14.19
C GLU G 300 11.15 -15.58 -14.64
N THR G 301 12.14 -16.23 -14.03
CA THR G 301 13.53 -15.92 -14.33
C THR G 301 13.91 -16.46 -15.71
N SER G 302 15.08 -16.01 -16.20
CA SER G 302 15.55 -16.31 -17.55
C SER G 302 16.94 -16.92 -17.56
N LEU G 303 17.42 -17.44 -16.43
CA LEU G 303 18.73 -18.10 -16.42
C LEU G 303 18.67 -19.49 -17.02
N SER G 304 17.51 -20.15 -16.96
CA SER G 304 17.34 -21.48 -17.54
C SER G 304 15.87 -21.69 -17.84
N VAL G 305 15.58 -22.80 -18.50
CA VAL G 305 14.22 -23.17 -18.91
C VAL G 305 13.77 -24.33 -18.03
N PRO G 306 12.62 -24.24 -17.36
CA PRO G 306 12.12 -25.41 -16.62
C PRO G 306 11.87 -26.61 -17.53
N ILE G 307 12.13 -27.79 -16.98
CA ILE G 307 12.00 -29.01 -17.78
C ILE G 307 10.55 -29.26 -18.17
N ILE G 308 9.59 -28.79 -17.38
CA ILE G 308 8.19 -28.94 -17.75
C ILE G 308 7.87 -28.05 -18.95
N ILE G 309 8.47 -26.87 -19.02
CA ILE G 309 8.33 -26.03 -20.21
C ILE G 309 8.98 -26.70 -21.41
N LYS G 310 10.13 -27.35 -21.21
CA LYS G 310 10.76 -28.07 -22.29
C LYS G 310 9.86 -29.19 -22.80
N TYR G 311 9.22 -29.92 -21.88
CA TYR G 311 8.30 -30.98 -22.28
C TYR G 311 7.09 -30.42 -23.02
N LEU G 312 6.54 -29.29 -22.54
CA LEU G 312 5.41 -28.68 -23.21
C LEU G 312 5.76 -28.25 -24.63
N MET G 313 6.92 -27.61 -24.79
CA MET G 313 7.31 -27.17 -26.13
C MET G 313 7.66 -28.34 -27.03
N PHE G 314 8.23 -29.40 -26.46
CA PHE G 314 8.48 -30.62 -27.23
C PHE G 314 7.17 -31.23 -27.72
N THR G 315 6.16 -31.27 -26.87
CA THR G 315 4.85 -31.76 -27.28
C THR G 315 4.23 -30.88 -28.35
N MET G 316 4.39 -29.55 -28.21
CA MET G 316 3.86 -28.63 -29.20
C MET G 316 4.53 -28.83 -30.55
N VAL G 317 5.85 -29.01 -30.56
CA VAL G 317 6.57 -29.28 -31.80
C VAL G 317 6.11 -30.60 -32.39
N LEU G 318 5.85 -31.60 -31.54
CA LEU G 318 5.32 -32.87 -32.03
C LEU G 318 3.99 -32.68 -32.73
N VAL G 319 3.04 -31.99 -32.08
CA VAL G 319 1.72 -31.82 -32.66
C VAL G 319 1.79 -31.00 -33.94
N THR G 320 2.68 -30.00 -33.98
CA THR G 320 2.88 -29.22 -35.19
C THR G 320 3.38 -30.10 -36.33
N PHE G 321 4.35 -30.97 -36.04
CA PHE G 321 4.84 -31.88 -37.07
C PHE G 321 3.77 -32.87 -37.49
N SER G 322 2.91 -33.27 -36.56
CA SER G 322 1.80 -34.16 -36.93
C SER G 322 0.87 -33.47 -37.90
N VAL G 323 0.57 -32.18 -37.66
CA VAL G 323 -0.24 -31.41 -38.59
C VAL G 323 0.42 -31.36 -39.96
N ILE G 324 1.72 -31.06 -39.98
CA ILE G 324 2.43 -30.89 -41.25
C ILE G 324 2.44 -32.20 -42.03
N LEU G 325 2.78 -33.30 -41.36
CA LEU G 325 2.88 -34.58 -42.03
C LEU G 325 1.52 -35.11 -42.45
N SER G 326 0.47 -34.84 -41.67
CA SER G 326 -0.88 -35.20 -42.10
C SER G 326 -1.30 -34.39 -43.32
N VAL G 327 -0.90 -33.12 -43.40
CA VAL G 327 -1.14 -32.34 -44.61
C VAL G 327 -0.44 -32.97 -45.80
N VAL G 328 0.80 -33.43 -45.59
CA VAL G 328 1.54 -34.09 -46.66
C VAL G 328 0.80 -35.35 -47.12
N VAL G 329 0.31 -36.14 -46.16
CA VAL G 329 -0.40 -37.37 -46.50
C VAL G 329 -1.67 -37.06 -47.28
N LEU G 330 -2.41 -36.03 -46.86
CA LEU G 330 -3.64 -35.68 -47.58
C LEU G 330 -3.33 -35.16 -48.98
N ASN G 331 -2.22 -34.43 -49.12
CA ASN G 331 -1.82 -33.97 -50.45
C ASN G 331 -1.51 -35.16 -51.35
N LEU G 332 -0.82 -36.17 -50.82
CA LEU G 332 -0.55 -37.37 -51.61
C LEU G 332 -1.84 -38.11 -51.96
N HIS G 333 -2.77 -38.19 -51.00
CA HIS G 333 -3.98 -39.00 -51.20
C HIS G 333 -4.89 -38.39 -52.25
N HIS G 334 -5.14 -37.09 -52.17
CA HIS G 334 -6.07 -36.40 -53.06
C HIS G 334 -5.40 -35.93 -54.35
N ARG G 335 -4.16 -36.36 -54.62
CA ARG G 335 -3.46 -35.91 -55.80
C ARG G 335 -4.18 -36.36 -57.06
N SER G 336 -4.31 -35.45 -58.02
CA SER G 336 -5.05 -35.75 -59.23
C SER G 336 -4.29 -36.77 -60.07
N PRO G 337 -4.92 -37.88 -60.50
CA PRO G 337 -4.16 -38.86 -61.30
C PRO G 337 -3.64 -38.32 -62.62
N HIS G 338 -4.35 -37.38 -63.25
CA HIS G 338 -4.01 -36.92 -64.58
C HIS G 338 -3.17 -35.65 -64.55
N THR G 339 -3.48 -34.72 -63.66
CA THR G 339 -2.68 -33.51 -63.54
C THR G 339 -1.29 -33.82 -63.00
N HIS G 340 -1.17 -34.88 -62.21
CA HIS G 340 0.13 -35.29 -61.63
C HIS G 340 0.51 -36.69 -62.13
N GLN G 341 1.74 -36.85 -62.59
CA GLN G 341 2.28 -38.12 -63.05
C GLN G 341 3.24 -38.65 -62.01
N MET G 342 3.08 -39.91 -61.63
CA MET G 342 3.95 -40.52 -60.63
C MET G 342 5.37 -40.61 -61.19
N PRO G 343 6.39 -40.05 -60.53
CA PRO G 343 7.77 -40.35 -60.96
C PRO G 343 8.09 -41.82 -60.68
N LEU G 344 8.99 -42.37 -61.50
CA LEU G 344 9.31 -43.79 -61.38
C LEU G 344 9.97 -44.12 -60.05
N TRP G 345 10.78 -43.19 -59.52
CA TRP G 345 11.40 -43.46 -58.22
C TRP G 345 10.36 -43.50 -57.12
N VAL G 346 9.29 -42.72 -57.23
CA VAL G 346 8.21 -42.80 -56.25
C VAL G 346 7.59 -44.19 -56.27
N ARG G 347 7.32 -44.72 -57.46
CA ARG G 347 6.82 -46.09 -57.58
C ARG G 347 7.77 -47.09 -56.95
N GLN G 348 9.05 -47.01 -57.33
CA GLN G 348 10.03 -47.99 -56.89
C GLN G 348 10.18 -47.99 -55.37
N ILE G 349 10.23 -46.81 -54.76
CA ILE G 349 10.40 -46.73 -53.31
C ILE G 349 9.11 -47.10 -52.60
N PHE G 350 8.02 -46.39 -52.89
CA PHE G 350 6.84 -46.41 -52.04
C PHE G 350 5.78 -47.45 -52.44
N ILE G 351 6.00 -48.23 -53.51
CA ILE G 351 5.05 -49.28 -53.89
C ILE G 351 5.71 -50.64 -53.87
N HIS G 352 7.03 -50.70 -54.09
CA HIS G 352 7.76 -51.95 -54.21
C HIS G 352 8.69 -52.23 -53.03
N LYS G 353 9.57 -51.29 -52.69
CA LYS G 353 10.59 -51.55 -51.68
C LYS G 353 10.04 -51.37 -50.27
N LEU G 354 9.47 -50.20 -49.98
CA LEU G 354 9.07 -49.89 -48.61
C LEU G 354 7.97 -50.79 -48.05
N PRO G 355 6.90 -51.12 -48.78
CA PRO G 355 5.78 -51.84 -48.13
C PRO G 355 6.15 -53.17 -47.49
N LEU G 356 7.16 -53.88 -47.99
CA LEU G 356 7.54 -55.13 -47.34
C LEU G 356 8.16 -54.86 -45.97
N TYR G 357 8.95 -53.78 -45.85
CA TYR G 357 9.53 -53.43 -44.56
C TYR G 357 8.47 -52.99 -43.58
N LEU G 358 7.42 -52.32 -44.04
CA LEU G 358 6.34 -51.86 -43.19
C LEU G 358 5.23 -52.88 -43.02
N ARG G 359 5.39 -54.10 -43.55
CA ARG G 359 4.41 -55.17 -43.42
C ARG G 359 3.05 -54.76 -44.00
N LEU G 360 3.09 -54.01 -45.10
CA LEU G 360 1.90 -53.60 -45.85
C LEU G 360 1.82 -54.46 -47.10
N LYS G 361 0.78 -55.29 -47.17
CA LYS G 361 0.57 -56.22 -48.28
C LYS G 361 -0.55 -55.66 -49.14
N ARG G 362 -0.20 -55.22 -50.34
CA ARG G 362 -1.20 -54.68 -51.26
C ARG G 362 -1.99 -55.84 -51.89
N PRO G 363 -3.30 -55.94 -51.69
CA PRO G 363 -4.03 -57.06 -52.29
C PRO G 363 -4.03 -56.99 -53.80
N LYS G 364 -3.85 -58.15 -54.43
CA LYS G 364 -3.82 -58.27 -55.89
C LYS G 364 -2.71 -57.40 -56.48
N LEU G 430 -28.10 -50.31 -92.58
CA LEU G 430 -28.45 -50.43 -91.17
C LEU G 430 -27.89 -49.28 -90.35
N PRO G 431 -28.31 -48.04 -90.66
CA PRO G 431 -27.78 -46.89 -89.91
C PRO G 431 -28.12 -46.92 -88.42
N GLU G 432 -29.29 -47.45 -88.05
CA GLU G 432 -29.67 -47.50 -86.64
C GLU G 432 -28.73 -48.41 -85.87
N LEU G 433 -28.43 -49.59 -86.41
CA LEU G 433 -27.49 -50.48 -85.77
C LEU G 433 -26.09 -49.88 -85.73
N ARG G 434 -25.69 -49.15 -86.77
CA ARG G 434 -24.38 -48.50 -86.75
C ARG G 434 -24.30 -47.48 -85.62
N GLU G 435 -25.36 -46.69 -85.44
CA GLU G 435 -25.38 -45.72 -84.35
C GLU G 435 -25.36 -46.42 -82.99
N VAL G 436 -26.07 -47.53 -82.87
CA VAL G 436 -26.06 -48.28 -81.61
C VAL G 436 -24.66 -48.81 -81.32
N VAL G 437 -24.00 -49.37 -82.34
CA VAL G 437 -22.64 -49.89 -82.17
C VAL G 437 -21.70 -48.77 -81.74
N SER G 438 -21.85 -47.59 -82.36
CA SER G 438 -21.03 -46.45 -81.98
C SER G 438 -21.26 -46.07 -80.53
N SER G 439 -22.52 -46.06 -80.09
CA SER G 439 -22.84 -45.70 -78.72
C SER G 439 -22.22 -46.69 -77.73
N ILE G 440 -22.36 -47.98 -78.00
CA ILE G 440 -21.80 -48.97 -77.07
C ILE G 440 -20.28 -48.89 -77.07
N SER G 441 -19.66 -48.68 -78.23
CA SER G 441 -18.20 -48.55 -78.28
C SER G 441 -17.74 -47.34 -77.49
N TYR G 442 -18.46 -46.21 -77.60
CA TYR G 442 -18.11 -45.03 -76.85
C TYR G 442 -18.24 -45.27 -75.35
N ILE G 443 -19.31 -45.94 -74.94
CA ILE G 443 -19.51 -46.21 -73.52
C ILE G 443 -18.39 -47.10 -72.99
N ALA G 444 -18.02 -48.14 -73.75
CA ALA G 444 -16.94 -49.01 -73.33
C ALA G 444 -15.62 -48.27 -73.24
N ARG G 445 -15.34 -47.39 -74.22
CA ARG G 445 -14.10 -46.62 -74.19
C ARG G 445 -14.06 -45.70 -72.98
N GLN G 446 -15.19 -45.04 -72.67
CA GLN G 446 -15.24 -44.18 -71.50
C GLN G 446 -15.02 -44.96 -70.22
N LEU G 447 -15.63 -46.15 -70.12
CA LEU G 447 -15.44 -46.95 -68.92
C LEU G 447 -14.00 -47.44 -68.79
N GLN G 448 -13.36 -47.79 -69.91
CA GLN G 448 -11.95 -48.19 -69.85
C GLN G 448 -11.06 -47.02 -69.41
N GLU G 449 -11.35 -45.83 -69.91
CA GLU G 449 -10.62 -44.65 -69.44
C GLU G 449 -10.83 -44.43 -67.95
N GLN G 450 -12.06 -44.65 -67.48
CA GLN G 450 -12.33 -44.55 -66.05
C GLN G 450 -11.53 -45.58 -65.27
N GLU G 451 -11.41 -46.80 -65.81
CA GLU G 451 -10.65 -47.84 -65.12
C GLU G 451 -9.19 -47.43 -64.99
N ASP G 452 -8.60 -46.88 -66.06
CA ASP G 452 -7.21 -46.42 -65.99
C ASP G 452 -7.06 -45.29 -64.98
N HIS G 453 -8.01 -44.36 -64.98
CA HIS G 453 -7.96 -43.24 -64.03
C HIS G 453 -8.04 -43.74 -62.59
N ASP G 454 -8.93 -44.70 -62.32
CA ASP G 454 -9.03 -45.27 -60.98
C ASP G 454 -7.78 -46.04 -60.61
N ALA G 455 -7.13 -46.71 -61.56
CA ALA G 455 -5.89 -47.40 -61.25
C ALA G 455 -4.82 -46.41 -60.80
N LEU G 456 -4.67 -45.31 -61.53
CA LEU G 456 -3.68 -44.30 -61.13
C LEU G 456 -4.05 -43.66 -59.80
N LYS G 457 -5.34 -43.40 -59.57
CA LYS G 457 -5.78 -42.86 -58.29
C LYS G 457 -5.46 -43.81 -57.14
N GLU G 458 -5.69 -45.10 -57.36
CA GLU G 458 -5.38 -46.10 -56.34
C GLU G 458 -3.89 -46.16 -56.07
N ASP G 459 -3.07 -45.97 -57.10
CA ASP G 459 -1.62 -45.94 -56.89
C ASP G 459 -1.25 -44.75 -55.99
N TRP G 460 -1.82 -43.59 -56.26
CA TRP G 460 -1.53 -42.42 -55.42
C TRP G 460 -2.00 -42.65 -53.99
N GLN G 461 -3.19 -43.24 -53.83
CA GLN G 461 -3.72 -43.49 -52.49
C GLN G 461 -2.89 -44.52 -51.73
N PHE G 462 -2.39 -45.54 -52.45
CA PHE G 462 -1.52 -46.52 -51.80
C PHE G 462 -0.21 -45.89 -51.35
N VAL G 463 0.36 -45.01 -52.18
CA VAL G 463 1.57 -44.30 -51.76
C VAL G 463 1.27 -43.46 -50.53
N ALA G 464 0.11 -42.81 -50.49
CA ALA G 464 -0.26 -42.02 -49.33
C ALA G 464 -0.39 -42.88 -48.07
N MET G 465 -0.99 -44.06 -48.21
CA MET G 465 -1.13 -44.96 -47.05
C MET G 465 0.22 -45.44 -46.56
N VAL G 466 1.12 -45.78 -47.49
CA VAL G 466 2.45 -46.24 -47.11
C VAL G 466 3.19 -45.14 -46.37
N VAL G 467 3.12 -43.91 -46.88
CA VAL G 467 3.78 -42.78 -46.25
C VAL G 467 3.15 -42.50 -44.88
N ASP G 468 1.84 -42.70 -44.75
CA ASP G 468 1.18 -42.52 -43.46
C ASP G 468 1.68 -43.54 -42.45
N ARG G 469 1.83 -44.80 -42.85
CA ARG G 469 2.33 -45.81 -41.92
C ARG G 469 3.78 -45.52 -41.52
N LEU G 470 4.59 -45.08 -42.48
CA LEU G 470 5.97 -44.69 -42.17
C LEU G 470 5.99 -43.56 -41.14
N PHE G 471 5.14 -42.55 -41.35
CA PHE G 471 5.08 -41.45 -40.39
C PHE G 471 4.58 -41.91 -39.04
N LEU G 472 3.66 -42.87 -39.01
CA LEU G 472 3.18 -43.40 -37.74
C LEU G 472 4.32 -44.04 -36.95
N TRP G 473 5.11 -44.89 -37.62
CA TRP G 473 6.21 -45.54 -36.91
C TRP G 473 7.28 -44.52 -36.50
N THR G 474 7.57 -43.55 -37.36
CA THR G 474 8.55 -42.53 -37.02
C THR G 474 8.08 -41.71 -35.81
N PHE G 475 6.78 -41.38 -35.78
CA PHE G 475 6.24 -40.64 -34.65
C PHE G 475 6.33 -41.45 -33.37
N ILE G 476 6.01 -42.75 -33.43
CA ILE G 476 6.11 -43.59 -32.25
C ILE G 476 7.54 -43.59 -31.72
N ILE G 477 8.51 -43.77 -32.63
CA ILE G 477 9.91 -43.85 -32.21
C ILE G 477 10.36 -42.53 -31.60
N PHE G 478 10.12 -41.42 -32.31
CA PHE G 478 10.61 -40.12 -31.84
C PHE G 478 9.94 -39.72 -30.53
N THR G 479 8.63 -39.93 -30.43
CA THR G 479 7.91 -39.60 -29.20
C THR G 479 8.43 -40.42 -28.04
N SER G 480 8.59 -41.73 -28.23
CA SER G 480 9.06 -42.58 -27.14
C SER G 480 10.44 -42.16 -26.69
N VAL G 481 11.36 -41.90 -27.64
CA VAL G 481 12.72 -41.54 -27.28
C VAL G 481 12.74 -40.21 -26.53
N GLY G 482 12.05 -39.20 -27.06
CA GLY G 482 12.07 -37.89 -26.42
C GLY G 482 11.42 -37.89 -25.06
N THR G 483 10.25 -38.52 -24.93
CA THR G 483 9.57 -38.60 -23.64
C THR G 483 10.42 -39.36 -22.63
N LEU G 484 11.06 -40.45 -23.06
CA LEU G 484 11.92 -41.21 -22.16
C LEU G 484 13.10 -40.36 -21.69
N VAL G 485 13.73 -39.61 -22.60
CA VAL G 485 14.87 -38.79 -22.23
C VAL G 485 14.45 -37.73 -21.21
N ILE G 486 13.35 -37.03 -21.47
CA ILE G 486 12.91 -35.97 -20.57
C ILE G 486 12.50 -36.56 -19.22
N PHE G 487 11.77 -37.68 -19.23
CA PHE G 487 11.26 -38.26 -17.99
C PHE G 487 12.38 -38.85 -17.15
N LEU G 488 13.40 -39.43 -17.79
CA LEU G 488 14.54 -39.94 -17.02
C LEU G 488 15.39 -38.80 -16.50
N ASP G 489 15.49 -37.69 -17.24
CA ASP G 489 16.17 -36.52 -16.71
C ASP G 489 15.46 -35.98 -15.48
N ALA G 490 14.12 -35.93 -15.52
CA ALA G 490 13.36 -35.45 -14.36
C ALA G 490 13.45 -36.43 -13.20
N THR G 491 13.40 -37.73 -13.48
CA THR G 491 13.27 -38.72 -12.42
C THR G 491 14.56 -38.86 -11.62
N TYR G 492 15.71 -38.84 -12.30
CA TYR G 492 17.00 -39.04 -11.67
C TYR G 492 17.62 -37.74 -11.17
N HIS G 493 16.82 -36.70 -10.95
CA HIS G 493 17.26 -35.46 -10.29
C HIS G 493 16.83 -35.57 -8.84
N LEU G 494 17.73 -36.11 -8.01
CA LEU G 494 17.49 -36.32 -6.59
C LEU G 494 18.09 -35.18 -5.78
N PRO G 495 17.64 -34.96 -4.55
CA PRO G 495 18.27 -33.94 -3.71
C PRO G 495 19.65 -34.40 -3.26
N PRO G 496 20.49 -33.49 -2.79
CA PRO G 496 21.87 -33.88 -2.46
C PRO G 496 21.91 -34.75 -1.22
N PRO G 497 22.73 -35.81 -1.19
CA PRO G 497 22.84 -36.60 0.05
C PRO G 497 23.37 -35.82 1.23
N ASP G 498 24.21 -34.80 1.00
CA ASP G 498 24.84 -34.00 2.03
C ASP G 498 24.56 -32.53 1.78
N PRO G 499 24.32 -31.71 2.81
CA PRO G 499 23.99 -30.30 2.55
C PRO G 499 25.13 -29.49 1.95
N PHE G 500 26.38 -29.93 2.10
CA PHE G 500 27.55 -29.19 1.63
C PHE G 500 28.43 -30.13 0.80
N PRO G 501 28.00 -30.46 -0.41
CA PRO G 501 28.77 -31.40 -1.22
C PRO G 501 30.13 -30.84 -1.63
N SER G 502 31.10 -31.74 -1.76
CA SER G 502 32.41 -31.35 -2.26
C SER G 502 32.33 -31.06 -3.76
N ARG G 503 33.08 -30.05 -4.19
CA ARG G 503 33.08 -29.61 -5.59
C ARG G 503 34.51 -29.48 -6.11
N LEU H 22 -16.32 14.41 38.82
CA LEU H 22 -15.98 13.03 39.22
C LEU H 22 -14.87 13.02 40.26
N ASN H 23 -15.21 13.54 41.44
CA ASN H 23 -14.28 13.51 42.55
C ASN H 23 -14.07 12.09 43.05
N GLU H 24 -15.09 11.24 42.97
CA GLU H 24 -15.05 9.96 43.68
C GLU H 24 -14.05 9.00 43.05
N GLU H 25 -14.25 8.59 41.79
CA GLU H 25 -13.27 7.67 41.23
C GLU H 25 -11.99 8.34 40.73
N GLU H 26 -11.95 9.67 40.62
CA GLU H 26 -10.63 10.30 40.54
C GLU H 26 -9.85 10.07 41.83
N ARG H 27 -10.51 10.23 42.97
CA ARG H 27 -9.88 9.93 44.26
C ARG H 27 -9.52 8.45 44.35
N LEU H 28 -10.39 7.57 43.84
CA LEU H 28 -10.13 6.14 43.92
C LEU H 28 -8.94 5.75 43.05
N ILE H 29 -8.86 6.29 41.83
CA ILE H 29 -7.72 5.98 40.97
C ILE H 29 -6.44 6.52 41.59
N ARG H 30 -6.51 7.69 42.20
CA ARG H 30 -5.34 8.22 42.91
C ARG H 30 -4.94 7.31 44.07
N HIS H 31 -5.93 6.80 44.80
CA HIS H 31 -5.65 5.92 45.93
C HIS H 31 -5.04 4.60 45.50
N LEU H 32 -5.58 4.01 44.42
CA LEU H 32 -5.11 2.70 43.98
C LEU H 32 -3.73 2.80 43.33
N PHE H 33 -3.54 3.78 42.45
CA PHE H 33 -2.36 3.80 41.58
C PHE H 33 -1.25 4.70 42.08
N GLN H 34 -1.57 5.80 42.76
CA GLN H 34 -0.58 6.74 43.26
C GLN H 34 -0.25 6.52 44.73
N GLU H 35 -1.26 6.50 45.60
CA GLU H 35 -1.01 6.32 47.02
C GLU H 35 -0.42 4.95 47.32
N LYS H 36 -0.94 3.90 46.68
CA LYS H 36 -0.48 2.53 46.91
C LYS H 36 0.66 2.12 45.99
N GLY H 37 1.08 2.97 45.06
CA GLY H 37 2.26 2.71 44.26
C GLY H 37 2.14 1.49 43.37
N TYR H 38 1.02 1.39 42.65
CA TYR H 38 0.76 0.21 41.84
C TYR H 38 1.81 0.08 40.74
N ASN H 39 2.27 -1.14 40.51
CA ASN H 39 3.29 -1.44 39.51
C ASN H 39 2.74 -2.47 38.53
N LYS H 40 2.51 -2.04 37.29
CA LYS H 40 1.96 -2.94 36.28
C LYS H 40 2.97 -3.97 35.78
N GLU H 41 4.26 -3.77 36.03
CA GLU H 41 5.26 -4.74 35.61
C GLU H 41 5.21 -6.02 36.45
N LEU H 42 4.77 -5.91 37.69
CA LEU H 42 4.72 -7.05 38.60
C LEU H 42 3.36 -7.75 38.51
N ARG H 43 3.38 -9.07 38.63
CA ARG H 43 2.15 -9.85 38.61
C ARG H 43 1.38 -9.64 39.91
N PRO H 44 0.05 -9.85 39.90
CA PRO H 44 -0.71 -9.81 41.17
C PRO H 44 -0.61 -11.11 41.96
N VAL H 45 0.51 -11.28 42.68
CA VAL H 45 0.76 -12.46 43.48
C VAL H 45 1.49 -12.04 44.75
N ALA H 46 1.13 -12.67 45.87
CA ALA H 46 1.80 -12.36 47.13
C ALA H 46 3.27 -12.76 47.08
N HIS H 47 3.57 -13.93 46.50
CA HIS H 47 4.93 -14.42 46.37
C HIS H 47 5.16 -14.83 44.92
N LYS H 48 6.44 -14.86 44.54
CA LYS H 48 6.79 -15.11 43.15
C LYS H 48 6.37 -16.51 42.70
N GLU H 49 6.50 -17.50 43.59
CA GLU H 49 6.19 -18.87 43.21
C GLU H 49 4.72 -19.09 42.87
N GLU H 50 3.84 -18.20 43.31
CA GLU H 50 2.42 -18.32 42.97
C GLU H 50 2.20 -17.98 41.51
N SER H 51 1.06 -18.42 40.99
CA SER H 51 0.65 -18.17 39.61
C SER H 51 -0.71 -17.49 39.59
N VAL H 52 -0.95 -16.73 38.52
CA VAL H 52 -2.20 -16.02 38.32
C VAL H 52 -3.11 -16.89 37.46
N ASP H 53 -4.35 -17.05 37.90
CA ASP H 53 -5.34 -17.82 37.18
C ASP H 53 -6.07 -16.91 36.18
N VAL H 54 -5.89 -17.17 34.90
CA VAL H 54 -6.48 -16.39 33.82
C VAL H 54 -7.51 -17.27 33.14
N ALA H 55 -8.78 -16.91 33.26
CA ALA H 55 -9.86 -17.64 32.61
C ALA H 55 -10.15 -17.01 31.26
N LEU H 56 -10.13 -17.83 30.20
CA LEU H 56 -10.30 -17.37 28.84
C LEU H 56 -11.59 -17.93 28.24
N ALA H 57 -12.31 -17.10 27.51
CA ALA H 57 -13.39 -17.53 26.63
C ALA H 57 -13.24 -16.83 25.30
N LEU H 58 -13.81 -17.43 24.26
CA LEU H 58 -13.76 -16.88 22.91
C LEU H 58 -15.15 -16.83 22.32
N THR H 59 -15.54 -15.64 21.85
CA THR H 59 -16.77 -15.44 21.09
C THR H 59 -16.38 -15.24 19.63
N LEU H 60 -17.11 -15.90 18.72
CA LEU H 60 -16.89 -15.75 17.29
C LEU H 60 -17.92 -14.78 16.74
N SER H 61 -17.47 -13.57 16.40
CA SER H 61 -18.39 -12.57 15.84
C SER H 61 -18.78 -12.94 14.41
N ASN H 62 -17.79 -13.31 13.59
CA ASN H 62 -18.08 -13.75 12.23
C ASN H 62 -16.85 -14.45 11.67
N LEU H 63 -17.08 -15.53 10.93
CA LEU H 63 -16.03 -16.23 10.20
C LEU H 63 -15.83 -15.51 8.87
N ILE H 64 -14.71 -14.79 8.74
CA ILE H 64 -14.51 -13.98 7.55
C ILE H 64 -14.28 -14.87 6.33
N SER H 65 -13.25 -15.72 6.39
CA SER H 65 -12.99 -16.55 5.21
C SER H 65 -12.04 -17.68 5.57
N LEU H 66 -11.96 -18.65 4.67
CA LEU H 66 -10.92 -19.68 4.66
C LEU H 66 -10.37 -19.73 3.24
N LYS H 67 -9.22 -19.09 3.03
CA LYS H 67 -8.55 -19.12 1.73
C LYS H 67 -7.80 -20.44 1.61
N GLU H 68 -8.20 -21.25 0.62
CA GLU H 68 -7.62 -22.58 0.47
C GLU H 68 -6.21 -22.52 -0.09
N VAL H 69 -5.97 -21.67 -1.08
CA VAL H 69 -4.67 -21.61 -1.73
C VAL H 69 -3.60 -21.19 -0.74
N GLU H 70 -3.88 -20.16 0.06
CA GLU H 70 -2.97 -19.72 1.11
C GLU H 70 -3.15 -20.50 2.41
N GLU H 71 -4.20 -21.32 2.53
CA GLU H 71 -4.46 -22.12 3.73
C GLU H 71 -4.55 -21.25 4.97
N THR H 72 -5.33 -20.17 4.86
CA THR H 72 -5.43 -19.16 5.91
C THR H 72 -6.89 -19.01 6.33
N LEU H 73 -7.15 -19.07 7.63
CA LEU H 73 -8.46 -18.81 8.20
C LEU H 73 -8.47 -17.41 8.80
N THR H 74 -9.36 -16.55 8.29
CA THR H 74 -9.54 -15.19 8.80
C THR H 74 -10.84 -15.17 9.61
N THR H 75 -10.73 -14.73 10.86
CA THR H 75 -11.83 -14.73 11.81
C THR H 75 -11.86 -13.42 12.59
N ASN H 76 -13.05 -13.09 13.08
CA ASN H 76 -13.27 -11.99 14.01
C ASN H 76 -13.71 -12.60 15.34
N VAL H 77 -12.91 -12.40 16.38
CA VAL H 77 -13.11 -13.07 17.67
C VAL H 77 -12.95 -12.07 18.81
N TRP H 78 -13.81 -12.20 19.82
CA TRP H 78 -13.73 -11.41 21.04
C TRP H 78 -13.21 -12.32 22.15
N ILE H 79 -12.11 -11.93 22.77
CA ILE H 79 -11.43 -12.75 23.77
C ILE H 79 -11.79 -12.20 25.15
N GLU H 80 -12.52 -13.00 25.94
CA GLU H 80 -12.86 -12.62 27.30
C GLU H 80 -11.78 -13.14 28.23
N HIS H 81 -11.02 -12.22 28.84
CA HIS H 81 -10.04 -12.50 29.87
C HIS H 81 -10.67 -12.17 31.21
N GLY H 82 -10.51 -13.06 32.18
CA GLY H 82 -10.87 -12.77 33.55
C GLY H 82 -9.77 -13.19 34.50
N TRP H 83 -9.35 -12.30 35.38
CA TRP H 83 -8.37 -12.67 36.39
C TRP H 83 -8.61 -11.83 37.64
N THR H 84 -7.79 -12.06 38.66
CA THR H 84 -7.91 -11.39 39.95
C THR H 84 -6.66 -10.57 40.20
N ASP H 85 -6.84 -9.31 40.56
CA ASP H 85 -5.76 -8.41 40.96
C ASP H 85 -6.14 -7.83 42.31
N ASN H 86 -5.60 -8.40 43.38
CA ASN H 86 -5.96 -7.97 44.72
C ASN H 86 -5.41 -6.59 45.08
N ARG H 87 -4.41 -6.11 44.34
CA ARG H 87 -3.94 -4.75 44.54
C ARG H 87 -4.98 -3.71 44.17
N LEU H 88 -5.95 -4.07 43.32
CA LEU H 88 -6.97 -3.15 42.85
C LEU H 88 -8.31 -3.36 43.55
N LYS H 89 -8.29 -3.74 44.81
CA LYS H 89 -9.50 -3.84 45.63
C LYS H 89 -9.76 -2.53 46.34
N TRP H 90 -11.05 -2.24 46.55
CA TRP H 90 -11.43 -1.08 47.34
C TRP H 90 -12.76 -1.35 48.00
N ASN H 91 -13.04 -0.58 49.05
CA ASN H 91 -14.32 -0.61 49.72
C ASN H 91 -15.29 0.33 49.00
N ALA H 92 -16.41 -0.23 48.51
CA ALA H 92 -17.32 0.56 47.69
C ALA H 92 -17.93 1.71 48.48
N GLU H 93 -18.37 1.45 49.71
CA GLU H 93 -19.02 2.51 50.47
C GLU H 93 -18.05 3.61 50.88
N GLU H 94 -16.75 3.32 50.97
CA GLU H 94 -15.77 4.36 51.26
C GLU H 94 -15.48 5.26 50.05
N PHE H 95 -15.98 4.92 48.86
CA PHE H 95 -15.75 5.68 47.64
C PHE H 95 -17.07 5.88 46.91
N GLY H 96 -18.09 6.36 47.63
CA GLY H 96 -19.35 6.69 47.01
C GLY H 96 -20.06 5.53 46.33
N ASN H 97 -19.91 4.33 46.87
CA ASN H 97 -20.61 3.13 46.39
C ASN H 97 -20.17 2.73 44.98
N ILE H 98 -19.01 3.18 44.51
CA ILE H 98 -18.52 2.77 43.20
C ILE H 98 -18.16 1.29 43.24
N SER H 99 -18.67 0.52 42.27
CA SER H 99 -18.44 -0.92 42.21
C SER H 99 -17.58 -1.36 41.03
N VAL H 100 -17.40 -0.52 40.01
CA VAL H 100 -16.66 -0.90 38.81
C VAL H 100 -15.97 0.33 38.24
N LEU H 101 -14.80 0.11 37.63
CA LEU H 101 -14.02 1.15 36.98
C LEU H 101 -13.62 0.70 35.60
N ARG H 102 -13.70 1.61 34.63
CA ARG H 102 -13.13 1.41 33.30
C ARG H 102 -11.77 2.10 33.27
N LEU H 103 -10.73 1.33 32.97
CA LEU H 103 -9.37 1.84 32.94
C LEU H 103 -8.70 1.45 31.63
N PRO H 104 -7.72 2.22 31.14
CA PRO H 104 -6.98 1.77 29.97
C PRO H 104 -6.20 0.51 30.30
N PRO H 105 -6.02 -0.38 29.32
CA PRO H 105 -5.24 -1.60 29.60
C PRO H 105 -3.76 -1.33 29.86
N ASP H 106 -3.24 -0.19 29.43
CA ASP H 106 -1.84 0.13 29.69
C ASP H 106 -1.60 0.60 31.12
N MET H 107 -2.65 0.89 31.89
CA MET H 107 -2.48 1.26 33.29
C MET H 107 -2.24 0.05 34.19
N VAL H 108 -2.72 -1.13 33.81
CA VAL H 108 -2.72 -2.30 34.66
C VAL H 108 -1.83 -3.39 34.07
N TRP H 109 -1.48 -4.34 34.93
CA TRP H 109 -0.87 -5.59 34.49
C TRP H 109 -1.83 -6.35 33.60
N LEU H 110 -1.29 -7.03 32.59
CA LEU H 110 -2.09 -7.78 31.63
C LEU H 110 -1.55 -9.20 31.50
N PRO H 111 -2.42 -10.22 31.38
CA PRO H 111 -1.93 -11.56 31.04
C PRO H 111 -1.70 -11.66 29.55
N GLU H 112 -0.49 -11.38 29.07
CA GLU H 112 -0.30 -11.18 27.64
C GLU H 112 -0.55 -12.49 26.89
N ILE H 113 -1.81 -12.71 26.50
CA ILE H 113 -2.20 -13.85 25.67
C ILE H 113 -2.12 -13.43 24.22
N VAL H 114 -1.57 -14.31 23.38
CA VAL H 114 -1.45 -14.08 21.95
C VAL H 114 -1.87 -15.34 21.21
N LEU H 115 -2.22 -15.16 19.94
CA LEU H 115 -2.50 -16.30 19.06
C LEU H 115 -1.18 -16.87 18.58
N GLU H 116 -0.85 -18.08 19.04
CA GLU H 116 0.43 -18.67 18.68
C GLU H 116 0.48 -19.05 17.20
N ASN H 117 -0.62 -19.58 16.66
CA ASN H 117 -0.64 -20.15 15.32
C ASN H 117 -1.13 -19.15 14.26
N ASN H 118 -0.81 -17.87 14.43
CA ASN H 118 -0.97 -16.93 13.33
C ASN H 118 0.07 -17.23 12.25
N ASN H 119 -0.21 -16.76 11.02
CA ASN H 119 0.70 -16.94 9.90
C ASN H 119 0.98 -15.62 9.17
N ASP H 120 0.75 -14.48 9.82
CA ASP H 120 1.02 -13.17 9.24
C ASP H 120 1.75 -12.22 10.17
N GLY H 121 2.06 -12.63 11.40
CA GLY H 121 2.78 -11.80 12.35
C GLY H 121 1.90 -11.04 13.32
N SER H 122 0.59 -11.03 13.13
CA SER H 122 -0.33 -10.35 14.05
C SER H 122 -0.61 -11.28 15.22
N PHE H 123 0.28 -11.24 16.21
CA PHE H 123 0.12 -12.07 17.40
C PHE H 123 -0.94 -11.55 18.35
N GLN H 124 -1.12 -10.23 18.43
CA GLN H 124 -1.86 -9.58 19.50
C GLN H 124 -3.27 -9.21 19.05
N ILE H 125 -4.10 -8.87 20.04
CA ILE H 125 -5.45 -8.39 19.76
C ILE H 125 -5.38 -7.08 18.97
N SER H 126 -6.49 -6.77 18.29
CA SER H 126 -6.55 -5.60 17.43
C SER H 126 -6.79 -4.33 18.25
N TYR H 127 -7.93 -4.26 18.93
CA TYR H 127 -8.35 -3.07 19.66
C TYR H 127 -8.17 -3.31 21.15
N SER H 128 -7.30 -2.52 21.79
CA SER H 128 -7.03 -2.63 23.22
C SER H 128 -8.05 -1.78 23.96
N CYS H 129 -9.19 -2.38 24.27
CA CYS H 129 -10.26 -1.69 24.97
C CYS H 129 -9.92 -1.55 26.44
N ASN H 130 -10.78 -0.82 27.17
CA ASN H 130 -10.61 -0.65 28.60
C ASN H 130 -10.82 -1.96 29.34
N VAL H 131 -10.05 -2.17 30.39
CA VAL H 131 -10.34 -3.20 31.38
C VAL H 131 -11.43 -2.69 32.32
N LEU H 132 -12.25 -3.64 32.79
CA LEU H 132 -13.23 -3.38 33.84
C LEU H 132 -12.71 -3.99 35.14
N VAL H 133 -12.51 -3.16 36.16
CA VAL H 133 -12.00 -3.58 37.45
C VAL H 133 -13.12 -3.41 38.47
N TYR H 134 -13.47 -4.50 39.15
CA TYR H 134 -14.51 -4.49 40.16
C TYR H 134 -13.92 -4.31 41.54
N HIS H 135 -14.76 -3.89 42.49
CA HIS H 135 -14.28 -3.55 43.83
C HIS H 135 -13.72 -4.76 44.57
N TYR H 136 -14.06 -5.97 44.16
CA TYR H 136 -13.55 -7.19 44.78
C TYR H 136 -12.33 -7.75 44.04
N GLY H 137 -11.66 -6.94 43.23
CA GLY H 137 -10.39 -7.31 42.64
C GLY H 137 -10.47 -8.04 41.32
N PHE H 138 -11.66 -8.31 40.81
CA PHE H 138 -11.78 -9.03 39.54
C PHE H 138 -11.57 -8.07 38.38
N VAL H 139 -10.66 -8.43 37.48
CA VAL H 139 -10.38 -7.69 36.26
C VAL H 139 -10.98 -8.47 35.10
N TYR H 140 -11.85 -7.80 34.36
CA TYR H 140 -12.53 -8.33 33.18
C TYR H 140 -12.08 -7.53 31.97
N TRP H 141 -11.72 -8.21 30.88
CA TRP H 141 -11.20 -7.54 29.70
C TRP H 141 -11.66 -8.29 28.46
N LEU H 142 -12.36 -7.60 27.55
CA LEU H 142 -12.94 -8.21 26.36
C LEU H 142 -12.43 -7.51 25.10
N PRO H 143 -11.16 -7.70 24.74
CA PRO H 143 -10.65 -7.13 23.50
C PRO H 143 -11.17 -7.89 22.30
N PRO H 144 -11.56 -7.20 21.22
CA PRO H 144 -11.82 -7.89 19.95
C PRO H 144 -10.58 -7.93 19.07
N ALA H 145 -10.60 -8.84 18.09
CA ALA H 145 -9.43 -9.05 17.26
C ALA H 145 -9.85 -9.66 15.92
N ILE H 146 -9.09 -9.30 14.89
CA ILE H 146 -9.14 -9.96 13.59
C ILE H 146 -7.88 -10.80 13.48
N PHE H 147 -8.05 -12.11 13.37
CA PHE H 147 -6.93 -13.05 13.36
C PHE H 147 -6.87 -13.80 12.04
N ARG H 148 -5.64 -14.01 11.56
CA ARG H 148 -5.37 -14.79 10.37
C ARG H 148 -4.44 -15.94 10.78
N SER H 149 -4.99 -17.15 10.79
CA SER H 149 -4.32 -18.31 11.36
C SER H 149 -4.09 -19.37 10.30
N SER H 150 -3.12 -20.23 10.56
CA SER H 150 -2.77 -21.33 9.67
C SER H 150 -3.80 -22.45 9.82
N CYS H 151 -4.44 -22.83 8.71
CA CYS H 151 -5.36 -23.96 8.66
C CYS H 151 -4.98 -24.83 7.47
N PRO H 152 -4.17 -25.86 7.67
CA PRO H 152 -3.88 -26.77 6.55
C PRO H 152 -5.15 -27.42 6.01
N ILE H 153 -5.19 -27.56 4.70
CA ILE H 153 -6.41 -27.90 3.97
C ILE H 153 -6.30 -29.34 3.48
N SER H 154 -7.34 -30.13 3.75
CA SER H 154 -7.47 -31.49 3.21
C SER H 154 -8.32 -31.41 1.96
N VAL H 155 -7.69 -31.61 0.80
CA VAL H 155 -8.35 -31.41 -0.48
C VAL H 155 -8.99 -32.69 -0.99
N THR H 156 -8.96 -33.77 -0.19
CA THR H 156 -9.26 -35.10 -0.71
C THR H 156 -10.69 -35.20 -1.25
N TYR H 157 -11.66 -34.62 -0.55
CA TYR H 157 -13.06 -34.70 -0.92
C TYR H 157 -13.60 -33.38 -1.46
N PHE H 158 -12.74 -32.48 -1.91
CA PHE H 158 -13.17 -31.21 -2.44
C PHE H 158 -14.03 -31.44 -3.70
N PRO H 159 -15.19 -30.78 -3.86
CA PRO H 159 -15.79 -29.72 -3.03
C PRO H 159 -16.71 -30.24 -1.92
N PHE H 160 -16.69 -31.54 -1.61
CA PHE H 160 -17.50 -32.12 -0.54
C PHE H 160 -16.68 -32.29 0.74
N ASP H 161 -15.76 -31.37 0.99
CA ASP H 161 -14.78 -31.49 2.05
C ASP H 161 -15.25 -30.74 3.30
N TRP H 162 -14.66 -31.12 4.43
CA TRP H 162 -14.78 -30.40 5.68
C TRP H 162 -13.39 -30.20 6.26
N GLN H 163 -13.22 -29.08 6.95
CA GLN H 163 -11.92 -28.65 7.43
C GLN H 163 -11.93 -28.57 8.95
N ASN H 164 -10.73 -28.67 9.50
CA ASN H 164 -10.49 -28.71 10.93
C ASN H 164 -9.44 -27.64 11.27
N CYS H 165 -9.91 -26.42 11.49
CA CYS H 165 -9.05 -25.30 11.83
C CYS H 165 -8.96 -25.16 13.34
N SER H 166 -7.96 -24.40 13.80
CA SER H 166 -7.73 -24.23 15.22
C SER H 166 -7.12 -22.86 15.49
N LEU H 167 -7.47 -22.30 16.64
CA LEU H 167 -6.92 -21.05 17.15
C LEU H 167 -6.27 -21.36 18.49
N LYS H 168 -4.94 -21.35 18.53
CA LYS H 168 -4.17 -21.71 19.70
C LYS H 168 -3.70 -20.44 20.40
N PHE H 169 -4.10 -20.27 21.67
CA PHE H 169 -3.78 -19.09 22.45
C PHE H 169 -2.84 -19.48 23.59
N SER H 170 -1.74 -18.76 23.72
CA SER H 170 -0.78 -18.96 24.79
C SER H 170 -0.19 -17.61 25.15
N SER H 171 0.81 -17.62 26.03
CA SER H 171 1.52 -16.42 26.43
C SER H 171 3.01 -16.66 26.24
N LEU H 172 3.65 -15.81 25.44
CA LEU H 172 5.10 -15.90 25.26
C LEU H 172 5.85 -15.16 26.36
N LYS H 173 5.23 -14.12 26.93
CA LYS H 173 5.85 -13.43 28.07
C LYS H 173 5.82 -14.32 29.31
N TYR H 174 4.69 -14.93 29.61
CA TYR H 174 4.50 -15.70 30.83
C TYR H 174 4.37 -17.19 30.50
N THR H 175 4.95 -18.02 31.36
CA THR H 175 4.91 -19.46 31.23
C THR H 175 3.88 -20.03 32.20
N ALA H 176 3.78 -21.36 32.23
CA ALA H 176 2.91 -22.03 33.19
C ALA H 176 3.35 -21.76 34.63
N LYS H 177 4.63 -21.45 34.84
CA LYS H 177 5.08 -21.08 36.17
C LYS H 177 4.43 -19.79 36.66
N GLU H 178 4.13 -18.86 35.74
CA GLU H 178 3.66 -17.52 36.09
C GLU H 178 2.15 -17.37 36.00
N ILE H 179 1.51 -17.93 34.97
CA ILE H 179 0.06 -17.86 34.82
C ILE H 179 -0.48 -19.25 34.55
N THR H 180 -1.73 -19.46 34.95
CA THR H 180 -2.44 -20.72 34.74
C THR H 180 -3.64 -20.44 33.85
N LEU H 181 -3.54 -20.88 32.59
CA LEU H 181 -4.65 -20.74 31.67
C LEU H 181 -5.77 -21.70 32.05
N SER H 182 -7.01 -21.23 31.93
CA SER H 182 -8.17 -22.06 32.20
C SER H 182 -9.35 -21.54 31.39
N LEU H 183 -10.38 -22.36 31.29
CA LEU H 183 -11.60 -21.97 30.59
C LEU H 183 -12.50 -21.17 31.50
N LYS H 184 -13.29 -20.28 30.89
CA LYS H 184 -14.29 -19.53 31.65
C LYS H 184 -15.32 -20.48 32.22
N GLN H 185 -15.75 -20.20 33.45
CA GLN H 185 -16.78 -20.95 34.13
C GLN H 185 -18.07 -20.14 34.18
N ASP H 186 -19.17 -20.76 33.77
CA ASP H 186 -20.51 -20.18 33.86
C ASP H 186 -21.31 -20.92 34.91
N ALA H 187 -22.46 -20.36 35.25
CA ALA H 187 -23.31 -20.87 36.32
C ALA H 187 -24.74 -21.03 35.82
N LYS H 188 -25.39 -22.08 36.32
CA LYS H 188 -26.80 -22.32 36.03
C LYS H 188 -27.42 -23.02 37.23
N GLU H 189 -28.44 -22.40 37.82
CA GLU H 189 -29.12 -22.94 39.01
C GLU H 189 -28.12 -23.23 40.13
N ASN H 190 -27.17 -22.31 40.31
CA ASN H 190 -26.10 -22.46 41.32
C ASN H 190 -25.29 -23.73 41.08
N ARG H 191 -25.07 -24.08 39.81
CA ARG H 191 -24.16 -25.14 39.43
C ARG H 191 -23.16 -24.58 38.43
N THR H 192 -21.88 -24.73 38.73
CA THR H 192 -20.81 -24.20 37.90
C THR H 192 -20.37 -25.24 36.87
N TYR H 193 -20.10 -24.77 35.65
CA TYR H 193 -19.59 -25.62 34.59
C TYR H 193 -18.61 -24.84 33.74
N PRO H 194 -17.60 -25.49 33.15
CA PRO H 194 -16.70 -24.77 32.26
C PRO H 194 -17.32 -24.56 30.87
N VAL H 195 -16.91 -23.47 30.24
CA VAL H 195 -17.34 -23.15 28.88
C VAL H 195 -16.34 -23.82 27.95
N GLU H 196 -16.71 -25.01 27.45
CA GLU H 196 -15.82 -25.83 26.64
C GLU H 196 -16.12 -25.71 25.15
N TRP H 197 -16.53 -24.53 24.70
CA TRP H 197 -16.90 -24.32 23.32
C TRP H 197 -16.69 -22.86 22.96
N ILE H 198 -16.62 -22.58 21.66
CA ILE H 198 -16.65 -21.20 21.19
C ILE H 198 -18.07 -20.67 21.37
N ILE H 199 -18.19 -19.46 21.89
CA ILE H 199 -19.49 -18.84 22.10
C ILE H 199 -19.94 -18.20 20.80
N ILE H 200 -21.18 -18.49 20.39
CA ILE H 200 -21.79 -17.87 19.21
C ILE H 200 -23.17 -17.37 19.63
N ASP H 201 -23.42 -16.09 19.39
CA ASP H 201 -24.74 -15.54 19.66
C ASP H 201 -25.69 -16.06 18.60
N PRO H 202 -26.76 -16.81 18.95
CA PRO H 202 -27.67 -17.29 17.89
C PRO H 202 -28.35 -16.17 17.13
N GLU H 203 -28.65 -15.05 17.77
CA GLU H 203 -29.35 -13.96 17.11
C GLU H 203 -28.40 -13.15 16.24
N GLY H 204 -27.27 -12.72 16.79
CA GLY H 204 -26.36 -11.82 16.13
C GLY H 204 -25.36 -12.42 15.18
N PHE H 205 -25.33 -13.74 15.03
CA PHE H 205 -24.35 -14.41 14.17
C PHE H 205 -24.93 -14.63 12.78
N THR H 206 -24.19 -14.18 11.76
CA THR H 206 -24.52 -14.41 10.36
C THR H 206 -23.58 -15.48 9.83
N GLU H 207 -24.14 -16.57 9.32
CA GLU H 207 -23.31 -17.68 8.87
C GLU H 207 -22.50 -17.30 7.63
N ASN H 208 -21.32 -17.88 7.53
CA ASN H 208 -20.47 -17.68 6.37
C ASN H 208 -21.15 -18.23 5.13
N GLY H 209 -20.88 -17.60 3.98
CA GLY H 209 -21.56 -17.97 2.76
C GLY H 209 -21.09 -19.27 2.14
N GLU H 210 -19.99 -19.85 2.64
CA GLU H 210 -19.43 -21.07 2.10
C GLU H 210 -19.11 -22.13 3.13
N TRP H 211 -19.14 -21.82 4.43
CA TRP H 211 -18.71 -22.74 5.47
C TRP H 211 -19.73 -22.75 6.61
N GLU H 212 -20.19 -23.95 6.97
CA GLU H 212 -21.12 -24.15 8.07
C GLU H 212 -20.38 -24.79 9.23
N ILE H 213 -20.57 -24.24 10.43
CA ILE H 213 -19.90 -24.73 11.61
C ILE H 213 -20.63 -25.98 12.11
N VAL H 214 -19.89 -27.06 12.32
CA VAL H 214 -20.45 -28.32 12.81
C VAL H 214 -20.10 -28.48 14.28
N HIS H 215 -18.81 -28.41 14.61
CA HIS H 215 -18.33 -28.49 15.98
C HIS H 215 -17.44 -27.30 16.26
N ARG H 216 -17.41 -26.89 17.53
CA ARG H 216 -16.62 -25.74 17.96
C ARG H 216 -16.19 -25.93 19.41
N PRO H 217 -15.30 -26.90 19.67
CA PRO H 217 -14.86 -27.15 21.04
C PRO H 217 -13.75 -26.21 21.48
N ALA H 218 -13.54 -26.18 22.80
CA ALA H 218 -12.45 -25.44 23.43
C ALA H 218 -11.77 -26.37 24.44
N ARG H 219 -10.44 -26.34 24.46
CA ARG H 219 -9.67 -27.30 25.24
C ARG H 219 -8.45 -26.61 25.85
N VAL H 220 -8.17 -26.94 27.10
CA VAL H 220 -6.92 -26.54 27.75
C VAL H 220 -5.91 -27.66 27.51
N ASN H 221 -4.94 -27.40 26.63
CA ASN H 221 -3.93 -28.38 26.27
C ASN H 221 -2.67 -28.11 27.09
N VAL H 222 -2.23 -29.14 27.81
CA VAL H 222 -1.02 -29.09 28.63
C VAL H 222 -0.08 -30.18 28.14
N ASP H 223 1.21 -29.84 28.00
CA ASP H 223 2.21 -30.77 27.51
C ASP H 223 2.98 -31.33 28.70
N PRO H 224 2.80 -32.59 29.09
CA PRO H 224 3.61 -33.11 30.21
C PRO H 224 5.09 -33.19 29.89
N ARG H 225 5.46 -33.32 28.62
CA ARG H 225 6.87 -33.45 28.26
C ARG H 225 7.61 -32.13 28.47
N ALA H 226 6.98 -31.01 28.16
CA ALA H 226 7.65 -29.73 28.23
C ALA H 226 7.88 -29.32 29.69
N PRO H 227 8.93 -28.55 29.97
CA PRO H 227 9.11 -28.05 31.35
C PRO H 227 8.13 -26.93 31.66
N LEU H 228 7.97 -26.65 32.95
CA LEU H 228 7.02 -25.64 33.38
C LEU H 228 7.43 -24.25 32.91
N ASP H 229 8.73 -23.97 32.86
CA ASP H 229 9.23 -22.65 32.51
C ASP H 229 9.40 -22.46 31.01
N SER H 230 8.67 -23.24 30.18
CA SER H 230 8.65 -23.07 28.73
C SER H 230 7.30 -22.50 28.29
N PRO H 231 7.26 -21.64 27.27
CA PRO H 231 5.95 -21.14 26.81
C PRO H 231 5.08 -22.21 26.18
N SER H 232 5.66 -23.32 25.73
CA SER H 232 4.91 -24.38 25.06
C SER H 232 4.25 -25.36 26.03
N ARG H 233 4.39 -25.14 27.34
CA ARG H 233 3.78 -26.05 28.31
C ARG H 233 2.26 -26.05 28.18
N GLN H 234 1.64 -24.88 28.17
CA GLN H 234 0.19 -24.74 28.23
C GLN H 234 -0.31 -23.89 27.08
N ASP H 235 -1.56 -24.17 26.68
CA ASP H 235 -2.27 -23.31 25.75
C ASP H 235 -3.75 -23.64 25.86
N ILE H 236 -4.58 -22.76 25.31
CA ILE H 236 -6.00 -23.00 25.14
C ILE H 236 -6.29 -22.94 23.65
N THR H 237 -6.83 -24.03 23.11
CA THR H 237 -7.13 -24.13 21.68
C THR H 237 -8.63 -24.15 21.49
N PHE H 238 -9.10 -23.28 20.59
CA PHE H 238 -10.49 -23.26 20.14
C PHE H 238 -10.52 -23.77 18.71
N TYR H 239 -11.22 -24.88 18.50
CA TYR H 239 -11.25 -25.54 17.20
C TYR H 239 -12.53 -25.20 16.46
N LEU H 240 -12.45 -25.26 15.13
CA LEU H 240 -13.60 -25.08 14.26
C LEU H 240 -13.62 -26.20 13.24
N ILE H 241 -14.63 -27.06 13.34
CA ILE H 241 -14.92 -28.04 12.30
C ILE H 241 -15.96 -27.40 11.39
N ILE H 242 -15.61 -27.19 10.13
CA ILE H 242 -16.45 -26.44 9.20
C ILE H 242 -16.62 -27.24 7.91
N ARG H 243 -17.87 -27.42 7.51
CA ARG H 243 -18.23 -28.15 6.31
C ARG H 243 -18.47 -27.17 5.18
N ARG H 244 -17.89 -27.44 4.01
CA ARG H 244 -18.14 -26.62 2.85
C ARG H 244 -19.56 -26.83 2.35
N LYS H 245 -20.23 -25.73 1.99
CA LYS H 245 -21.52 -25.80 1.32
C LYS H 245 -21.25 -25.88 -0.18
N PRO H 246 -21.44 -27.04 -0.84
CA PRO H 246 -20.89 -27.21 -2.19
C PRO H 246 -21.81 -26.75 -3.31
N LEU H 247 -22.85 -25.98 -2.99
CA LEU H 247 -23.85 -25.63 -4.00
C LEU H 247 -23.25 -24.85 -5.16
N PHE H 248 -22.40 -23.86 -4.86
CA PHE H 248 -21.78 -23.07 -5.92
C PHE H 248 -20.92 -23.94 -6.82
N TYR H 249 -20.03 -24.74 -6.22
CA TYR H 249 -19.15 -25.60 -7.01
C TYR H 249 -19.95 -26.61 -7.80
N ILE H 250 -20.97 -27.20 -7.16
CA ILE H 250 -21.85 -28.16 -7.85
C ILE H 250 -22.41 -27.52 -9.11
N ILE H 251 -23.17 -26.43 -8.93
CA ILE H 251 -23.91 -25.80 -10.03
C ILE H 251 -22.95 -25.34 -11.12
N ASN H 252 -21.82 -24.73 -10.74
CA ASN H 252 -20.99 -24.03 -11.71
C ASN H 252 -19.94 -24.90 -12.38
N ILE H 253 -19.57 -26.05 -11.80
CA ILE H 253 -18.53 -26.88 -12.38
C ILE H 253 -19.05 -28.29 -12.60
N LEU H 254 -19.59 -28.92 -11.55
CA LEU H 254 -19.67 -30.38 -11.54
C LEU H 254 -20.72 -30.86 -12.54
N VAL H 255 -21.91 -30.26 -12.50
CA VAL H 255 -22.95 -30.65 -13.44
C VAL H 255 -22.53 -30.37 -14.89
N PRO H 256 -22.04 -29.18 -15.24
CA PRO H 256 -21.49 -29.01 -16.60
C PRO H 256 -20.35 -29.96 -16.92
N CYS H 257 -19.41 -30.14 -15.98
CA CYS H 257 -18.26 -31.00 -16.24
C CYS H 257 -18.69 -32.46 -16.41
N VAL H 258 -19.57 -32.94 -15.53
CA VAL H 258 -20.02 -34.33 -15.62
C VAL H 258 -20.80 -34.55 -16.91
N LEU H 259 -21.68 -33.61 -17.27
CA LEU H 259 -22.47 -33.78 -18.49
C LEU H 259 -21.58 -33.75 -19.73
N ILE H 260 -20.63 -32.82 -19.78
CA ILE H 260 -19.75 -32.73 -20.95
C ILE H 260 -18.87 -33.97 -21.02
N SER H 261 -18.45 -34.52 -19.88
CA SER H 261 -17.65 -35.74 -19.89
C SER H 261 -18.45 -36.93 -20.41
N PHE H 262 -19.69 -37.08 -19.92
CA PHE H 262 -20.56 -38.12 -20.44
C PHE H 262 -20.94 -37.88 -21.90
N MET H 263 -20.70 -36.67 -22.42
CA MET H 263 -21.08 -36.36 -23.78
C MET H 263 -20.32 -37.23 -24.78
N VAL H 264 -19.11 -37.68 -24.42
CA VAL H 264 -18.25 -38.41 -25.35
C VAL H 264 -18.84 -39.75 -25.77
N ASN H 265 -19.78 -40.29 -25.00
CA ASN H 265 -20.39 -41.57 -25.33
C ASN H 265 -21.32 -41.50 -26.54
N LEU H 266 -21.67 -40.30 -27.00
CA LEU H 266 -22.58 -40.16 -28.13
C LEU H 266 -21.90 -40.42 -29.47
N VAL H 267 -20.56 -40.43 -29.50
CA VAL H 267 -19.86 -40.69 -30.76
C VAL H 267 -20.12 -42.11 -31.23
N PHE H 268 -20.35 -43.04 -30.30
CA PHE H 268 -20.60 -44.43 -30.69
C PHE H 268 -21.92 -44.57 -31.44
N TYR H 269 -22.88 -43.68 -31.19
CA TYR H 269 -24.14 -43.67 -31.91
C TYR H 269 -24.10 -42.81 -33.17
N LEU H 270 -23.03 -42.08 -33.40
CA LEU H 270 -22.89 -41.31 -34.64
C LEU H 270 -22.42 -42.23 -35.77
N PRO H 271 -23.04 -42.18 -36.95
CA PRO H 271 -22.49 -42.98 -38.05
C PRO H 271 -21.13 -42.47 -38.50
N ALA H 272 -20.32 -43.39 -39.02
CA ALA H 272 -19.00 -43.01 -39.51
C ALA H 272 -19.06 -42.09 -40.72
N ASP H 273 -20.16 -42.11 -41.47
CA ASP H 273 -20.30 -41.24 -42.63
C ASP H 273 -20.57 -39.79 -42.26
N SER H 274 -20.95 -39.51 -41.01
CA SER H 274 -21.18 -38.13 -40.60
C SER H 274 -19.90 -37.32 -40.64
N GLY H 275 -18.75 -37.96 -40.41
CA GLY H 275 -17.48 -37.26 -40.45
C GLY H 275 -17.27 -36.31 -39.29
N GLU H 276 -17.90 -36.56 -38.15
CA GLU H 276 -17.85 -35.63 -37.02
C GLU H 276 -17.72 -36.37 -35.69
N LYS H 277 -17.00 -37.49 -35.66
CA LYS H 277 -16.83 -38.27 -34.43
C LYS H 277 -15.63 -37.79 -33.63
N THR H 278 -14.44 -37.84 -34.22
CA THR H 278 -13.23 -37.43 -33.51
C THR H 278 -13.28 -35.94 -33.18
N SER H 279 -13.97 -35.13 -33.99
CA SER H 279 -14.11 -33.71 -33.66
C SER H 279 -14.92 -33.54 -32.38
N VAL H 280 -16.02 -34.29 -32.24
CA VAL H 280 -16.82 -34.23 -31.02
C VAL H 280 -15.98 -34.67 -29.83
N ALA H 281 -15.26 -35.78 -29.98
CA ALA H 281 -14.50 -36.31 -28.84
C ALA H 281 -13.38 -35.37 -28.41
N ILE H 282 -12.62 -34.85 -29.37
CA ILE H 282 -11.52 -33.95 -29.01
C ILE H 282 -12.07 -32.63 -28.48
N SER H 283 -13.25 -32.20 -28.93
CA SER H 283 -13.86 -31.01 -28.33
C SER H 283 -14.23 -31.26 -26.88
N VAL H 284 -14.74 -32.44 -26.57
CA VAL H 284 -15.03 -32.78 -25.18
C VAL H 284 -13.75 -32.74 -24.36
N LEU H 285 -12.65 -33.26 -24.92
CA LEU H 285 -11.37 -33.20 -24.22
C LEU H 285 -10.93 -31.77 -23.97
N LEU H 286 -11.11 -30.90 -24.97
CA LEU H 286 -10.75 -29.49 -24.81
C LEU H 286 -11.58 -28.83 -23.71
N ALA H 287 -12.88 -29.14 -23.66
CA ALA H 287 -13.72 -28.59 -22.60
C ALA H 287 -13.27 -29.06 -21.23
N GLN H 288 -12.91 -30.35 -21.11
CA GLN H 288 -12.36 -30.85 -19.86
C GLN H 288 -11.08 -30.12 -19.49
N SER H 289 -10.26 -29.80 -20.48
CA SER H 289 -9.02 -29.06 -20.21
C SER H 289 -9.32 -27.64 -19.72
N VAL H 290 -10.35 -27.01 -20.27
CA VAL H 290 -10.76 -25.69 -19.78
C VAL H 290 -11.22 -25.80 -18.32
N PHE H 291 -11.95 -26.87 -17.98
CA PHE H 291 -12.38 -27.07 -16.60
C PHE H 291 -11.17 -27.28 -15.68
N LEU H 292 -10.17 -28.02 -16.15
CA LEU H 292 -8.96 -28.19 -15.36
C LEU H 292 -8.25 -26.86 -15.14
N LEU H 293 -8.23 -26.00 -16.17
CA LEU H 293 -7.71 -24.66 -16.00
C LEU H 293 -8.50 -23.89 -14.95
N LEU H 294 -9.83 -24.07 -14.95
CA LEU H 294 -10.67 -23.42 -13.95
C LEU H 294 -10.28 -23.86 -12.53
N ILE H 295 -10.09 -25.17 -12.33
CA ILE H 295 -9.81 -25.69 -10.99
C ILE H 295 -8.37 -25.43 -10.57
N SER H 296 -7.46 -25.21 -11.52
CA SER H 296 -6.05 -25.04 -11.17
C SER H 296 -5.81 -23.85 -10.26
N LYS H 297 -6.64 -22.81 -10.36
CA LYS H 297 -6.45 -21.58 -9.60
C LYS H 297 -7.16 -21.58 -8.25
N ARG H 298 -7.99 -22.58 -7.96
CA ARG H 298 -8.89 -22.54 -6.80
C ARG H 298 -8.42 -23.39 -5.62
N LEU H 299 -7.35 -24.16 -5.77
CA LEU H 299 -6.83 -25.01 -4.71
C LEU H 299 -5.32 -24.88 -4.65
N PRO H 300 -4.71 -25.18 -3.51
CA PRO H 300 -3.25 -25.20 -3.44
C PRO H 300 -2.68 -26.45 -4.12
N ALA H 301 -1.42 -26.35 -4.52
CA ALA H 301 -0.73 -27.46 -5.16
C ALA H 301 -0.13 -28.42 -4.13
N THR H 302 -0.96 -28.91 -3.21
CA THR H 302 -0.51 -29.86 -2.20
C THR H 302 -0.49 -31.26 -2.78
N SER H 303 0.32 -32.13 -2.17
CA SER H 303 0.55 -33.49 -2.64
C SER H 303 -0.03 -34.54 -1.71
N MET H 304 -0.80 -34.15 -0.70
CA MET H 304 -1.37 -35.14 0.22
C MET H 304 -2.34 -36.07 -0.51
N ALA H 305 -3.18 -35.51 -1.37
CA ALA H 305 -4.17 -36.30 -2.10
C ALA H 305 -4.57 -35.55 -3.35
N ILE H 306 -5.10 -36.30 -4.31
CA ILE H 306 -5.71 -35.69 -5.49
C ILE H 306 -7.12 -35.23 -5.13
N PRO H 307 -7.54 -34.02 -5.49
CA PRO H 307 -8.93 -33.63 -5.20
C PRO H 307 -9.92 -34.51 -5.92
N LEU H 308 -11.10 -34.68 -5.31
CA LEU H 308 -12.15 -35.51 -5.88
C LEU H 308 -12.53 -35.03 -7.27
N ILE H 309 -12.69 -33.72 -7.44
CA ILE H 309 -12.94 -33.16 -8.77
C ILE H 309 -11.75 -33.41 -9.67
N GLY H 310 -10.54 -33.31 -9.13
CA GLY H 310 -9.36 -33.63 -9.92
C GLY H 310 -9.30 -35.09 -10.31
N LYS H 311 -9.69 -35.99 -9.40
CA LYS H 311 -9.77 -37.41 -9.73
C LYS H 311 -10.75 -37.64 -10.87
N PHE H 312 -11.94 -37.02 -10.78
CA PHE H 312 -12.93 -37.20 -11.83
C PHE H 312 -12.44 -36.63 -13.15
N LEU H 313 -11.79 -35.46 -13.13
CA LEU H 313 -11.32 -34.86 -14.36
C LEU H 313 -10.24 -35.71 -15.01
N LEU H 314 -9.31 -36.26 -14.22
CA LEU H 314 -8.31 -37.15 -14.78
C LEU H 314 -8.94 -38.40 -15.37
N PHE H 315 -9.88 -39.01 -14.62
CA PHE H 315 -10.56 -40.21 -15.11
C PHE H 315 -11.32 -39.93 -16.40
N GLY H 316 -12.04 -38.80 -16.46
CA GLY H 316 -12.79 -38.46 -17.65
C GLY H 316 -11.89 -38.15 -18.83
N MET H 317 -10.76 -37.48 -18.59
CA MET H 317 -9.84 -37.20 -19.68
C MET H 317 -9.24 -38.48 -20.24
N VAL H 318 -8.88 -39.42 -19.36
CA VAL H 318 -8.38 -40.71 -19.83
C VAL H 318 -9.46 -41.43 -20.64
N LEU H 319 -10.69 -41.42 -20.15
CA LEU H 319 -11.77 -42.09 -20.87
C LEU H 319 -12.02 -41.45 -22.24
N VAL H 320 -11.98 -40.12 -22.30
CA VAL H 320 -12.21 -39.43 -23.57
C VAL H 320 -11.06 -39.71 -24.54
N THR H 321 -9.83 -39.81 -24.04
CA THR H 321 -8.72 -40.17 -24.90
C THR H 321 -8.90 -41.58 -25.48
N MET H 322 -9.32 -42.52 -24.63
CA MET H 322 -9.61 -43.87 -25.11
C MET H 322 -10.72 -43.85 -26.15
N VAL H 323 -11.74 -43.01 -25.95
CA VAL H 323 -12.84 -42.94 -26.91
C VAL H 323 -12.37 -42.34 -28.23
N VAL H 324 -11.44 -41.38 -28.18
CA VAL H 324 -10.87 -40.84 -29.42
C VAL H 324 -10.13 -41.95 -30.16
N VAL H 325 -9.34 -42.74 -29.44
CA VAL H 325 -8.62 -43.84 -30.07
C VAL H 325 -9.59 -44.84 -30.69
N ILE H 326 -10.69 -45.13 -29.97
CA ILE H 326 -11.70 -46.05 -30.48
C ILE H 326 -12.34 -45.48 -31.74
N CYS H 327 -12.61 -44.18 -31.76
CA CYS H 327 -13.18 -43.55 -32.94
C CYS H 327 -12.23 -43.64 -34.13
N VAL H 328 -10.94 -43.42 -33.88
CA VAL H 328 -9.95 -43.54 -34.95
C VAL H 328 -9.96 -44.96 -35.51
N ILE H 329 -10.02 -45.96 -34.63
CA ILE H 329 -10.00 -47.34 -35.10
C ILE H 329 -11.28 -47.68 -35.87
N VAL H 330 -12.43 -47.21 -35.37
CA VAL H 330 -13.69 -47.47 -36.04
C VAL H 330 -13.71 -46.83 -37.43
N LEU H 331 -13.22 -45.61 -37.53
CA LEU H 331 -13.15 -44.95 -38.83
C LEU H 331 -12.16 -45.66 -39.75
N ASN H 332 -11.06 -46.16 -39.20
CA ASN H 332 -10.11 -46.91 -40.01
C ASN H 332 -10.75 -48.17 -40.57
N ILE H 333 -11.55 -48.86 -39.77
CA ILE H 333 -12.23 -50.07 -40.23
C ILE H 333 -13.30 -49.71 -41.26
N HIS H 334 -14.01 -48.59 -41.05
CA HIS H 334 -15.16 -48.25 -41.88
C HIS H 334 -14.75 -48.01 -43.33
N PHE H 335 -13.60 -47.38 -43.56
CA PHE H 335 -13.19 -46.93 -44.89
C PHE H 335 -12.30 -47.93 -45.61
N ARG H 336 -12.20 -49.17 -45.13
CA ARG H 336 -11.43 -50.18 -45.84
C ARG H 336 -12.15 -50.61 -47.10
N THR H 337 -11.38 -50.97 -48.11
CA THR H 337 -11.87 -51.39 -49.41
C THR H 337 -11.08 -52.59 -49.87
N PRO H 338 -11.59 -53.34 -50.87
CA PRO H 338 -10.79 -54.45 -51.40
C PRO H 338 -9.43 -54.04 -51.95
N SER H 339 -9.31 -52.81 -52.45
CA SER H 339 -8.06 -52.36 -53.03
C SER H 339 -6.95 -52.13 -52.00
N THR H 340 -7.28 -52.11 -50.71
CA THR H 340 -6.31 -51.84 -49.66
C THR H 340 -6.27 -52.95 -48.60
N HIS H 341 -7.42 -53.57 -48.33
CA HIS H 341 -7.54 -54.56 -47.27
C HIS H 341 -8.34 -55.76 -47.77
N VAL H 342 -8.10 -56.91 -47.14
CA VAL H 342 -8.80 -58.15 -47.42
C VAL H 342 -9.72 -58.44 -46.25
N LEU H 343 -11.00 -58.66 -46.55
CA LEU H 343 -12.01 -58.96 -45.52
C LEU H 343 -12.10 -60.48 -45.39
N SER H 344 -11.53 -61.02 -44.32
CA SER H 344 -11.49 -62.46 -44.13
C SER H 344 -12.86 -63.00 -43.71
N GLU H 345 -13.06 -64.29 -43.97
CA GLU H 345 -14.34 -64.92 -43.62
C GLU H 345 -14.53 -64.99 -42.11
N GLY H 346 -13.45 -65.19 -41.36
CA GLY H 346 -13.57 -65.22 -39.91
C GLY H 346 -14.06 -63.90 -39.34
N VAL H 347 -13.52 -62.79 -39.84
CA VAL H 347 -13.95 -61.48 -39.39
C VAL H 347 -15.42 -61.26 -39.74
N LYS H 348 -15.83 -61.70 -40.93
CA LYS H 348 -17.22 -61.55 -41.34
C LYS H 348 -18.14 -62.33 -40.41
N LYS H 349 -17.79 -63.58 -40.11
CA LYS H 349 -18.62 -64.38 -39.21
C LYS H 349 -18.67 -63.77 -37.82
N LEU H 350 -17.53 -63.29 -37.32
CA LEU H 350 -17.49 -62.76 -35.96
C LEU H 350 -18.29 -61.47 -35.83
N PHE H 351 -18.16 -60.55 -36.80
CA PHE H 351 -18.65 -59.19 -36.62
C PHE H 351 -19.96 -58.89 -37.33
N LEU H 352 -20.36 -59.71 -38.32
CA LEU H 352 -21.60 -59.48 -39.05
C LEU H 352 -22.73 -60.41 -38.63
N GLU H 353 -22.41 -61.56 -38.03
CA GLU H 353 -23.40 -62.56 -37.65
C GLU H 353 -23.47 -62.81 -36.15
N THR H 354 -22.36 -63.13 -35.52
CA THR H 354 -22.39 -63.59 -34.13
C THR H 354 -22.66 -62.43 -33.18
N LEU H 355 -21.80 -61.40 -33.23
CA LEU H 355 -21.95 -60.28 -32.30
C LEU H 355 -23.25 -59.52 -32.48
N PRO H 356 -23.71 -59.19 -33.69
CA PRO H 356 -25.02 -58.51 -33.80
C PRO H 356 -26.17 -59.31 -33.21
N GLU H 357 -26.16 -60.64 -33.34
CA GLU H 357 -27.13 -61.45 -32.64
C GLU H 357 -26.95 -61.32 -31.13
N LEU H 358 -25.70 -61.35 -30.66
CA LEU H 358 -25.42 -61.23 -29.23
C LEU H 358 -25.84 -59.86 -28.70
N LEU H 359 -25.52 -58.80 -29.45
CA LEU H 359 -25.79 -57.43 -29.00
C LEU H 359 -27.22 -56.99 -29.27
N HIS H 360 -28.06 -57.86 -29.84
CA HIS H 360 -29.48 -57.55 -30.08
C HIS H 360 -29.64 -56.34 -30.98
N MET H 361 -28.77 -56.23 -31.99
CA MET H 361 -28.86 -55.12 -32.93
C MET H 361 -29.97 -55.37 -33.94
N SER H 362 -30.39 -54.28 -34.60
CA SER H 362 -31.35 -54.40 -35.68
C SER H 362 -30.72 -55.14 -36.84
N ARG H 363 -31.41 -56.18 -37.32
CA ARG H 363 -30.85 -57.04 -38.35
C ARG H 363 -31.03 -56.39 -39.73
N PRO H 364 -30.19 -56.75 -40.71
CA PRO H 364 -30.42 -56.27 -42.07
C PRO H 364 -31.66 -56.88 -42.68
N ALA H 365 -32.25 -56.15 -43.62
CA ALA H 365 -33.45 -56.60 -44.34
C ALA H 365 -34.60 -56.88 -43.36
N GLN H 429 -22.59 -64.46 -90.61
CA GLN H 429 -21.15 -64.27 -90.52
C GLN H 429 -20.80 -62.79 -90.56
N GLU H 430 -21.13 -62.13 -91.67
CA GLU H 430 -20.82 -60.71 -91.81
C GLU H 430 -21.60 -59.89 -90.79
N LEU H 431 -22.85 -60.28 -90.51
CA LEU H 431 -23.62 -59.60 -89.48
C LEU H 431 -22.95 -59.75 -88.12
N PHE H 432 -22.47 -60.95 -87.81
CA PHE H 432 -21.72 -61.14 -86.56
C PHE H 432 -20.41 -60.36 -86.58
N ASN H 433 -19.76 -60.26 -87.74
CA ASN H 433 -18.55 -59.45 -87.83
C ASN H 433 -18.83 -57.99 -87.51
N GLU H 434 -19.99 -57.48 -87.98
CA GLU H 434 -20.34 -56.09 -87.70
C GLU H 434 -20.74 -55.89 -86.24
N LEU H 435 -21.42 -56.87 -85.66
CA LEU H 435 -21.94 -56.75 -84.30
C LEU H 435 -20.94 -57.13 -83.21
N LYS H 436 -19.83 -57.77 -83.57
CA LYS H 436 -18.88 -58.21 -82.55
C LYS H 436 -18.30 -57.08 -81.72
N PRO H 437 -17.93 -55.91 -82.27
CA PRO H 437 -17.53 -54.82 -81.38
C PRO H 437 -18.61 -54.42 -80.38
N ALA H 438 -19.88 -54.45 -80.77
CA ALA H 438 -20.95 -54.13 -79.84
C ALA H 438 -21.06 -55.17 -78.74
N VAL H 439 -20.95 -56.45 -79.09
CA VAL H 439 -21.02 -57.49 -78.08
C VAL H 439 -19.84 -57.38 -77.12
N ASP H 440 -18.65 -57.08 -77.64
CA ASP H 440 -17.48 -56.89 -76.78
C ASP H 440 -17.65 -55.70 -75.85
N GLY H 441 -18.15 -54.58 -76.38
CA GLY H 441 -18.39 -53.42 -75.55
C GLY H 441 -19.43 -53.70 -74.48
N ALA H 442 -20.50 -54.41 -74.85
CA ALA H 442 -21.53 -54.77 -73.87
C ALA H 442 -20.95 -55.64 -72.77
N ASN H 443 -20.18 -56.67 -73.14
CA ASN H 443 -19.61 -57.55 -72.13
C ASN H 443 -18.64 -56.80 -71.23
N PHE H 444 -17.85 -55.88 -71.80
CA PHE H 444 -16.97 -55.04 -70.99
C PHE H 444 -17.79 -54.21 -70.02
N ILE H 445 -18.91 -53.66 -70.48
CA ILE H 445 -19.77 -52.86 -69.61
C ILE H 445 -20.28 -53.70 -68.44
N VAL H 446 -20.77 -54.91 -68.73
CA VAL H 446 -21.32 -55.76 -67.67
C VAL H 446 -20.23 -56.17 -66.69
N ASN H 447 -19.03 -56.48 -67.18
CA ASN H 447 -17.94 -56.80 -66.28
C ASN H 447 -17.61 -55.62 -65.38
N HIS H 448 -17.66 -54.40 -65.95
CA HIS H 448 -17.42 -53.20 -65.14
C HIS H 448 -18.45 -53.06 -64.04
N MET H 449 -19.73 -53.20 -64.38
CA MET H 449 -20.78 -53.05 -63.36
C MET H 449 -20.69 -54.15 -62.31
N ARG H 450 -20.40 -55.38 -62.71
CA ARG H 450 -20.30 -56.46 -61.72
C ARG H 450 -19.12 -56.24 -60.77
N ASP H 451 -17.98 -55.81 -61.31
CA ASP H 451 -16.83 -55.52 -60.45
C ASP H 451 -17.14 -54.37 -59.50
N GLN H 452 -17.79 -53.32 -60.00
CA GLN H 452 -18.18 -52.21 -59.13
C GLN H 452 -19.14 -52.67 -58.04
N ASN H 453 -20.08 -53.55 -58.40
CA ASN H 453 -21.05 -54.04 -57.43
C ASN H 453 -20.37 -54.85 -56.33
N ASN H 454 -19.42 -55.72 -56.70
CA ASN H 454 -18.70 -56.49 -55.69
C ASN H 454 -17.85 -55.58 -54.79
N TYR H 455 -17.20 -54.59 -55.40
CA TYR H 455 -16.42 -53.62 -54.62
C TYR H 455 -17.31 -52.90 -53.61
N ASN H 456 -18.47 -52.44 -54.06
CA ASN H 456 -19.38 -51.75 -53.16
C ASN H 456 -19.89 -52.67 -52.06
N GLU H 457 -20.19 -53.93 -52.41
CA GLU H 457 -20.69 -54.85 -51.40
C GLU H 457 -19.66 -55.09 -50.31
N GLU H 458 -18.39 -55.22 -50.69
CA GLU H 458 -17.34 -55.36 -49.68
C GLU H 458 -17.23 -54.09 -48.84
N LYS H 459 -17.43 -52.92 -49.46
CA LYS H 459 -17.37 -51.68 -48.68
C LYS H 459 -18.48 -51.61 -47.64
N ASP H 460 -19.72 -51.97 -48.01
CA ASP H 460 -20.79 -52.05 -47.02
C ASP H 460 -20.52 -53.11 -45.95
N SER H 461 -19.88 -54.22 -46.31
CA SER H 461 -19.52 -55.19 -45.29
C SER H 461 -18.56 -54.59 -44.27
N TRP H 462 -17.57 -53.84 -44.74
CA TRP H 462 -16.66 -53.16 -43.83
C TRP H 462 -17.39 -52.14 -42.97
N ASN H 463 -18.35 -51.41 -43.56
CA ASN H 463 -19.14 -50.45 -42.80
C ASN H 463 -19.91 -51.14 -41.68
N ARG H 464 -20.50 -52.29 -41.97
CA ARG H 464 -21.25 -53.02 -40.95
C ARG H 464 -20.32 -53.54 -39.85
N VAL H 465 -19.11 -53.95 -40.21
CA VAL H 465 -18.15 -54.38 -39.20
C VAL H 465 -17.80 -53.21 -38.27
N ALA H 466 -17.57 -52.03 -38.85
CA ALA H 466 -17.30 -50.84 -38.04
C ALA H 466 -18.47 -50.52 -37.13
N ARG H 467 -19.69 -50.68 -37.65
CA ARG H 467 -20.90 -50.45 -36.85
C ARG H 467 -20.96 -51.39 -35.66
N THR H 468 -20.65 -52.67 -35.87
CA THR H 468 -20.65 -53.63 -34.78
C THR H 468 -19.59 -53.29 -33.74
N VAL H 469 -18.40 -52.90 -34.19
CA VAL H 469 -17.35 -52.50 -33.25
C VAL H 469 -17.82 -51.30 -32.44
N ASP H 470 -18.50 -50.36 -33.09
CA ASP H 470 -19.00 -49.17 -32.40
C ASP H 470 -20.02 -49.54 -31.32
N ARG H 471 -20.93 -50.45 -31.64
CA ARG H 471 -21.95 -50.84 -30.66
C ARG H 471 -21.33 -51.57 -29.48
N LEU H 472 -20.39 -52.48 -29.75
CA LEU H 472 -19.70 -53.17 -28.66
C LEU H 472 -18.95 -52.19 -27.78
N CYS H 473 -18.27 -51.21 -28.40
CA CYS H 473 -17.53 -50.23 -27.62
C CYS H 473 -18.47 -49.35 -26.82
N LEU H 474 -19.66 -49.06 -27.33
CA LEU H 474 -20.66 -48.33 -26.56
C LEU H 474 -21.00 -49.11 -25.29
N PHE H 475 -21.38 -50.38 -25.44
CA PHE H 475 -21.80 -51.15 -24.28
C PHE H 475 -20.66 -51.38 -23.31
N VAL H 476 -19.40 -51.36 -23.78
CA VAL H 476 -18.28 -51.58 -22.88
C VAL H 476 -17.86 -50.28 -22.19
N VAL H 477 -17.99 -49.14 -22.87
CA VAL H 477 -17.41 -47.89 -22.37
C VAL H 477 -18.40 -47.10 -21.54
N THR H 478 -19.68 -47.04 -21.93
CA THR H 478 -20.63 -46.23 -21.17
C THR H 478 -20.80 -46.72 -19.74
N PRO H 479 -21.01 -48.01 -19.46
CA PRO H 479 -21.10 -48.43 -18.05
C PRO H 479 -19.84 -48.15 -17.24
N VAL H 480 -18.66 -48.28 -17.87
CA VAL H 480 -17.41 -48.02 -17.14
C VAL H 480 -17.37 -46.56 -16.71
N MET H 481 -17.72 -45.65 -17.61
CA MET H 481 -17.74 -44.23 -17.28
C MET H 481 -18.75 -43.94 -16.17
N VAL H 482 -19.96 -44.49 -16.30
CA VAL H 482 -21.01 -44.23 -15.31
C VAL H 482 -20.59 -44.75 -13.94
N VAL H 483 -20.06 -45.97 -13.89
CA VAL H 483 -19.69 -46.58 -12.62
C VAL H 483 -18.51 -45.83 -11.98
N GLY H 484 -17.49 -45.48 -12.77
CA GLY H 484 -16.37 -44.74 -12.23
C GLY H 484 -16.78 -43.39 -11.69
N THR H 485 -17.61 -42.66 -12.44
CA THR H 485 -18.09 -41.36 -11.97
C THR H 485 -18.92 -41.50 -10.70
N ALA H 486 -19.81 -42.50 -10.66
CA ALA H 486 -20.63 -42.70 -9.48
C ALA H 486 -19.78 -43.02 -8.26
N TRP H 487 -18.78 -43.88 -8.43
CA TRP H 487 -17.90 -44.21 -7.32
C TRP H 487 -17.13 -42.99 -6.82
N ILE H 488 -16.55 -42.23 -7.76
CA ILE H 488 -15.74 -41.07 -7.40
C ILE H 488 -16.58 -40.06 -6.62
N PHE H 489 -17.78 -39.75 -7.11
CA PHE H 489 -18.61 -38.76 -6.45
C PHE H 489 -19.33 -39.28 -5.22
N LEU H 490 -19.51 -40.60 -5.10
CA LEU H 490 -20.09 -41.16 -3.88
C LEU H 490 -19.09 -41.19 -2.75
N GLN H 491 -17.79 -41.26 -3.05
CA GLN H 491 -16.79 -41.08 -2.00
C GLN H 491 -16.97 -39.73 -1.31
N GLY H 492 -17.34 -38.69 -2.07
CA GLY H 492 -17.48 -37.35 -1.54
C GLY H 492 -18.85 -37.02 -0.99
N VAL H 493 -19.91 -37.55 -1.62
CA VAL H 493 -21.26 -37.23 -1.20
C VAL H 493 -21.51 -37.71 0.24
N TYR H 494 -20.95 -38.87 0.60
CA TYR H 494 -21.08 -39.42 1.94
C TYR H 494 -19.88 -39.08 2.83
N ASN H 495 -19.15 -38.02 2.49
CA ASN H 495 -18.09 -37.51 3.37
C ASN H 495 -18.69 -36.47 4.30
N GLN H 496 -18.72 -36.79 5.59
CA GLN H 496 -19.24 -35.92 6.64
C GLN H 496 -18.20 -35.88 7.75
N PRO H 497 -18.18 -34.82 8.55
CA PRO H 497 -17.30 -34.80 9.72
C PRO H 497 -17.80 -35.78 10.77
N PRO H 498 -16.93 -36.22 11.68
CA PRO H 498 -17.35 -37.22 12.66
C PRO H 498 -18.39 -36.64 13.61
N PRO H 499 -19.22 -37.49 14.24
CA PRO H 499 -20.20 -36.93 15.20
C PRO H 499 -19.56 -36.23 16.38
N GLN H 500 -18.37 -36.65 16.81
CA GLN H 500 -17.64 -36.06 17.92
C GLN H 500 -16.47 -35.22 17.43
N PRO H 501 -16.17 -34.07 18.03
CA PRO H 501 -15.04 -33.26 17.51
C PRO H 501 -13.69 -33.95 17.62
N PHE H 502 -13.48 -34.78 18.63
CA PHE H 502 -12.21 -35.47 18.86
C PHE H 502 -12.45 -36.98 18.79
N PRO H 503 -11.81 -37.73 17.87
CA PRO H 503 -11.96 -39.18 17.91
C PRO H 503 -11.44 -39.76 19.22
N GLY H 504 -12.18 -40.73 19.76
CA GLY H 504 -11.86 -41.33 21.03
C GLY H 504 -12.44 -40.62 22.23
N ASP H 505 -12.92 -39.38 22.07
CA ASP H 505 -13.52 -38.61 23.15
C ASP H 505 -15.04 -38.61 22.96
N PRO H 506 -15.83 -39.21 23.85
CA PRO H 506 -17.28 -39.24 23.61
C PRO H 506 -17.98 -37.89 23.79
N TYR H 507 -17.35 -36.93 24.47
CA TYR H 507 -18.02 -35.67 24.77
C TYR H 507 -18.26 -34.87 23.50
N SER H 508 -19.40 -34.18 23.45
CA SER H 508 -19.82 -33.45 22.28
C SER H 508 -19.34 -32.00 22.24
N TYR H 509 -18.95 -31.44 23.39
CA TYR H 509 -18.52 -30.04 23.48
C TYR H 509 -19.59 -29.09 22.96
N ASN H 510 -20.83 -29.33 23.40
CA ASN H 510 -21.98 -28.52 23.04
C ASN H 510 -22.55 -27.89 24.31
N VAL H 511 -23.34 -26.83 24.11
CA VAL H 511 -23.91 -26.11 25.25
C VAL H 511 -24.91 -26.98 25.99
N GLN H 512 -25.59 -27.89 25.29
CA GLN H 512 -26.63 -28.70 25.93
C GLN H 512 -26.04 -29.61 27.00
N ASP H 513 -24.88 -30.21 26.74
CA ASP H 513 -24.26 -31.17 27.64
C ASP H 513 -23.20 -30.44 28.47
N LYS H 514 -23.67 -29.77 29.53
CA LYS H 514 -22.78 -29.10 30.46
C LYS H 514 -22.18 -30.11 31.43
N ARG H 515 -20.88 -30.02 31.64
CA ARG H 515 -20.16 -30.91 32.56
C ARG H 515 -19.95 -30.17 33.88
N PHE H 516 -20.99 -30.21 34.72
CA PHE H 516 -20.96 -29.50 35.99
C PHE H 516 -19.88 -30.07 36.90
N ILE H 517 -19.27 -29.18 37.67
CA ILE H 517 -18.25 -29.58 38.64
C ILE H 517 -18.94 -29.94 39.95
N LYS I 21 30.39 28.61 19.41
CA LYS I 21 28.97 28.35 19.76
C LYS I 21 28.13 28.62 18.50
N ASN I 22 27.25 27.69 18.19
CA ASN I 22 26.37 27.81 17.02
C ASN I 22 25.22 28.76 17.35
N GLU I 23 25.13 29.86 16.60
CA GLU I 23 24.07 30.84 16.84
C GLU I 23 22.69 30.25 16.58
N GLU I 24 22.60 29.14 15.85
CA GLU I 24 21.31 28.48 15.63
C GLU I 24 20.70 28.04 16.95
N LEU I 25 21.52 27.55 17.89
CA LEU I 25 20.99 27.10 19.17
C LEU I 25 20.40 28.26 19.96
N ARG I 26 21.11 29.40 19.99
CA ARG I 26 20.58 30.57 20.68
C ARG I 26 19.30 31.06 20.03
N LEU I 27 19.25 31.07 18.69
CA LEU I 27 18.04 31.49 18.00
C LEU I 27 16.89 30.54 18.29
N TYR I 28 17.15 29.23 18.31
CA TYR I 28 16.11 28.26 18.61
C TYR I 28 15.58 28.45 20.02
N HIS I 29 16.47 28.65 20.99
CA HIS I 29 16.02 28.89 22.35
C HIS I 29 15.21 30.17 22.46
N HIS I 30 15.65 31.21 21.75
CA HIS I 30 14.92 32.48 21.78
C HIS I 30 13.52 32.33 21.21
N LEU I 31 13.38 31.54 20.15
CA LEU I 31 12.08 31.43 19.48
C LEU I 31 11.15 30.43 20.14
N PHE I 32 11.69 29.40 20.82
CA PHE I 32 10.88 28.24 21.22
C PHE I 32 10.87 27.96 22.72
N ASN I 33 11.59 28.71 23.54
CA ASN I 33 11.50 28.48 24.99
C ASN I 33 10.12 28.84 25.52
N ASN I 34 9.44 29.80 24.90
CA ASN I 34 8.08 30.19 25.26
C ASN I 34 7.29 30.23 23.95
N TYR I 35 6.75 29.07 23.56
CA TYR I 35 6.05 28.95 22.29
C TYR I 35 5.02 27.84 22.40
N ASP I 36 3.84 28.07 21.83
CA ASP I 36 2.71 27.15 21.88
C ASP I 36 2.35 26.70 20.48
N PRO I 37 2.79 25.53 20.01
CA PRO I 37 2.42 25.09 18.67
C PRO I 37 0.94 24.74 18.51
N GLY I 38 0.19 24.64 19.60
CA GLY I 38 -1.23 24.35 19.53
C GLY I 38 -2.11 25.55 19.24
N SER I 39 -1.58 26.77 19.39
CA SER I 39 -2.35 27.99 19.17
C SER I 39 -2.02 28.58 17.81
N ARG I 40 -3.05 29.13 17.15
CA ARG I 40 -2.85 29.76 15.86
C ARG I 40 -1.98 31.01 16.02
N PRO I 41 -1.19 31.38 15.00
CA PRO I 41 -0.38 32.61 15.12
C PRO I 41 -1.20 33.85 14.78
N VAL I 42 -2.12 34.20 15.68
CA VAL I 42 -2.99 35.36 15.53
C VAL I 42 -2.96 36.15 16.83
N ARG I 43 -2.90 37.48 16.70
CA ARG I 43 -2.88 38.33 17.89
C ARG I 43 -4.24 38.39 18.56
N GLU I 44 -5.32 38.19 17.81
CA GLU I 44 -6.68 38.16 18.34
C GLU I 44 -7.39 36.91 17.83
N PRO I 45 -8.39 36.40 18.56
CA PRO I 45 -9.05 35.16 18.12
C PRO I 45 -9.72 35.26 16.77
N GLU I 46 -10.27 36.42 16.41
CA GLU I 46 -11.04 36.55 15.17
C GLU I 46 -10.18 36.87 13.95
N ASP I 47 -8.88 37.07 14.12
CA ASP I 47 -8.00 37.25 12.98
C ASP I 47 -7.81 35.92 12.25
N THR I 48 -7.63 36.01 10.94
CA THR I 48 -7.49 34.85 10.07
C THR I 48 -6.03 34.65 9.68
N VAL I 49 -5.61 33.39 9.60
CA VAL I 49 -4.28 33.04 9.10
C VAL I 49 -4.40 32.75 7.61
N THR I 50 -3.59 33.42 6.81
CA THR I 50 -3.58 33.24 5.36
C THR I 50 -2.45 32.27 4.99
N ILE I 51 -2.79 31.26 4.19
CA ILE I 51 -1.86 30.23 3.76
C ILE I 51 -1.68 30.36 2.26
N SER I 52 -0.43 30.42 1.81
CA SER I 52 -0.09 30.39 0.40
C SER I 52 0.22 28.94 0.01
N LEU I 53 -0.50 28.42 -0.97
CA LEU I 53 -0.49 27.00 -1.32
C LEU I 53 -0.01 26.82 -2.75
N LYS I 54 0.90 25.87 -2.95
CA LYS I 54 1.27 25.37 -4.27
C LYS I 54 1.34 23.85 -4.16
N VAL I 55 0.95 23.17 -5.23
CA VAL I 55 1.02 21.71 -5.30
C VAL I 55 1.82 21.37 -6.55
N THR I 56 2.94 20.67 -6.37
CA THR I 56 3.81 20.26 -7.46
C THR I 56 3.69 18.75 -7.64
N LEU I 57 3.27 18.32 -8.83
CA LEU I 57 3.13 16.91 -9.15
C LEU I 57 4.46 16.40 -9.71
N THR I 58 5.02 15.38 -9.08
CA THR I 58 6.24 14.75 -9.54
C THR I 58 5.95 13.61 -10.51
N ASN I 59 5.02 12.73 -10.15
CA ASN I 59 4.68 11.57 -10.97
C ASN I 59 3.19 11.28 -10.84
N LEU I 60 2.57 10.95 -11.97
CA LEU I 60 1.24 10.33 -11.98
C LEU I 60 1.47 8.83 -11.97
N ILE I 61 1.31 8.20 -10.80
CA ILE I 61 1.67 6.80 -10.67
C ILE I 61 0.72 5.92 -11.47
N SER I 62 -0.58 6.01 -11.20
CA SER I 62 -1.52 5.18 -11.94
C SER I 62 -2.95 5.67 -11.76
N LEU I 63 -3.83 5.13 -12.59
CA LEU I 63 -5.28 5.25 -12.40
C LEU I 63 -5.88 3.86 -12.51
N ASN I 64 -6.25 3.30 -11.37
CA ASN I 64 -6.89 1.99 -11.31
C ASN I 64 -8.38 2.16 -11.61
N GLU I 65 -8.83 1.63 -12.75
CA GLU I 65 -10.23 1.72 -13.11
C GLU I 65 -11.10 0.79 -12.27
N LYS I 66 -10.57 -0.38 -11.91
CA LYS I 66 -11.33 -1.32 -11.10
C LYS I 66 -11.62 -0.72 -9.72
N GLU I 67 -10.61 -0.10 -9.10
CA GLU I 67 -10.77 0.56 -7.82
C GLU I 67 -11.15 2.04 -7.95
N GLU I 68 -11.10 2.61 -9.16
CA GLU I 68 -11.42 4.00 -9.39
C GLU I 68 -10.55 4.92 -8.52
N THR I 69 -9.24 4.62 -8.51
CA THR I 69 -8.29 5.28 -7.63
C THR I 69 -7.16 5.89 -8.46
N LEU I 70 -6.87 7.17 -8.22
CA LEU I 70 -5.72 7.83 -8.83
C LEU I 70 -4.60 7.88 -7.81
N THR I 71 -3.48 7.26 -8.13
CA THR I 71 -2.28 7.29 -7.31
C THR I 71 -1.31 8.29 -7.94
N THR I 72 -0.94 9.31 -7.15
CA THR I 72 -0.02 10.37 -7.59
C THR I 72 1.03 10.61 -6.52
N SER I 73 2.18 11.11 -6.97
CA SER I 73 3.24 11.56 -6.10
C SER I 73 3.38 13.07 -6.27
N VAL I 74 3.30 13.81 -5.17
CA VAL I 74 3.33 15.27 -5.18
C VAL I 74 4.20 15.76 -4.05
N TRP I 75 4.40 17.08 -4.03
CA TRP I 75 4.87 17.76 -2.82
C TRP I 75 4.22 19.14 -2.77
N ILE I 76 3.83 19.53 -1.55
CA ILE I 76 2.98 20.67 -1.31
C ILE I 76 3.84 21.76 -0.68
N GLY I 77 3.89 22.93 -1.33
CA GLY I 77 4.52 24.10 -0.75
C GLY I 77 3.51 24.94 0.00
N ILE I 78 3.76 25.17 1.28
CA ILE I 78 2.81 25.85 2.15
C ILE I 78 3.59 26.94 2.89
N ASP I 79 3.24 28.20 2.65
CA ASP I 79 3.89 29.34 3.27
C ASP I 79 2.89 30.11 4.11
N TRP I 80 3.35 30.63 5.25
CA TRP I 80 2.49 31.49 6.05
C TRP I 80 3.38 32.34 6.96
N GLN I 81 2.74 33.15 7.81
CA GLN I 81 3.42 34.07 8.70
C GLN I 81 3.12 33.71 10.14
N ASP I 82 4.16 33.63 10.96
CA ASP I 82 4.05 33.38 12.40
C ASP I 82 4.77 34.51 13.13
N TYR I 83 4.00 35.44 13.67
CA TYR I 83 4.61 36.60 14.32
C TYR I 83 5.41 36.21 15.56
N ARG I 84 5.04 35.11 16.21
CA ARG I 84 5.78 34.66 17.38
C ARG I 84 7.18 34.18 17.01
N LEU I 85 7.36 33.68 15.79
CA LEU I 85 8.62 33.13 15.32
C LEU I 85 9.42 34.14 14.52
N ASN I 86 9.16 35.44 14.73
CA ASN I 86 9.87 36.47 13.99
C ASN I 86 11.23 36.75 14.62
N TYR I 87 12.23 36.99 13.78
CA TYR I 87 13.56 37.38 14.24
C TYR I 87 14.27 38.14 13.13
N SER I 88 15.32 38.86 13.51
CA SER I 88 16.17 39.61 12.59
C SER I 88 17.54 38.96 12.53
N LYS I 89 18.11 38.90 11.32
CA LYS I 89 19.41 38.26 11.16
C LYS I 89 20.52 39.03 11.87
N ASP I 90 20.34 40.34 12.05
CA ASP I 90 21.37 41.15 12.70
C ASP I 90 21.53 40.75 14.16
N ASP I 91 20.43 40.42 14.83
CA ASP I 91 20.49 40.03 16.23
C ASP I 91 21.04 38.63 16.44
N PHE I 92 21.26 37.85 15.37
CA PHE I 92 21.71 36.47 15.47
C PHE I 92 22.78 36.16 14.45
N GLY I 93 23.74 37.08 14.30
CA GLY I 93 24.94 36.79 13.54
C GLY I 93 24.75 36.59 12.06
N GLY I 94 23.61 37.00 11.50
CA GLY I 94 23.38 36.88 10.08
C GLY I 94 22.63 35.64 9.65
N ILE I 95 21.98 34.93 10.57
CA ILE I 95 21.18 33.77 10.19
C ILE I 95 19.92 34.25 9.49
N GLU I 96 19.69 33.75 8.27
CA GLU I 96 18.51 34.09 7.48
C GLU I 96 17.48 32.97 7.44
N THR I 97 17.83 31.76 7.87
CA THR I 97 16.91 30.64 7.85
C THR I 97 17.26 29.68 8.98
N LEU I 98 16.24 29.04 9.53
CA LEU I 98 16.41 28.01 10.55
C LEU I 98 15.51 26.84 10.22
N ARG I 99 16.11 25.65 10.09
CA ARG I 99 15.35 24.42 9.89
C ARG I 99 15.00 23.83 11.25
N VAL I 100 13.73 23.56 11.48
CA VAL I 100 13.30 22.88 12.71
C VAL I 100 12.27 21.82 12.35
N PRO I 101 12.11 20.79 13.21
CA PRO I 101 11.05 19.81 12.95
C PRO I 101 9.68 20.46 12.91
N SER I 102 8.85 19.97 11.98
CA SER I 102 7.53 20.55 11.80
C SER I 102 6.62 20.35 13.01
N GLU I 103 6.94 19.40 13.88
CA GLU I 103 6.11 19.16 15.05
C GLU I 103 6.26 20.26 16.10
N LEU I 104 7.32 21.07 16.03
CA LEU I 104 7.54 22.13 17.01
C LEU I 104 6.81 23.43 16.70
N VAL I 105 6.23 23.57 15.51
CA VAL I 105 5.52 24.78 15.12
C VAL I 105 4.06 24.46 14.85
N TRP I 106 3.22 25.48 14.97
CA TRP I 106 1.84 25.37 14.52
C TRP I 106 1.82 25.10 13.02
N LEU I 107 0.89 24.24 12.61
CA LEU I 107 0.67 23.93 11.20
C LEU I 107 -0.82 24.09 10.88
N PRO I 108 -1.17 24.48 9.65
CA PRO I 108 -2.60 24.58 9.31
C PRO I 108 -3.28 23.23 9.13
N GLU I 109 -2.53 22.13 9.12
CA GLU I 109 -3.08 20.78 9.01
C GLU I 109 -3.88 20.60 7.72
N ILE I 110 -3.18 20.76 6.60
CA ILE I 110 -3.79 20.55 5.29
C ILE I 110 -3.82 19.06 5.01
N VAL I 111 -4.97 18.58 4.55
CA VAL I 111 -5.20 17.19 4.22
C VAL I 111 -5.90 17.10 2.87
N LEU I 112 -5.70 15.98 2.20
CA LEU I 112 -6.47 15.64 1.01
C LEU I 112 -7.81 15.06 1.46
N GLU I 113 -8.89 15.76 1.16
CA GLU I 113 -10.21 15.33 1.65
C GLU I 113 -10.73 14.12 0.88
N ASN I 114 -10.47 14.09 -0.44
CA ASN I 114 -11.03 13.06 -1.30
C ASN I 114 -10.10 11.85 -1.46
N ASN I 115 -9.29 11.56 -0.44
CA ASN I 115 -8.51 10.33 -0.43
C ASN I 115 -9.45 9.13 -0.27
N ILE I 116 -9.04 8.00 -0.85
CA ILE I 116 -9.86 6.78 -0.85
C ILE I 116 -9.32 5.76 0.14
N ASP I 117 -8.02 5.78 0.40
CA ASP I 117 -7.37 4.76 1.22
C ASP I 117 -7.30 5.12 2.70
N GLY I 118 -7.89 6.24 3.12
CA GLY I 118 -7.82 6.68 4.49
C GLY I 118 -6.57 7.44 4.86
N GLN I 119 -5.68 7.71 3.91
CA GLN I 119 -4.42 8.43 4.18
C GLN I 119 -4.66 9.91 3.91
N PHE I 120 -4.82 10.69 4.97
CA PHE I 120 -5.10 12.12 4.86
C PHE I 120 -3.83 12.97 4.81
N GLY I 121 -2.78 12.57 5.52
CA GLY I 121 -1.61 13.40 5.70
C GLY I 121 -0.55 13.19 4.64
N VAL I 122 0.61 13.81 4.88
CA VAL I 122 1.74 13.76 3.97
C VAL I 122 2.57 12.51 4.23
N ALA I 123 3.46 12.18 3.29
CA ALA I 123 4.24 10.95 3.40
C ALA I 123 5.46 11.13 4.30
N TYR I 124 6.07 12.30 4.31
CA TYR I 124 7.30 12.56 5.06
C TYR I 124 7.18 13.88 5.78
N ASP I 125 7.33 13.86 7.10
CA ASP I 125 7.27 15.08 7.91
C ASP I 125 8.62 15.77 7.85
N ALA I 126 8.78 16.64 6.86
CA ALA I 126 10.03 17.35 6.66
C ALA I 126 10.11 18.54 7.62
N ASN I 127 11.32 19.09 7.74
CA ASN I 127 11.52 20.28 8.54
C ASN I 127 10.79 21.47 7.93
N VAL I 128 10.33 22.36 8.79
CA VAL I 128 9.90 23.69 8.40
C VAL I 128 11.11 24.61 8.37
N LEU I 129 11.12 25.52 7.42
CA LEU I 129 12.10 26.58 7.31
C LEU I 129 11.50 27.87 7.86
N VAL I 130 12.07 28.39 8.93
CA VAL I 130 11.65 29.64 9.53
C VAL I 130 12.63 30.71 9.05
N TYR I 131 12.12 31.67 8.28
CA TYR I 131 12.92 32.78 7.80
C TYR I 131 12.77 33.98 8.74
N GLU I 132 13.72 34.90 8.64
CA GLU I 132 13.59 36.16 9.35
C GLU I 132 12.38 36.92 8.84
N GLY I 133 11.73 37.66 9.74
CA GLY I 133 10.48 38.32 9.46
C GLY I 133 9.25 37.51 9.85
N GLY I 134 9.41 36.29 10.35
CA GLY I 134 8.29 35.48 10.75
C GLY I 134 7.69 34.62 9.66
N SER I 135 8.36 34.46 8.53
CA SER I 135 7.85 33.67 7.42
C SER I 135 8.23 32.19 7.62
N VAL I 136 7.23 31.32 7.57
CA VAL I 136 7.40 29.89 7.78
C VAL I 136 7.02 29.18 6.48
N THR I 137 7.91 28.29 6.03
CA THR I 137 7.73 27.51 4.81
C THR I 137 7.79 26.04 5.17
N TRP I 138 6.87 25.25 4.61
CA TRP I 138 6.82 23.81 4.81
C TRP I 138 6.58 23.16 3.45
N LEU I 139 7.46 22.24 3.06
CA LEU I 139 7.45 21.64 1.72
C LEU I 139 7.48 20.11 1.81
N PRO I 140 6.48 19.48 2.43
CA PRO I 140 6.52 18.03 2.59
C PRO I 140 6.14 17.31 1.32
N PRO I 141 6.75 16.16 1.02
CA PRO I 141 6.26 15.32 -0.09
C PRO I 141 5.19 14.36 0.37
N ALA I 142 4.42 13.85 -0.60
CA ALA I 142 3.28 13.00 -0.31
C ALA I 142 3.00 12.06 -1.47
N ILE I 143 2.47 10.89 -1.13
CA ILE I 143 1.84 9.97 -2.08
C ILE I 143 0.37 9.94 -1.74
N TYR I 144 -0.48 10.23 -2.73
CA TYR I 144 -1.92 10.36 -2.51
C TYR I 144 -2.66 9.39 -3.41
N ARG I 145 -3.60 8.65 -2.79
CA ARG I 145 -4.54 7.79 -3.49
C ARG I 145 -5.91 8.43 -3.35
N SER I 146 -6.41 9.01 -4.44
CA SER I 146 -7.62 9.81 -4.44
C SER I 146 -8.72 9.13 -5.24
N VAL I 147 -9.95 9.54 -4.95
CA VAL I 147 -11.12 9.05 -5.66
C VAL I 147 -11.18 9.71 -7.03
N CYS I 148 -11.34 8.90 -8.07
CA CYS I 148 -11.59 9.40 -9.43
C CYS I 148 -12.64 8.50 -10.06
N ALA I 149 -13.87 8.97 -10.10
CA ALA I 149 -14.94 8.24 -10.77
C ALA I 149 -14.64 8.18 -12.27
N VAL I 150 -14.56 6.96 -12.79
CA VAL I 150 -14.14 6.75 -14.18
C VAL I 150 -15.37 6.81 -15.07
N GLU I 151 -15.35 7.74 -16.03
CA GLU I 151 -16.39 7.81 -17.05
C GLU I 151 -16.07 6.77 -18.12
N VAL I 152 -16.87 5.70 -18.17
CA VAL I 152 -16.49 4.52 -18.95
C VAL I 152 -16.94 4.59 -20.41
N THR I 153 -17.69 5.62 -20.80
CA THR I 153 -18.50 5.55 -22.03
C THR I 153 -17.64 5.31 -23.27
N TYR I 154 -16.46 5.92 -23.34
CA TYR I 154 -15.59 5.85 -24.50
C TYR I 154 -14.29 5.10 -24.23
N PHE I 155 -14.26 4.29 -23.19
CA PHE I 155 -13.08 3.48 -22.90
C PHE I 155 -12.81 2.53 -24.05
N PRO I 156 -11.56 2.42 -24.55
CA PRO I 156 -10.29 3.00 -24.10
C PRO I 156 -9.97 4.38 -24.69
N PHE I 157 -10.85 4.98 -25.48
CA PHE I 157 -10.63 6.31 -26.05
C PHE I 157 -11.25 7.40 -25.17
N ASP I 158 -10.90 7.39 -23.88
CA ASP I 158 -11.55 8.21 -22.87
C ASP I 158 -10.56 9.17 -22.24
N TRP I 159 -11.09 10.25 -21.69
CA TRP I 159 -10.35 11.20 -20.88
C TRP I 159 -11.07 11.36 -19.55
N GLN I 160 -10.31 11.57 -18.49
CA GLN I 160 -10.84 11.62 -17.14
C GLN I 160 -10.56 12.98 -16.52
N ASN I 161 -11.33 13.28 -15.46
CA ASN I 161 -11.28 14.55 -14.73
C ASN I 161 -11.18 14.15 -13.27
N CYS I 162 -9.95 14.01 -12.76
CA CYS I 162 -9.71 13.57 -11.39
C CYS I 162 -9.46 14.79 -10.50
N SER I 163 -10.17 14.86 -9.38
CA SER I 163 -10.05 15.98 -8.45
C SER I 163 -9.03 15.68 -7.36
N LEU I 164 -8.31 16.72 -6.95
CA LEU I 164 -7.49 16.71 -5.74
C LEU I 164 -7.98 17.87 -4.88
N ILE I 165 -8.61 17.53 -3.75
CA ILE I 165 -9.28 18.50 -2.89
C ILE I 165 -8.47 18.59 -1.60
N PHE I 166 -7.92 19.78 -1.33
CA PHE I 166 -7.12 20.05 -0.15
C PHE I 166 -7.88 21.00 0.77
N ARG I 167 -7.83 20.71 2.06
CA ARG I 167 -8.46 21.59 3.03
C ARG I 167 -7.81 21.42 4.39
N SER I 168 -8.05 22.39 5.26
CA SER I 168 -7.66 22.23 6.66
C SER I 168 -8.61 21.27 7.35
N GLN I 169 -8.05 20.29 8.06
CA GLN I 169 -8.86 19.33 8.78
C GLN I 169 -9.45 19.87 10.07
N THR I 170 -8.91 20.99 10.58
CA THR I 170 -9.26 21.51 11.89
C THR I 170 -10.00 22.84 11.81
N TYR I 171 -9.51 23.78 11.01
CA TYR I 171 -9.93 25.17 11.07
C TYR I 171 -10.91 25.49 9.96
N ASN I 172 -11.89 26.33 10.29
CA ASN I 172 -12.85 26.81 9.31
C ASN I 172 -12.26 27.97 8.51
N ALA I 173 -13.05 28.51 7.58
CA ALA I 173 -12.55 29.56 6.70
C ALA I 173 -12.23 30.84 7.46
N GLU I 174 -12.98 31.13 8.53
CA GLU I 174 -12.70 32.33 9.32
C GLU I 174 -11.42 32.22 10.12
N GLU I 175 -10.88 31.01 10.31
CA GLU I 175 -9.66 30.78 11.06
C GLU I 175 -8.44 30.61 10.17
N VAL I 176 -8.56 29.84 9.09
CA VAL I 176 -7.47 29.62 8.15
C VAL I 176 -8.06 29.70 6.75
N GLU I 177 -7.47 30.54 5.90
CA GLU I 177 -7.86 30.68 4.50
C GLU I 177 -6.68 30.39 3.60
N PHE I 178 -6.96 30.25 2.31
CA PHE I 178 -5.99 29.83 1.32
C PHE I 178 -5.83 30.89 0.23
N THR I 179 -4.61 31.04 -0.26
CA THR I 179 -4.30 31.77 -1.47
C THR I 179 -3.31 30.96 -2.27
N PHE I 180 -3.27 31.20 -3.58
CA PHE I 180 -2.31 30.52 -4.43
C PHE I 180 -0.97 31.23 -4.38
N ALA I 181 0.10 30.44 -4.49
CA ALA I 181 1.44 31.00 -4.54
C ALA I 181 1.68 31.66 -5.90
N VAL I 182 2.63 32.59 -5.91
CA VAL I 182 3.04 33.31 -7.12
C VAL I 182 4.46 32.89 -7.49
N ASP I 183 4.75 32.94 -8.78
CA ASP I 183 6.10 32.66 -9.26
C ASP I 183 6.93 33.94 -9.13
N ASN I 184 8.13 33.95 -9.73
CA ASN I 184 9.01 35.10 -9.60
C ASN I 184 8.49 36.31 -10.35
N ASP I 185 7.66 36.11 -11.37
CA ASP I 185 7.08 37.23 -12.12
C ASP I 185 5.82 37.80 -11.47
N GLY I 186 5.37 37.25 -10.35
CA GLY I 186 4.21 37.75 -9.65
C GLY I 186 2.89 37.20 -10.14
N LYS I 187 2.88 36.34 -11.16
CA LYS I 187 1.64 35.75 -11.64
C LYS I 187 1.20 34.62 -10.71
N THR I 188 -0.11 34.53 -10.50
CA THR I 188 -0.67 33.54 -9.58
C THR I 188 -0.58 32.15 -10.19
N ILE I 189 -0.07 31.20 -9.42
CA ILE I 189 0.02 29.79 -9.85
C ILE I 189 -1.28 29.13 -9.41
N ASN I 190 -2.31 29.26 -10.23
CA ASN I 190 -3.61 28.64 -9.97
C ASN I 190 -3.75 27.32 -10.74
N LYS I 191 -2.78 26.43 -10.55
CA LYS I 191 -2.75 25.16 -11.24
C LYS I 191 -1.73 24.26 -10.57
N ILE I 192 -1.66 23.02 -11.04
CA ILE I 192 -0.64 22.07 -10.58
C ILE I 192 0.67 22.43 -11.26
N ASP I 193 1.71 22.65 -10.47
CA ASP I 193 3.02 22.93 -11.01
C ASP I 193 3.72 21.62 -11.39
N ILE I 194 4.36 21.62 -12.54
CA ILE I 194 5.13 20.46 -13.00
C ILE I 194 6.48 20.96 -13.51
N ASP I 195 7.56 20.38 -13.00
CA ASP I 195 8.90 20.65 -13.49
C ASP I 195 9.10 19.89 -14.78
N THR I 196 9.24 20.62 -15.89
CA THR I 196 9.30 19.98 -17.20
C THR I 196 10.53 19.09 -17.35
N GLU I 197 11.67 19.53 -16.80
CA GLU I 197 12.90 18.76 -16.94
C GLU I 197 12.80 17.42 -16.22
N ALA I 198 12.24 17.40 -15.02
CA ALA I 198 12.16 16.19 -14.21
C ALA I 198 10.94 15.33 -14.50
N TYR I 199 9.99 15.83 -15.29
CA TYR I 199 8.73 15.13 -15.49
C TYR I 199 8.90 13.99 -16.49
N THR I 200 8.40 12.82 -16.11
CA THR I 200 8.30 11.66 -17.00
C THR I 200 6.82 11.33 -17.13
N GLU I 201 6.31 11.38 -18.35
CA GLU I 201 4.88 11.15 -18.55
C GLU I 201 4.52 9.70 -18.22
N ASN I 202 3.33 9.52 -17.66
CA ASN I 202 2.83 8.19 -17.37
C ASN I 202 2.66 7.41 -18.68
N GLY I 203 2.91 6.10 -18.61
CA GLY I 203 2.92 5.29 -19.81
C GLY I 203 1.59 5.25 -20.52
N GLU I 204 0.48 5.34 -19.77
CA GLU I 204 -0.86 5.26 -20.32
C GLU I 204 -1.63 6.57 -20.29
N TRP I 205 -1.21 7.55 -19.49
CA TRP I 205 -2.00 8.75 -19.22
C TRP I 205 -1.17 9.99 -19.50
N ALA I 206 -1.77 10.93 -20.23
CA ALA I 206 -1.17 12.22 -20.52
C ALA I 206 -1.98 13.31 -19.82
N ILE I 207 -1.30 14.16 -19.07
CA ILE I 207 -1.95 15.24 -18.32
C ILE I 207 -2.12 16.42 -19.26
N ASP I 208 -3.38 16.69 -19.65
CA ASP I 208 -3.68 17.78 -20.57
C ASP I 208 -3.89 19.10 -19.84
N PHE I 209 -4.68 19.09 -18.76
CA PHE I 209 -4.94 20.33 -18.01
C PHE I 209 -4.91 20.04 -16.52
N CYS I 210 -4.72 21.10 -15.74
CA CYS I 210 -4.72 20.98 -14.29
C CYS I 210 -5.05 22.30 -13.59
N PRO I 211 -6.21 22.91 -13.86
CA PRO I 211 -6.54 24.16 -13.18
C PRO I 211 -6.84 23.94 -11.70
N GLY I 212 -6.48 24.95 -10.91
CA GLY I 212 -6.78 24.98 -9.48
C GLY I 212 -7.75 26.11 -9.18
N VAL I 213 -8.66 25.87 -8.24
CA VAL I 213 -9.68 26.84 -7.84
C VAL I 213 -9.82 26.79 -6.33
N ILE I 214 -9.91 27.97 -5.72
CA ILE I 214 -10.17 28.11 -4.28
C ILE I 214 -11.67 28.35 -4.13
N ARG I 215 -12.36 27.39 -3.54
CA ARG I 215 -13.80 27.45 -3.33
C ARG I 215 -14.11 27.82 -1.89
N ARG I 216 -15.15 28.64 -1.71
CA ARG I 216 -15.69 29.00 -0.40
C ARG I 216 -17.18 28.72 -0.41
N HIS I 217 -17.67 28.18 0.70
CA HIS I 217 -19.06 27.74 0.80
C HIS I 217 -19.47 27.74 2.26
N HIS I 218 -20.73 27.42 2.52
CA HIS I 218 -21.32 27.42 3.86
C HIS I 218 -21.18 28.80 4.52
N GLY I 219 -21.19 29.85 3.72
CA GLY I 219 -21.04 31.20 4.23
C GLY I 219 -22.32 31.84 4.73
N GLY I 220 -23.46 31.19 4.56
CA GLY I 220 -24.71 31.78 5.02
C GLY I 220 -24.82 31.80 6.53
N ALA I 221 -25.75 32.63 7.01
CA ALA I 221 -25.98 32.73 8.45
C ALA I 221 -26.47 31.40 9.02
N THR I 222 -27.40 30.74 8.32
CA THR I 222 -27.91 29.47 8.79
C THR I 222 -26.90 28.34 8.61
N ASP I 223 -26.01 28.46 7.64
CA ASP I 223 -25.02 27.41 7.39
C ASP I 223 -23.91 27.37 8.43
N GLY I 224 -23.82 28.35 9.32
CA GLY I 224 -22.81 28.35 10.35
C GLY I 224 -21.53 28.99 9.86
N PRO I 225 -20.37 28.62 10.44
CA PRO I 225 -19.12 29.22 9.97
C PRO I 225 -18.78 28.79 8.55
N GLY I 226 -18.15 29.70 7.82
CA GLY I 226 -17.80 29.43 6.45
C GLY I 226 -16.66 28.43 6.33
N GLU I 227 -16.65 27.72 5.20
CA GLU I 227 -15.65 26.70 4.90
C GLU I 227 -15.04 27.00 3.55
N THR I 228 -13.80 26.51 3.36
CA THR I 228 -13.09 26.72 2.11
C THR I 228 -12.21 25.51 1.81
N ASP I 229 -11.87 25.37 0.53
CA ASP I 229 -10.93 24.33 0.12
C ASP I 229 -10.34 24.71 -1.23
N VAL I 230 -9.38 23.91 -1.68
CA VAL I 230 -8.69 24.11 -2.95
C VAL I 230 -8.85 22.84 -3.76
N ILE I 231 -9.44 22.95 -4.95
CA ILE I 231 -9.68 21.81 -5.83
C ILE I 231 -8.84 21.98 -7.09
N TYR I 232 -8.04 20.97 -7.38
CA TYR I 232 -7.27 20.88 -8.62
C TYR I 232 -7.91 19.82 -9.51
N SER I 233 -8.11 20.15 -10.78
CA SER I 233 -8.84 19.28 -11.71
C SER I 233 -7.87 18.76 -12.77
N LEU I 234 -7.27 17.60 -12.49
CA LEU I 234 -6.40 16.94 -13.48
C LEU I 234 -7.27 16.40 -14.60
N ILE I 235 -7.23 17.06 -15.76
CA ILE I 235 -7.84 16.55 -16.98
C ILE I 235 -6.75 15.75 -17.67
N ILE I 236 -6.92 14.43 -17.68
CA ILE I 236 -5.92 13.48 -18.18
C ILE I 236 -6.52 12.72 -19.36
N ARG I 237 -5.65 12.34 -20.29
CA ARG I 237 -6.03 11.66 -21.52
C ARG I 237 -5.36 10.29 -21.58
N ARG I 238 -6.14 9.26 -21.89
CA ARG I 238 -5.56 7.93 -22.05
C ARG I 238 -4.91 7.80 -23.42
N LYS I 239 -3.80 7.07 -23.46
CA LYS I 239 -3.13 6.72 -24.71
C LYS I 239 -3.56 5.29 -25.07
N PRO I 240 -4.44 5.07 -26.05
CA PRO I 240 -5.07 3.75 -26.18
C PRO I 240 -4.29 2.74 -27.02
N LEU I 241 -2.99 2.99 -27.21
CA LEU I 241 -2.19 2.17 -28.15
C LEU I 241 -2.22 0.69 -27.79
N PHE I 242 -2.18 0.37 -26.48
CA PHE I 242 -2.19 -1.03 -26.07
C PHE I 242 -3.48 -1.72 -26.49
N TYR I 243 -4.62 -1.07 -26.24
CA TYR I 243 -5.91 -1.66 -26.59
C TYR I 243 -6.08 -1.76 -28.10
N VAL I 244 -5.55 -0.79 -28.86
CA VAL I 244 -5.64 -0.84 -30.31
C VAL I 244 -4.81 -2.00 -30.84
N ILE I 245 -3.59 -2.16 -30.32
CA ILE I 245 -2.68 -3.17 -30.85
C ILE I 245 -3.16 -4.58 -30.46
N ASN I 246 -3.57 -4.75 -29.20
CA ASN I 246 -3.76 -6.08 -28.64
C ASN I 246 -5.19 -6.59 -28.68
N ILE I 247 -6.18 -5.70 -28.75
CA ILE I 247 -7.58 -6.09 -28.60
C ILE I 247 -8.38 -5.67 -29.83
N ILE I 248 -8.40 -4.37 -30.12
CA ILE I 248 -9.40 -3.86 -31.06
C ILE I 248 -9.09 -4.32 -32.48
N VAL I 249 -7.83 -4.25 -32.91
CA VAL I 249 -7.49 -4.61 -34.29
C VAL I 249 -7.68 -6.10 -34.51
N PRO I 250 -7.13 -6.99 -33.66
CA PRO I 250 -7.43 -8.42 -33.83
C PRO I 250 -8.91 -8.75 -33.79
N CYS I 251 -9.65 -8.11 -32.88
CA CYS I 251 -11.08 -8.38 -32.78
C CYS I 251 -11.82 -7.91 -34.03
N VAL I 252 -11.42 -6.77 -34.58
CA VAL I 252 -12.03 -6.26 -35.81
C VAL I 252 -11.78 -7.23 -36.96
N LEU I 253 -10.55 -7.74 -37.08
CA LEU I 253 -10.24 -8.66 -38.18
C LEU I 253 -11.01 -9.97 -38.02
N ILE I 254 -11.01 -10.53 -36.81
CA ILE I 254 -11.71 -11.79 -36.57
C ILE I 254 -13.20 -11.62 -36.77
N SER I 255 -13.75 -10.45 -36.41
CA SER I 255 -15.17 -10.17 -36.62
C SER I 255 -15.49 -9.86 -38.07
N GLY I 256 -14.51 -9.42 -38.86
CA GLY I 256 -14.72 -9.30 -40.29
C GLY I 256 -14.65 -10.61 -41.03
N LEU I 257 -14.01 -11.62 -40.43
CA LEU I 257 -13.89 -12.92 -41.10
C LEU I 257 -15.26 -13.54 -41.41
N VAL I 258 -16.29 -13.27 -40.62
CA VAL I 258 -17.59 -13.90 -40.86
C VAL I 258 -18.17 -13.51 -42.21
N LEU I 259 -17.78 -12.36 -42.76
CA LEU I 259 -18.23 -11.98 -44.09
C LEU I 259 -17.72 -12.93 -45.16
N LEU I 260 -16.59 -13.60 -44.91
CA LEU I 260 -16.07 -14.57 -45.86
C LEU I 260 -16.97 -15.79 -45.98
N ALA I 261 -17.81 -16.07 -44.99
CA ALA I 261 -18.67 -17.25 -45.06
C ALA I 261 -19.64 -17.17 -46.23
N TYR I 262 -19.96 -15.97 -46.70
CA TYR I 262 -20.88 -15.82 -47.81
C TYR I 262 -20.32 -16.31 -49.13
N PHE I 263 -18.99 -16.45 -49.23
CA PHE I 263 -18.34 -16.86 -50.48
C PHE I 263 -17.98 -18.33 -50.52
N LEU I 264 -18.11 -19.06 -49.43
CA LEU I 264 -17.82 -20.48 -49.45
C LEU I 264 -19.00 -21.24 -50.05
N PRO I 265 -18.76 -22.39 -50.68
CA PRO I 265 -19.88 -23.12 -51.31
C PRO I 265 -20.85 -23.67 -50.27
N ALA I 266 -22.11 -23.75 -50.66
CA ALA I 266 -23.17 -24.27 -49.79
C ALA I 266 -23.33 -25.78 -49.96
N GLN I 267 -22.23 -26.50 -49.77
CA GLN I 267 -22.16 -27.95 -49.93
C GLN I 267 -21.65 -28.57 -48.63
N ALA I 268 -21.40 -29.88 -48.67
CA ALA I 268 -20.95 -30.59 -47.49
C ALA I 268 -19.59 -30.09 -47.03
N GLY I 269 -18.65 -29.90 -47.96
CA GLY I 269 -17.30 -29.50 -47.66
C GLY I 269 -17.06 -28.01 -47.67
N GLY I 270 -18.12 -27.18 -47.68
CA GLY I 270 -17.93 -25.74 -47.69
C GLY I 270 -17.31 -25.21 -46.42
N GLN I 271 -17.69 -25.78 -45.28
CA GLN I 271 -17.21 -25.31 -43.96
C GLN I 271 -17.59 -23.85 -43.72
N LYS I 272 -18.79 -23.48 -44.16
CA LYS I 272 -19.32 -22.15 -43.93
C LYS I 272 -19.64 -21.92 -42.45
N CYS I 273 -20.39 -22.87 -41.87
CA CYS I 273 -20.73 -22.77 -40.46
C CYS I 273 -19.50 -22.92 -39.58
N THR I 274 -18.50 -23.67 -40.04
CA THR I 274 -17.24 -23.75 -39.33
C THR I 274 -16.66 -22.36 -39.11
N VAL I 275 -16.54 -21.60 -40.19
CA VAL I 275 -15.96 -20.26 -40.13
C VAL I 275 -16.79 -19.38 -39.20
N SER I 276 -18.12 -19.39 -39.37
CA SER I 276 -18.95 -18.46 -38.62
C SER I 276 -18.93 -18.76 -37.12
N ILE I 277 -19.19 -20.01 -36.75
CA ILE I 277 -19.30 -20.32 -35.33
C ILE I 277 -17.93 -20.26 -34.65
N ASN I 278 -16.85 -20.57 -35.37
CA ASN I 278 -15.54 -20.45 -34.74
C ASN I 278 -15.14 -18.98 -34.58
N VAL I 279 -15.60 -18.09 -35.46
CA VAL I 279 -15.42 -16.67 -35.19
C VAL I 279 -16.16 -16.28 -33.92
N LEU I 280 -17.37 -16.82 -33.71
CA LEU I 280 -18.07 -16.57 -32.46
C LEU I 280 -17.28 -17.06 -31.26
N LEU I 281 -16.67 -18.24 -31.37
CA LEU I 281 -15.86 -18.76 -30.26
C LEU I 281 -14.67 -17.86 -29.97
N ALA I 282 -14.01 -17.36 -31.01
CA ALA I 282 -12.89 -16.44 -30.80
C ALA I 282 -13.37 -15.15 -30.14
N GLN I 283 -14.56 -14.67 -30.53
CA GLN I 283 -15.10 -13.49 -29.87
C GLN I 283 -15.41 -13.74 -28.40
N THR I 284 -15.81 -14.97 -28.06
CA THR I 284 -16.00 -15.31 -26.65
C THR I 284 -14.67 -15.27 -25.90
N VAL I 285 -13.61 -15.76 -26.53
CA VAL I 285 -12.28 -15.66 -25.93
C VAL I 285 -11.92 -14.19 -25.70
N PHE I 286 -12.27 -13.33 -26.65
CA PHE I 286 -12.00 -11.91 -26.50
C PHE I 286 -12.83 -11.29 -25.39
N LEU I 287 -14.06 -11.77 -25.19
CA LEU I 287 -14.85 -11.33 -24.05
C LEU I 287 -14.16 -11.67 -22.74
N PHE I 288 -13.63 -12.89 -22.63
CA PHE I 288 -12.87 -13.24 -21.43
C PHE I 288 -11.65 -12.34 -21.27
N LEU I 289 -10.96 -12.05 -22.37
CA LEU I 289 -9.79 -11.18 -22.30
C LEU I 289 -10.16 -9.78 -21.83
N ILE I 290 -11.26 -9.24 -22.36
CA ILE I 290 -11.65 -7.86 -22.07
C ILE I 290 -12.21 -7.73 -20.67
N ALA I 291 -12.81 -8.80 -20.12
CA ALA I 291 -13.35 -8.73 -18.77
C ALA I 291 -12.30 -8.43 -17.72
N GLN I 292 -11.03 -8.70 -17.99
CA GLN I 292 -9.97 -8.46 -17.02
C GLN I 292 -9.50 -7.01 -16.99
N LYS I 293 -9.97 -6.15 -17.89
CA LYS I 293 -9.48 -4.79 -18.05
C LYS I 293 -10.53 -3.71 -17.85
N ILE I 294 -11.77 -3.95 -18.25
CA ILE I 294 -12.79 -2.89 -18.29
C ILE I 294 -13.17 -2.48 -16.87
N PRO I 295 -13.70 -1.27 -16.66
CA PRO I 295 -14.24 -0.93 -15.35
C PRO I 295 -15.50 -1.71 -15.04
N GLU I 296 -15.82 -1.80 -13.74
CA GLU I 296 -16.90 -2.63 -13.24
C GLU I 296 -18.09 -1.80 -12.75
N THR I 297 -18.26 -0.59 -13.29
CA THR I 297 -19.40 0.26 -12.97
C THR I 297 -20.52 0.04 -13.99
N SER I 298 -21.71 0.56 -13.66
CA SER I 298 -22.93 0.29 -14.44
C SER I 298 -23.65 1.58 -14.84
N LEU I 299 -22.96 2.72 -14.85
CA LEU I 299 -23.59 3.96 -15.28
C LEU I 299 -23.73 4.03 -16.80
N SER I 300 -22.78 3.45 -17.53
CA SER I 300 -22.86 3.39 -18.99
C SER I 300 -22.04 2.21 -19.46
N VAL I 301 -22.28 1.82 -20.71
CA VAL I 301 -21.59 0.69 -21.33
C VAL I 301 -20.30 1.19 -21.97
N PRO I 302 -19.13 0.61 -21.71
CA PRO I 302 -17.92 1.08 -22.40
C PRO I 302 -17.96 0.77 -23.88
N LEU I 303 -17.18 1.55 -24.63
CA LEU I 303 -17.14 1.39 -26.08
C LEU I 303 -16.63 0.01 -26.46
N LEU I 304 -15.64 -0.51 -25.73
CA LEU I 304 -15.10 -1.83 -26.02
C LEU I 304 -16.18 -2.90 -25.88
N GLY I 305 -16.95 -2.84 -24.79
CA GLY I 305 -18.03 -3.80 -24.61
C GLY I 305 -19.13 -3.64 -25.64
N ARG I 306 -19.48 -2.39 -25.98
CA ARG I 306 -20.51 -2.16 -26.98
C ARG I 306 -20.09 -2.75 -28.33
N PHE I 307 -18.85 -2.51 -28.73
CA PHE I 307 -18.37 -3.06 -30.00
C PHE I 307 -18.33 -4.58 -29.98
N LEU I 308 -17.89 -5.17 -28.87
CA LEU I 308 -17.81 -6.62 -28.80
C LEU I 308 -19.20 -7.25 -28.86
N ILE I 309 -20.17 -6.68 -28.14
CA ILE I 309 -21.52 -7.20 -28.20
C ILE I 309 -22.10 -7.03 -29.60
N PHE I 310 -21.79 -5.90 -30.26
CA PHE I 310 -22.30 -5.68 -31.61
C PHE I 310 -21.75 -6.73 -32.57
N VAL I 311 -20.45 -6.99 -32.53
CA VAL I 311 -19.88 -7.96 -33.47
C VAL I 311 -20.38 -9.36 -33.14
N MET I 312 -20.62 -9.67 -31.86
CA MET I 312 -21.20 -10.95 -31.51
C MET I 312 -22.61 -11.10 -32.09
N VAL I 313 -23.41 -10.04 -32.03
CA VAL I 313 -24.74 -10.08 -32.62
C VAL I 313 -24.65 -10.24 -34.13
N VAL I 314 -23.71 -9.54 -34.77
CA VAL I 314 -23.55 -9.63 -36.22
C VAL I 314 -23.15 -11.06 -36.61
N ALA I 315 -22.22 -11.66 -35.86
CA ALA I 315 -21.82 -13.03 -36.13
C ALA I 315 -22.98 -13.99 -35.93
N THR I 316 -23.81 -13.75 -34.90
CA THR I 316 -24.98 -14.59 -34.70
C THR I 316 -25.94 -14.51 -35.87
N LEU I 317 -26.18 -13.30 -36.38
CA LEU I 317 -27.05 -13.14 -37.54
C LEU I 317 -26.47 -13.85 -38.76
N ILE I 318 -25.16 -13.74 -38.95
CA ILE I 318 -24.52 -14.38 -40.09
C ILE I 318 -24.61 -15.90 -39.96
N VAL I 319 -24.51 -16.42 -38.74
CA VAL I 319 -24.67 -17.86 -38.52
C VAL I 319 -26.08 -18.29 -38.89
N MET I 320 -27.09 -17.54 -38.44
CA MET I 320 -28.47 -17.88 -38.78
C MET I 320 -28.69 -17.86 -40.28
N ASN I 321 -28.15 -16.84 -40.95
CA ASN I 321 -28.34 -16.75 -42.39
C ASN I 321 -27.58 -17.85 -43.13
N CYS I 322 -26.40 -18.23 -42.65
CA CYS I 322 -25.69 -19.33 -43.27
C CYS I 322 -26.46 -20.64 -43.12
N VAL I 323 -27.08 -20.85 -41.97
CA VAL I 323 -27.94 -22.00 -41.78
C VAL I 323 -29.09 -21.98 -42.76
N ILE I 324 -29.71 -20.82 -42.96
CA ILE I 324 -30.84 -20.71 -43.88
C ILE I 324 -30.39 -21.00 -45.31
N VAL I 325 -29.23 -20.45 -45.70
CA VAL I 325 -28.73 -20.65 -47.06
C VAL I 325 -28.40 -22.12 -47.30
N LEU I 326 -27.77 -22.77 -46.31
CA LEU I 326 -27.49 -24.20 -46.46
C LEU I 326 -28.77 -25.01 -46.55
N ASN I 327 -29.79 -24.64 -45.78
CA ASN I 327 -31.06 -25.35 -45.86
C ASN I 327 -31.69 -25.20 -47.23
N VAL I 328 -31.66 -23.99 -47.78
CA VAL I 328 -32.26 -23.75 -49.10
C VAL I 328 -31.46 -24.46 -50.20
N SER I 329 -30.14 -24.52 -50.06
CA SER I 329 -29.31 -25.07 -51.12
C SER I 329 -29.38 -26.59 -51.19
N GLN I 330 -29.52 -27.26 -50.05
CA GLN I 330 -29.47 -28.71 -49.99
C GLN I 330 -30.84 -29.36 -50.19
N ARG I 331 -31.84 -28.61 -50.64
CA ARG I 331 -33.17 -29.16 -50.81
C ARG I 331 -33.20 -30.11 -52.01
N THR I 332 -33.85 -31.27 -51.81
CA THR I 332 -33.90 -32.36 -52.78
C THR I 332 -35.35 -32.64 -53.17
N PRO I 333 -35.65 -32.96 -54.43
CA PRO I 333 -37.05 -33.25 -54.78
C PRO I 333 -37.65 -34.45 -54.07
N THR I 334 -36.82 -35.40 -53.62
CA THR I 334 -37.35 -36.57 -52.91
C THR I 334 -38.01 -36.17 -51.59
N THR I 335 -37.62 -35.04 -51.01
CA THR I 335 -38.17 -34.55 -49.75
C THR I 335 -38.96 -33.26 -49.89
N HIS I 336 -38.54 -32.36 -50.77
CA HIS I 336 -39.03 -30.99 -50.81
C HIS I 336 -39.65 -30.68 -52.16
N ALA I 337 -40.83 -30.08 -52.14
CA ALA I 337 -41.49 -29.66 -53.37
C ALA I 337 -40.87 -28.37 -53.88
N MET I 338 -40.88 -28.21 -55.21
CA MET I 338 -40.27 -27.06 -55.86
C MET I 338 -41.16 -25.83 -55.62
N SER I 339 -40.73 -24.97 -54.71
CA SER I 339 -41.48 -23.75 -54.40
C SER I 339 -41.43 -22.79 -55.58
N PRO I 340 -42.54 -22.55 -56.32
CA PRO I 340 -42.43 -21.66 -57.49
C PRO I 340 -42.43 -20.19 -57.12
N ARG I 341 -43.09 -19.83 -56.01
CA ARG I 341 -43.12 -18.44 -55.57
C ARG I 341 -41.72 -17.95 -55.22
N LEU I 342 -41.01 -18.69 -54.37
CA LEU I 342 -39.66 -18.30 -53.98
C LEU I 342 -38.72 -18.33 -55.16
N ARG I 343 -38.91 -19.29 -56.08
CA ARG I 343 -38.11 -19.33 -57.30
C ARG I 343 -38.30 -18.07 -58.12
N HIS I 344 -39.55 -17.63 -58.31
CA HIS I 344 -39.80 -16.42 -59.07
C HIS I 344 -39.21 -15.21 -58.36
N VAL I 345 -39.31 -15.17 -57.03
CA VAL I 345 -38.79 -14.04 -56.27
C VAL I 345 -37.27 -13.94 -56.42
N LEU I 346 -36.57 -15.08 -56.31
CA LEU I 346 -35.11 -15.06 -56.21
C LEU I 346 -34.41 -15.12 -57.56
N LEU I 347 -34.93 -15.90 -58.51
CA LEU I 347 -34.23 -16.13 -59.77
C LEU I 347 -34.67 -15.21 -60.91
N GLU I 348 -35.87 -14.64 -60.82
CA GLU I 348 -36.39 -13.73 -61.84
C GLU I 348 -36.50 -12.30 -61.35
N LEU I 349 -37.21 -12.08 -60.23
CA LEU I 349 -37.41 -10.71 -59.75
C LEU I 349 -36.13 -10.11 -59.19
N LEU I 350 -35.38 -10.89 -58.39
CA LEU I 350 -34.22 -10.35 -57.70
C LEU I 350 -33.12 -9.89 -58.65
N PRO I 351 -32.69 -10.67 -59.65
CA PRO I 351 -31.61 -10.16 -60.53
C PRO I 351 -32.06 -8.98 -61.38
N ARG I 352 -33.31 -8.99 -61.84
CA ARG I 352 -33.80 -7.89 -62.66
C ARG I 352 -33.88 -6.59 -61.86
N LEU I 353 -34.43 -6.67 -60.63
CA LEU I 353 -34.45 -5.50 -59.77
C LEU I 353 -33.03 -5.09 -59.38
N LEU I 354 -32.16 -6.07 -59.16
CA LEU I 354 -30.76 -5.80 -58.85
C LEU I 354 -30.08 -5.11 -60.03
N ALA I 417 -39.81 -66.29 -77.76
CA ALA I 417 -38.81 -65.24 -77.99
C ALA I 417 -38.88 -64.14 -76.92
N PRO I 418 -38.51 -64.49 -75.68
CA PRO I 418 -38.46 -63.47 -74.62
C PRO I 418 -37.30 -62.48 -74.77
N GLU I 419 -36.33 -62.78 -75.63
CA GLU I 419 -35.11 -61.99 -75.72
C GLU I 419 -35.40 -60.55 -76.08
N VAL I 420 -36.05 -60.34 -77.24
CA VAL I 420 -36.25 -58.98 -77.75
C VAL I 420 -37.09 -58.17 -76.77
N ARG I 421 -38.22 -58.72 -76.33
CA ARG I 421 -39.12 -57.99 -75.45
C ARG I 421 -38.45 -57.64 -74.13
N CYS I 422 -37.85 -58.63 -73.47
CA CYS I 422 -37.29 -58.39 -72.14
C CYS I 422 -36.10 -57.46 -72.21
N CYS I 423 -35.25 -57.59 -73.24
CA CYS I 423 -34.08 -56.72 -73.32
C CYS I 423 -34.46 -55.29 -73.69
N VAL I 424 -35.46 -55.14 -74.58
CA VAL I 424 -35.94 -53.80 -74.88
C VAL I 424 -36.54 -53.16 -73.63
N ASP I 425 -37.23 -53.96 -72.82
CA ASP I 425 -37.75 -53.44 -71.54
C ASP I 425 -36.61 -53.03 -70.63
N ALA I 426 -35.54 -53.82 -70.56
CA ALA I 426 -34.40 -53.49 -69.71
C ALA I 426 -33.75 -52.18 -70.16
N VAL I 427 -33.51 -52.04 -71.47
CA VAL I 427 -32.88 -50.84 -71.99
C VAL I 427 -33.78 -49.63 -71.75
N ASN I 428 -35.09 -49.79 -71.93
CA ASN I 428 -36.02 -48.69 -71.68
C ASN I 428 -36.00 -48.30 -70.21
N PHE I 429 -35.94 -49.28 -69.31
CA PHE I 429 -35.88 -48.98 -67.88
C PHE I 429 -34.62 -48.21 -67.54
N VAL I 430 -33.48 -48.62 -68.10
CA VAL I 430 -32.23 -47.90 -67.85
C VAL I 430 -32.32 -46.47 -68.37
N ALA I 431 -32.88 -46.29 -69.57
CA ALA I 431 -32.99 -44.96 -70.15
C ALA I 431 -33.89 -44.06 -69.32
N GLU I 432 -35.03 -44.57 -68.86
CA GLU I 432 -35.91 -43.77 -68.03
C GLU I 432 -35.29 -43.47 -66.68
N SER I 433 -34.51 -44.40 -66.12
CA SER I 433 -33.78 -44.10 -64.89
C SER I 433 -32.80 -42.95 -65.10
N THR I 434 -32.08 -42.98 -66.23
CA THR I 434 -31.16 -41.88 -66.53
C THR I 434 -31.90 -40.56 -66.69
N ARG I 435 -33.06 -40.59 -67.37
CA ARG I 435 -33.85 -39.37 -67.53
C ARG I 435 -34.30 -38.82 -66.18
N ASP I 436 -34.75 -39.70 -65.29
CA ASP I 436 -35.16 -39.26 -63.96
C ASP I 436 -33.98 -38.67 -63.19
N GLN I 437 -32.80 -39.29 -63.31
CA GLN I 437 -31.62 -38.76 -62.64
C GLN I 437 -31.27 -37.37 -63.16
N GLU I 438 -31.36 -37.16 -64.47
CA GLU I 438 -31.07 -35.84 -65.03
C GLU I 438 -32.09 -34.81 -64.56
N ALA I 439 -33.37 -35.17 -64.49
CA ALA I 439 -34.38 -34.25 -63.98
C ALA I 439 -34.11 -33.89 -62.53
N THR I 440 -33.75 -34.89 -61.71
CA THR I 440 -33.45 -34.65 -60.31
C THR I 440 -32.26 -33.68 -60.17
N GLY I 441 -31.21 -33.91 -60.96
CA GLY I 441 -30.06 -33.03 -60.91
C GLY I 441 -30.36 -31.62 -61.42
N GLU I 442 -31.27 -31.49 -62.37
CA GLU I 442 -31.68 -30.18 -62.86
C GLU I 442 -32.42 -29.39 -61.78
N GLU I 443 -33.30 -30.06 -61.03
CA GLU I 443 -33.99 -29.37 -59.93
C GLU I 443 -33.04 -29.04 -58.79
N VAL I 444 -32.08 -29.92 -58.50
CA VAL I 444 -31.07 -29.60 -57.49
C VAL I 444 -30.26 -28.39 -57.93
N SER I 445 -29.91 -28.31 -59.21
CA SER I 445 -29.17 -27.15 -59.70
C SER I 445 -29.99 -25.88 -59.54
N ASP I 446 -31.30 -25.95 -59.81
CA ASP I 446 -32.16 -24.80 -59.58
C ASP I 446 -32.09 -24.35 -58.11
N TRP I 447 -32.22 -25.30 -57.19
CA TRP I 447 -32.19 -24.97 -55.77
C TRP I 447 -30.86 -24.33 -55.36
N VAL I 448 -29.75 -24.86 -55.85
CA VAL I 448 -28.45 -24.27 -55.55
C VAL I 448 -28.36 -22.86 -56.13
N ARG I 449 -28.98 -22.62 -57.28
CA ARG I 449 -28.95 -21.25 -57.84
C ARG I 449 -29.71 -20.28 -56.94
N MET I 450 -30.87 -20.69 -56.41
CA MET I 450 -31.58 -19.79 -55.48
C MET I 450 -30.75 -19.56 -54.22
N GLY I 451 -30.09 -20.62 -53.72
CA GLY I 451 -29.23 -20.44 -52.57
C GLY I 451 -28.09 -19.47 -52.83
N ASN I 452 -27.50 -19.54 -54.04
CA ASN I 452 -26.42 -18.63 -54.40
C ASN I 452 -26.90 -17.19 -54.47
N ALA I 453 -28.10 -16.97 -55.04
CA ALA I 453 -28.63 -15.61 -55.09
C ALA I 453 -28.86 -15.04 -53.70
N LEU I 454 -29.43 -15.86 -52.80
CA LEU I 454 -29.63 -15.42 -51.43
C LEU I 454 -28.29 -15.08 -50.76
N ASP I 455 -27.28 -15.90 -51.03
CA ASP I 455 -25.92 -15.71 -50.46
C ASP I 455 -25.36 -14.39 -50.99
N ASN I 456 -25.59 -14.06 -52.26
CA ASN I 456 -25.05 -12.86 -52.87
C ASN I 456 -25.65 -11.61 -52.26
N ILE I 457 -26.98 -11.54 -52.17
CA ILE I 457 -27.59 -10.31 -51.65
C ILE I 457 -27.33 -10.18 -50.15
N CYS I 458 -27.37 -11.29 -49.40
CA CYS I 458 -27.14 -11.20 -47.98
C CYS I 458 -25.71 -10.82 -47.64
N PHE I 459 -24.75 -11.10 -48.54
CA PHE I 459 -23.38 -10.63 -48.31
C PHE I 459 -23.33 -9.11 -48.25
N TRP I 460 -23.98 -8.44 -49.20
CA TRP I 460 -23.99 -6.98 -49.21
C TRP I 460 -24.72 -6.44 -48.00
N ALA I 461 -25.85 -7.07 -47.63
CA ALA I 461 -26.57 -6.63 -46.43
C ALA I 461 -25.69 -6.71 -45.19
N ALA I 462 -25.01 -7.84 -45.01
CA ALA I 462 -24.17 -8.03 -43.84
C ALA I 462 -22.98 -7.08 -43.85
N LEU I 463 -22.37 -6.86 -45.02
CA LEU I 463 -21.24 -5.93 -45.10
C LEU I 463 -21.65 -4.53 -44.71
N VAL I 464 -22.81 -4.08 -45.21
CA VAL I 464 -23.28 -2.74 -44.88
C VAL I 464 -23.55 -2.64 -43.38
N LEU I 465 -24.20 -3.66 -42.80
CA LEU I 465 -24.50 -3.64 -41.37
C LEU I 465 -23.23 -3.56 -40.55
N PHE I 466 -22.28 -4.46 -40.81
CA PHE I 466 -21.04 -4.51 -40.02
C PHE I 466 -20.26 -3.22 -40.14
N SER I 467 -20.07 -2.72 -41.37
CA SER I 467 -19.26 -1.52 -41.57
C SER I 467 -19.92 -0.31 -40.92
N VAL I 468 -21.23 -0.15 -41.12
CA VAL I 468 -21.92 1.03 -40.58
C VAL I 468 -21.88 1.01 -39.06
N GLY I 469 -22.15 -0.15 -38.45
CA GLY I 469 -22.13 -0.21 -37.00
C GLY I 469 -20.77 0.04 -36.40
N SER I 470 -19.73 -0.59 -36.97
CA SER I 470 -18.38 -0.37 -36.45
C SER I 470 -17.97 1.10 -36.61
N SER I 471 -18.27 1.69 -37.77
CA SER I 471 -17.92 3.08 -37.99
C SER I 471 -18.63 4.00 -37.01
N LEU I 472 -19.93 3.76 -36.77
CA LEU I 472 -20.65 4.60 -35.81
C LEU I 472 -20.06 4.46 -34.41
N ILE I 473 -19.76 3.23 -33.99
CA ILE I 473 -19.26 3.00 -32.65
C ILE I 473 -17.92 3.71 -32.44
N PHE I 474 -17.03 3.64 -33.45
CA PHE I 474 -15.72 4.26 -33.28
C PHE I 474 -15.74 5.78 -33.51
N LEU I 475 -16.60 6.27 -34.41
CA LEU I 475 -16.78 7.71 -34.55
C LEU I 475 -17.38 8.33 -33.29
N GLY I 476 -18.10 7.54 -32.50
CA GLY I 476 -18.47 8.01 -31.16
C GLY I 476 -17.24 8.38 -30.34
N ALA I 477 -16.17 7.60 -30.46
CA ALA I 477 -14.93 7.93 -29.78
C ALA I 477 -14.19 9.09 -30.43
N TYR I 478 -14.25 9.19 -31.77
CA TYR I 478 -13.49 10.23 -32.46
C TYR I 478 -13.94 11.63 -32.04
N PHE I 479 -15.22 11.78 -31.68
CA PHE I 479 -15.76 13.06 -31.23
C PHE I 479 -15.61 13.29 -29.73
N ASN I 480 -14.85 12.44 -29.03
CA ASN I 480 -14.64 12.54 -27.58
C ASN I 480 -13.25 13.02 -27.24
N ARG I 481 -12.72 13.96 -28.01
CA ARG I 481 -11.47 14.59 -27.64
C ARG I 481 -11.66 15.38 -26.35
N VAL I 482 -10.54 15.70 -25.70
CA VAL I 482 -10.61 16.59 -24.53
C VAL I 482 -11.12 17.95 -24.99
N PRO I 483 -12.13 18.55 -24.34
CA PRO I 483 -12.63 19.83 -24.83
C PRO I 483 -11.60 20.93 -24.73
N ASP I 484 -11.69 21.90 -25.63
CA ASP I 484 -10.78 23.03 -25.63
C ASP I 484 -11.14 23.97 -24.49
N LEU I 485 -10.58 23.73 -23.30
CA LEU I 485 -10.89 24.53 -22.13
C LEU I 485 -10.10 25.82 -22.13
N PRO I 486 -10.56 26.85 -21.40
CA PRO I 486 -9.85 28.14 -21.39
C PRO I 486 -8.73 28.18 -20.33
N TYR I 487 -7.82 27.21 -20.43
CA TYR I 487 -6.66 27.13 -19.54
C TYR I 487 -5.42 26.83 -20.38
N ALA I 488 -4.27 27.20 -19.83
CA ALA I 488 -3.01 26.84 -20.44
C ALA I 488 -2.75 25.35 -20.26
N PRO I 489 -1.91 24.75 -21.10
CA PRO I 489 -1.55 23.34 -20.87
C PRO I 489 -0.85 23.17 -19.53
N CYS I 490 -1.06 22.00 -18.91
CA CYS I 490 -0.44 21.72 -17.62
C CYS I 490 1.07 21.74 -17.72
N ILE I 491 1.62 21.14 -18.77
CA ILE I 491 3.05 21.14 -19.05
C ILE I 491 3.29 22.05 -20.25
N GLN I 492 4.07 23.10 -20.05
CA GLN I 492 4.43 23.97 -21.15
C GLN I 492 5.30 23.22 -22.14
N PRO I 493 5.11 23.41 -23.47
CA PRO I 493 5.90 22.59 -24.38
C PRO I 493 7.35 23.05 -24.50
C1 NAG J . 21.37 7.31 -17.94
C2 NAG J . 22.49 7.74 -18.87
C3 NAG J . 23.46 8.64 -18.11
C4 NAG J . 22.73 9.81 -17.46
C5 NAG J . 21.53 9.28 -16.65
C6 NAG J . 20.63 10.36 -16.12
C7 NAG J . 23.01 6.00 -20.60
C8 NAG J . 21.93 6.60 -21.48
N2 NAG J . 23.20 6.58 -19.40
O3 NAG J . 24.47 9.12 -19.00
O4 NAG J . 23.61 10.51 -16.59
O5 NAG J . 20.71 8.43 -17.46
O6 NAG J . 19.59 9.78 -15.34
O7 NAG J . 23.66 5.04 -20.96
H2 NAG J . 22.12 8.23 -19.61
H3 NAG J . 23.88 8.13 -17.40
H4 NAG J . 22.41 10.41 -18.14
H5 NAG J . 21.94 8.81 -15.91
H61 NAG J . 21.13 10.99 -15.58
H62 NAG J . 20.24 10.86 -16.85
H81 NAG J . 21.89 6.09 -22.31
H82 NAG J . 21.09 6.56 -21.02
H83 NAG J . 22.17 7.52 -21.68
HN2 NAG J . 23.82 6.24 -18.90
HO3 NAG J . 25.01 9.60 -18.58
HO6 NAG J . 19.09 10.39 -15.04
C1 NAG J . 24.43 11.56 -17.18
C2 NAG J . 24.58 12.75 -16.23
C3 NAG J . 25.45 13.82 -16.88
C4 NAG J . 26.80 13.24 -17.24
C5 NAG J . 26.63 12.03 -18.16
C6 NAG J . 27.94 11.31 -18.40
C7 NAG J . 22.59 13.05 -14.74
C8 NAG J . 23.17 12.02 -13.82
N2 NAG J . 23.29 13.33 -15.86
O3 NAG J . 25.61 14.91 -16.00
O4 NAG J . 27.59 14.24 -17.88
O5 NAG J . 25.74 11.06 -17.56
O6 NAG J . 27.79 10.29 -19.38
O7 NAG J . 21.52 13.60 -14.51
H2 NAG J . 25.00 12.42 -15.42
H3 NAG J . 25.01 14.13 -17.69
H4 NAG J . 27.26 12.94 -16.43
H5 NAG J . 26.28 12.38 -18.99
H61 NAG J . 28.60 11.94 -18.70
H62 NAG J . 28.26 10.93 -17.57
H81 NAG J . 22.58 11.91 -13.05
H82 NAG J . 23.24 11.18 -14.29
H83 NAG J . 24.04 12.31 -13.51
HN2 NAG J . 22.94 13.89 -16.41
HO3 NAG J . 26.08 15.50 -16.35
HO6 NAG J . 28.53 9.90 -19.50
C1 BMA J . 28.64 14.64 -16.98
C2 BMA J . 29.76 15.24 -17.84
C3 BMA J . 30.92 15.66 -16.91
C4 BMA J . 30.42 16.56 -15.77
C5 BMA J . 29.28 15.84 -15.03
C6 BMA J . 28.76 16.62 -13.82
O2 BMA J . 29.32 16.42 -18.50
O3 BMA J . 31.96 16.32 -17.62
O4 BMA J . 31.49 16.82 -14.86
O5 BMA J . 28.22 15.59 -15.99
O6 BMA J . 28.15 17.80 -14.26
H2 BMA J . 30.03 14.58 -18.49
H3 BMA J . 31.28 14.84 -16.55
H4 BMA J . 30.11 17.40 -16.12
H5 BMA J . 29.64 15.02 -14.66
H61 BMA J . 28.10 16.08 -13.34
H62 BMA J . 29.47 16.81 -13.21
HO2 BMA J . 28.69 16.22 -19.02
HO4 BMA J . 32.12 17.20 -15.27
C1 MAN J . 32.66 15.36 -18.44
C2 MAN J . 34.16 15.63 -18.30
C3 MAN J . 34.47 17.02 -18.85
C4 MAN J . 33.92 17.18 -20.28
C5 MAN J . 32.42 16.82 -20.34
C6 MAN J . 31.86 16.79 -21.75
O2 MAN J . 34.93 14.72 -19.10
O3 MAN J . 35.86 17.27 -18.82
O4 MAN J . 34.07 18.53 -20.70
O5 MAN J . 32.24 15.50 -19.78
O6 MAN J . 30.48 16.50 -21.68
H2 MAN J . 34.38 15.55 -17.35
H3 MAN J . 34.03 17.67 -18.28
H4 MAN J . 34.41 16.59 -20.88
H5 MAN J . 31.95 17.49 -19.83
H61 MAN J . 32.02 17.64 -22.18
H62 MAN J . 32.32 16.11 -22.28
HO2 MAN J . 35.75 14.90 -19.01
HO3 MAN J . 36.02 18.04 -19.13
HO4 MAN J . 33.77 18.61 -21.48
HO6 MAN J . 30.16 16.49 -22.45
C1 MAN J . 27.64 18.51 -13.12
C2 MAN J . 26.51 19.40 -13.64
C3 MAN J . 27.11 20.45 -14.58
C4 MAN J . 28.24 21.22 -13.88
C5 MAN J . 29.30 20.23 -13.34
C6 MAN J . 30.36 20.91 -12.50
O2 MAN J . 25.89 20.15 -12.58
O3 MAN J . 26.11 21.34 -15.05
O4 MAN J . 28.87 22.08 -14.82
O5 MAN J . 28.65 19.26 -12.50
O6 MAN J . 31.21 19.91 -11.97
H2 MAN J . 25.86 18.84 -14.07
H3 MAN J . 27.47 19.98 -15.35
H4 MAN J . 27.87 21.74 -13.16
H5 MAN J . 29.72 19.82 -14.10
H61 MAN J . 30.87 21.53 -13.05
H62 MAN J . 29.95 21.43 -11.79
HO2 MAN J . 25.29 20.63 -12.89
HO3 MAN J . 26.46 21.91 -15.57
HO4 MAN J . 29.49 22.50 -14.44
HO6 MAN J . 31.81 20.27 -11.50
C1 NAG K . -33.16 -3.44 7.14
C2 NAG K . -34.64 -3.16 7.31
C3 NAG K . -34.87 -2.35 8.58
C4 NAG K . -34.25 -3.06 9.79
C5 NAG K . -32.80 -3.45 9.50
C6 NAG K . -32.20 -4.39 10.52
C7 NAG K . -36.01 -3.01 5.28
C8 NAG K . -36.40 -2.15 4.11
N2 NAG K . -35.16 -2.47 6.14
O3 NAG K . -36.27 -2.16 8.79
O4 NAG K . -34.27 -2.20 10.92
O5 NAG K . -32.69 -4.14 8.25
O6 NAG K . -30.78 -4.30 10.51
O7 NAG K . -36.44 -4.16 5.41
H2 NAG K . -35.11 -4.00 7.39
H3 NAG K . -34.44 -1.49 8.49
H4 NAG K . -34.77 -3.86 9.96
H5 NAG K . -32.31 -2.60 9.50
H61 NAG K . -32.53 -4.15 11.40
H62 NAG K . -32.48 -5.29 10.35
H81 NAG K . -37.02 -2.64 3.55
H82 NAG K . -36.82 -1.34 4.44
H83 NAG K . -35.60 -1.93 3.60
HN2 NAG K . -34.90 -1.66 6.00
HO3 NAG K . -36.39 -1.72 9.49
HO6 NAG K . -30.46 -4.82 11.08
C1 NAG K . -35.47 -2.29 11.74
C2 NAG K . -35.12 -2.04 13.21
C3 NAG K . -36.39 -2.10 14.05
C4 NAG K . -37.39 -1.06 13.55
C5 NAG K . -37.68 -1.33 12.08
C6 NAG K . -38.57 -0.27 11.46
C7 NAG K . -32.82 -2.85 13.79
C8 NAG K . -32.26 -1.54 13.28
N2 NAG K . -34.16 -3.02 13.71
O3 NAG K . -36.07 -1.86 15.42
O4 NAG K . -38.58 -1.17 14.31
O5 NAG K . -36.46 -1.32 11.32
O6 NAG K . -39.01 -0.65 10.17
O7 NAG K . -32.09 -3.73 14.22
H2 NAG K . -34.72 -1.17 13.29
H3 NAG K . -36.79 -2.97 13.97
H4 NAG K . -37.02 -0.17 13.65
H5 NAG K . -38.13 -2.19 12.04
H61 NAG K . -39.34 -0.11 12.04
H62 NAG K . -38.09 0.57 11.41
H81 NAG K . -31.31 -1.55 13.39
H82 NAG K . -32.49 -1.43 12.35
H83 NAG K . -32.65 -0.82 13.80
HN2 NAG K . -34.46 -3.77 13.97
HO3 NAG K . -36.77 -1.89 15.88
HO6 NAG K . -39.50 -0.05 9.85
C1 BMA K . -38.75 0.00 15.13
C2 BMA K . -40.23 0.04 15.51
C3 BMA K . -40.51 1.25 16.43
C4 BMA K . -39.53 1.28 17.61
C5 BMA K . -38.09 1.22 17.08
C6 BMA K . -37.04 1.29 18.17
O2 BMA K . -40.60 -1.12 16.26
O3 BMA K . -41.84 1.26 16.90
O4 BMA K . -39.72 2.46 18.35
O5 BMA K . -37.94 0.00 16.31
O6 BMA K . -37.14 0.14 18.98
H2 BMA K . -40.75 0.09 14.69
H3 BMA K . -40.37 2.04 15.87
H4 BMA K . -39.70 0.52 18.19
H5 BMA K . -37.95 2.00 16.53
H61 BMA K . -36.15 1.35 17.78
H62 BMA K . -37.16 2.09 18.71
HO2 BMA K . -40.46 -1.80 15.79
HO4 BMA K . -40.51 2.49 18.64
C1 MAN K . -42.73 1.79 15.89
C2 MAN K . -43.93 2.40 16.61
C3 MAN K . -44.69 1.28 17.31
C4 MAN K . -45.04 0.13 16.35
C5 MAN K . -43.78 -0.34 15.63
C6 MAN K . -44.06 -1.37 14.54
O2 MAN K . -44.86 2.98 15.69
O3 MAN K . -45.86 1.79 17.94
O4 MAN K . -45.60 -0.94 17.07
O5 MAN K . -43.14 0.78 15.00
O6 MAN K . -44.35 -2.62 15.16
H2 MAN K . -43.58 3.06 17.23
H3 MAN K . -44.11 0.93 18.01
H4 MAN K . -45.68 0.47 15.70
H5 MAN K . -43.22 -0.77 16.29
H61 MAN K . -44.83 -1.09 14.00
H62 MAN K . -43.31 -1.45 13.94
HO2 MAN K . -45.50 3.31 16.12
HO3 MAN K . -46.27 1.16 18.33
HO4 MAN K . -45.79 -1.57 16.54
HO6 MAN K . -44.51 -3.20 14.57
C1 MAN K . -36.10 0.19 19.97
C2 MAN K . -35.98 -1.23 20.54
C3 MAN K . -37.26 -1.60 21.27
C4 MAN K . -37.62 -0.53 22.33
C5 MAN K . -37.66 0.86 21.67
C6 MAN K . -37.85 1.97 22.70
O2 MAN K . -34.93 -1.31 21.52
O3 MAN K . -37.16 -2.88 21.87
O4 MAN K . -38.90 -0.82 22.87
O5 MAN K . -36.43 1.12 20.99
O6 MAN K . -37.92 3.21 22.01
H2 MAN K . -35.78 -1.81 19.79
H3 MAN K . -37.97 -1.63 20.61
H4 MAN K . -36.95 -0.54 23.03
H5 MAN K . -38.42 0.87 21.07
H61 MAN K . -38.66 1.83 23.21
H62 MAN K . -37.12 1.98 23.34
HO2 MAN K . -34.88 -2.09 21.82
HO3 MAN K . -37.87 -3.07 22.27
HO4 MAN K . -39.09 -0.23 23.44
HO6 MAN K . -38.03 3.83 22.56
C1 NAG L . 23.41 -24.37 -0.38
C2 NAG L . 24.43 -25.43 -0.79
C3 NAG L . 25.68 -25.32 0.09
C4 NAG L . 26.23 -23.91 0.04
C5 NAG L . 25.14 -22.91 0.40
C6 NAG L . 25.59 -21.48 0.27
C7 NAG L . 23.49 -27.58 -1.68
C8 NAG L . 23.59 -27.04 -3.08
N2 NAG L . 23.88 -26.78 -0.68
O3 NAG L . 26.65 -26.25 -0.38
O4 NAG L . 27.30 -23.81 0.99
O5 NAG L . 24.01 -23.08 -0.46
O6 NAG L . 24.52 -20.60 0.59
O7 NAG L . 23.03 -28.70 -1.46
H2 NAG L . 24.67 -25.28 -1.71
H3 NAG L . 25.44 -25.52 1.00
H4 NAG L . 26.56 -23.71 -0.84
H5 NAG L . 24.92 -23.09 1.33
H61 NAG L . 26.33 -21.31 0.86
H62 NAG L . 25.89 -21.31 -0.63
H81 NAG L . 23.29 -27.71 -3.70
H82 NAG L . 23.04 -26.24 -3.16
H83 NAG L . 24.52 -26.82 -3.27
HN2 NAG L . 23.79 -27.09 0.12
HO3 NAG L . 27.33 -26.19 0.10
HO6 NAG L . 24.78 -19.80 0.51
C1 NAG L . 28.56 -23.70 0.30
C2 NAG L . 29.50 -22.97 1.24
C3 NAG L . 30.86 -22.81 0.58
C4 NAG L . 31.41 -24.18 0.18
C5 NAG L . 30.39 -24.92 -0.68
C6 NAG L . 30.80 -26.35 -0.96
C7 NAG L . 28.59 -21.28 2.83
C8 NAG L . 28.75 -22.25 3.96
N2 NAG L . 28.96 -21.67 1.60
O3 NAG L . 31.75 -22.17 1.48
O4 NAG L . 32.61 -24.01 -0.54
O5 NAG L . 29.11 -24.98 -0.04
O6 NAG L . 29.80 -27.05 -1.67
O7 NAG L . 28.14 -20.15 3.03
H2 NAG L . 29.60 -23.49 2.05
H3 NAG L . 30.77 -22.27 -0.22
H4 NAG L . 31.57 -24.69 0.98
H5 NAG L . 30.36 -24.43 -1.52
H61 NAG L . 31.63 -26.37 -1.47
H62 NAG L . 30.98 -26.81 -0.12
H81 NAG L . 28.46 -21.85 4.78
H82 NAG L . 28.22 -23.04 3.76
H83 NAG L . 29.69 -22.50 4.02
HN2 NAG L . 28.86 -21.10 0.97
HO3 NAG L . 32.51 -22.08 1.11
HO6 NAG L . 30.04 -27.85 -1.81
C1 BMA L . 33.67 -24.70 0.16
C2 BMA L . 34.75 -24.99 -0.88
C3 BMA L . 35.95 -25.64 -0.20
C4 BMA L . 36.41 -24.81 1.01
C5 BMA L . 35.24 -24.59 1.97
C6 BMA L . 35.61 -23.72 3.16
O2 BMA L . 35.22 -23.78 -1.46
O3 BMA L . 37.03 -25.82 -1.10
O4 BMA L . 37.45 -25.49 1.68
O5 BMA L . 34.18 -23.93 1.24
O6 BMA L . 35.82 -22.38 2.71
H2 BMA L . 34.37 -25.57 -1.56
H3 BMA L . 35.66 -26.51 0.12
H4 BMA L . 36.75 -23.95 0.70
H5 BMA L . 34.97 -25.44 2.31
H61 BMA L . 34.91 -23.74 3.83
H62 BMA L . 36.42 -24.05 3.59
HO2 BMA L . 34.59 -23.40 -1.86
HO4 BMA L . 38.10 -25.61 1.16
C1 MAN L . 36.84 -27.07 -1.80
C2 MAN L . 38.25 -27.57 -2.18
C3 MAN L . 38.86 -26.65 -3.22
C4 MAN L . 37.90 -26.46 -4.42
C5 MAN L . 36.54 -25.97 -3.92
C6 MAN L . 35.51 -25.85 -5.03
O2 MAN L . 38.19 -28.86 -2.80
O3 MAN L . 40.12 -27.14 -3.67
O4 MAN L . 38.43 -25.51 -5.32
O5 MAN L . 36.03 -26.91 -2.95
O6 MAN L . 34.30 -25.39 -4.46
H2 MAN L . 38.77 -27.60 -1.36
H3 MAN L . 39.01 -25.78 -2.81
H4 MAN L . 37.80 -27.32 -4.87
H5 MAN L . 36.68 -25.09 -3.54
H61 MAN L . 35.83 -25.23 -5.71
H62 MAN L . 35.38 -26.70 -5.46
HO2 MAN L . 38.97 -29.11 -2.99
HO3 MAN L . 40.43 -26.62 -4.24
HO4 MAN L . 37.90 -25.42 -5.97
HO6 MAN L . 33.72 -25.31 -5.07
C1 MAN L . 35.67 -21.47 3.81
C2 MAN L . 35.32 -20.08 3.22
C3 MAN L . 36.52 -19.51 2.45
C4 MAN L . 37.79 -19.52 3.33
C5 MAN L . 38.04 -20.94 3.88
C6 MAN L . 39.18 -20.98 4.87
O2 MAN L . 35.05 -19.13 4.25
O3 MAN L . 36.25 -18.19 1.99
O4 MAN L . 38.91 -19.14 2.54
O5 MAN L . 36.86 -21.41 4.58
O6 MAN L . 39.30 -22.32 5.33
H2 MAN L . 34.55 -20.21 2.65
H3 MAN L . 36.67 -20.08 1.68
H4 MAN L . 37.68 -18.91 4.06
H5 MAN L . 38.24 -21.51 3.12
H61 MAN L . 40.00 -20.70 4.45
H62 MAN L . 39.01 -20.37 5.61
HO2 MAN L . 34.86 -18.38 3.90
HO3 MAN L . 36.91 -17.91 1.56
HO4 MAN L . 39.60 -19.15 3.01
HO6 MAN L . 39.93 -22.36 5.89
C1 NAG M . -8.99 -31.60 14.63
C2 NAG M . -9.40 -33.02 15.01
C3 NAG M . -9.09 -33.28 16.48
C4 NAG M . -7.64 -32.96 16.77
C5 NAG M . -7.32 -31.54 16.32
C6 NAG M . -5.86 -31.16 16.50
C7 NAG M . -11.28 -34.00 13.74
C8 NAG M . -12.78 -34.08 13.62
N2 NAG M . -10.81 -33.24 14.74
O3 NAG M . -9.38 -34.64 16.77
O4 NAG M . -7.39 -33.06 18.18
O5 NAG M . -7.62 -31.41 14.93
O6 NAG M . -5.55 -29.91 15.90
O7 NAG M . -10.53 -34.59 12.96
H2 NAG M . -8.89 -33.65 14.47
H3 NAG M . -9.64 -32.71 17.03
H4 NAG M . -7.08 -33.60 16.30
H5 NAG M . -7.85 -30.95 16.88
H61 NAG M . -5.65 -31.13 17.44
H62 NAG M . -5.30 -31.85 16.11
H81 NAG M . -13.00 -34.66 12.88
H82 NAG M . -13.14 -34.45 14.45
H83 NAG M . -13.12 -33.19 13.48
HN2 NAG M . -11.38 -32.85 15.25
HO3 NAG M . -9.22 -34.80 17.58
HO6 NAG M . -4.74 -29.74 16.01
C1 NAG M . -6.57 -34.20 18.52
C2 NAG M . -5.64 -33.82 19.66
C3 NAG M . -4.78 -35.02 20.04
C4 NAG M . -5.65 -36.22 20.37
C5 NAG M . -6.65 -36.49 19.24
C6 NAG M . -7.67 -37.55 19.61
C7 NAG M . -4.64 -31.54 19.97
C8 NAG M . -5.42 -31.39 21.25
N2 NAG M . -4.80 -32.69 19.29
O3 NAG M . -3.96 -34.70 21.16
O4 NAG M . -4.83 -37.37 20.54
O5 NAG M . -7.39 -35.30 18.92
O6 NAG M . -8.48 -37.11 20.69
O7 NAG M . -3.91 -30.65 19.57
H2 NAG M . -6.18 -33.57 20.43
H3 NAG M . -4.21 -35.24 19.28
H4 NAG M . -6.15 -36.03 21.18
H5 NAG M . -6.11 -36.80 18.48
H61 NAG M . -8.22 -37.75 18.84
H62 NAG M . -7.21 -38.37 19.84
H81 NAG M . -5.23 -30.52 21.64
H82 NAG M . -6.38 -31.44 21.05
H83 NAG M . -5.17 -32.09 21.87
HN2 NAG M . -4.36 -32.76 18.56
HO3 NAG M . -3.49 -35.37 21.35
HO6 NAG M . -9.05 -37.72 20.87
C1 BMA M . -4.91 -37.85 21.90
C2 BMA M . -4.43 -39.31 21.87
C3 BMA M . -4.40 -39.86 23.29
C4 BMA M . -3.62 -38.93 24.23
C5 BMA M . -4.20 -37.51 24.16
C6 BMA M . -3.47 -36.52 25.07
O2 BMA M . -3.09 -39.40 21.37
O3 BMA M . -3.84 -41.16 23.32
O4 BMA M . -3.70 -39.41 25.57
O5 BMA M . -4.12 -37.07 22.80
O6 BMA M . -2.08 -36.56 24.77
H2 BMA M . -5.04 -39.81 21.31
H3 BMA M . -5.31 -39.91 23.60
H4 BMA M . -2.69 -38.91 23.96
H5 BMA M . -5.11 -37.55 24.48
H61 BMA M . -3.82 -35.63 24.93
H62 BMA M . -3.62 -36.74 26.00
HO2 BMA M . -3.07 -39.11 20.58
HO4 BMA M . -3.38 -40.19 25.60
C1 MAN M . -4.90 -42.14 23.43
C2 MAN M . -4.25 -43.44 23.95
C3 MAN M . -3.32 -44.01 22.89
C4 MAN M . -4.04 -44.16 21.55
C5 MAN M . -4.69 -42.83 21.13
C6 MAN M . -5.55 -42.95 19.88
O2 MAN M . -5.24 -44.46 24.17
O3 MAN M . -2.77 -45.24 23.30
O4 MAN M . -3.11 -44.57 20.56
O5 MAN M . -5.53 -42.33 22.19
O6 MAN M . -4.71 -43.07 18.74
H2 MAN M . -3.80 -43.22 24.78
H3 MAN M . -2.59 -43.37 22.78
H4 MAN M . -4.74 -44.83 21.64
H5 MAN M . -3.94 -42.21 20.93
H61 MAN M . -6.12 -43.74 19.94
H62 MAN M . -6.14 -42.20 19.80
HO2 MAN M . -4.86 -45.15 24.45
HO3 MAN M . -2.25 -45.53 22.69
HO4 MAN M . -3.51 -44.65 19.82
HO6 MAN M . -5.17 -43.14 18.05
C1 MAN M . -1.37 -35.81 25.79
C2 MAN M . -0.33 -34.90 25.08
C3 MAN M . 0.76 -35.76 24.42
C4 MAN M . 1.38 -36.74 25.43
C5 MAN M . 0.28 -37.56 26.13
C6 MAN M . 0.83 -38.39 27.28
O2 MAN M . 0.36 -34.06 26.00
O3 MAN M . 1.76 -34.94 23.83
O4 MAN M . 2.25 -37.62 24.75
O5 MAN M . -0.72 -36.69 26.70
O6 MAN M . -0.25 -39.06 27.90
H2 MAN M . -0.83 -34.38 24.44
H3 MAN M . 0.33 -36.28 23.71
H4 MAN M . 1.87 -36.23 26.09
H5 MAN M . -0.09 -38.15 25.46
H61 MAN M . 1.48 -39.04 26.95
H62 MAN M . 1.30 -37.82 27.92
HO2 MAN M . 0.91 -33.58 25.59
HO3 MAN M . 2.34 -35.42 23.48
HO4 MAN M . 2.59 -38.16 25.30
HO6 MAN M . 0.03 -39.52 28.54
C1 NAG N . -13.95 18.66 -13.79
C2 NAG N . -14.71 19.59 -14.73
C3 NAG N . -14.94 20.94 -14.07
C4 NAG N . -15.59 20.77 -12.71
C5 NAG N . -14.76 19.80 -11.87
C6 NAG N . -15.35 19.51 -10.51
C7 NAG N . -14.28 19.27 -17.18
C8 NAG N . -15.52 18.43 -17.28
N2 NAG N . -13.97 19.77 -15.97
O3 NAG N . -15.75 21.75 -14.91
O4 NAG N . -15.62 22.04 -12.06
O5 NAG N . -14.65 18.55 -12.56
O6 NAG N . -16.53 18.73 -10.62
O7 NAG N . -13.56 19.48 -18.17
H2 NAG N . -15.57 19.18 -14.94
H3 NAG N . -14.08 21.38 -13.94
H4 NAG N . -16.49 20.43 -12.81
H5 NAG N . -13.90 20.23 -11.75
H61 NAG N . -14.69 19.05 -9.97
H62 NAG N . -15.55 20.35 -10.06
H81 NAG N . -15.63 18.13 -18.19
H82 NAG N . -15.42 17.66 -16.69
H83 NAG N . -16.28 18.96 -17.01
HN2 NAG N . -13.25 20.25 -15.93
HO3 NAG N . -15.89 22.49 -14.54
HO6 NAG N . -16.84 18.58 -9.86
C1 NAG N . -16.93 22.36 -11.53
C2 NAG N . -16.81 23.66 -10.75
C3 NAG N . -18.16 24.02 -10.16
C4 NAG N . -19.21 24.10 -11.27
C5 NAG N . -19.23 22.80 -12.08
C6 NAG N . -20.13 22.88 -13.28
C7 NAG N . -14.53 23.97 -9.78
C8 NAG N . -14.08 24.58 -11.08
N2 NAG N . -15.81 23.56 -9.70
O3 NAG N . -18.08 25.26 -9.47
O4 NAG N . -20.49 24.33 -10.69
O5 NAG N . -17.91 22.51 -12.58
O6 NAG N . -20.27 21.61 -13.91
O7 NAG N . -13.77 23.84 -8.83
H2 NAG N . -16.53 24.36 -11.36
H3 NAG N . -18.43 23.33 -9.53
H4 NAG N . -18.98 24.84 -11.86
H5 NAG N . -19.55 22.12 -11.47
H61 NAG N . -21.01 23.20 -13.02
H62 NAG N . -19.78 23.52 -13.92
H81 NAG N . -13.14 24.82 -11.00
H82 NAG N . -14.20 23.94 -11.79
H83 NAG N . -14.62 25.37 -11.25
HN2 NAG N . -16.07 23.22 -8.95
HO3 NAG N . -18.83 25.45 -9.15
HO6 NAG N . -20.77 21.68 -14.58
C1 BMA N . -20.89 25.67 -11.01
C2 BMA N . -22.40 25.62 -11.29
C3 BMA N . -22.90 27.04 -11.57
C4 BMA N . -22.47 28.03 -10.47
C5 BMA N . -20.95 27.95 -10.24
C6 BMA N . -20.48 28.83 -9.07
O2 BMA N . -23.12 25.15 -10.15
O3 BMA N . -24.32 27.09 -11.73
O4 BMA N . -22.82 29.35 -10.85
O5 BMA N . -20.61 26.57 -9.95
O6 BMA N . -19.07 28.77 -9.00
H2 BMA N . -22.55 25.02 -12.04
H3 BMA N . -22.49 27.30 -12.42
H4 BMA N . -22.93 27.79 -9.65
H5 BMA N . -20.50 28.26 -11.04
H61 BMA N . -20.78 29.74 -9.21
H62 BMA N . -20.88 28.52 -8.25
HO2 BMA N . -22.87 24.38 -9.96
HO4 BMA N . -23.66 29.38 -10.97
HO6 BMA N . -18.80 29.25 -8.36
C1 MAN N . -24.71 26.44 -12.96
C2 MAN N . -25.81 27.29 -13.61
C3 MAN N . -27.06 27.25 -12.74
C4 MAN N . -27.48 25.80 -12.44
C5 MAN N . -26.29 25.02 -11.82
C6 MAN N . -26.58 23.55 -11.64
O2 MAN N . -26.21 26.73 -14.88
O3 MAN N . -28.13 27.94 -13.38
O4 MAN N . -28.55 25.80 -11.51
O5 MAN N . -25.15 25.12 -12.70
O6 MAN N . -26.78 22.99 -12.93
H2 MAN N . -25.46 28.18 -13.72
H3 MAN N . -26.86 27.69 -11.91
H4 MAN N . -27.75 25.36 -13.26
H5 MAN N . -26.12 25.42 -10.95
H61 MAN N . -25.85 23.11 -11.18
H62 MAN N . -27.37 23.44 -11.08
HO2 MAN N . -26.82 27.21 -15.21
HO3 MAN N . -28.81 27.91 -12.89
HO4 MAN N . -28.77 25.00 -11.34
HO6 MAN N . -26.96 22.16 -12.84
C1 NAG O . 51.01 37.81 24.42
C2 NAG O . 50.54 39.04 23.63
C3 NAG O . 51.51 40.20 23.86
C4 NAG O . 51.70 40.44 25.35
C5 NAG O . 52.10 39.14 26.03
C6 NAG O . 52.24 39.26 27.54
C7 NAG O . 49.31 38.44 21.55
C8 NAG O . 48.02 38.41 22.32
N2 NAG O . 50.43 38.74 22.21
O3 NAG O . 50.99 41.35 23.23
O4 NAG O . 52.72 41.41 25.54
O5 NAG O . 51.10 38.14 25.79
O6 NAG O . 51.00 39.65 28.12
O7 NAG O . 49.33 38.20 20.34
H2 NAG O . 49.66 39.30 23.96
H3 NAG O . 52.38 39.98 23.47
H4 NAG O . 50.87 40.77 25.73
H5 NAG O . 52.96 38.90 25.66
H61 NAG O . 52.53 38.41 27.91
H62 NAG O . 52.92 39.92 27.75
H81 NAG O . 47.29 38.18 21.73
H82 NAG O . 48.10 37.75 23.04
H83 NAG O . 47.86 39.29 22.72
HN2 NAG O . 51.16 38.76 21.76
HO3 NAG O . 51.52 42.00 23.35
HO4 NAG O . 52.83 41.55 26.36
HO6 NAG O . 51.09 39.71 28.96
C1 NAG P . -29.51 31.81 55.93
C2 NAG P . -30.41 30.79 56.60
C3 NAG P . -31.11 31.41 57.79
C4 NAG P . -30.06 31.92 58.77
C5 NAG P . -29.05 32.84 58.08
C6 NAG P . -27.88 33.15 58.97
C7 NAG P . -31.41 28.95 55.31
C8 NAG P . -32.47 28.55 54.35
N2 NAG P . -31.39 30.24 55.66
O3 NAG P . -31.93 30.43 58.39
O4 NAG P . -30.71 32.64 59.81
O5 NAG P . -28.52 32.25 56.88
O6 NAG P . -27.21 31.97 59.40
O7 NAG P . -30.61 28.14 55.75
H2 NAG P . -29.86 30.05 56.89
H3 NAG P . -31.65 32.16 57.51
H4 NAG P . -29.58 31.15 59.13
H5 NAG P . -29.55 33.66 57.88
H61 NAG P . -27.25 33.72 58.49
H62 NAG P . -28.18 33.66 59.75
H81 NAG P . -32.40 27.60 54.16
H82 NAG P . -33.34 28.75 54.74
H83 NAG P . -32.36 29.06 53.53
HN2 NAG P . -31.97 30.77 55.32
HO3 NAG P . -32.32 30.76 59.06
HO4 NAG P . -30.13 32.92 60.35
HO6 NAG P . -26.56 32.17 59.89
N POV Q . -7.20 -61.72 -40.43
P POV Q . -3.71 -58.29 -42.12
C1 POV Q . -4.37 -56.01 -40.97
C2 POV Q . -5.23 -55.55 -39.80
C3 POV Q . -4.51 -55.56 -38.48
C210 POV Q . -11.54 -53.43 -32.24
C310 POV Q . -1.66 -48.47 -34.02
C11 POV Q . -5.58 -59.95 -41.32
O11 POV Q . -4.19 -57.44 -40.84
C211 POV Q . -11.33 -53.40 -30.77
C311 POV Q . -1.03 -48.77 -32.68
C12 POV Q . -5.83 -61.42 -41.01
O12 POV Q . -4.20 -59.77 -41.74
C212 POV Q . -11.92 -52.19 -30.12
C312 POV Q . -0.28 -47.60 -32.08
C13 POV Q . -7.36 -63.20 -40.28
O13 POV Q . -4.50 -57.83 -43.31
C213 POV Q . -11.34 -50.89 -30.62
C313 POV Q . 0.29 -47.87 -30.71
C14 POV Q . -7.34 -61.09 -39.10
O14 POV Q . -2.21 -58.28 -42.16
C214 POV Q . -9.92 -50.63 -30.20
C314 POV Q . 0.98 -46.68 -30.09
C15 POV Q . -8.26 -61.22 -41.34
C315 POV Q . 1.54 -46.95 -28.71
C316 POV Q . 2.29 -45.77 -28.13
C21 POV Q . -7.38 -56.27 -40.60
O21 POV Q . -6.38 -56.43 -39.71
C22 POV Q . -8.30 -57.45 -40.64
O22 POV Q . -7.49 -55.28 -41.27
C23 POV Q . -8.90 -57.77 -39.31
C24 POV Q . -9.70 -56.61 -38.74
C25 POV Q . -10.15 -56.83 -37.32
C26 POV Q . -10.83 -55.64 -36.69
C27 POV Q . -10.85 -55.66 -35.17
C28 POV Q . -11.37 -54.42 -34.53
C29 POV Q . -11.17 -54.39 -33.06
C31 POV Q . -6.11 -54.33 -37.24
O31 POV Q . -5.48 -55.49 -37.42
C32 POV Q . -7.23 -54.46 -36.25
O32 POV Q . -5.80 -53.32 -37.81
C33 POV Q . -7.98 -53.19 -36.01
C34 POV Q . -7.14 -52.14 -35.30
C35 POV Q . -6.53 -52.60 -34.01
C36 POV Q . -5.60 -51.59 -33.37
C37 POV Q . -4.49 -51.14 -34.26
C38 POV Q . -3.62 -50.05 -33.69
C39 POV Q . -2.48 -49.60 -34.57
H29 POV Q . -10.73 -55.15 -32.65
H1 POV Q . -4.80 -55.79 -41.81
H1A POV Q . -3.52 -55.55 -40.96
H2 POV Q . -5.49 -54.64 -39.99
H3 POV Q . -3.97 -56.37 -38.39
H3A POV Q . -3.90 -54.80 -38.43
H310 POV Q . -2.23 -47.69 -33.92
H31A POV Q . -0.97 -48.25 -34.65
H210 POV Q . -11.98 -52.67 -32.64
H11 POV Q . -6.18 -59.66 -42.01
H11A POV Q . -5.76 -59.42 -40.53
H211 POV Q . -11.73 -54.19 -30.37
H21A POV Q . -10.39 -53.44 -30.57
H311 POV Q . -1.71 -49.05 -32.06
H31B POV Q . -0.41 -49.51 -32.79
H12 POV Q . -5.15 -61.72 -40.38
H12A POV Q . -5.71 -61.92 -41.82
H22 POV Q . -9.01 -57.29 -41.28
H212 POV Q . -12.88 -52.19 -30.26
H22A POV Q . -7.81 -58.22 -40.96
H21B POV Q . -11.77 -52.25 -29.16
H32 POV Q . -7.85 -55.14 -36.56
H312 POV Q . 0.44 -47.35 -32.67
H32A POV Q . -6.87 -54.78 -35.41
H31C POV Q . -0.89 -46.84 -32.02
H13 POV Q . -8.23 -63.39 -39.91
H13A POV Q . -7.27 -63.62 -41.15
H13B POV Q . -6.66 -63.53 -39.68
H23 POV Q . -9.49 -58.54 -39.40
H213 POV Q . -11.39 -50.87 -31.59
H23A POV Q . -8.21 -58.02 -38.69
H21C POV Q . -11.90 -50.16 -30.30
H33 POV Q . -8.28 -52.83 -36.86
H313 POV Q . -0.43 -48.16 -30.12
H33A POV Q . -8.76 -53.38 -35.48
H31D POV Q . 0.92 -48.61 -30.77
H14 POV Q . -8.23 -61.30 -38.75
H14A POV Q . -6.65 -61.43 -38.51
H14B POV Q . -7.26 -60.13 -39.20
H24 POV Q . -9.16 -55.81 -38.78
H24A POV Q . -10.47 -56.45 -39.30
H34 POV Q . -6.43 -51.86 -35.90
H314 POV Q . 1.71 -46.40 -30.67
H34A POV Q . -7.69 -51.36 -35.12
H31E POV Q . 0.36 -45.95 -30.03
H15 POV Q . -9.13 -61.43 -40.95
H15A POV Q . -8.16 -60.26 -41.43
H15B POV Q . -8.17 -61.64 -42.21
H25 POV Q . -10.76 -57.58 -37.30
H25A POV Q . -9.39 -57.07 -36.78
H35 POV Q . -7.24 -52.81 -33.38
H315 POV Q . 0.81 -47.19 -28.12
H35A POV Q . -6.03 -53.42 -34.15
H31F POV Q . 2.14 -47.71 -28.75
H26 POV Q . -10.38 -54.82 -36.98
H26A POV Q . -11.74 -55.58 -37.02
H36 POV Q . -6.13 -50.81 -33.11
H316 POV Q . 2.62 -46.01 -27.25
H36A POV Q . -5.23 -51.97 -32.56
H31G POV Q . 3.03 -45.55 -28.71
H31H POV Q . 1.68 -45.02 -28.05
H27 POV Q . -11.40 -56.42 -34.88
H27A POV Q . -9.95 -55.84 -34.85
H37 POV Q . -3.92 -51.90 -34.46
H37A POV Q . -4.85 -50.83 -35.10
H28 POV Q . -10.92 -53.65 -34.92
H28A POV Q . -12.31 -54.33 -34.73
H38 POV Q . -4.18 -49.27 -33.48
H38A POV Q . -3.25 -50.35 -32.84
H39 POV Q . -2.85 -49.34 -35.44
H39A POV Q . -1.91 -50.36 -34.73
N POV R . -6.90 -40.88 -1.79
P POV R . -2.83 -39.87 -3.75
C1 POV R . -2.12 -41.19 -5.92
C2 POV R . -2.61 -42.24 -6.88
C3 POV R . -1.72 -42.40 -8.09
C210 POV R . -8.23 -44.89 -15.07
C11 POV R . -5.47 -39.84 -3.66
O11 POV R . -3.04 -41.07 -4.79
C211 POV R . -8.32 -45.24 -16.52
C12 POV R . -6.64 -39.71 -2.70
O12 POV R . -4.22 -39.88 -2.93
C212 POV R . -9.65 -45.78 -16.91
C13 POV R . -8.32 -40.87 -1.33
O13 POV R . -1.72 -40.25 -2.80
C213 POV R . -10.05 -47.05 -16.18
C14 POV R . -6.64 -42.16 -2.50
O14 POV R . -2.75 -38.59 -4.53
C15 POV R . -6.02 -40.81 -0.59
C21 POV R . -5.00 -42.41 -6.63
O21 POV R . -3.96 -41.94 -7.34
C22 POV R . -6.31 -41.88 -7.12
O22 POV R . -4.88 -43.18 -5.71
C23 POV R . -6.59 -42.22 -8.55
C24 POV R . -7.91 -41.65 -9.04
C25 POV R . -8.25 -41.98 -10.47
C26 POV R . -7.20 -41.55 -11.46
C27 POV R . -7.52 -41.90 -12.91
C28 POV R . -7.76 -43.35 -13.15
C29 POV R . -7.97 -43.69 -14.59
C31 POV R . -0.96 -41.10 -9.90
O31 POV R . -1.71 -41.14 -8.81
C32 POV R . -1.79 -40.78 -11.11
O32 POV R . 0.22 -41.29 -9.89
C33 POV R . -1.30 -39.58 -11.87
C34 POV R . -0.16 -39.93 -12.82
C35 POV R . 0.24 -38.81 -13.73
C36 POV R . 1.20 -39.21 -14.84
C37 POV R . 2.52 -39.73 -14.34
C38 POV R . 3.49 -40.10 -15.44
C39 POV R . 4.86 -40.50 -14.95
H29 POV R . -7.93 -42.97 -15.23
H1 POV R . -1.24 -41.42 -5.59
H1A POV R . -2.05 -40.34 -6.37
H2 POV R . -2.59 -43.09 -6.39
H3 POV R . -0.82 -42.64 -7.82
H3A POV R . -2.05 -43.11 -8.67
H210 POV R . -8.35 -45.60 -14.42
H11 POV R . -5.57 -40.66 -4.19
H11A POV R . -5.47 -39.10 -4.29
H211 POV R . -8.13 -44.44 -17.05
H21A POV R . -7.63 -45.89 -16.73
H12 POV R . -7.44 -39.55 -3.23
H12A POV R . -6.49 -38.92 -2.16
H22 POV R . -7.03 -42.23 -6.57
H212 POV R . -10.33 -45.10 -16.74
H22A POV R . -6.33 -40.92 -7.02
H21B POV R . -9.66 -45.95 -17.86
H32 POV R . -1.79 -41.55 -11.71
H32A POV R . -2.70 -40.62 -10.84
H13 POV R . -8.47 -41.62 -0.74
H13A POV R . -8.48 -40.03 -0.87
H13B POV R . -8.89 -40.92 -2.11
H23 POV R . -5.88 -41.88 -9.11
H23A POV R . -6.60 -43.18 -8.66
H33 POV R . -2.02 -39.20 -12.38
H33A POV R . -0.99 -38.91 -11.24
H14 POV R . -6.82 -42.90 -1.90
H14A POV R . -7.23 -42.21 -3.27
H14B POV R . -5.71 -42.18 -2.79
H24 POV R . -8.63 -41.97 -8.47
H24A POV R . -7.90 -40.68 -8.95
H34 POV R . 0.62 -40.19 -12.29
H34A POV R . -0.42 -40.70 -13.36
H15 POV R . -6.20 -41.57 -0.02
H15A POV R . -5.09 -40.82 -0.88
H15B POV R . -6.20 -39.98 -0.11
H25 POV R . -8.37 -42.95 -10.55
H25A POV R . -9.09 -41.57 -10.70
H35 POV R . -0.56 -38.43 -14.14
H35A POV R . 0.65 -38.10 -13.21
H26 POV R . -7.09 -40.59 -11.39
H26A POV R . -6.35 -41.96 -11.23
H36 POV R . 0.78 -39.89 -15.38
H36A POV R . 1.35 -38.44 -15.41
H27 POV R . -8.31 -41.41 -13.18
H27A POV R . -6.79 -41.61 -13.48
H37 POV R . 2.94 -39.05 -13.78
H37A POV R . 2.37 -40.51 -13.78
H28 POV R . -7.00 -43.86 -12.82
H28A POV R . -8.53 -43.64 -12.64
H38 POV R . 3.11 -40.82 -15.95
H38A POV R . 3.58 -39.34 -16.04
C1 NAG S . 10.95 40.90 14.10
C2 NAG S . 10.23 42.18 13.67
C3 NAG S . 11.23 43.23 13.21
C4 NAG S . 12.38 43.40 14.20
C5 NAG S . 12.97 42.04 14.58
C6 NAG S . 14.05 42.12 15.64
C7 NAG S . 7.98 41.85 12.71
C8 NAG S . 7.21 41.56 11.45
N2 NAG S . 9.31 41.89 12.57
O3 NAG S . 10.54 44.46 13.02
O4 NAG S . 13.40 44.18 13.59
O5 NAG S . 11.92 41.22 15.10
O6 NAG S . 14.47 40.84 16.10
O7 NAG S . 7.41 42.02 13.79
H2 NAG S . 9.73 42.53 14.43
H3 NAG S . 11.64 42.96 12.37
H4 NAG S . 12.04 43.82 15.00
H5 NAG S . 13.37 41.68 13.77
H61 NAG S . 14.82 42.59 15.27
H62 NAG S . 13.72 42.64 16.39
H81 NAG S . 6.27 41.55 11.64
H82 NAG S . 7.40 42.24 10.79
H83 NAG S . 7.49 40.69 11.10
HN2 NAG S . 9.63 41.74 11.80
HO3 NAG S . 11.07 45.05 12.77
HO4 NAG S . 14.04 44.29 14.13
HO6 NAG S . 15.06 40.93 16.68
C1 CLR T . -25.71 8.47 -24.05
C2 CLR T . -25.33 9.25 -22.79
C3 CLR T . -24.80 8.34 -21.72
C4 CLR T . -23.62 7.57 -22.24
C5 CLR T . -23.97 6.79 -23.49
C6 CLR T . -23.78 5.49 -23.56
C7 CLR T . -23.90 4.66 -24.81
C8 CLR T . -24.18 5.50 -26.05
C9 CLR T . -25.15 6.65 -25.70
C10 CLR T . -24.58 7.61 -24.63
C11 CLR T . -25.65 7.38 -26.96
C12 CLR T . -26.21 6.43 -28.04
C13 CLR T . -25.18 5.37 -28.44
C14 CLR T . -24.80 4.63 -27.13
C15 CLR T . -24.04 3.40 -27.61
C16 CLR T . -24.70 3.03 -28.94
C17 CLR T . -25.70 4.18 -29.28
C18 CLR T . -23.97 6.02 -29.12
C19 CLR T . -23.47 8.53 -25.20
C20 CLR T . -25.91 4.34 -30.79
C21 CLR T . -26.83 5.49 -31.16
C22 CLR T . -26.43 3.03 -31.40
C23 CLR T . -25.40 2.19 -32.10
C24 CLR T . -25.92 0.85 -32.53
C25 CLR T . -24.93 -0.04 -33.27
C26 CLR T . -25.62 -1.26 -33.86
C27 CLR T . -23.79 -0.46 -32.37
O1 CLR T . -24.40 9.12 -20.57
H11 CLR T . -26.47 7.89 -23.84
H12 CLR T . -26.02 9.09 -24.73
H21 CLR T . -24.66 9.92 -23.01
H22 CLR T . -26.11 9.73 -22.46
H3 CLR T . -25.50 7.73 -21.44
H41 CLR T . -22.88 8.17 -22.43
H42 CLR T . -23.31 6.94 -21.56
H6 CLR T . -23.57 5.04 -22.77
H71 CLR T . -23.07 4.17 -24.94
H72 CLR T . -24.60 4.01 -24.69
H8 CLR T . -23.34 5.87 -26.37
H9 CLR T . -25.93 6.24 -25.30
H111 CLR T . -26.35 8.00 -26.71
H112 CLR T . -24.93 7.90 -27.34
H121 CLR T . -27.01 6.00 -27.71
H122 CLR T . -26.47 6.94 -28.81
H14 CLR T . -25.58 4.35 -26.62
H151 CLR T . -23.09 3.59 -27.73
H152 CLR T . -24.10 2.68 -26.97
H161 CLR T . -24.04 2.94 -29.65
H162 CLR T . -25.17 2.18 -28.87
H17 CLR T . -26.63 4.02 -29.03
H181 CLR T . -23.33 5.33 -29.37
H182 CLR T . -24.27 6.49 -29.92
H183 CLR T . -23.55 6.65 -28.51
H191 CLR T . -22.76 7.98 -25.56
H192 CLR T . -23.85 9.08 -25.90
H193 CLR T . -23.13 9.09 -24.49
H20 CLR T . -25.04 4.55 -31.17
H211 CLR T . -26.91 5.54 -32.12
H212 CLR T . -27.69 5.34 -30.75
H213 CLR T . -26.45 6.32 -30.81
H221 CLR T . -26.83 2.50 -30.69
H222 CLR T . -27.13 3.24 -32.04
H231 CLR T . -25.07 2.67 -32.88
H232 CLR T . -24.64 2.06 -31.51
H241 CLR T . -26.23 0.37 -31.75
H242 CLR T . -26.70 0.99 -33.10
H25 CLR T . -24.56 0.48 -34.00
H261 CLR T . -24.96 -1.80 -34.33
H262 CLR T . -26.02 -1.77 -33.14
H263 CLR T . -26.30 -0.97 -34.48
H271 CLR T . -23.17 -1.03 -32.88
H272 CLR T . -23.32 0.33 -32.06
H273 CLR T . -24.14 -0.96 -31.62
H1 CLR T . -24.11 8.61 -19.98
C1 CLR U . -26.32 3.22 -21.37
C2 CLR U . -26.80 4.29 -20.39
C3 CLR U . -27.37 5.48 -21.12
C4 CLR U . -28.51 5.03 -22.02
C5 CLR U . -28.05 3.96 -22.99
C6 CLR U . -28.21 4.11 -24.29
C7 CLR U . -28.00 3.04 -25.32
C8 CLR U . -27.63 1.69 -24.71
C9 CLR U . -26.72 1.90 -23.48
C10 CLR U . -27.40 2.73 -22.36
C11 CLR U . -26.15 0.56 -22.98
C12 CLR U . -25.48 -0.27 -24.07
C13 CLR U . -26.43 -0.54 -25.23
C14 CLR U . -26.90 0.84 -25.74
C15 CLR U . -27.59 0.54 -27.07
C16 CLR U . -26.79 -0.63 -27.64
C17 CLR U . -25.79 -1.09 -26.55
C18 CLR U . -27.60 -1.44 -24.79
C19 CLR U . -28.48 1.94 -21.61
C20 CLR U . -25.44 -2.58 -26.68
C21 CLR U . -24.69 -3.13 -25.47
C22 CLR U . -24.62 -2.81 -27.95
C23 CLR U . -25.12 -3.92 -28.83
C24 CLR U . -26.36 -3.56 -29.59
C25 CLR U . -26.94 -4.67 -30.47
C26 CLR U . -27.96 -4.12 -31.46
C27 CLR U . -27.58 -5.76 -29.62
O1 CLR U . -27.85 6.45 -20.17
H11 CLR U . -25.57 3.57 -21.88
H12 CLR U . -25.99 2.46 -20.87
H21 CLR U . -27.47 3.92 -19.80
H22 CLR U . -26.06 4.58 -19.83
H3 CLR U . -26.68 5.90 -21.66
H41 CLR U . -29.24 4.69 -21.48
H42 CLR U . -28.86 5.79 -22.52
H6 CLR U . -28.48 4.95 -24.60
H71 CLR U . -28.80 2.94 -25.84
H72 CLR U . -27.30 3.32 -25.92
H8 CLR U . -28.45 1.24 -24.43
H9 CLR U . -25.96 2.42 -23.77
H111 CLR U . -25.51 0.73 -22.27
H112 CLR U . -26.87 0.04 -22.57
H121 CLR U . -24.69 0.19 -24.40
H122 CLR U . -25.18 -1.12 -23.70
H14 CLR U . -26.17 1.46 -25.89
H151 CLR U . -28.52 0.30 -26.94
H152 CLR U . -27.57 1.32 -27.65
H161 CLR U . -27.38 -1.36 -27.89
H162 CLR U . -26.32 -0.36 -28.45
H17 CLR U . -24.89 -0.73 -26.60
H181 CLR U . -28.19 -1.59 -25.56
H182 CLR U . -27.24 -2.29 -24.48
H183 CLR U . -28.09 -1.00 -24.09
H191 CLR U . -29.15 1.64 -22.24
H192 CLR U . -28.07 1.18 -21.18
H193 CLR U . -28.89 2.52 -20.95
H20 CLR U . -26.28 -3.06 -26.73
H211 CLR U . -24.50 -4.07 -25.62
H212 CLR U . -23.86 -2.65 -25.36
H213 CLR U . -25.25 -3.03 -24.68
H221 CLR U . -24.60 -2.00 -28.47
H222 CLR U . -23.71 -3.01 -27.70
H231 CLR U . -24.42 -4.17 -29.46
H232 CLR U . -25.29 -4.71 -28.29
H241 CLR U . -27.04 -3.28 -28.96
H242 CLR U . -26.17 -2.80 -30.16
H25 CLR U . -26.21 -5.06 -30.97
H261 CLR U . -28.30 -4.85 -31.99
H262 CLR U . -28.68 -3.69 -30.96
H263 CLR U . -27.53 -3.46 -32.03
H271 CLR U . -27.94 -6.45 -30.20
H272 CLR U . -26.91 -6.14 -29.04
H273 CLR U . -28.29 -5.37 -29.09
H1 CLR U . -28.18 7.11 -20.59
#